data_2N7E
#
_entry.id   2N7E
#
_entity_poly.entity_id   1
_entity_poly.type   'polypeptide(L)'
_entity_poly.pdbx_seq_one_letter_code
;HIEGRHMDLTISNELTGEIYGPIEVSEDMALTDLIALLQADCGFDKTKHDLYYNMDILDSNRTQSLKELGLKTDDLLLIR
GKISNS
;
_entity_poly.pdbx_strand_id   A
#
# COMPACT_ATOMS: atom_id res chain seq x y z
N HIS A 1 -12.41 -13.37 11.35
CA HIS A 1 -12.28 -14.00 12.71
C HIS A 1 -10.90 -13.92 13.36
N ILE A 2 -9.90 -13.65 12.51
CA ILE A 2 -8.52 -13.60 12.96
C ILE A 2 -8.17 -12.15 13.26
N GLU A 3 -7.64 -11.92 14.45
CA GLU A 3 -7.25 -10.58 14.87
C GLU A 3 -5.79 -10.63 15.32
N GLY A 4 -5.06 -9.53 15.21
CA GLY A 4 -3.68 -9.50 15.66
C GLY A 4 -2.91 -8.34 15.11
N ARG A 5 -1.62 -8.28 15.45
CA ARG A 5 -0.73 -7.21 14.94
C ARG A 5 -0.28 -7.46 13.50
N HIS A 6 -0.68 -8.60 12.96
CA HIS A 6 -0.38 -8.97 11.57
C HIS A 6 -1.75 -8.95 10.93
N MET A 7 -1.84 -8.32 9.77
CA MET A 7 -3.10 -8.05 9.11
C MET A 7 -2.92 -8.25 7.63
N ASP A 8 -3.99 -8.60 6.94
CA ASP A 8 -3.94 -8.92 5.53
C ASP A 8 -4.51 -7.75 4.74
N LEU A 9 -3.66 -7.06 4.00
CA LEU A 9 -4.09 -5.87 3.26
C LEU A 9 -4.09 -6.20 1.79
N THR A 10 -5.21 -5.91 1.16
CA THR A 10 -5.41 -6.28 -0.23
C THR A 10 -4.98 -5.14 -1.13
N ILE A 11 -4.23 -5.48 -2.18
CA ILE A 11 -3.67 -4.49 -3.09
C ILE A 11 -4.33 -4.65 -4.45
N SER A 12 -4.71 -3.56 -5.08
CA SER A 12 -5.30 -3.63 -6.42
C SER A 12 -4.82 -2.50 -7.32
N ASN A 13 -4.59 -2.82 -8.58
CA ASN A 13 -4.05 -1.85 -9.53
C ASN A 13 -5.16 -1.18 -10.31
N GLU A 14 -5.44 0.06 -9.94
CA GLU A 14 -6.48 0.88 -10.58
C GLU A 14 -6.17 1.09 -12.08
N LEU A 15 -4.91 0.93 -12.44
CA LEU A 15 -4.46 1.14 -13.80
C LEU A 15 -4.75 -0.04 -14.74
N THR A 16 -4.65 -1.25 -14.20
CA THR A 16 -4.68 -2.46 -15.03
C THR A 16 -5.85 -3.37 -14.70
N GLY A 17 -6.45 -3.16 -13.54
CA GLY A 17 -7.52 -4.03 -13.07
C GLY A 17 -6.96 -5.27 -12.38
N GLU A 18 -5.66 -5.36 -12.23
CA GLU A 18 -5.03 -6.50 -11.56
C GLU A 18 -5.34 -6.47 -10.08
N ILE A 19 -5.46 -7.65 -9.51
CA ILE A 19 -5.76 -7.81 -8.09
C ILE A 19 -4.62 -8.63 -7.49
N TYR A 20 -3.85 -8.01 -6.62
CA TYR A 20 -2.75 -8.67 -5.94
C TYR A 20 -3.30 -9.25 -4.65
N GLY A 21 -2.49 -10.03 -3.96
CA GLY A 21 -2.97 -10.77 -2.82
C GLY A 21 -3.22 -9.94 -1.60
N PRO A 22 -4.09 -10.41 -0.69
CA PRO A 22 -3.93 -9.79 0.61
C PRO A 22 -2.58 -10.23 1.14
N ILE A 23 -1.71 -9.26 1.33
CA ILE A 23 -0.36 -9.52 1.79
C ILE A 23 -0.31 -9.36 3.29
N GLU A 24 0.37 -10.29 3.94
CA GLU A 24 0.40 -10.33 5.40
C GLU A 24 1.47 -9.37 5.92
N VAL A 25 1.01 -8.24 6.42
CA VAL A 25 1.87 -7.16 6.86
C VAL A 25 1.53 -6.81 8.28
N SER A 26 2.37 -6.03 8.94
CA SER A 26 2.14 -5.69 10.35
C SER A 26 1.75 -4.25 10.54
N GLU A 27 1.07 -3.96 11.63
CA GLU A 27 0.72 -2.60 12.02
C GLU A 27 2.01 -1.79 12.23
N ASP A 28 3.06 -2.50 12.59
CA ASP A 28 4.36 -1.92 12.94
C ASP A 28 5.24 -1.73 11.71
N MET A 29 4.74 -2.13 10.56
CA MET A 29 5.49 -1.98 9.33
C MET A 29 5.44 -0.51 8.96
N ALA A 30 6.55 0.04 8.50
CA ALA A 30 6.56 1.43 8.11
C ALA A 30 5.87 1.55 6.75
N LEU A 31 5.31 2.71 6.47
CA LEU A 31 4.71 3.00 5.18
C LEU A 31 5.77 2.83 4.11
N THR A 32 6.96 3.29 4.41
CA THR A 32 8.06 3.21 3.47
C THR A 32 8.43 1.75 3.17
N ASP A 33 8.31 0.89 4.16
CA ASP A 33 8.65 -0.53 3.99
C ASP A 33 7.53 -1.27 3.26
N LEU A 34 6.30 -0.85 3.47
CA LEU A 34 5.18 -1.42 2.71
C LEU A 34 5.44 -1.13 1.23
N ILE A 35 5.80 0.11 0.92
CA ILE A 35 6.09 0.48 -0.46
C ILE A 35 7.30 -0.27 -0.97
N ALA A 36 8.28 -0.50 -0.12
CA ALA A 36 9.46 -1.26 -0.51
C ALA A 36 9.06 -2.68 -1.00
N LEU A 37 8.09 -3.30 -0.34
CA LEU A 37 7.57 -4.59 -0.79
C LEU A 37 6.84 -4.43 -2.12
N LEU A 38 6.04 -3.38 -2.22
CA LEU A 38 5.25 -3.14 -3.44
C LEU A 38 6.15 -2.91 -4.64
N GLN A 39 7.35 -2.36 -4.41
CA GLN A 39 8.32 -2.18 -5.48
C GLN A 39 8.79 -3.52 -6.04
N ALA A 40 8.95 -4.50 -5.16
CA ALA A 40 9.43 -5.82 -5.57
C ALA A 40 8.33 -6.68 -6.22
N ASP A 41 7.17 -6.72 -5.58
CA ASP A 41 6.10 -7.63 -6.02
C ASP A 41 5.15 -6.98 -7.03
N CYS A 42 4.62 -5.82 -6.67
CA CYS A 42 3.67 -5.12 -7.54
C CYS A 42 4.34 -4.25 -8.61
N GLY A 43 5.67 -4.17 -8.56
CA GLY A 43 6.41 -3.36 -9.51
C GLY A 43 6.15 -1.88 -9.32
N PHE A 44 5.77 -1.50 -8.12
CA PHE A 44 5.42 -0.11 -7.83
C PHE A 44 6.64 0.80 -7.97
N ASP A 45 6.41 2.00 -8.50
CA ASP A 45 7.46 3.00 -8.59
C ASP A 45 6.87 4.31 -8.14
N LYS A 46 7.40 4.84 -7.04
CA LYS A 46 6.90 6.09 -6.44
C LYS A 46 7.07 7.31 -7.35
N THR A 47 7.84 7.17 -8.42
CA THR A 47 7.99 8.26 -9.38
C THR A 47 6.96 8.24 -10.50
N LYS A 48 6.32 7.10 -10.71
CA LYS A 48 5.37 6.93 -11.82
C LYS A 48 3.96 6.68 -11.29
N HIS A 49 3.91 6.23 -10.05
CA HIS A 49 2.66 5.81 -9.42
C HIS A 49 2.59 6.29 -7.98
N ASP A 50 1.39 6.26 -7.43
CA ASP A 50 1.13 6.64 -6.05
C ASP A 50 0.32 5.52 -5.41
N LEU A 51 0.48 5.39 -4.10
CA LEU A 51 -0.29 4.43 -3.32
C LEU A 51 -1.45 5.19 -2.73
N TYR A 52 -2.65 4.66 -2.86
CA TYR A 52 -3.85 5.33 -2.39
C TYR A 52 -4.52 4.54 -1.29
N TYR A 53 -5.05 5.26 -0.31
CA TYR A 53 -5.84 4.68 0.77
C TYR A 53 -6.95 5.68 1.04
N ASN A 54 -8.17 5.20 1.23
CA ASN A 54 -9.35 6.05 1.42
C ASN A 54 -9.50 7.05 0.26
N MET A 55 -9.02 6.61 -0.90
CA MET A 55 -9.03 7.39 -2.15
C MET A 55 -8.20 8.68 -2.11
N ASP A 56 -7.31 8.79 -1.13
CA ASP A 56 -6.37 9.91 -1.04
C ASP A 56 -4.94 9.34 -1.15
N ILE A 57 -3.97 10.21 -1.36
CA ILE A 57 -2.59 9.80 -1.63
C ILE A 57 -1.79 9.57 -0.35
N LEU A 58 -1.17 8.39 -0.26
CA LEU A 58 -0.23 8.12 0.81
C LEU A 58 1.15 8.53 0.30
N ASP A 59 1.62 9.68 0.75
CA ASP A 59 2.92 10.19 0.34
C ASP A 59 4.01 9.19 0.66
N SER A 60 4.83 8.87 -0.33
CA SER A 60 5.91 7.87 -0.16
C SER A 60 7.02 8.36 0.77
N ASN A 61 6.91 9.59 1.26
CA ASN A 61 7.90 10.16 2.16
C ASN A 61 7.44 10.05 3.62
N ARG A 62 6.26 9.51 3.88
CA ARG A 62 5.77 9.37 5.24
C ARG A 62 6.48 8.21 5.89
N THR A 63 7.16 8.46 6.99
CA THR A 63 7.92 7.43 7.71
C THR A 63 7.06 6.86 8.82
N GLN A 64 5.75 7.05 8.70
CA GLN A 64 4.81 6.60 9.71
C GLN A 64 4.58 5.11 9.56
N SER A 65 3.99 4.48 10.56
CA SER A 65 3.70 3.06 10.56
C SER A 65 2.29 2.87 10.03
N LEU A 66 1.95 1.67 9.57
CA LEU A 66 0.61 1.39 9.04
C LEU A 66 -0.45 1.60 10.14
N LYS A 67 -0.04 1.38 11.38
CA LYS A 67 -0.84 1.65 12.55
C LYS A 67 -1.31 3.11 12.64
N GLU A 68 -0.43 4.02 12.29
CA GLU A 68 -0.72 5.46 12.39
C GLU A 68 -1.62 5.90 11.25
N LEU A 69 -1.62 5.14 10.17
CA LEU A 69 -2.46 5.45 9.02
C LEU A 69 -3.87 4.91 9.28
N GLY A 70 -3.98 4.08 10.32
CA GLY A 70 -5.25 3.50 10.72
C GLY A 70 -5.65 2.27 9.95
N LEU A 71 -4.68 1.65 9.28
CA LEU A 71 -4.94 0.50 8.42
C LEU A 71 -5.25 -0.77 9.21
N LYS A 72 -6.15 -1.58 8.67
CA LYS A 72 -6.56 -2.85 9.28
C LYS A 72 -6.63 -3.96 8.21
N THR A 73 -6.86 -5.18 8.66
CA THR A 73 -6.94 -6.38 7.80
C THR A 73 -8.16 -6.45 6.86
N ASP A 74 -8.89 -5.36 6.78
CA ASP A 74 -10.14 -5.29 6.03
C ASP A 74 -10.03 -4.15 5.02
N ASP A 75 -8.82 -3.62 4.90
CA ASP A 75 -8.59 -2.46 4.02
C ASP A 75 -8.08 -2.81 2.63
N LEU A 76 -8.46 -1.96 1.68
CA LEU A 76 -8.04 -2.09 0.28
C LEU A 76 -7.15 -0.91 -0.07
N LEU A 77 -6.00 -1.21 -0.66
CA LEU A 77 -5.04 -0.20 -1.09
C LEU A 77 -5.04 -0.21 -2.61
N LEU A 78 -4.97 0.96 -3.21
CA LEU A 78 -4.99 1.08 -4.67
C LEU A 78 -3.69 1.63 -5.22
N ILE A 79 -3.29 1.11 -6.38
CA ILE A 79 -2.11 1.60 -7.09
C ILE A 79 -2.64 2.45 -8.23
N ARG A 80 -2.35 3.74 -8.22
CA ARG A 80 -2.89 4.66 -9.22
C ARG A 80 -1.75 5.45 -9.84
N GLY A 81 -1.89 5.81 -11.10
CA GLY A 81 -0.83 6.47 -11.82
C GLY A 81 -0.73 7.96 -11.58
N LYS A 82 0.49 8.43 -11.55
CA LYS A 82 0.80 9.86 -11.43
C LYS A 82 0.66 10.54 -12.78
N ILE A 83 0.86 9.76 -13.83
CA ILE A 83 0.89 10.25 -15.20
C ILE A 83 -0.28 9.61 -15.91
N SER A 84 -1.00 10.38 -16.73
CA SER A 84 -2.12 9.87 -17.49
C SER A 84 -2.08 10.49 -18.88
N ASN A 85 -2.49 9.74 -19.89
CA ASN A 85 -2.47 10.24 -21.27
C ASN A 85 -3.73 11.03 -21.60
N SER A 86 -4.81 10.71 -20.89
CA SER A 86 -6.14 11.32 -21.11
C SER A 86 -6.95 11.34 -19.83
N HIS A 1 -5.69 -18.75 13.35
CA HIS A 1 -4.40 -19.48 13.46
C HIS A 1 -3.50 -18.90 14.55
N ILE A 2 -4.15 -18.04 15.35
CA ILE A 2 -3.54 -17.32 16.49
C ILE A 2 -2.45 -16.42 15.91
N GLU A 3 -2.92 -15.48 15.12
CA GLU A 3 -2.09 -14.51 14.44
C GLU A 3 -1.43 -13.55 15.42
N GLY A 4 -0.37 -12.89 14.97
CA GLY A 4 0.30 -11.89 15.77
C GLY A 4 -0.28 -10.51 15.44
N ARG A 5 0.53 -9.47 15.55
CA ARG A 5 0.10 -8.10 15.17
C ARG A 5 0.20 -7.92 13.64
N HIS A 6 -0.38 -8.86 12.92
CA HIS A 6 -0.38 -8.87 11.46
C HIS A 6 -1.79 -8.70 10.96
N MET A 7 -1.88 -8.20 9.75
CA MET A 7 -3.15 -7.94 9.08
C MET A 7 -2.94 -8.19 7.60
N ASP A 8 -4.02 -8.51 6.91
CA ASP A 8 -3.96 -8.84 5.49
C ASP A 8 -4.50 -7.66 4.69
N LEU A 9 -3.64 -7.00 3.93
CA LEU A 9 -4.08 -5.88 3.10
C LEU A 9 -4.07 -6.34 1.68
N THR A 10 -5.12 -6.01 0.96
CA THR A 10 -5.25 -6.40 -0.44
C THR A 10 -4.86 -5.23 -1.32
N ILE A 11 -4.10 -5.50 -2.36
CA ILE A 11 -3.60 -4.44 -3.23
C ILE A 11 -4.32 -4.57 -4.56
N SER A 12 -4.78 -3.47 -5.14
CA SER A 12 -5.47 -3.51 -6.42
C SER A 12 -5.10 -2.33 -7.31
N ASN A 13 -4.95 -2.60 -8.60
CA ASN A 13 -4.55 -1.59 -9.55
C ASN A 13 -5.71 -0.79 -10.15
N GLU A 14 -5.67 0.52 -10.00
CA GLU A 14 -6.70 1.40 -10.57
C GLU A 14 -6.56 1.50 -12.08
N LEU A 15 -5.36 1.24 -12.60
CA LEU A 15 -5.10 1.40 -14.04
C LEU A 15 -5.38 0.15 -14.84
N THR A 16 -4.92 -0.99 -14.32
CA THR A 16 -4.98 -2.24 -15.08
C THR A 16 -6.11 -3.15 -14.65
N GLY A 17 -6.67 -2.89 -13.47
CA GLY A 17 -7.74 -3.73 -12.94
C GLY A 17 -7.21 -5.00 -12.28
N GLU A 18 -5.90 -5.16 -12.26
CA GLU A 18 -5.29 -6.34 -11.66
C GLU A 18 -5.47 -6.33 -10.14
N ILE A 19 -5.82 -7.48 -9.60
CA ILE A 19 -5.94 -7.64 -8.16
C ILE A 19 -4.67 -8.37 -7.74
N TYR A 20 -3.93 -7.76 -6.82
CA TYR A 20 -2.69 -8.31 -6.31
C TYR A 20 -3.00 -8.93 -4.95
N GLY A 21 -2.00 -9.56 -4.35
CA GLY A 21 -2.25 -10.42 -3.20
C GLY A 21 -2.70 -9.80 -1.92
N PRO A 22 -3.57 -10.50 -1.16
CA PRO A 22 -3.56 -10.03 0.21
C PRO A 22 -2.27 -10.50 0.85
N ILE A 23 -1.56 -9.51 1.29
CA ILE A 23 -0.23 -9.67 1.86
C ILE A 23 -0.25 -9.53 3.37
N GLU A 24 0.59 -10.33 4.00
CA GLU A 24 0.70 -10.38 5.46
C GLU A 24 1.68 -9.31 5.86
N VAL A 25 1.15 -8.25 6.43
CA VAL A 25 1.95 -7.11 6.85
C VAL A 25 1.64 -6.79 8.29
N SER A 26 2.52 -6.08 8.94
CA SER A 26 2.34 -5.75 10.34
C SER A 26 1.88 -4.31 10.49
N GLU A 27 1.12 -4.03 11.54
CA GLU A 27 0.67 -2.68 11.81
C GLU A 27 1.85 -1.76 12.14
N ASP A 28 2.97 -2.35 12.55
CA ASP A 28 4.16 -1.59 12.94
C ASP A 28 5.12 -1.41 11.76
N MET A 29 4.73 -1.93 10.61
CA MET A 29 5.57 -1.81 9.42
C MET A 29 5.51 -0.35 8.99
N ALA A 30 6.63 0.21 8.58
CA ALA A 30 6.64 1.59 8.14
C ALA A 30 6.02 1.65 6.74
N LEU A 31 5.44 2.78 6.38
CA LEU A 31 4.90 2.94 5.04
C LEU A 31 6.00 2.78 4.01
N THR A 32 7.19 3.26 4.33
CA THR A 32 8.33 3.13 3.44
C THR A 32 8.67 1.66 3.22
N ASP A 33 8.49 0.84 4.25
CA ASP A 33 8.81 -0.57 4.19
C ASP A 33 7.72 -1.30 3.39
N LEU A 34 6.47 -0.88 3.59
CA LEU A 34 5.36 -1.43 2.83
C LEU A 34 5.60 -1.19 1.36
N ILE A 35 5.90 0.05 0.99
CA ILE A 35 6.16 0.35 -0.42
C ILE A 35 7.41 -0.37 -0.91
N ALA A 36 8.38 -0.59 -0.03
CA ALA A 36 9.57 -1.38 -0.42
C ALA A 36 9.13 -2.79 -0.88
N LEU A 37 8.20 -3.40 -0.15
CA LEU A 37 7.66 -4.71 -0.54
C LEU A 37 6.85 -4.58 -1.82
N LEU A 38 6.03 -3.54 -1.92
CA LEU A 38 5.17 -3.37 -3.08
C LEU A 38 5.96 -3.14 -4.36
N GLN A 39 7.10 -2.47 -4.26
CA GLN A 39 7.99 -2.29 -5.41
C GLN A 39 8.57 -3.63 -5.86
N ALA A 40 8.85 -4.52 -4.91
CA ALA A 40 9.44 -5.82 -5.21
C ALA A 40 8.42 -6.84 -5.75
N ASP A 41 7.27 -6.91 -5.12
CA ASP A 41 6.25 -7.93 -5.45
C ASP A 41 5.18 -7.43 -6.42
N CYS A 42 4.50 -6.37 -6.03
CA CYS A 42 3.39 -5.85 -6.82
C CYS A 42 3.86 -4.97 -7.99
N GLY A 43 5.16 -4.71 -8.05
CA GLY A 43 5.70 -3.86 -9.09
C GLY A 43 5.23 -2.43 -8.98
N PHE A 44 4.83 -2.00 -7.79
CA PHE A 44 4.33 -0.64 -7.61
C PHE A 44 5.51 0.29 -7.65
N ASP A 45 5.68 0.98 -8.76
CA ASP A 45 6.78 1.92 -8.89
C ASP A 45 6.35 3.26 -8.36
N LYS A 46 6.80 3.62 -7.16
CA LYS A 46 6.39 4.90 -6.56
C LYS A 46 6.85 6.14 -7.33
N THR A 47 7.69 5.98 -8.34
CA THR A 47 8.08 7.11 -9.18
C THR A 47 7.11 7.34 -10.34
N LYS A 48 6.37 6.31 -10.72
CA LYS A 48 5.41 6.39 -11.83
C LYS A 48 3.99 6.33 -11.31
N HIS A 49 3.86 5.89 -10.07
CA HIS A 49 2.57 5.61 -9.48
C HIS A 49 2.48 6.14 -8.05
N ASP A 50 1.26 6.28 -7.57
CA ASP A 50 0.98 6.73 -6.21
C ASP A 50 0.10 5.70 -5.53
N LEU A 51 0.22 5.60 -4.21
CA LEU A 51 -0.60 4.68 -3.43
C LEU A 51 -1.78 5.49 -2.93
N TYR A 52 -2.97 4.91 -2.96
CA TYR A 52 -4.17 5.59 -2.49
C TYR A 52 -4.88 4.79 -1.39
N TYR A 53 -5.33 5.51 -0.37
CA TYR A 53 -6.11 4.93 0.72
C TYR A 53 -7.12 5.98 1.14
N ASN A 54 -8.35 5.57 1.37
CA ASN A 54 -9.44 6.50 1.73
C ASN A 54 -9.53 7.67 0.72
N MET A 55 -9.27 7.34 -0.54
CA MET A 55 -9.28 8.30 -1.66
C MET A 55 -8.28 9.45 -1.58
N ASP A 56 -7.29 9.32 -0.70
CA ASP A 56 -6.20 10.31 -0.58
C ASP A 56 -4.88 9.60 -0.88
N ILE A 57 -3.85 10.38 -1.16
CA ILE A 57 -2.55 9.85 -1.54
C ILE A 57 -1.71 9.55 -0.30
N LEU A 58 -1.21 8.32 -0.21
CA LEU A 58 -0.25 7.97 0.84
C LEU A 58 1.11 8.42 0.36
N ASP A 59 1.57 9.55 0.89
CA ASP A 59 2.87 10.11 0.51
C ASP A 59 4.00 9.15 0.90
N SER A 60 4.66 8.63 -0.12
CA SER A 60 5.72 7.63 0.04
C SER A 60 6.96 8.12 0.80
N ASN A 61 7.02 9.41 1.10
CA ASN A 61 8.15 9.97 1.85
C ASN A 61 7.89 9.92 3.36
N ARG A 62 6.69 9.52 3.77
CA ARG A 62 6.36 9.45 5.20
C ARG A 62 6.83 8.14 5.80
N THR A 63 7.42 8.22 6.98
CA THR A 63 7.89 7.05 7.72
C THR A 63 6.92 6.67 8.83
N GLN A 64 5.64 6.91 8.62
CA GLN A 64 4.64 6.54 9.63
C GLN A 64 4.52 5.03 9.54
N SER A 65 3.90 4.43 10.55
CA SER A 65 3.64 3.00 10.52
C SER A 65 2.22 2.84 10.05
N LEU A 66 1.86 1.63 9.66
CA LEU A 66 0.53 1.38 9.10
C LEU A 66 -0.55 1.65 10.15
N LYS A 67 -0.22 1.43 11.42
CA LYS A 67 -1.11 1.74 12.54
C LYS A 67 -1.53 3.20 12.57
N GLU A 68 -0.61 4.10 12.25
CA GLU A 68 -0.87 5.54 12.30
C GLU A 68 -1.78 5.96 11.16
N LEU A 69 -1.79 5.16 10.11
CA LEU A 69 -2.61 5.44 8.93
C LEU A 69 -4.00 4.86 9.13
N GLY A 70 -4.14 4.06 10.18
CA GLY A 70 -5.43 3.47 10.53
C GLY A 70 -5.71 2.21 9.75
N LEU A 71 -4.68 1.66 9.13
CA LEU A 71 -4.83 0.48 8.29
C LEU A 71 -5.15 -0.76 9.11
N LYS A 72 -5.99 -1.62 8.53
CA LYS A 72 -6.46 -2.85 9.17
C LYS A 72 -6.62 -3.96 8.13
N THR A 73 -6.87 -5.17 8.60
CA THR A 73 -6.98 -6.37 7.75
C THR A 73 -8.20 -6.42 6.81
N ASP A 74 -9.06 -5.43 6.87
CA ASP A 74 -10.25 -5.39 6.02
C ASP A 74 -10.01 -4.49 4.83
N ASP A 75 -8.81 -3.91 4.78
CA ASP A 75 -8.54 -2.83 3.84
C ASP A 75 -8.03 -3.27 2.47
N LEU A 76 -8.43 -2.48 1.49
CA LEU A 76 -7.97 -2.64 0.10
C LEU A 76 -7.31 -1.33 -0.32
N LEU A 77 -6.12 -1.44 -0.87
CA LEU A 77 -5.30 -0.29 -1.24
C LEU A 77 -5.26 -0.17 -2.75
N LEU A 78 -5.31 1.05 -3.27
CA LEU A 78 -5.32 1.26 -4.71
C LEU A 78 -4.00 1.78 -5.24
N ILE A 79 -3.63 1.31 -6.43
CA ILE A 79 -2.40 1.76 -7.10
C ILE A 79 -2.83 2.67 -8.23
N ARG A 80 -2.42 3.93 -8.18
CA ARG A 80 -2.86 4.93 -9.15
C ARG A 80 -1.69 5.47 -9.94
N GLY A 81 -1.97 5.98 -11.13
CA GLY A 81 -0.92 6.47 -12.00
C GLY A 81 -0.74 7.96 -11.83
N LYS A 82 0.52 8.35 -11.83
CA LYS A 82 0.90 9.76 -11.78
C LYS A 82 0.71 10.35 -13.17
N ILE A 83 0.51 11.66 -13.23
CA ILE A 83 0.39 12.34 -14.51
C ILE A 83 1.81 12.61 -15.01
N SER A 84 2.11 12.12 -16.20
CA SER A 84 3.43 12.33 -16.82
C SER A 84 3.21 12.52 -18.31
N ASN A 85 3.45 13.72 -18.79
CA ASN A 85 3.19 14.07 -20.18
C ASN A 85 4.51 14.18 -20.95
N SER A 86 4.51 13.65 -22.18
CA SER A 86 5.68 13.73 -23.06
C SER A 86 6.06 15.16 -23.40
N HIS A 1 -7.95 -14.63 8.64
CA HIS A 1 -8.71 -14.53 9.92
C HIS A 1 -7.81 -14.21 11.11
N ILE A 2 -6.70 -13.58 10.74
CA ILE A 2 -5.68 -13.15 11.69
C ILE A 2 -5.92 -11.67 11.96
N GLU A 3 -6.01 -11.30 13.22
CA GLU A 3 -6.33 -9.94 13.62
C GLU A 3 -5.21 -9.31 14.45
N GLY A 4 -5.20 -7.99 14.50
CA GLY A 4 -4.30 -7.27 15.39
C GLY A 4 -2.91 -7.00 14.86
N ARG A 5 -1.93 -7.70 15.41
CA ARG A 5 -0.52 -7.40 15.13
C ARG A 5 -0.13 -7.70 13.70
N HIS A 6 -0.76 -8.69 13.10
CA HIS A 6 -0.59 -8.99 11.70
C HIS A 6 -1.95 -8.84 11.10
N MET A 7 -1.96 -8.36 9.86
CA MET A 7 -3.18 -8.04 9.17
C MET A 7 -2.98 -8.28 7.68
N ASP A 8 -4.06 -8.55 6.98
CA ASP A 8 -3.99 -8.89 5.57
C ASP A 8 -4.43 -7.68 4.76
N LEU A 9 -3.57 -7.17 3.91
CA LEU A 9 -3.94 -6.04 3.05
C LEU A 9 -4.03 -6.53 1.64
N THR A 10 -5.08 -6.12 0.97
CA THR A 10 -5.28 -6.49 -0.43
C THR A 10 -4.88 -5.31 -1.30
N ILE A 11 -4.20 -5.60 -2.39
CA ILE A 11 -3.67 -4.56 -3.28
C ILE A 11 -4.39 -4.68 -4.61
N SER A 12 -4.80 -3.56 -5.19
CA SER A 12 -5.46 -3.57 -6.49
C SER A 12 -4.94 -2.47 -7.39
N ASN A 13 -4.72 -2.79 -8.65
CA ASN A 13 -4.12 -1.86 -9.59
C ASN A 13 -5.18 -1.18 -10.44
N GLU A 14 -5.48 0.07 -10.11
CA GLU A 14 -6.48 0.87 -10.81
C GLU A 14 -6.09 1.08 -12.28
N LEU A 15 -4.80 0.97 -12.55
CA LEU A 15 -4.26 1.20 -13.88
C LEU A 15 -4.41 0.03 -14.84
N THR A 16 -4.27 -1.18 -14.31
CA THR A 16 -4.17 -2.38 -15.14
C THR A 16 -5.34 -3.35 -14.93
N GLY A 17 -6.05 -3.17 -13.83
CA GLY A 17 -7.14 -4.07 -13.48
C GLY A 17 -6.67 -5.30 -12.73
N GLU A 18 -5.36 -5.39 -12.50
CA GLU A 18 -4.79 -6.52 -11.78
C GLU A 18 -5.19 -6.46 -10.32
N ILE A 19 -5.47 -7.62 -9.73
CA ILE A 19 -5.75 -7.72 -8.30
C ILE A 19 -4.59 -8.52 -7.75
N TYR A 20 -3.87 -7.93 -6.82
CA TYR A 20 -2.71 -8.55 -6.21
C TYR A 20 -3.16 -9.19 -4.89
N GLY A 21 -2.25 -9.91 -4.27
CA GLY A 21 -2.62 -10.76 -3.15
C GLY A 21 -2.98 -10.08 -1.86
N PRO A 22 -3.80 -10.76 -1.02
CA PRO A 22 -3.71 -10.26 0.33
C PRO A 22 -2.39 -10.68 0.91
N ILE A 23 -1.67 -9.67 1.28
CA ILE A 23 -0.31 -9.79 1.84
C ILE A 23 -0.32 -9.58 3.33
N GLU A 24 0.42 -10.45 4.01
CA GLU A 24 0.45 -10.47 5.46
C GLU A 24 1.50 -9.48 5.95
N VAL A 25 1.02 -8.36 6.48
CA VAL A 25 1.89 -7.30 6.96
C VAL A 25 1.60 -7.02 8.42
N SER A 26 2.46 -6.24 9.05
CA SER A 26 2.29 -5.92 10.45
C SER A 26 1.78 -4.50 10.65
N GLU A 27 1.08 -4.28 11.75
CA GLU A 27 0.59 -2.95 12.10
C GLU A 27 1.77 -1.98 12.34
N ASP A 28 2.91 -2.54 12.71
CA ASP A 28 4.10 -1.77 13.08
C ASP A 28 5.04 -1.55 11.89
N MET A 29 4.63 -2.02 10.72
CA MET A 29 5.44 -1.88 9.51
C MET A 29 5.43 -0.40 9.10
N ALA A 30 6.56 0.09 8.61
CA ALA A 30 6.61 1.47 8.14
C ALA A 30 5.91 1.56 6.78
N LEU A 31 5.31 2.71 6.50
CA LEU A 31 4.68 2.98 5.21
C LEU A 31 5.71 2.83 4.11
N THR A 32 6.92 3.32 4.36
CA THR A 32 7.96 3.26 3.36
C THR A 32 8.35 1.82 3.06
N ASP A 33 8.29 0.96 4.08
CA ASP A 33 8.67 -0.45 3.93
C ASP A 33 7.57 -1.23 3.24
N LEU A 34 6.32 -0.85 3.50
CA LEU A 34 5.20 -1.43 2.76
C LEU A 34 5.41 -1.16 1.28
N ILE A 35 5.73 0.08 0.93
CA ILE A 35 5.98 0.43 -0.47
C ILE A 35 7.18 -0.32 -1.00
N ALA A 36 8.20 -0.52 -0.18
CA ALA A 36 9.37 -1.28 -0.63
C ALA A 36 8.95 -2.68 -1.12
N LEU A 37 8.02 -3.32 -0.42
CA LEU A 37 7.49 -4.62 -0.84
C LEU A 37 6.68 -4.45 -2.12
N LEU A 38 5.86 -3.42 -2.19
CA LEU A 38 5.02 -3.19 -3.37
C LEU A 38 5.87 -2.93 -4.61
N GLN A 39 7.04 -2.33 -4.44
CA GLN A 39 7.94 -2.10 -5.57
C GLN A 39 8.57 -3.40 -6.04
N ALA A 40 8.82 -4.31 -5.11
CA ALA A 40 9.45 -5.59 -5.43
C ALA A 40 8.46 -6.60 -6.05
N ASP A 41 7.25 -6.65 -5.53
CA ASP A 41 6.25 -7.63 -5.97
C ASP A 41 5.19 -7.04 -6.92
N CYS A 42 4.50 -6.02 -6.45
CA CYS A 42 3.40 -5.42 -7.20
C CYS A 42 3.84 -4.50 -8.34
N GLY A 43 5.15 -4.37 -8.53
CA GLY A 43 5.67 -3.56 -9.61
C GLY A 43 5.43 -2.07 -9.41
N PHE A 44 5.22 -1.66 -8.17
CA PHE A 44 4.98 -0.26 -7.87
C PHE A 44 6.23 0.56 -8.15
N ASP A 45 6.04 1.78 -8.61
CA ASP A 45 7.14 2.70 -8.87
C ASP A 45 6.76 3.98 -8.18
N LYS A 46 7.35 4.30 -7.04
CA LYS A 46 6.91 5.49 -6.31
C LYS A 46 7.23 6.80 -7.04
N THR A 47 7.99 6.68 -8.11
CA THR A 47 8.31 7.79 -8.99
C THR A 47 7.28 7.99 -10.11
N LYS A 48 6.63 6.91 -10.53
CA LYS A 48 5.68 6.94 -11.67
C LYS A 48 4.24 6.81 -11.21
N HIS A 49 4.08 6.21 -10.05
CA HIS A 49 2.78 5.81 -9.55
C HIS A 49 2.57 6.33 -8.13
N ASP A 50 1.33 6.34 -7.69
CA ASP A 50 0.95 6.79 -6.36
C ASP A 50 0.17 5.70 -5.66
N LEU A 51 0.30 5.64 -4.34
CA LEU A 51 -0.43 4.68 -3.53
C LEU A 51 -1.60 5.41 -2.90
N TYR A 52 -2.80 4.86 -3.01
CA TYR A 52 -4.00 5.49 -2.49
C TYR A 52 -4.57 4.69 -1.34
N TYR A 53 -5.03 5.38 -0.31
CA TYR A 53 -5.66 4.80 0.87
C TYR A 53 -6.70 5.78 1.34
N ASN A 54 -7.85 5.27 1.76
CA ASN A 54 -8.97 6.11 2.25
C ASN A 54 -9.33 7.20 1.22
N MET A 55 -9.18 6.86 -0.05
CA MET A 55 -9.48 7.74 -1.20
C MET A 55 -8.57 8.99 -1.31
N ASP A 56 -7.44 8.96 -0.62
CA ASP A 56 -6.45 10.05 -0.71
C ASP A 56 -5.06 9.44 -0.97
N ILE A 57 -4.08 10.28 -1.26
CA ILE A 57 -2.73 9.82 -1.64
C ILE A 57 -1.80 9.66 -0.44
N LEU A 58 -1.19 8.48 -0.34
CA LEU A 58 -0.14 8.26 0.65
C LEU A 58 1.18 8.70 0.04
N ASP A 59 1.69 9.81 0.53
CA ASP A 59 2.99 10.33 0.08
C ASP A 59 4.04 9.30 0.47
N SER A 60 4.83 8.88 -0.51
CA SER A 60 5.79 7.79 -0.33
C SER A 60 6.96 8.10 0.61
N ASN A 61 7.08 9.34 1.05
CA ASN A 61 8.16 9.74 1.94
C ASN A 61 7.71 9.81 3.40
N ARG A 62 6.44 9.50 3.68
CA ARG A 62 5.96 9.50 5.08
C ARG A 62 6.56 8.31 5.81
N THR A 63 7.38 8.57 6.80
CA THR A 63 8.02 7.50 7.58
C THR A 63 7.15 7.02 8.74
N GLN A 64 5.85 7.08 8.54
CA GLN A 64 4.89 6.67 9.57
C GLN A 64 4.71 5.16 9.53
N SER A 65 4.07 4.62 10.55
CA SER A 65 3.78 3.20 10.64
C SER A 65 2.35 3.00 10.15
N LEU A 66 2.00 1.80 9.74
CA LEU A 66 0.64 1.55 9.24
C LEU A 66 -0.40 1.79 10.33
N LYS A 67 0.00 1.58 11.57
CA LYS A 67 -0.82 1.87 12.73
C LYS A 67 -1.29 3.31 12.77
N GLU A 68 -0.41 4.23 12.40
CA GLU A 68 -0.72 5.66 12.44
C GLU A 68 -1.72 6.04 11.36
N LEU A 69 -1.71 5.28 10.27
CA LEU A 69 -2.61 5.55 9.15
C LEU A 69 -4.00 4.99 9.48
N GLY A 70 -4.06 4.16 10.52
CA GLY A 70 -5.32 3.63 11.01
C GLY A 70 -5.84 2.49 10.16
N LEU A 71 -4.97 1.91 9.36
CA LEU A 71 -5.37 0.82 8.47
C LEU A 71 -5.24 -0.54 9.18
N LYS A 72 -5.87 -1.54 8.57
CA LYS A 72 -6.18 -2.80 9.26
C LYS A 72 -6.34 -3.93 8.23
N THR A 73 -6.70 -5.12 8.69
CA THR A 73 -6.91 -6.27 7.81
C THR A 73 -8.13 -6.15 6.88
N ASP A 74 -8.93 -5.12 7.11
CA ASP A 74 -10.11 -4.87 6.29
C ASP A 74 -9.79 -3.81 5.23
N ASP A 75 -8.55 -3.38 5.19
CA ASP A 75 -8.12 -2.32 4.28
C ASP A 75 -7.78 -2.84 2.88
N LEU A 76 -7.85 -1.95 1.91
CA LEU A 76 -7.52 -2.26 0.52
C LEU A 76 -6.83 -1.06 -0.11
N LEU A 77 -5.68 -1.30 -0.70
CA LEU A 77 -4.84 -0.23 -1.26
C LEU A 77 -5.00 -0.20 -2.77
N LEU A 78 -5.03 1.00 -3.32
CA LEU A 78 -5.14 1.18 -4.77
C LEU A 78 -3.86 1.75 -5.34
N ILE A 79 -3.43 1.21 -6.48
CA ILE A 79 -2.25 1.68 -7.18
C ILE A 79 -2.73 2.60 -8.31
N ARG A 80 -2.31 3.85 -8.29
CA ARG A 80 -2.69 4.81 -9.32
C ARG A 80 -1.47 5.28 -10.05
N GLY A 81 -1.65 6.01 -11.13
CA GLY A 81 -0.54 6.51 -11.91
C GLY A 81 -0.52 8.02 -11.87
N LYS A 82 0.67 8.58 -11.84
CA LYS A 82 0.83 10.04 -11.86
C LYS A 82 1.74 10.48 -12.99
N ILE A 83 1.41 11.63 -13.56
CA ILE A 83 2.22 12.25 -14.63
C ILE A 83 2.41 13.69 -14.18
N SER A 84 3.44 13.91 -13.37
CA SER A 84 3.70 15.23 -12.80
C SER A 84 5.15 15.28 -12.34
N ASN A 85 5.71 16.48 -12.29
CA ASN A 85 7.07 16.68 -11.81
C ASN A 85 7.05 17.86 -10.85
N SER A 86 7.84 17.80 -9.78
CA SER A 86 7.87 18.86 -8.77
C SER A 86 8.56 20.15 -9.29
N HIS A 1 -2.47 -19.20 9.67
CA HIS A 1 -3.96 -19.24 9.74
C HIS A 1 -4.59 -18.20 10.67
N ILE A 2 -4.65 -16.95 10.16
CA ILE A 2 -5.25 -15.80 10.86
C ILE A 2 -4.61 -15.64 12.24
N GLU A 3 -3.28 -15.55 12.23
CA GLU A 3 -2.49 -15.41 13.46
C GLU A 3 -2.76 -14.06 14.16
N GLY A 4 -3.18 -13.07 13.39
CA GLY A 4 -3.45 -11.75 13.96
C GLY A 4 -2.21 -10.93 14.23
N ARG A 5 -1.04 -11.55 14.05
CA ARG A 5 0.25 -10.87 14.24
C ARG A 5 0.59 -10.10 12.98
N HIS A 6 -0.23 -10.31 11.97
CA HIS A 6 -0.17 -9.60 10.71
C HIS A 6 -1.61 -9.28 10.41
N MET A 7 -1.78 -8.33 9.51
CA MET A 7 -3.07 -7.97 8.99
C MET A 7 -2.97 -8.18 7.50
N ASP A 8 -4.09 -8.54 6.90
CA ASP A 8 -4.16 -8.88 5.49
C ASP A 8 -4.64 -7.67 4.71
N LEU A 9 -3.78 -7.08 3.91
CA LEU A 9 -4.17 -5.92 3.10
C LEU A 9 -4.15 -6.34 1.67
N THR A 10 -5.23 -6.04 1.00
CA THR A 10 -5.40 -6.45 -0.40
C THR A 10 -4.98 -5.30 -1.29
N ILE A 11 -4.23 -5.61 -2.33
CA ILE A 11 -3.68 -4.59 -3.21
C ILE A 11 -4.34 -4.73 -4.58
N SER A 12 -4.74 -3.63 -5.17
CA SER A 12 -5.36 -3.66 -6.50
C SER A 12 -4.88 -2.52 -7.38
N ASN A 13 -4.64 -2.83 -8.65
CA ASN A 13 -4.09 -1.85 -9.58
C ASN A 13 -5.18 -1.20 -10.40
N GLU A 14 -5.53 0.02 -10.02
CA GLU A 14 -6.55 0.82 -10.71
C GLU A 14 -6.14 1.13 -12.16
N LEU A 15 -4.87 0.94 -12.47
CA LEU A 15 -4.36 1.16 -13.83
C LEU A 15 -4.58 -0.01 -14.77
N THR A 16 -4.50 -1.23 -14.24
CA THR A 16 -4.45 -2.43 -15.08
C THR A 16 -5.63 -3.36 -14.85
N GLY A 17 -6.30 -3.18 -13.72
CA GLY A 17 -7.39 -4.06 -13.33
C GLY A 17 -6.89 -5.30 -12.61
N GLU A 18 -5.59 -5.42 -12.47
CA GLU A 18 -5.00 -6.57 -11.78
C GLU A 18 -5.27 -6.52 -10.29
N ILE A 19 -5.40 -7.69 -9.70
CA ILE A 19 -5.66 -7.82 -8.26
C ILE A 19 -4.50 -8.61 -7.69
N TYR A 20 -3.75 -7.98 -6.80
CA TYR A 20 -2.63 -8.60 -6.12
C TYR A 20 -3.16 -9.15 -4.80
N GLY A 21 -2.32 -9.89 -4.11
CA GLY A 21 -2.81 -10.67 -2.97
C GLY A 21 -3.10 -9.93 -1.71
N PRO A 22 -3.94 -10.54 -0.83
CA PRO A 22 -3.80 -10.00 0.51
C PRO A 22 -2.48 -10.45 1.08
N ILE A 23 -1.67 -9.46 1.34
CA ILE A 23 -0.34 -9.65 1.84
C ILE A 23 -0.37 -9.46 3.35
N GLU A 24 0.41 -10.31 4.01
CA GLU A 24 0.47 -10.32 5.47
C GLU A 24 1.53 -9.32 5.90
N VAL A 25 1.08 -8.19 6.40
CA VAL A 25 1.97 -7.12 6.83
C VAL A 25 1.65 -6.79 8.27
N SER A 26 2.56 -6.13 8.95
CA SER A 26 2.35 -5.81 10.35
C SER A 26 1.89 -4.38 10.51
N GLU A 27 1.16 -4.10 11.57
CA GLU A 27 0.68 -2.74 11.84
C GLU A 27 1.87 -1.81 12.14
N ASP A 28 2.96 -2.38 12.61
CA ASP A 28 4.15 -1.61 12.99
C ASP A 28 5.16 -1.53 11.86
N MET A 29 4.77 -2.01 10.69
CA MET A 29 5.61 -1.91 9.51
C MET A 29 5.57 -0.45 9.10
N ALA A 30 6.68 0.10 8.62
CA ALA A 30 6.68 1.47 8.18
C ALA A 30 5.94 1.57 6.85
N LEU A 31 5.39 2.75 6.58
CA LEU A 31 4.75 3.03 5.30
C LEU A 31 5.75 2.84 4.19
N THR A 32 6.97 3.30 4.43
CA THR A 32 8.01 3.19 3.44
C THR A 32 8.38 1.73 3.18
N ASP A 33 8.27 0.90 4.21
CA ASP A 33 8.64 -0.52 4.10
C ASP A 33 7.55 -1.27 3.35
N LEU A 34 6.30 -0.88 3.57
CA LEU A 34 5.19 -1.45 2.82
C LEU A 34 5.42 -1.18 1.35
N ILE A 35 5.75 0.05 1.01
CA ILE A 35 5.98 0.40 -0.38
C ILE A 35 7.21 -0.31 -0.91
N ALA A 36 8.22 -0.50 -0.08
CA ALA A 36 9.40 -1.25 -0.51
C ALA A 36 9.00 -2.64 -1.00
N LEU A 37 8.07 -3.28 -0.29
CA LEU A 37 7.54 -4.58 -0.72
C LEU A 37 6.71 -4.43 -1.98
N LEU A 38 5.87 -3.41 -2.04
CA LEU A 38 5.01 -3.19 -3.22
C LEU A 38 5.83 -2.94 -4.47
N GLN A 39 6.99 -2.33 -4.31
CA GLN A 39 7.87 -2.07 -5.45
C GLN A 39 8.50 -3.37 -5.94
N ALA A 40 8.79 -4.28 -5.02
CA ALA A 40 9.41 -5.57 -5.37
C ALA A 40 8.39 -6.58 -5.95
N ASP A 41 7.20 -6.62 -5.35
CA ASP A 41 6.18 -7.61 -5.71
C ASP A 41 5.14 -7.08 -6.68
N CYS A 42 4.45 -6.01 -6.29
CA CYS A 42 3.35 -5.47 -7.09
C CYS A 42 3.78 -4.59 -8.25
N GLY A 43 5.09 -4.38 -8.38
CA GLY A 43 5.61 -3.56 -9.48
C GLY A 43 5.37 -2.08 -9.30
N PHE A 44 5.13 -1.65 -8.07
CA PHE A 44 4.92 -0.25 -7.77
C PHE A 44 6.20 0.54 -8.04
N ASP A 45 6.06 1.77 -8.49
CA ASP A 45 7.21 2.67 -8.63
C ASP A 45 6.75 4.01 -8.09
N LYS A 46 7.25 4.42 -6.93
CA LYS A 46 6.78 5.67 -6.31
C LYS A 46 7.11 6.92 -7.12
N THR A 47 7.92 6.81 -8.16
CA THR A 47 8.17 7.95 -9.02
C THR A 47 7.13 8.07 -10.14
N LYS A 48 6.57 6.94 -10.54
CA LYS A 48 5.60 6.90 -11.66
C LYS A 48 4.19 6.68 -11.18
N HIS A 49 4.06 6.29 -9.94
CA HIS A 49 2.78 5.90 -9.37
C HIS A 49 2.51 6.52 -8.02
N ASP A 50 1.25 6.48 -7.63
CA ASP A 50 0.78 6.96 -6.32
C ASP A 50 0.07 5.80 -5.65
N LEU A 51 0.19 5.72 -4.33
CA LEU A 51 -0.51 4.71 -3.55
C LEU A 51 -1.70 5.41 -2.92
N TYR A 52 -2.88 4.82 -3.07
CA TYR A 52 -4.11 5.44 -2.59
C TYR A 52 -4.75 4.65 -1.47
N TYR A 53 -5.27 5.36 -0.49
CA TYR A 53 -6.05 4.78 0.59
C TYR A 53 -7.11 5.79 0.97
N ASN A 54 -8.34 5.32 1.21
CA ASN A 54 -9.48 6.19 1.54
C ASN A 54 -9.65 7.30 0.49
N MET A 55 -9.35 6.94 -0.76
CA MET A 55 -9.43 7.82 -1.93
C MET A 55 -8.51 9.05 -1.88
N ASP A 56 -7.49 9.01 -1.02
CA ASP A 56 -6.49 10.07 -0.93
C ASP A 56 -5.11 9.43 -1.15
N ILE A 57 -4.09 10.23 -1.41
CA ILE A 57 -2.75 9.74 -1.72
C ILE A 57 -1.91 9.59 -0.46
N LEU A 58 -1.31 8.42 -0.29
CA LEU A 58 -0.36 8.19 0.79
C LEU A 58 1.01 8.64 0.31
N ASP A 59 1.52 9.71 0.90
CA ASP A 59 2.83 10.25 0.53
C ASP A 59 3.91 9.23 0.87
N SER A 60 4.61 8.77 -0.16
CA SER A 60 5.57 7.69 -0.06
C SER A 60 6.84 7.97 0.75
N ASN A 61 7.03 9.21 1.19
CA ASN A 61 8.24 9.58 1.93
C ASN A 61 7.99 9.68 3.44
N ARG A 62 6.75 9.43 3.86
CA ARG A 62 6.42 9.52 5.29
C ARG A 62 6.84 8.23 5.99
N THR A 63 7.61 8.37 7.06
CA THR A 63 8.16 7.22 7.78
C THR A 63 7.26 6.77 8.93
N GLN A 64 5.97 6.94 8.75
CA GLN A 64 5.00 6.53 9.77
C GLN A 64 4.81 5.04 9.73
N SER A 65 4.15 4.48 10.73
CA SER A 65 3.82 3.06 10.76
C SER A 65 2.43 2.93 10.18
N LEU A 66 2.08 1.76 9.68
CA LEU A 66 0.76 1.55 9.09
C LEU A 66 -0.35 1.79 10.10
N LYS A 67 -0.06 1.51 11.36
CA LYS A 67 -0.97 1.74 12.46
C LYS A 67 -1.40 3.20 12.58
N GLU A 68 -0.46 4.10 12.34
CA GLU A 68 -0.73 5.54 12.48
C GLU A 68 -1.59 6.04 11.33
N LEU A 69 -1.56 5.30 10.23
CA LEU A 69 -2.36 5.64 9.05
C LEU A 69 -3.77 5.08 9.23
N GLY A 70 -3.93 4.24 10.25
CA GLY A 70 -5.23 3.66 10.57
C GLY A 70 -5.51 2.40 9.77
N LEU A 71 -4.49 1.84 9.16
CA LEU A 71 -4.66 0.65 8.32
C LEU A 71 -4.99 -0.60 9.13
N LYS A 72 -5.86 -1.43 8.56
CA LYS A 72 -6.39 -2.62 9.21
C LYS A 72 -6.44 -3.78 8.22
N THR A 73 -6.72 -4.98 8.72
CA THR A 73 -6.84 -6.21 7.91
C THR A 73 -8.08 -6.29 7.01
N ASP A 74 -8.83 -5.21 6.97
CA ASP A 74 -10.11 -5.15 6.29
C ASP A 74 -10.01 -3.99 5.31
N ASP A 75 -8.78 -3.72 4.89
CA ASP A 75 -8.49 -2.64 3.94
C ASP A 75 -8.11 -3.08 2.53
N LEU A 76 -8.41 -2.18 1.58
CA LEU A 76 -8.05 -2.33 0.18
C LEU A 76 -7.19 -1.13 -0.21
N LEU A 77 -6.04 -1.38 -0.81
CA LEU A 77 -5.11 -0.33 -1.23
C LEU A 77 -5.13 -0.28 -2.74
N LEU A 78 -5.11 0.92 -3.31
CA LEU A 78 -5.19 1.08 -4.76
C LEU A 78 -3.92 1.69 -5.34
N ILE A 79 -3.55 1.25 -6.54
CA ILE A 79 -2.34 1.72 -7.20
C ILE A 79 -2.76 2.54 -8.42
N ARG A 80 -2.39 3.81 -8.46
CA ARG A 80 -2.70 4.65 -9.61
C ARG A 80 -1.40 5.17 -10.19
N GLY A 81 -1.45 5.64 -11.42
CA GLY A 81 -0.27 6.19 -12.07
C GLY A 81 -0.38 7.68 -12.08
N LYS A 82 0.75 8.33 -11.97
CA LYS A 82 0.80 9.79 -12.00
C LYS A 82 1.70 10.29 -13.11
N ILE A 83 1.38 11.46 -13.63
CA ILE A 83 2.16 12.07 -14.71
C ILE A 83 3.39 12.69 -14.06
N SER A 84 3.17 13.37 -12.96
CA SER A 84 4.22 14.00 -12.17
C SER A 84 3.65 14.29 -10.79
N ASN A 85 2.60 15.09 -10.77
CA ASN A 85 1.83 15.44 -9.58
C ASN A 85 0.48 15.85 -10.12
N SER A 86 -0.46 16.23 -9.26
CA SER A 86 -1.73 16.82 -9.70
C SER A 86 -2.20 17.93 -8.74
N HIS A 1 3.76 -15.31 11.05
CA HIS A 1 3.91 -16.35 12.12
C HIS A 1 3.47 -15.86 13.48
N ILE A 2 3.70 -14.56 13.66
CA ILE A 2 3.32 -13.87 14.88
C ILE A 2 1.86 -13.46 14.77
N GLU A 3 1.04 -13.99 15.66
CA GLU A 3 -0.40 -13.71 15.65
C GLU A 3 -0.70 -12.32 16.19
N GLY A 4 -1.93 -11.86 15.96
CA GLY A 4 -2.41 -10.61 16.56
C GLY A 4 -1.97 -9.31 15.92
N ARG A 5 -0.70 -9.17 15.62
CA ARG A 5 -0.17 -7.90 15.06
C ARG A 5 0.13 -8.00 13.57
N HIS A 6 -0.55 -8.93 12.91
CA HIS A 6 -0.47 -9.06 11.47
C HIS A 6 -1.85 -8.85 10.92
N MET A 7 -1.91 -8.25 9.76
CA MET A 7 -3.14 -7.92 9.09
C MET A 7 -2.93 -8.14 7.61
N ASP A 8 -4.02 -8.40 6.91
CA ASP A 8 -3.98 -8.66 5.48
C ASP A 8 -4.39 -7.41 4.74
N LEU A 9 -3.50 -6.87 3.92
CA LEU A 9 -3.87 -5.73 3.09
C LEU A 9 -3.98 -6.24 1.68
N THR A 10 -5.08 -5.93 1.04
CA THR A 10 -5.30 -6.37 -0.34
C THR A 10 -4.85 -5.24 -1.25
N ILE A 11 -4.13 -5.58 -2.30
CA ILE A 11 -3.58 -4.58 -3.21
C ILE A 11 -4.30 -4.73 -4.54
N SER A 12 -4.65 -3.62 -5.18
CA SER A 12 -5.31 -3.68 -6.49
C SER A 12 -4.87 -2.54 -7.39
N ASN A 13 -4.69 -2.85 -8.66
CA ASN A 13 -4.30 -1.86 -9.63
C ASN A 13 -5.50 -1.11 -10.21
N GLU A 14 -5.57 0.18 -9.96
CA GLU A 14 -6.65 1.01 -10.46
C GLU A 14 -6.52 1.22 -11.96
N LEU A 15 -5.31 1.10 -12.48
CA LEU A 15 -5.06 1.30 -13.91
C LEU A 15 -5.43 0.10 -14.77
N THR A 16 -5.12 -1.09 -14.28
CA THR A 16 -5.26 -2.30 -15.09
C THR A 16 -6.43 -3.19 -14.64
N GLY A 17 -6.93 -2.93 -13.44
CA GLY A 17 -8.00 -3.74 -12.89
C GLY A 17 -7.50 -5.00 -12.22
N GLU A 18 -6.18 -5.18 -12.19
CA GLU A 18 -5.58 -6.38 -11.60
C GLU A 18 -5.78 -6.45 -10.09
N ILE A 19 -5.92 -7.66 -9.60
CA ILE A 19 -6.10 -7.91 -8.18
C ILE A 19 -4.86 -8.66 -7.70
N TYR A 20 -4.14 -8.05 -6.78
CA TYR A 20 -2.94 -8.64 -6.20
C TYR A 20 -3.37 -9.26 -4.87
N GLY A 21 -2.45 -9.94 -4.22
CA GLY A 21 -2.79 -10.71 -3.04
C GLY A 21 -3.10 -9.97 -1.79
N PRO A 22 -3.97 -10.55 -0.93
CA PRO A 22 -3.84 -10.00 0.40
C PRO A 22 -2.55 -10.50 0.98
N ILE A 23 -1.76 -9.54 1.35
CA ILE A 23 -0.41 -9.77 1.86
C ILE A 23 -0.35 -9.54 3.37
N GLU A 24 0.43 -10.39 4.03
CA GLU A 24 0.56 -10.36 5.48
C GLU A 24 1.56 -9.29 5.85
N VAL A 25 1.06 -8.19 6.37
CA VAL A 25 1.91 -7.09 6.81
C VAL A 25 1.62 -6.84 8.28
N SER A 26 2.50 -6.09 8.93
CA SER A 26 2.36 -5.85 10.34
C SER A 26 1.88 -4.44 10.60
N GLU A 27 1.19 -4.25 11.72
CA GLU A 27 0.72 -2.92 12.11
C GLU A 27 1.90 -1.95 12.31
N ASP A 28 3.03 -2.49 12.73
CA ASP A 28 4.21 -1.68 13.08
C ASP A 28 5.13 -1.50 11.87
N MET A 29 4.73 -2.06 10.73
CA MET A 29 5.52 -1.93 9.51
C MET A 29 5.49 -0.46 9.11
N ALA A 30 6.61 0.06 8.63
CA ALA A 30 6.64 1.45 8.20
C ALA A 30 5.92 1.56 6.86
N LEU A 31 5.37 2.74 6.60
CA LEU A 31 4.74 3.03 5.32
C LEU A 31 5.77 2.84 4.21
N THR A 32 6.98 3.26 4.47
CA THR A 32 8.03 3.16 3.47
C THR A 32 8.37 1.69 3.19
N ASP A 33 8.26 0.85 4.21
CA ASP A 33 8.62 -0.56 4.08
C ASP A 33 7.54 -1.30 3.32
N LEU A 34 6.28 -0.90 3.52
CA LEU A 34 5.18 -1.45 2.75
C LEU A 34 5.43 -1.14 1.29
N ILE A 35 5.77 0.10 0.99
CA ILE A 35 6.02 0.49 -0.40
C ILE A 35 7.22 -0.27 -0.95
N ALA A 36 8.24 -0.46 -0.13
CA ALA A 36 9.43 -1.20 -0.57
C ALA A 36 9.04 -2.62 -1.04
N LEU A 37 8.13 -3.26 -0.33
CA LEU A 37 7.62 -4.57 -0.73
C LEU A 37 6.85 -4.46 -2.04
N LEU A 38 6.06 -3.40 -2.18
CA LEU A 38 5.29 -3.18 -3.40
C LEU A 38 6.19 -2.97 -4.61
N GLN A 39 7.36 -2.37 -4.44
CA GLN A 39 8.29 -2.22 -5.58
C GLN A 39 8.79 -3.58 -6.06
N ALA A 40 9.01 -4.50 -5.13
CA ALA A 40 9.53 -5.82 -5.48
C ALA A 40 8.45 -6.75 -6.05
N ASP A 41 7.29 -6.77 -5.40
CA ASP A 41 6.20 -7.68 -5.78
C ASP A 41 5.29 -7.11 -6.86
N CYS A 42 4.74 -5.94 -6.57
CA CYS A 42 3.76 -5.30 -7.46
C CYS A 42 4.41 -4.43 -8.53
N GLY A 43 5.72 -4.27 -8.45
CA GLY A 43 6.43 -3.42 -9.39
C GLY A 43 6.06 -1.95 -9.22
N PHE A 44 5.66 -1.57 -8.01
CA PHE A 44 5.19 -0.20 -7.78
C PHE A 44 6.31 0.82 -7.83
N ASP A 45 6.33 1.55 -8.93
CA ASP A 45 7.28 2.62 -9.15
C ASP A 45 6.70 3.88 -8.52
N LYS A 46 7.13 4.20 -7.30
CA LYS A 46 6.56 5.35 -6.55
C LYS A 46 6.83 6.71 -7.19
N THR A 47 7.65 6.71 -8.24
CA THR A 47 7.93 7.90 -9.02
C THR A 47 6.96 8.08 -10.20
N LYS A 48 6.35 6.98 -10.64
CA LYS A 48 5.46 6.99 -11.83
C LYS A 48 4.03 6.70 -11.43
N HIS A 49 3.87 6.17 -10.23
CA HIS A 49 2.59 5.76 -9.72
C HIS A 49 2.43 6.30 -8.31
N ASP A 50 1.20 6.34 -7.84
CA ASP A 50 0.90 6.78 -6.47
C ASP A 50 0.06 5.72 -5.79
N LEU A 51 0.26 5.61 -4.48
CA LEU A 51 -0.47 4.64 -3.67
C LEU A 51 -1.62 5.38 -3.02
N TYR A 52 -2.82 4.84 -3.14
CA TYR A 52 -4.02 5.49 -2.63
C TYR A 52 -4.67 4.70 -1.52
N TYR A 53 -5.17 5.41 -0.52
CA TYR A 53 -5.95 4.84 0.56
C TYR A 53 -7.04 5.84 0.90
N ASN A 54 -8.25 5.35 1.14
CA ASN A 54 -9.41 6.21 1.44
C ASN A 54 -9.60 7.29 0.36
N MET A 55 -9.26 6.93 -0.87
CA MET A 55 -9.35 7.80 -2.07
C MET A 55 -8.43 9.02 -2.07
N ASP A 56 -7.45 9.04 -1.17
CA ASP A 56 -6.44 10.09 -1.12
C ASP A 56 -5.06 9.46 -1.29
N ILE A 57 -4.06 10.28 -1.59
CA ILE A 57 -2.71 9.79 -1.87
C ILE A 57 -1.93 9.59 -0.56
N LEU A 58 -1.34 8.41 -0.41
CA LEU A 58 -0.44 8.17 0.71
C LEU A 58 0.92 8.73 0.34
N ASP A 59 1.39 9.67 1.15
CA ASP A 59 2.68 10.32 0.94
C ASP A 59 3.80 9.30 1.15
N SER A 60 4.38 8.88 0.04
CA SER A 60 5.42 7.87 0.00
C SER A 60 6.71 8.21 0.75
N ASN A 61 6.84 9.44 1.23
CA ASN A 61 8.05 9.87 1.91
C ASN A 61 7.91 9.88 3.44
N ARG A 62 6.75 9.50 3.96
CA ARG A 62 6.53 9.51 5.42
C ARG A 62 6.96 8.21 6.05
N THR A 63 7.62 8.31 7.19
CA THR A 63 8.13 7.14 7.92
C THR A 63 7.15 6.70 9.03
N GLN A 64 5.86 6.94 8.82
CA GLN A 64 4.85 6.54 9.80
C GLN A 64 4.67 5.04 9.74
N SER A 65 4.02 4.47 10.73
CA SER A 65 3.71 3.05 10.74
C SER A 65 2.32 2.89 10.15
N LEU A 66 2.00 1.72 9.65
CA LEU A 66 0.69 1.46 9.05
C LEU A 66 -0.42 1.68 10.08
N LYS A 67 -0.10 1.40 11.32
CA LYS A 67 -1.01 1.62 12.45
C LYS A 67 -1.47 3.06 12.57
N GLU A 68 -0.56 3.99 12.32
CA GLU A 68 -0.85 5.42 12.47
C GLU A 68 -1.69 5.93 11.32
N LEU A 69 -1.65 5.20 10.22
CA LEU A 69 -2.46 5.54 9.05
C LEU A 69 -3.88 5.00 9.24
N GLY A 70 -4.04 4.20 10.28
CA GLY A 70 -5.34 3.65 10.64
C GLY A 70 -5.68 2.40 9.87
N LEU A 71 -4.67 1.77 9.29
CA LEU A 71 -4.87 0.59 8.46
C LEU A 71 -5.17 -0.65 9.31
N LYS A 72 -6.01 -1.54 8.75
CA LYS A 72 -6.43 -2.77 9.41
C LYS A 72 -6.52 -3.86 8.34
N THR A 73 -6.83 -5.07 8.75
CA THR A 73 -6.94 -6.23 7.83
C THR A 73 -8.14 -6.19 6.88
N ASP A 74 -8.99 -5.19 7.03
CA ASP A 74 -10.20 -5.07 6.23
C ASP A 74 -9.99 -4.08 5.08
N ASP A 75 -8.77 -3.55 4.98
CA ASP A 75 -8.47 -2.51 4.00
C ASP A 75 -7.93 -3.00 2.66
N LEU A 76 -8.19 -2.19 1.64
CA LEU A 76 -7.69 -2.42 0.29
C LEU A 76 -6.95 -1.16 -0.17
N LEU A 77 -5.79 -1.36 -0.78
CA LEU A 77 -4.93 -0.27 -1.24
C LEU A 77 -4.95 -0.24 -2.76
N LEU A 78 -4.99 0.96 -3.33
CA LEU A 78 -5.07 1.11 -4.78
C LEU A 78 -3.79 1.68 -5.38
N ILE A 79 -3.40 1.13 -6.53
CA ILE A 79 -2.24 1.62 -7.28
C ILE A 79 -2.76 2.47 -8.42
N ARG A 80 -2.45 3.76 -8.44
CA ARG A 80 -2.89 4.64 -9.53
C ARG A 80 -1.68 5.19 -10.23
N GLY A 81 -1.85 5.70 -11.44
CA GLY A 81 -0.75 6.26 -12.19
C GLY A 81 -0.81 7.76 -12.14
N LYS A 82 0.36 8.37 -12.10
CA LYS A 82 0.49 9.82 -12.11
C LYS A 82 1.46 10.27 -13.18
N ILE A 83 1.40 11.53 -13.55
CA ILE A 83 2.33 12.08 -14.53
C ILE A 83 3.63 12.36 -13.77
N SER A 84 4.69 11.66 -14.13
CA SER A 84 5.98 11.86 -13.50
C SER A 84 6.55 13.20 -14.00
N ASN A 85 7.22 13.93 -13.14
CA ASN A 85 7.78 15.23 -13.49
C ASN A 85 9.19 15.33 -12.94
N SER A 86 10.08 15.98 -13.70
CA SER A 86 11.48 16.17 -13.33
C SER A 86 11.77 17.59 -12.81
N HIS A 1 -7.49 -18.89 17.51
CA HIS A 1 -6.19 -18.61 16.85
C HIS A 1 -5.34 -17.62 17.63
N ILE A 2 -4.08 -17.46 17.19
CA ILE A 2 -3.16 -16.47 17.76
C ILE A 2 -2.81 -15.53 16.61
N GLU A 3 -2.24 -14.37 16.92
CA GLU A 3 -1.93 -13.36 15.92
C GLU A 3 -0.53 -12.80 16.16
N GLY A 4 0.20 -12.57 15.08
CA GLY A 4 1.55 -12.02 15.18
C GLY A 4 1.61 -10.56 14.81
N ARG A 5 0.63 -9.79 15.26
CA ARG A 5 0.46 -8.37 14.87
C ARG A 5 0.49 -8.20 13.36
N HIS A 6 -0.10 -9.17 12.67
CA HIS A 6 -0.15 -9.18 11.22
C HIS A 6 -1.57 -8.89 10.81
N MET A 7 -1.71 -8.25 9.67
CA MET A 7 -2.99 -7.92 9.08
C MET A 7 -2.85 -8.14 7.59
N ASP A 8 -3.95 -8.47 6.94
CA ASP A 8 -3.96 -8.83 5.53
C ASP A 8 -4.51 -7.65 4.74
N LEU A 9 -3.69 -7.06 3.89
CA LEU A 9 -4.14 -5.91 3.10
C LEU A 9 -4.11 -6.29 1.66
N THR A 10 -5.20 -6.02 0.99
CA THR A 10 -5.37 -6.41 -0.41
C THR A 10 -4.94 -5.25 -1.29
N ILE A 11 -4.27 -5.56 -2.40
CA ILE A 11 -3.72 -4.53 -3.28
C ILE A 11 -4.41 -4.63 -4.62
N SER A 12 -4.91 -3.52 -5.13
CA SER A 12 -5.56 -3.51 -6.44
C SER A 12 -5.02 -2.41 -7.32
N ASN A 13 -4.85 -2.70 -8.59
CA ASN A 13 -4.25 -1.74 -9.51
C ASN A 13 -5.30 -1.02 -10.34
N GLU A 14 -5.55 0.23 -9.98
CA GLU A 14 -6.47 1.12 -10.71
C GLU A 14 -5.96 1.34 -12.15
N LEU A 15 -4.68 1.04 -12.35
CA LEU A 15 -4.03 1.21 -13.65
C LEU A 15 -4.31 0.10 -14.65
N THR A 16 -4.53 -1.11 -14.14
CA THR A 16 -4.60 -2.28 -15.00
C THR A 16 -5.88 -3.09 -14.79
N GLY A 17 -6.52 -2.88 -13.66
CA GLY A 17 -7.70 -3.66 -13.28
C GLY A 17 -7.32 -4.95 -12.58
N GLU A 18 -6.02 -5.20 -12.46
CA GLU A 18 -5.53 -6.42 -11.80
C GLU A 18 -5.62 -6.28 -10.31
N ILE A 19 -5.68 -7.41 -9.62
CA ILE A 19 -5.74 -7.44 -8.16
C ILE A 19 -4.65 -8.38 -7.67
N TYR A 20 -3.80 -7.86 -6.79
CA TYR A 20 -2.71 -8.60 -6.19
C TYR A 20 -3.22 -9.12 -4.84
N GLY A 21 -2.41 -9.92 -4.17
CA GLY A 21 -2.86 -10.64 -3.01
C GLY A 21 -3.14 -9.89 -1.75
N PRO A 22 -3.99 -10.46 -0.87
CA PRO A 22 -3.83 -9.91 0.47
C PRO A 22 -2.52 -10.39 1.04
N ILE A 23 -1.69 -9.42 1.28
CA ILE A 23 -0.35 -9.64 1.77
C ILE A 23 -0.33 -9.41 3.27
N GLU A 24 0.45 -10.25 3.92
CA GLU A 24 0.55 -10.26 5.37
C GLU A 24 1.59 -9.24 5.79
N VAL A 25 1.12 -8.13 6.31
CA VAL A 25 1.99 -7.03 6.72
C VAL A 25 1.72 -6.74 8.18
N SER A 26 2.62 -6.04 8.82
CA SER A 26 2.48 -5.77 10.25
C SER A 26 1.95 -4.38 10.50
N GLU A 27 1.26 -4.21 11.60
CA GLU A 27 0.75 -2.89 12.00
C GLU A 27 1.91 -1.91 12.22
N ASP A 28 3.06 -2.43 12.61
CA ASP A 28 4.21 -1.60 12.98
C ASP A 28 5.22 -1.51 11.85
N MET A 29 4.81 -1.99 10.68
CA MET A 29 5.62 -1.88 9.47
C MET A 29 5.55 -0.42 9.07
N ALA A 30 6.64 0.15 8.57
CA ALA A 30 6.57 1.53 8.13
C ALA A 30 5.85 1.59 6.79
N LEU A 31 5.26 2.73 6.50
CA LEU A 31 4.62 2.98 5.22
C LEU A 31 5.66 2.83 4.12
N THR A 32 6.86 3.30 4.38
CA THR A 32 7.91 3.23 3.40
C THR A 32 8.33 1.78 3.17
N ASP A 33 8.22 0.95 4.21
CA ASP A 33 8.59 -0.47 4.12
C ASP A 33 7.53 -1.24 3.36
N LEU A 34 6.28 -0.85 3.53
CA LEU A 34 5.19 -1.43 2.76
C LEU A 34 5.46 -1.18 1.29
N ILE A 35 5.86 0.03 0.94
CA ILE A 35 6.16 0.36 -0.45
C ILE A 35 7.41 -0.37 -0.91
N ALA A 36 8.36 -0.59 -0.02
CA ALA A 36 9.53 -1.39 -0.37
C ALA A 36 9.11 -2.78 -0.85
N LEU A 37 8.12 -3.37 -0.18
CA LEU A 37 7.57 -4.66 -0.60
C LEU A 37 6.76 -4.52 -1.89
N LEU A 38 5.97 -3.47 -2.01
CA LEU A 38 5.15 -3.25 -3.21
C LEU A 38 6.01 -3.03 -4.45
N GLN A 39 7.15 -2.38 -4.29
CA GLN A 39 8.10 -2.19 -5.40
C GLN A 39 8.65 -3.53 -5.88
N ALA A 40 8.87 -4.45 -4.95
CA ALA A 40 9.44 -5.75 -5.28
C ALA A 40 8.40 -6.72 -5.88
N ASP A 41 7.23 -6.80 -5.26
CA ASP A 41 6.21 -7.77 -5.65
C ASP A 41 5.19 -7.23 -6.65
N CYS A 42 4.53 -6.15 -6.28
CA CYS A 42 3.46 -5.58 -7.09
C CYS A 42 3.99 -4.72 -8.23
N GLY A 43 5.30 -4.50 -8.26
CA GLY A 43 5.91 -3.67 -9.28
C GLY A 43 5.49 -2.22 -9.17
N PHE A 44 5.12 -1.80 -7.97
CA PHE A 44 4.65 -0.44 -7.77
C PHE A 44 5.87 0.45 -7.71
N ASP A 45 6.13 1.19 -8.77
CA ASP A 45 7.26 2.12 -8.79
C ASP A 45 6.78 3.46 -8.25
N LYS A 46 7.24 3.84 -7.06
CA LYS A 46 6.72 5.04 -6.40
C LYS A 46 7.13 6.34 -7.10
N THR A 47 7.97 6.25 -8.10
CA THR A 47 8.36 7.43 -8.88
C THR A 47 7.44 7.62 -10.10
N LYS A 48 6.77 6.54 -10.52
CA LYS A 48 5.82 6.61 -11.65
C LYS A 48 4.40 6.59 -11.13
N HIS A 49 4.24 5.98 -9.97
CA HIS A 49 2.92 5.67 -9.45
C HIS A 49 2.74 6.21 -8.03
N ASP A 50 1.50 6.25 -7.59
CA ASP A 50 1.13 6.71 -6.25
C ASP A 50 0.27 5.65 -5.58
N LEU A 51 0.29 5.62 -4.26
CA LEU A 51 -0.49 4.67 -3.47
C LEU A 51 -1.67 5.42 -2.87
N TYR A 52 -2.86 4.86 -2.99
CA TYR A 52 -4.08 5.52 -2.52
C TYR A 52 -4.77 4.71 -1.43
N TYR A 53 -5.32 5.42 -0.46
CA TYR A 53 -6.09 4.83 0.63
C TYR A 53 -7.16 5.84 1.00
N ASN A 54 -8.38 5.38 1.24
CA ASN A 54 -9.52 6.26 1.57
C ASN A 54 -9.70 7.36 0.50
N MET A 55 -9.42 6.99 -0.75
CA MET A 55 -9.50 7.87 -1.93
C MET A 55 -8.58 9.09 -1.90
N ASP A 56 -7.57 9.05 -1.05
CA ASP A 56 -6.56 10.12 -0.96
C ASP A 56 -5.18 9.48 -1.16
N ILE A 57 -4.17 10.29 -1.43
CA ILE A 57 -2.83 9.79 -1.71
C ILE A 57 -2.04 9.61 -0.41
N LEU A 58 -1.46 8.44 -0.24
CA LEU A 58 -0.54 8.21 0.85
C LEU A 58 0.82 8.70 0.38
N ASP A 59 1.36 9.71 1.04
CA ASP A 59 2.66 10.26 0.69
C ASP A 59 3.72 9.17 0.91
N SER A 60 4.24 8.69 -0.20
CA SER A 60 5.22 7.60 -0.24
C SER A 60 6.53 7.89 0.50
N ASN A 61 6.71 9.11 0.95
CA ASN A 61 7.94 9.51 1.65
C ASN A 61 7.77 9.60 3.18
N ARG A 62 6.58 9.36 3.70
CA ARG A 62 6.36 9.47 5.15
C ARG A 62 6.69 8.16 5.85
N THR A 63 7.59 8.22 6.81
CA THR A 63 8.05 7.03 7.55
C THR A 63 7.14 6.62 8.72
N GLN A 64 5.85 6.85 8.59
CA GLN A 64 4.90 6.51 9.66
C GLN A 64 4.68 5.00 9.67
N SER A 65 4.06 4.48 10.70
CA SER A 65 3.73 3.06 10.77
C SER A 65 2.34 2.92 10.20
N LEU A 66 2.01 1.74 9.71
CA LEU A 66 0.69 1.51 9.11
C LEU A 66 -0.41 1.72 10.15
N LYS A 67 -0.08 1.45 11.40
CA LYS A 67 -0.99 1.67 12.52
C LYS A 67 -1.44 3.12 12.65
N GLU A 68 -0.53 4.04 12.38
CA GLU A 68 -0.84 5.47 12.50
C GLU A 68 -1.72 5.94 11.36
N LEU A 69 -1.66 5.23 10.25
CA LEU A 69 -2.47 5.56 9.07
C LEU A 69 -3.88 5.01 9.24
N GLY A 70 -4.05 4.18 10.26
CA GLY A 70 -5.36 3.60 10.56
C GLY A 70 -5.68 2.41 9.70
N LEU A 71 -4.65 1.77 9.17
CA LEU A 71 -4.82 0.60 8.31
C LEU A 71 -5.15 -0.63 9.15
N LYS A 72 -5.93 -1.52 8.58
CA LYS A 72 -6.41 -2.73 9.26
C LYS A 72 -6.52 -3.87 8.23
N THR A 73 -6.75 -5.08 8.72
CA THR A 73 -6.85 -6.29 7.86
C THR A 73 -8.09 -6.35 6.95
N ASP A 74 -8.91 -5.31 7.01
CA ASP A 74 -10.16 -5.24 6.25
C ASP A 74 -9.98 -4.26 5.10
N ASP A 75 -8.75 -3.76 4.95
CA ASP A 75 -8.47 -2.72 3.96
C ASP A 75 -8.00 -3.21 2.59
N LEU A 76 -8.27 -2.36 1.61
CA LEU A 76 -7.83 -2.55 0.24
C LEU A 76 -7.13 -1.26 -0.20
N LEU A 77 -5.96 -1.41 -0.80
CA LEU A 77 -5.13 -0.27 -1.23
C LEU A 77 -5.15 -0.20 -2.75
N LEU A 78 -5.10 1.01 -3.29
CA LEU A 78 -5.15 1.20 -4.73
C LEU A 78 -3.84 1.74 -5.29
N ILE A 79 -3.43 1.20 -6.43
CA ILE A 79 -2.22 1.65 -7.13
C ILE A 79 -2.64 2.48 -8.33
N ARG A 80 -2.22 3.73 -8.38
CA ARG A 80 -2.56 4.61 -9.51
C ARG A 80 -1.30 5.20 -10.11
N GLY A 81 -1.39 5.72 -11.33
CA GLY A 81 -0.27 6.38 -11.93
C GLY A 81 -0.36 7.82 -11.55
N LYS A 82 0.79 8.45 -11.46
CA LYS A 82 0.88 9.87 -11.10
C LYS A 82 1.69 10.63 -12.13
N ILE A 83 1.57 11.95 -12.10
CA ILE A 83 2.31 12.81 -13.01
C ILE A 83 3.68 13.08 -12.40
N SER A 84 4.73 12.97 -13.21
CA SER A 84 6.09 13.30 -12.79
C SER A 84 6.63 14.23 -13.85
N ASN A 85 7.40 15.24 -13.44
CA ASN A 85 7.92 16.26 -14.35
C ASN A 85 9.39 16.50 -14.04
N SER A 86 10.13 16.96 -15.04
CA SER A 86 11.53 17.34 -14.88
C SER A 86 11.71 18.54 -13.95
N HIS A 1 2.00 -6.87 25.39
CA HIS A 1 0.73 -7.58 25.05
C HIS A 1 0.38 -7.48 23.58
N ILE A 2 0.80 -6.34 23.02
CA ILE A 2 0.67 -6.04 21.59
C ILE A 2 2.09 -5.75 21.12
N GLU A 3 2.61 -6.61 20.26
CA GLU A 3 4.01 -6.54 19.81
C GLU A 3 4.07 -6.29 18.29
N GLY A 4 2.96 -5.83 17.73
CA GLY A 4 2.87 -5.61 16.30
C GLY A 4 2.11 -6.72 15.60
N ARG A 5 0.79 -6.63 15.62
CA ARG A 5 -0.06 -7.66 15.00
C ARG A 5 0.14 -7.68 13.50
N HIS A 6 -0.10 -8.84 12.90
CA HIS A 6 -0.11 -8.97 11.45
C HIS A 6 -1.52 -8.66 10.97
N MET A 7 -1.64 -8.20 9.74
CA MET A 7 -2.90 -7.90 9.11
C MET A 7 -2.75 -8.18 7.61
N ASP A 8 -3.85 -8.53 6.96
CA ASP A 8 -3.85 -8.90 5.55
C ASP A 8 -4.42 -7.74 4.76
N LEU A 9 -3.60 -7.08 3.96
CA LEU A 9 -4.05 -5.92 3.18
C LEU A 9 -4.05 -6.29 1.73
N THR A 10 -5.16 -6.02 1.10
CA THR A 10 -5.35 -6.38 -0.31
C THR A 10 -4.90 -5.24 -1.18
N ILE A 11 -4.22 -5.56 -2.26
CA ILE A 11 -3.67 -4.54 -3.16
C ILE A 11 -4.38 -4.68 -4.50
N SER A 12 -4.78 -3.59 -5.09
CA SER A 12 -5.44 -3.63 -6.39
C SER A 12 -5.00 -2.47 -7.28
N ASN A 13 -4.87 -2.73 -8.57
CA ASN A 13 -4.42 -1.73 -9.51
C ASN A 13 -5.55 -0.88 -10.10
N GLU A 14 -5.47 0.43 -9.91
CA GLU A 14 -6.44 1.37 -10.47
C GLU A 14 -6.25 1.50 -11.98
N LEU A 15 -5.05 1.20 -12.46
CA LEU A 15 -4.72 1.38 -13.88
C LEU A 15 -5.03 0.16 -14.73
N THR A 16 -4.67 -1.01 -14.21
CA THR A 16 -4.77 -2.24 -15.00
C THR A 16 -5.96 -3.11 -14.60
N GLY A 17 -6.52 -2.84 -13.43
CA GLY A 17 -7.62 -3.65 -12.93
C GLY A 17 -7.15 -4.93 -12.27
N GLU A 18 -5.85 -5.16 -12.26
CA GLU A 18 -5.31 -6.39 -11.67
C GLU A 18 -5.46 -6.40 -10.16
N ILE A 19 -5.66 -7.59 -9.62
CA ILE A 19 -5.82 -7.77 -8.19
C ILE A 19 -4.62 -8.54 -7.67
N TYR A 20 -3.94 -7.95 -6.70
CA TYR A 20 -2.79 -8.56 -6.06
C TYR A 20 -3.27 -9.15 -4.74
N GLY A 21 -2.41 -9.89 -4.07
CA GLY A 21 -2.82 -10.65 -2.92
C GLY A 21 -3.12 -9.88 -1.68
N PRO A 22 -3.97 -10.43 -0.78
CA PRO A 22 -3.82 -9.84 0.54
C PRO A 22 -2.47 -10.26 1.07
N ILE A 23 -1.64 -9.27 1.29
CA ILE A 23 -0.28 -9.49 1.75
C ILE A 23 -0.24 -9.31 3.25
N GLU A 24 0.52 -10.18 3.89
CA GLU A 24 0.60 -10.23 5.34
C GLU A 24 1.67 -9.25 5.80
N VAL A 25 1.20 -8.14 6.33
CA VAL A 25 2.08 -7.05 6.78
C VAL A 25 1.76 -6.75 8.23
N SER A 26 2.62 -6.03 8.90
CA SER A 26 2.40 -5.73 10.30
C SER A 26 1.78 -4.36 10.46
N GLU A 27 1.03 -4.17 11.52
CA GLU A 27 0.45 -2.87 11.83
C GLU A 27 1.55 -1.85 12.13
N ASP A 28 2.72 -2.33 12.56
CA ASP A 28 3.83 -1.44 12.91
C ASP A 28 4.90 -1.43 11.81
N MET A 29 4.53 -1.94 10.64
CA MET A 29 5.42 -1.88 9.49
C MET A 29 5.45 -0.42 9.06
N ALA A 30 6.59 0.07 8.60
CA ALA A 30 6.66 1.45 8.17
C ALA A 30 5.96 1.57 6.80
N LEU A 31 5.44 2.74 6.52
CA LEU A 31 4.82 3.03 5.23
C LEU A 31 5.84 2.81 4.13
N THR A 32 7.07 3.24 4.36
CA THR A 32 8.10 3.10 3.37
C THR A 32 8.40 1.62 3.09
N ASP A 33 8.29 0.81 4.13
CA ASP A 33 8.62 -0.62 4.02
C ASP A 33 7.50 -1.35 3.28
N LEU A 34 6.27 -0.91 3.50
CA LEU A 34 5.14 -1.44 2.74
C LEU A 34 5.39 -1.17 1.26
N ILE A 35 5.80 0.03 0.93
CA ILE A 35 6.10 0.38 -0.47
C ILE A 35 7.28 -0.41 -0.98
N ALA A 36 8.25 -0.69 -0.13
CA ALA A 36 9.39 -1.53 -0.53
C ALA A 36 8.92 -2.91 -1.00
N LEU A 37 7.92 -3.47 -0.33
CA LEU A 37 7.35 -4.75 -0.77
C LEU A 37 6.60 -4.58 -2.08
N LEU A 38 5.89 -3.47 -2.23
CA LEU A 38 5.17 -3.18 -3.47
C LEU A 38 6.13 -3.00 -4.65
N GLN A 39 7.33 -2.50 -4.39
CA GLN A 39 8.34 -2.37 -5.44
C GLN A 39 8.77 -3.75 -5.95
N ALA A 40 8.85 -4.72 -5.06
CA ALA A 40 9.28 -6.05 -5.42
C ALA A 40 8.19 -6.88 -6.12
N ASP A 41 6.97 -6.84 -5.57
CA ASP A 41 5.87 -7.67 -6.06
C ASP A 41 5.02 -6.97 -7.13
N CYS A 42 4.56 -5.78 -6.79
CA CYS A 42 3.68 -5.02 -7.69
C CYS A 42 4.43 -4.17 -8.71
N GLY A 43 5.75 -4.12 -8.58
CA GLY A 43 6.56 -3.29 -9.48
C GLY A 43 6.24 -1.82 -9.29
N PHE A 44 5.80 -1.47 -8.09
CA PHE A 44 5.34 -0.11 -7.82
C PHE A 44 6.49 0.88 -7.83
N ASP A 45 6.59 1.64 -8.90
CA ASP A 45 7.60 2.68 -8.99
C ASP A 45 7.03 3.93 -8.33
N LYS A 46 7.46 4.23 -7.11
CA LYS A 46 6.89 5.36 -6.37
C LYS A 46 7.11 6.73 -7.01
N THR A 47 7.94 6.81 -8.04
CA THR A 47 8.13 8.06 -8.75
C THR A 47 7.13 8.25 -9.89
N LYS A 48 6.52 7.16 -10.34
CA LYS A 48 5.60 7.17 -11.48
C LYS A 48 4.20 6.82 -11.03
N HIS A 49 4.12 6.29 -9.83
CA HIS A 49 2.87 5.75 -9.28
C HIS A 49 2.65 6.24 -7.86
N ASP A 50 1.42 6.18 -7.40
CA ASP A 50 1.03 6.64 -6.08
C ASP A 50 0.20 5.58 -5.41
N LEU A 51 0.30 5.51 -4.08
CA LEU A 51 -0.45 4.55 -3.30
C LEU A 51 -1.63 5.30 -2.70
N TYR A 52 -2.82 4.76 -2.87
CA TYR A 52 -4.04 5.43 -2.41
C TYR A 52 -4.72 4.61 -1.33
N TYR A 53 -5.23 5.31 -0.33
CA TYR A 53 -6.01 4.72 0.74
C TYR A 53 -7.19 5.64 0.99
N ASN A 54 -8.38 5.06 1.06
CA ASN A 54 -9.62 5.82 1.27
C ASN A 54 -9.73 7.03 0.33
N MET A 55 -9.30 6.82 -0.91
CA MET A 55 -9.32 7.84 -2.00
C MET A 55 -8.41 9.05 -1.80
N ASP A 56 -7.49 8.96 -0.86
CA ASP A 56 -6.48 10.00 -0.64
C ASP A 56 -5.11 9.36 -0.87
N ILE A 57 -4.09 10.18 -1.07
CA ILE A 57 -2.75 9.71 -1.40
C ILE A 57 -1.91 9.49 -0.15
N LEU A 58 -1.35 8.30 -0.02
CA LEU A 58 -0.39 8.03 1.04
C LEU A 58 0.96 8.51 0.54
N ASP A 59 1.45 9.59 1.11
CA ASP A 59 2.72 10.18 0.71
C ASP A 59 3.86 9.20 0.96
N SER A 60 4.47 8.77 -0.13
CA SER A 60 5.56 7.79 -0.14
C SER A 60 6.82 8.20 0.62
N ASN A 61 6.87 9.44 1.08
CA ASN A 61 8.04 9.94 1.81
C ASN A 61 7.85 9.92 3.32
N ARG A 62 6.68 9.52 3.80
CA ARG A 62 6.43 9.44 5.25
C ARG A 62 6.97 8.14 5.80
N THR A 63 7.52 8.20 7.01
CA THR A 63 8.02 6.99 7.68
C THR A 63 7.11 6.60 8.85
N GLN A 64 5.83 6.87 8.70
CA GLN A 64 4.85 6.52 9.74
C GLN A 64 4.62 5.02 9.70
N SER A 65 3.97 4.48 10.73
CA SER A 65 3.63 3.07 10.77
C SER A 65 2.25 2.94 10.18
N LEU A 66 1.91 1.76 9.69
CA LEU A 66 0.60 1.53 9.06
C LEU A 66 -0.53 1.79 10.06
N LYS A 67 -0.23 1.56 11.34
CA LYS A 67 -1.14 1.83 12.43
C LYS A 67 -1.61 3.28 12.46
N GLU A 68 -0.69 4.20 12.19
CA GLU A 68 -0.98 5.63 12.25
C GLU A 68 -1.82 6.05 11.06
N LEU A 69 -1.68 5.32 9.97
CA LEU A 69 -2.42 5.62 8.74
C LEU A 69 -3.84 5.08 8.84
N GLY A 70 -4.08 4.27 9.87
CA GLY A 70 -5.40 3.72 10.11
C GLY A 70 -5.69 2.49 9.27
N LEU A 71 -4.65 1.86 8.75
CA LEU A 71 -4.79 0.67 7.93
C LEU A 71 -5.12 -0.55 8.81
N LYS A 72 -5.78 -1.55 8.24
CA LYS A 72 -6.22 -2.73 8.99
C LYS A 72 -6.40 -3.91 8.04
N THR A 73 -6.57 -5.10 8.59
CA THR A 73 -6.76 -6.34 7.81
C THR A 73 -8.05 -6.41 7.00
N ASP A 74 -8.82 -5.35 7.08
CA ASP A 74 -10.16 -5.25 6.48
C ASP A 74 -10.13 -4.13 5.45
N ASP A 75 -8.92 -3.70 5.05
CA ASP A 75 -8.81 -2.61 4.07
C ASP A 75 -7.99 -2.94 2.81
N LEU A 76 -8.26 -2.18 1.75
CA LEU A 76 -7.69 -2.42 0.43
C LEU A 76 -7.01 -1.15 -0.10
N LEU A 77 -5.81 -1.33 -0.65
CA LEU A 77 -5.01 -0.22 -1.18
C LEU A 77 -5.08 -0.20 -2.70
N LEU A 78 -5.09 1.00 -3.27
CA LEU A 78 -5.11 1.16 -4.72
C LEU A 78 -3.78 1.66 -5.26
N ILE A 79 -3.37 1.09 -6.38
CA ILE A 79 -2.15 1.51 -7.07
C ILE A 79 -2.55 2.41 -8.22
N ARG A 80 -2.18 3.68 -8.15
CA ARG A 80 -2.59 4.66 -9.15
C ARG A 80 -1.37 5.21 -9.86
N GLY A 81 -1.57 5.82 -11.01
CA GLY A 81 -0.47 6.42 -11.75
C GLY A 81 -0.41 7.90 -11.51
N LYS A 82 0.79 8.39 -11.26
CA LYS A 82 1.04 9.84 -11.14
C LYS A 82 1.01 10.40 -12.54
N ILE A 83 1.53 9.60 -13.46
CA ILE A 83 1.64 9.96 -14.85
C ILE A 83 0.34 9.57 -15.53
N SER A 84 -0.21 10.49 -16.33
CA SER A 84 -1.43 10.23 -17.09
C SER A 84 -1.25 10.93 -18.43
N ASN A 85 -1.80 10.33 -19.48
CA ASN A 85 -1.68 10.86 -20.86
C ASN A 85 -0.24 11.16 -21.26
N SER A 86 0.69 10.30 -20.83
CA SER A 86 2.15 10.42 -21.08
C SER A 86 2.80 11.65 -20.42
N HIS A 1 -8.54 -4.71 24.01
CA HIS A 1 -8.38 -3.89 22.79
C HIS A 1 -7.02 -4.05 22.14
N ILE A 2 -6.10 -4.57 22.96
CA ILE A 2 -4.66 -4.73 22.67
C ILE A 2 -4.36 -4.97 21.19
N GLU A 3 -3.61 -4.03 20.63
CA GLU A 3 -3.22 -4.03 19.22
C GLU A 3 -1.82 -4.62 19.13
N GLY A 4 -1.28 -4.80 17.93
CA GLY A 4 0.05 -5.36 17.75
C GLY A 4 0.04 -6.73 17.08
N ARG A 5 -0.51 -6.81 15.87
CA ARG A 5 -0.62 -8.09 15.17
C ARG A 5 -0.40 -7.96 13.65
N HIS A 6 -0.43 -9.11 12.97
CA HIS A 6 -0.39 -9.16 11.51
C HIS A 6 -1.77 -8.80 10.98
N MET A 7 -1.82 -8.29 9.77
CA MET A 7 -3.06 -7.94 9.11
C MET A 7 -2.87 -8.22 7.62
N ASP A 8 -3.95 -8.51 6.93
CA ASP A 8 -3.89 -8.93 5.54
C ASP A 8 -4.47 -7.82 4.69
N LEU A 9 -3.64 -7.17 3.89
CA LEU A 9 -4.09 -6.04 3.07
C LEU A 9 -4.10 -6.45 1.64
N THR A 10 -5.20 -6.17 0.98
CA THR A 10 -5.36 -6.52 -0.43
C THR A 10 -4.92 -5.33 -1.27
N ILE A 11 -4.22 -5.60 -2.36
CA ILE A 11 -3.69 -4.55 -3.22
C ILE A 11 -4.41 -4.65 -4.56
N SER A 12 -4.85 -3.53 -5.11
CA SER A 12 -5.57 -3.52 -6.39
C SER A 12 -5.10 -2.42 -7.31
N ASN A 13 -4.90 -2.75 -8.58
CA ASN A 13 -4.41 -1.81 -9.56
C ASN A 13 -5.50 -1.03 -10.28
N GLU A 14 -5.60 0.25 -10.00
CA GLU A 14 -6.57 1.10 -10.67
C GLU A 14 -6.20 1.38 -12.13
N LEU A 15 -4.95 1.11 -12.52
CA LEU A 15 -4.53 1.32 -13.90
C LEU A 15 -4.88 0.14 -14.80
N THR A 16 -4.69 -1.07 -14.29
CA THR A 16 -4.81 -2.27 -15.12
C THR A 16 -6.03 -3.12 -14.78
N GLY A 17 -6.61 -2.88 -13.61
CA GLY A 17 -7.75 -3.68 -13.15
C GLY A 17 -7.31 -4.95 -12.45
N GLU A 18 -6.01 -5.22 -12.42
CA GLU A 18 -5.50 -6.44 -11.80
C GLU A 18 -5.63 -6.42 -10.29
N ILE A 19 -5.86 -7.60 -9.75
CA ILE A 19 -6.00 -7.79 -8.31
C ILE A 19 -4.76 -8.51 -7.83
N TYR A 20 -4.08 -7.94 -6.86
CA TYR A 20 -2.86 -8.49 -6.30
C TYR A 20 -3.23 -9.13 -4.97
N GLY A 21 -2.27 -9.81 -4.35
CA GLY A 21 -2.58 -10.64 -3.21
C GLY A 21 -2.96 -9.96 -1.92
N PRO A 22 -3.82 -10.59 -1.11
CA PRO A 22 -3.74 -10.09 0.25
C PRO A 22 -2.44 -10.54 0.86
N ILE A 23 -1.69 -9.53 1.23
CA ILE A 23 -0.35 -9.70 1.77
C ILE A 23 -0.35 -9.52 3.27
N GLU A 24 0.39 -10.38 3.93
CA GLU A 24 0.45 -10.42 5.39
C GLU A 24 1.52 -9.45 5.87
N VAL A 25 1.08 -8.32 6.38
CA VAL A 25 1.98 -7.26 6.85
C VAL A 25 1.67 -6.96 8.30
N SER A 26 2.55 -6.22 8.96
CA SER A 26 2.32 -5.86 10.36
C SER A 26 1.86 -4.42 10.43
N GLU A 27 1.05 -4.13 11.42
CA GLU A 27 0.55 -2.78 11.63
C GLU A 27 1.68 -1.81 12.03
N ASP A 28 2.76 -2.37 12.55
CA ASP A 28 3.91 -1.58 13.00
C ASP A 28 4.91 -1.33 11.87
N MET A 29 4.64 -1.91 10.70
CA MET A 29 5.53 -1.77 9.54
C MET A 29 5.51 -0.31 9.10
N ALA A 30 6.64 0.21 8.65
CA ALA A 30 6.66 1.58 8.18
C ALA A 30 6.00 1.65 6.82
N LEU A 31 5.43 2.81 6.51
CA LEU A 31 4.82 3.06 5.21
C LEU A 31 5.85 2.86 4.12
N THR A 32 7.06 3.33 4.38
CA THR A 32 8.14 3.23 3.41
C THR A 32 8.50 1.77 3.16
N ASP A 33 8.38 0.94 4.19
CA ASP A 33 8.75 -0.47 4.09
C ASP A 33 7.67 -1.22 3.31
N LEU A 34 6.42 -0.84 3.54
CA LEU A 34 5.31 -1.41 2.79
C LEU A 34 5.53 -1.14 1.31
N ILE A 35 5.86 0.09 0.96
CA ILE A 35 6.09 0.41 -0.44
C ILE A 35 7.31 -0.33 -0.96
N ALA A 36 8.33 -0.48 -0.14
CA ALA A 36 9.51 -1.23 -0.56
C ALA A 36 9.11 -2.65 -1.01
N LEU A 37 8.19 -3.28 -0.28
CA LEU A 37 7.68 -4.60 -0.65
C LEU A 37 6.85 -4.48 -1.92
N LEU A 38 5.99 -3.48 -1.99
CA LEU A 38 5.12 -3.31 -3.16
C LEU A 38 5.91 -3.07 -4.44
N GLN A 39 7.06 -2.43 -4.33
CA GLN A 39 7.92 -2.19 -5.48
C GLN A 39 8.56 -3.50 -5.95
N ALA A 40 8.89 -4.37 -5.01
CA ALA A 40 9.55 -5.64 -5.34
C ALA A 40 8.56 -6.68 -5.84
N ASP A 41 7.39 -6.77 -5.21
CA ASP A 41 6.39 -7.79 -5.52
C ASP A 41 5.32 -7.32 -6.50
N CYS A 42 4.63 -6.24 -6.15
CA CYS A 42 3.53 -5.75 -6.97
C CYS A 42 3.96 -4.90 -8.16
N GLY A 43 5.26 -4.63 -8.26
CA GLY A 43 5.78 -3.85 -9.38
C GLY A 43 5.46 -2.37 -9.27
N PHE A 44 5.20 -1.91 -8.06
CA PHE A 44 4.90 -0.50 -7.83
C PHE A 44 6.15 0.34 -8.14
N ASP A 45 5.96 1.54 -8.65
CA ASP A 45 7.08 2.48 -8.83
C ASP A 45 6.61 3.81 -8.28
N LYS A 46 7.15 4.20 -7.13
CA LYS A 46 6.72 5.45 -6.46
C LYS A 46 7.01 6.73 -7.24
N THR A 47 7.72 6.62 -8.36
CA THR A 47 7.96 7.79 -9.19
C THR A 47 6.95 7.93 -10.32
N LYS A 48 6.27 6.85 -10.65
CA LYS A 48 5.30 6.85 -11.77
C LYS A 48 3.91 6.66 -11.24
N HIS A 49 3.84 6.13 -10.03
CA HIS A 49 2.58 5.71 -9.43
C HIS A 49 2.50 6.21 -8.01
N ASP A 50 1.28 6.27 -7.51
CA ASP A 50 0.98 6.72 -6.15
C ASP A 50 0.18 5.61 -5.50
N LEU A 51 0.27 5.55 -4.19
CA LEU A 51 -0.44 4.55 -3.41
C LEU A 51 -1.59 5.27 -2.72
N TYR A 52 -2.78 4.73 -2.86
CA TYR A 52 -3.99 5.38 -2.33
C TYR A 52 -4.63 4.56 -1.24
N TYR A 53 -5.11 5.24 -0.21
CA TYR A 53 -5.88 4.64 0.86
C TYR A 53 -6.96 5.64 1.24
N ASN A 54 -8.17 5.14 1.46
CA ASN A 54 -9.32 5.97 1.83
C ASN A 54 -9.52 7.14 0.84
N MET A 55 -9.21 6.86 -0.43
CA MET A 55 -9.34 7.81 -1.56
C MET A 55 -8.38 9.02 -1.51
N ASP A 56 -7.36 8.94 -0.66
CA ASP A 56 -6.33 9.98 -0.57
C ASP A 56 -4.96 9.33 -0.81
N ILE A 57 -3.95 10.17 -1.07
CA ILE A 57 -2.61 9.70 -1.42
C ILE A 57 -1.71 9.49 -0.20
N LEU A 58 -1.09 8.33 -0.14
CA LEU A 58 -0.10 8.05 0.90
C LEU A 58 1.28 8.46 0.36
N ASP A 59 1.75 9.61 0.80
CA ASP A 59 3.06 10.13 0.37
C ASP A 59 4.16 9.16 0.78
N SER A 60 4.95 8.73 -0.20
CA SER A 60 6.00 7.74 -0.02
C SER A 60 7.17 8.17 0.85
N ASN A 61 7.21 9.43 1.25
CA ASN A 61 8.30 9.94 2.09
C ASN A 61 7.94 9.93 3.58
N ARG A 62 6.72 9.50 3.90
CA ARG A 62 6.28 9.47 5.30
C ARG A 62 6.78 8.19 5.97
N THR A 63 7.50 8.32 7.07
CA THR A 63 8.06 7.17 7.77
C THR A 63 7.17 6.72 8.93
N GLN A 64 5.87 6.91 8.76
CA GLN A 64 4.90 6.53 9.80
C GLN A 64 4.64 5.04 9.71
N SER A 65 3.99 4.48 10.71
CA SER A 65 3.65 3.06 10.71
C SER A 65 2.26 2.92 10.12
N LEU A 66 1.94 1.74 9.62
CA LEU A 66 0.64 1.52 8.96
C LEU A 66 -0.52 1.78 9.91
N LYS A 67 -0.31 1.52 11.19
CA LYS A 67 -1.32 1.72 12.19
C LYS A 67 -1.64 3.19 12.41
N GLU A 68 -0.68 4.06 12.16
CA GLU A 68 -0.90 5.51 12.30
C GLU A 68 -1.69 6.02 11.11
N LEU A 69 -1.62 5.27 10.02
CA LEU A 69 -2.40 5.61 8.82
C LEU A 69 -3.82 5.08 8.98
N GLY A 70 -4.01 4.24 9.98
CA GLY A 70 -5.33 3.69 10.30
C GLY A 70 -5.64 2.43 9.54
N LEU A 71 -4.63 1.82 8.93
CA LEU A 71 -4.80 0.61 8.14
C LEU A 71 -5.09 -0.61 9.00
N LYS A 72 -5.94 -1.49 8.50
CA LYS A 72 -6.31 -2.72 9.20
C LYS A 72 -6.48 -3.84 8.17
N THR A 73 -6.72 -5.06 8.64
CA THR A 73 -6.87 -6.25 7.77
C THR A 73 -8.12 -6.23 6.89
N ASP A 74 -8.97 -5.25 7.12
CA ASP A 74 -10.25 -5.14 6.44
C ASP A 74 -10.17 -4.11 5.30
N ASP A 75 -8.97 -3.57 5.08
CA ASP A 75 -8.78 -2.50 4.09
C ASP A 75 -8.17 -2.98 2.77
N LEU A 76 -8.24 -2.12 1.77
CA LEU A 76 -7.69 -2.39 0.44
C LEU A 76 -6.95 -1.15 -0.07
N LEU A 77 -5.80 -1.36 -0.69
CA LEU A 77 -4.98 -0.26 -1.21
C LEU A 77 -5.12 -0.19 -2.73
N LEU A 78 -5.09 1.01 -3.28
CA LEU A 78 -5.19 1.20 -4.73
C LEU A 78 -3.88 1.74 -5.31
N ILE A 79 -3.56 1.30 -6.51
CA ILE A 79 -2.35 1.74 -7.22
C ILE A 79 -2.79 2.62 -8.38
N ARG A 80 -2.37 3.87 -8.41
CA ARG A 80 -2.82 4.83 -9.40
C ARG A 80 -1.62 5.51 -10.06
N GLY A 81 -1.73 5.84 -11.33
CA GLY A 81 -0.66 6.50 -12.04
C GLY A 81 -0.65 7.98 -11.78
N LYS A 82 0.54 8.50 -11.56
CA LYS A 82 0.76 9.93 -11.32
C LYS A 82 0.60 10.72 -12.59
N ILE A 83 1.00 10.09 -13.69
CA ILE A 83 0.93 10.71 -15.00
C ILE A 83 -0.50 10.58 -15.52
N SER A 84 -1.34 11.52 -15.14
CA SER A 84 -2.75 11.53 -15.54
C SER A 84 -3.03 12.64 -16.54
N ASN A 85 -2.39 13.78 -16.35
CA ASN A 85 -2.49 14.98 -17.22
C ASN A 85 -3.92 15.55 -17.34
N SER A 86 -4.76 14.96 -18.21
CA SER A 86 -6.12 15.44 -18.47
C SER A 86 -7.00 14.32 -19.00
N HIS A 1 -3.20 -18.82 20.70
CA HIS A 1 -2.97 -17.36 20.48
C HIS A 1 -1.58 -16.84 20.83
N ILE A 2 -0.62 -17.23 19.99
CA ILE A 2 0.74 -16.70 20.08
C ILE A 2 0.67 -15.28 19.49
N GLU A 3 1.52 -14.37 19.95
CA GLU A 3 1.50 -13.03 19.40
C GLU A 3 2.18 -13.03 18.03
N GLY A 4 1.83 -12.05 17.22
CA GLY A 4 2.33 -11.95 15.86
C GLY A 4 1.42 -11.02 15.10
N ARG A 5 1.49 -9.74 15.46
CA ARG A 5 0.55 -8.73 14.93
C ARG A 5 0.70 -8.58 13.43
N HIS A 6 -0.24 -9.17 12.71
CA HIS A 6 -0.32 -9.09 11.25
C HIS A 6 -1.73 -8.73 10.89
N MET A 7 -1.88 -8.16 9.72
CA MET A 7 -3.17 -7.85 9.12
C MET A 7 -2.96 -8.10 7.65
N ASP A 8 -4.01 -8.50 6.97
CA ASP A 8 -3.90 -8.92 5.57
C ASP A 8 -4.50 -7.84 4.70
N LEU A 9 -3.67 -7.16 3.90
CA LEU A 9 -4.13 -6.02 3.11
C LEU A 9 -4.12 -6.36 1.65
N THR A 10 -5.25 -6.13 1.01
CA THR A 10 -5.43 -6.44 -0.40
C THR A 10 -4.96 -5.26 -1.23
N ILE A 11 -4.25 -5.55 -2.31
CA ILE A 11 -3.67 -4.51 -3.16
C ILE A 11 -4.31 -4.59 -4.53
N SER A 12 -4.77 -3.45 -5.04
CA SER A 12 -5.40 -3.39 -6.35
C SER A 12 -4.65 -2.43 -7.27
N ASN A 13 -4.14 -2.95 -8.37
CA ASN A 13 -3.43 -2.13 -9.33
C ASN A 13 -4.46 -1.51 -10.25
N GLU A 14 -4.90 -0.32 -9.89
CA GLU A 14 -5.94 0.41 -10.61
C GLU A 14 -5.50 0.75 -12.04
N LEU A 15 -4.20 0.71 -12.28
CA LEU A 15 -3.63 0.95 -13.61
C LEU A 15 -3.85 -0.20 -14.57
N THR A 16 -3.83 -1.42 -14.04
CA THR A 16 -3.82 -2.62 -14.87
C THR A 16 -5.09 -3.45 -14.72
N GLY A 17 -5.80 -3.21 -13.62
CA GLY A 17 -6.98 -3.98 -13.30
C GLY A 17 -6.63 -5.24 -12.50
N GLU A 18 -5.35 -5.47 -12.28
CA GLU A 18 -4.90 -6.65 -11.55
C GLU A 18 -5.20 -6.53 -10.07
N ILE A 19 -5.48 -7.67 -9.46
CA ILE A 19 -5.75 -7.75 -8.03
C ILE A 19 -4.67 -8.62 -7.43
N TYR A 20 -3.84 -8.02 -6.60
CA TYR A 20 -2.77 -8.71 -5.93
C TYR A 20 -3.34 -9.24 -4.61
N GLY A 21 -2.58 -10.09 -3.95
CA GLY A 21 -3.09 -10.78 -2.78
C GLY A 21 -3.31 -9.96 -1.55
N PRO A 22 -4.19 -10.44 -0.64
CA PRO A 22 -4.01 -9.86 0.69
C PRO A 22 -2.69 -10.36 1.25
N ILE A 23 -1.80 -9.42 1.45
CA ILE A 23 -0.47 -9.71 1.94
C ILE A 23 -0.39 -9.44 3.43
N GLU A 24 0.32 -10.31 4.13
CA GLU A 24 0.40 -10.24 5.58
C GLU A 24 1.49 -9.24 5.98
N VAL A 25 1.02 -8.10 6.46
CA VAL A 25 1.89 -7.02 6.88
C VAL A 25 1.59 -6.70 8.32
N SER A 26 2.52 -6.03 8.98
CA SER A 26 2.34 -5.71 10.40
C SER A 26 1.86 -4.29 10.56
N GLU A 27 1.10 -4.06 11.61
CA GLU A 27 0.62 -2.71 11.93
C GLU A 27 1.81 -1.79 12.24
N ASP A 28 2.91 -2.38 12.68
CA ASP A 28 4.12 -1.64 13.06
C ASP A 28 5.10 -1.47 11.89
N MET A 29 4.71 -1.96 10.72
CA MET A 29 5.54 -1.85 9.53
C MET A 29 5.49 -0.41 9.06
N ALA A 30 6.60 0.13 8.57
CA ALA A 30 6.60 1.51 8.08
C ALA A 30 5.94 1.52 6.70
N LEU A 31 5.38 2.66 6.34
CA LEU A 31 4.82 2.85 4.99
C LEU A 31 5.91 2.64 3.96
N THR A 32 7.10 3.12 4.27
CA THR A 32 8.22 2.99 3.34
C THR A 32 8.59 1.52 3.13
N ASP A 33 8.38 0.70 4.16
CA ASP A 33 8.69 -0.72 4.08
C ASP A 33 7.59 -1.42 3.28
N LEU A 34 6.35 -0.99 3.46
CA LEU A 34 5.25 -1.50 2.66
C LEU A 34 5.52 -1.20 1.19
N ILE A 35 5.90 0.03 0.88
CA ILE A 35 6.24 0.41 -0.50
C ILE A 35 7.45 -0.37 -0.99
N ALA A 36 8.37 -0.72 -0.10
CA ALA A 36 9.52 -1.54 -0.50
C ALA A 36 9.06 -2.91 -1.03
N LEU A 37 8.05 -3.49 -0.41
CA LEU A 37 7.48 -4.74 -0.90
C LEU A 37 6.70 -4.51 -2.19
N LEU A 38 5.91 -3.44 -2.23
CA LEU A 38 5.10 -3.13 -3.41
C LEU A 38 5.95 -2.85 -4.64
N GLN A 39 7.10 -2.22 -4.46
CA GLN A 39 7.96 -1.92 -5.61
C GLN A 39 8.70 -3.16 -6.09
N ALA A 40 8.87 -4.14 -5.21
CA ALA A 40 9.52 -5.39 -5.58
C ALA A 40 8.57 -6.34 -6.33
N ASP A 41 7.33 -6.44 -5.86
CA ASP A 41 6.37 -7.42 -6.42
C ASP A 41 5.30 -6.79 -7.32
N CYS A 42 4.65 -5.74 -6.84
CA CYS A 42 3.56 -5.09 -7.58
C CYS A 42 4.06 -4.11 -8.64
N GLY A 43 5.37 -3.95 -8.73
CA GLY A 43 5.96 -3.06 -9.73
C GLY A 43 5.71 -1.58 -9.44
N PHE A 44 5.41 -1.27 -8.18
CA PHE A 44 5.14 0.10 -7.80
C PHE A 44 6.38 0.98 -7.97
N ASP A 45 6.21 2.20 -8.41
CA ASP A 45 7.32 3.14 -8.50
C ASP A 45 6.82 4.47 -7.97
N LYS A 46 7.33 4.89 -6.83
CA LYS A 46 6.91 6.15 -6.20
C LYS A 46 7.11 7.41 -7.06
N THR A 47 7.85 7.31 -8.16
CA THR A 47 8.01 8.45 -9.06
C THR A 47 6.98 8.47 -10.19
N LYS A 48 6.42 7.30 -10.52
CA LYS A 48 5.46 7.18 -11.64
C LYS A 48 4.07 6.87 -11.13
N HIS A 49 4.00 6.49 -9.87
CA HIS A 49 2.77 6.02 -9.27
C HIS A 49 2.58 6.61 -7.89
N ASP A 50 1.34 6.62 -7.45
CA ASP A 50 0.96 7.06 -6.11
C ASP A 50 0.24 5.91 -5.45
N LEU A 51 0.36 5.83 -4.13
CA LEU A 51 -0.37 4.85 -3.35
C LEU A 51 -1.61 5.59 -2.87
N TYR A 52 -2.76 4.95 -2.93
CA TYR A 52 -4.00 5.56 -2.49
C TYR A 52 -4.61 4.74 -1.38
N TYR A 53 -5.13 5.42 -0.38
CA TYR A 53 -5.81 4.79 0.74
C TYR A 53 -7.00 5.64 1.10
N ASN A 54 -8.15 5.01 1.33
CA ASN A 54 -9.39 5.71 1.67
C ASN A 54 -9.70 6.84 0.67
N MET A 55 -9.36 6.59 -0.60
CA MET A 55 -9.55 7.50 -1.72
C MET A 55 -8.73 8.80 -1.67
N ASP A 56 -7.69 8.81 -0.84
CA ASP A 56 -6.77 9.94 -0.76
C ASP A 56 -5.34 9.43 -1.00
N ILE A 57 -4.39 10.34 -1.21
CA ILE A 57 -3.02 9.99 -1.59
C ILE A 57 -2.11 9.79 -0.37
N LEU A 58 -1.38 8.69 -0.35
CA LEU A 58 -0.36 8.47 0.67
C LEU A 58 0.98 8.94 0.13
N ASP A 59 1.59 9.90 0.82
CA ASP A 59 2.91 10.41 0.44
C ASP A 59 3.97 9.38 0.79
N SER A 60 4.66 8.88 -0.24
CA SER A 60 5.68 7.85 -0.09
C SER A 60 6.88 8.25 0.76
N ASN A 61 7.02 9.54 1.04
CA ASN A 61 8.16 10.03 1.81
C ASN A 61 7.90 9.96 3.32
N ARG A 62 6.69 9.58 3.73
CA ARG A 62 6.38 9.51 5.15
C ARG A 62 6.74 8.17 5.75
N THR A 63 7.61 8.18 6.74
CA THR A 63 8.05 6.98 7.42
C THR A 63 7.13 6.57 8.58
N GLN A 64 5.85 6.85 8.45
CA GLN A 64 4.89 6.51 9.51
C GLN A 64 4.62 5.02 9.43
N SER A 65 4.00 4.48 10.48
CA SER A 65 3.66 3.06 10.51
C SER A 65 2.26 2.90 9.99
N LEU A 66 1.92 1.69 9.61
CA LEU A 66 0.59 1.40 9.08
C LEU A 66 -0.48 1.67 10.14
N LYS A 67 -0.11 1.52 11.40
CA LYS A 67 -0.98 1.81 12.52
C LYS A 67 -1.47 3.25 12.50
N GLU A 68 -0.58 4.17 12.16
CA GLU A 68 -0.91 5.59 12.16
C GLU A 68 -1.82 5.93 10.99
N LEU A 69 -1.71 5.12 9.93
CA LEU A 69 -2.54 5.32 8.74
C LEU A 69 -3.94 4.77 8.97
N GLY A 70 -4.10 3.95 10.00
CA GLY A 70 -5.41 3.41 10.35
C GLY A 70 -5.76 2.13 9.60
N LEU A 71 -4.74 1.52 9.01
CA LEU A 71 -4.93 0.30 8.23
C LEU A 71 -5.30 -0.88 9.13
N LYS A 72 -6.06 -1.81 8.54
CA LYS A 72 -6.59 -2.99 9.24
C LYS A 72 -6.67 -4.11 8.23
N THR A 73 -6.98 -5.32 8.68
CA THR A 73 -7.06 -6.48 7.78
C THR A 73 -8.30 -6.44 6.89
N ASP A 74 -9.22 -5.54 7.24
CA ASP A 74 -10.48 -5.38 6.52
C ASP A 74 -10.40 -4.20 5.55
N ASP A 75 -9.19 -3.87 5.15
CA ASP A 75 -8.94 -2.72 4.27
C ASP A 75 -8.27 -3.07 2.94
N LEU A 76 -8.25 -2.11 2.03
CA LEU A 76 -7.72 -2.32 0.68
C LEU A 76 -6.96 -1.07 0.19
N LEU A 77 -5.84 -1.31 -0.50
CA LEU A 77 -5.01 -0.23 -1.05
C LEU A 77 -5.13 -0.19 -2.56
N LEU A 78 -5.06 1.01 -3.13
CA LEU A 78 -5.14 1.19 -4.58
C LEU A 78 -3.80 1.73 -5.09
N ILE A 79 -3.43 1.35 -6.30
CA ILE A 79 -2.21 1.86 -6.94
C ILE A 79 -2.64 2.70 -8.12
N ARG A 80 -2.31 3.99 -8.10
CA ARG A 80 -2.75 4.94 -9.13
C ARG A 80 -1.52 5.45 -9.88
N GLY A 81 -1.67 5.81 -11.14
CA GLY A 81 -0.55 6.34 -11.90
C GLY A 81 -0.58 7.84 -11.94
N LYS A 82 0.60 8.42 -11.91
CA LYS A 82 0.78 9.88 -12.04
C LYS A 82 1.78 10.17 -13.15
N ILE A 83 1.72 11.36 -13.72
CA ILE A 83 2.59 11.69 -14.84
C ILE A 83 3.90 12.27 -14.34
N SER A 84 5.00 11.56 -14.59
CA SER A 84 6.32 12.05 -14.22
C SER A 84 6.76 13.09 -15.26
N ASN A 85 7.47 14.12 -14.80
CA ASN A 85 8.07 15.15 -15.66
C ASN A 85 7.10 15.76 -16.70
N SER A 86 6.12 16.53 -16.19
CA SER A 86 5.16 17.30 -17.01
C SER A 86 4.22 16.43 -17.85
N HIS A 1 -11.21 -7.52 21.84
CA HIS A 1 -11.30 -6.53 20.71
C HIS A 1 -9.97 -5.94 20.29
N ILE A 2 -8.95 -6.27 21.09
CA ILE A 2 -7.58 -5.82 20.83
C ILE A 2 -7.03 -6.56 19.62
N GLU A 3 -6.66 -5.80 18.60
CA GLU A 3 -6.11 -6.31 17.36
C GLU A 3 -4.59 -6.11 17.35
N GLY A 4 -3.92 -6.60 16.31
CA GLY A 4 -2.46 -6.46 16.24
C GLY A 4 -1.80 -7.51 15.38
N ARG A 5 -0.50 -7.70 15.59
CA ARG A 5 0.33 -8.66 14.84
C ARG A 5 0.33 -8.37 13.33
N HIS A 6 0.00 -9.37 12.52
CA HIS A 6 -0.08 -9.24 11.07
C HIS A 6 -1.52 -8.97 10.69
N MET A 7 -1.68 -8.31 9.57
CA MET A 7 -2.95 -7.99 8.98
C MET A 7 -2.77 -8.22 7.49
N ASP A 8 -3.86 -8.59 6.84
CA ASP A 8 -3.84 -8.91 5.42
C ASP A 8 -4.37 -7.72 4.65
N LEU A 9 -3.55 -7.14 3.78
CA LEU A 9 -3.97 -5.98 2.99
C LEU A 9 -4.04 -6.36 1.56
N THR A 10 -5.16 -6.05 0.94
CA THR A 10 -5.40 -6.41 -0.46
C THR A 10 -5.05 -5.22 -1.34
N ILE A 11 -4.32 -5.49 -2.41
CA ILE A 11 -3.83 -4.44 -3.30
C ILE A 11 -4.51 -4.58 -4.64
N SER A 12 -4.95 -3.46 -5.22
CA SER A 12 -5.59 -3.48 -6.53
C SER A 12 -4.91 -2.53 -7.50
N ASN A 13 -4.56 -3.03 -8.67
CA ASN A 13 -3.91 -2.21 -9.69
C ASN A 13 -4.98 -1.58 -10.54
N GLU A 14 -5.33 -0.35 -10.22
CA GLU A 14 -6.37 0.40 -10.91
C GLU A 14 -6.02 0.62 -12.39
N LEU A 15 -4.73 0.54 -12.69
CA LEU A 15 -4.23 0.71 -14.06
C LEU A 15 -4.54 -0.46 -14.96
N THR A 16 -4.48 -1.66 -14.40
CA THR A 16 -4.59 -2.88 -15.20
C THR A 16 -5.89 -3.64 -14.94
N GLY A 17 -6.54 -3.31 -13.83
CA GLY A 17 -7.75 -3.99 -13.43
C GLY A 17 -7.47 -5.29 -12.69
N GLU A 18 -6.20 -5.56 -12.44
CA GLU A 18 -5.80 -6.79 -11.75
C GLU A 18 -5.81 -6.60 -10.24
N ILE A 19 -6.06 -7.68 -9.52
CA ILE A 19 -6.10 -7.67 -8.07
C ILE A 19 -4.93 -8.51 -7.57
N TYR A 20 -4.13 -7.95 -6.68
CA TYR A 20 -2.98 -8.63 -6.10
C TYR A 20 -3.41 -9.31 -4.80
N GLY A 21 -2.49 -10.04 -4.19
CA GLY A 21 -2.82 -10.82 -3.01
C GLY A 21 -3.11 -10.04 -1.76
N PRO A 22 -3.91 -10.62 -0.85
CA PRO A 22 -3.77 -10.03 0.48
C PRO A 22 -2.41 -10.42 1.03
N ILE A 23 -1.60 -9.42 1.27
CA ILE A 23 -0.24 -9.60 1.74
C ILE A 23 -0.16 -9.41 3.25
N GLU A 24 0.62 -10.26 3.89
CA GLU A 24 0.77 -10.25 5.35
C GLU A 24 1.80 -9.19 5.75
N VAL A 25 1.29 -8.09 6.28
CA VAL A 25 2.12 -6.98 6.75
C VAL A 25 1.74 -6.74 8.20
N SER A 26 2.52 -5.94 8.91
CA SER A 26 2.25 -5.66 10.30
C SER A 26 1.77 -4.24 10.48
N GLU A 27 1.02 -4.00 11.52
CA GLU A 27 0.58 -2.65 11.88
C GLU A 27 1.81 -1.77 12.23
N ASP A 28 2.88 -2.43 12.64
CA ASP A 28 4.11 -1.77 13.08
C ASP A 28 5.07 -1.52 11.92
N MET A 29 4.71 -2.03 10.75
CA MET A 29 5.54 -1.87 9.56
C MET A 29 5.52 -0.40 9.17
N ALA A 30 6.64 0.12 8.69
CA ALA A 30 6.69 1.50 8.26
C ALA A 30 5.96 1.59 6.92
N LEU A 31 5.41 2.75 6.64
CA LEU A 31 4.77 3.03 5.34
C LEU A 31 5.80 2.85 4.24
N THR A 32 7.02 3.30 4.50
CA THR A 32 8.07 3.19 3.51
C THR A 32 8.37 1.73 3.19
N ASP A 33 8.27 0.88 4.20
CA ASP A 33 8.60 -0.54 4.07
C ASP A 33 7.47 -1.28 3.36
N LEU A 34 6.24 -0.84 3.59
CA LEU A 34 5.08 -1.37 2.86
C LEU A 34 5.31 -1.10 1.38
N ILE A 35 5.70 0.12 1.04
CA ILE A 35 5.95 0.47 -0.36
C ILE A 35 7.14 -0.32 -0.88
N ALA A 36 8.13 -0.58 -0.05
CA ALA A 36 9.27 -1.41 -0.47
C ALA A 36 8.81 -2.82 -0.90
N LEU A 37 7.83 -3.38 -0.19
CA LEU A 37 7.27 -4.68 -0.56
C LEU A 37 6.50 -4.55 -1.89
N LEU A 38 5.77 -3.46 -2.04
CA LEU A 38 5.01 -3.20 -3.27
C LEU A 38 5.95 -3.01 -4.47
N GLN A 39 7.15 -2.51 -4.24
CA GLN A 39 8.14 -2.35 -5.31
C GLN A 39 8.58 -3.73 -5.83
N ALA A 40 8.67 -4.71 -4.93
CA ALA A 40 9.09 -6.05 -5.31
C ALA A 40 7.97 -6.87 -5.97
N ASP A 41 6.79 -6.85 -5.37
CA ASP A 41 5.66 -7.69 -5.82
C ASP A 41 4.80 -6.99 -6.87
N CYS A 42 4.26 -5.84 -6.51
CA CYS A 42 3.35 -5.10 -7.38
C CYS A 42 4.05 -4.27 -8.45
N GLY A 43 5.39 -4.24 -8.40
CA GLY A 43 6.15 -3.45 -9.36
C GLY A 43 5.92 -1.95 -9.19
N PHE A 44 5.51 -1.56 -8.00
CA PHE A 44 5.18 -0.16 -7.73
C PHE A 44 6.42 0.71 -7.82
N ASP A 45 6.26 1.92 -8.34
CA ASP A 45 7.34 2.89 -8.30
C ASP A 45 6.71 4.22 -7.97
N LYS A 46 7.09 4.77 -6.83
CA LYS A 46 6.60 6.09 -6.37
C LYS A 46 6.78 7.23 -7.37
N THR A 47 7.61 7.06 -8.39
CA THR A 47 7.78 8.10 -9.41
C THR A 47 6.78 7.97 -10.55
N LYS A 48 6.31 6.77 -10.81
CA LYS A 48 5.44 6.49 -11.96
C LYS A 48 4.01 6.28 -11.51
N HIS A 49 3.89 5.90 -10.26
CA HIS A 49 2.60 5.56 -9.67
C HIS A 49 2.44 6.21 -8.29
N ASP A 50 1.20 6.31 -7.86
CA ASP A 50 0.84 6.83 -6.53
C ASP A 50 0.12 5.71 -5.82
N LEU A 51 0.25 5.66 -4.51
CA LEU A 51 -0.45 4.67 -3.70
C LEU A 51 -1.60 5.40 -3.04
N TYR A 52 -2.80 4.87 -3.17
CA TYR A 52 -4.00 5.53 -2.64
C TYR A 52 -4.60 4.71 -1.52
N TYR A 53 -5.04 5.41 -0.49
CA TYR A 53 -5.68 4.81 0.68
C TYR A 53 -6.71 5.81 1.18
N ASN A 54 -7.91 5.33 1.51
CA ASN A 54 -9.00 6.18 2.00
C ASN A 54 -9.22 7.40 1.08
N MET A 55 -9.10 7.16 -0.22
CA MET A 55 -9.29 8.16 -1.28
C MET A 55 -8.29 9.32 -1.28
N ASP A 56 -7.18 9.17 -0.56
CA ASP A 56 -6.11 10.17 -0.52
C ASP A 56 -4.79 9.50 -0.91
N ILE A 57 -3.78 10.29 -1.20
CA ILE A 57 -2.48 9.78 -1.65
C ILE A 57 -1.53 9.56 -0.48
N LEU A 58 -0.95 8.37 -0.39
CA LEU A 58 0.04 8.08 0.63
C LEU A 58 1.42 8.55 0.17
N ASP A 59 1.82 9.68 0.72
CA ASP A 59 3.15 10.24 0.45
C ASP A 59 4.23 9.27 0.93
N SER A 60 5.10 8.88 0.00
CA SER A 60 6.15 7.90 0.28
C SER A 60 7.26 8.43 1.20
N ASN A 61 7.26 9.72 1.46
CA ASN A 61 8.27 10.32 2.35
C ASN A 61 7.85 10.21 3.83
N ARG A 62 6.69 9.62 4.08
CA ARG A 62 6.20 9.46 5.45
C ARG A 62 6.78 8.21 6.10
N THR A 63 7.56 8.38 7.15
CA THR A 63 8.11 7.24 7.90
C THR A 63 7.17 6.79 9.02
N GLN A 64 5.87 6.96 8.81
CA GLN A 64 4.86 6.58 9.80
C GLN A 64 4.69 5.07 9.77
N SER A 65 4.02 4.53 10.78
CA SER A 65 3.72 3.10 10.81
C SER A 65 2.32 2.94 10.24
N LEU A 66 2.00 1.76 9.74
CA LEU A 66 0.69 1.52 9.12
C LEU A 66 -0.44 1.73 10.12
N LYS A 67 -0.15 1.48 11.39
CA LYS A 67 -1.12 1.70 12.46
C LYS A 67 -1.53 3.16 12.59
N GLU A 68 -0.61 4.07 12.32
CA GLU A 68 -0.89 5.51 12.44
C GLU A 68 -1.74 5.98 11.29
N LEU A 69 -1.68 5.23 10.20
CA LEU A 69 -2.49 5.53 9.01
C LEU A 69 -3.90 4.94 9.20
N GLY A 70 -4.02 3.98 10.10
CA GLY A 70 -5.30 3.37 10.41
C GLY A 70 -5.59 2.12 9.60
N LEU A 71 -4.57 1.62 8.93
CA LEU A 71 -4.69 0.42 8.09
C LEU A 71 -4.95 -0.81 8.95
N LYS A 72 -5.71 -1.75 8.39
CA LYS A 72 -6.12 -2.97 9.11
C LYS A 72 -6.31 -4.14 8.15
N THR A 73 -6.64 -5.31 8.67
CA THR A 73 -6.79 -6.53 7.84
C THR A 73 -8.01 -6.54 6.92
N ASP A 74 -8.85 -5.53 7.04
CA ASP A 74 -10.05 -5.39 6.21
C ASP A 74 -9.87 -4.26 5.21
N ASP A 75 -8.65 -3.75 5.10
CA ASP A 75 -8.37 -2.57 4.29
C ASP A 75 -7.97 -2.90 2.84
N LEU A 76 -8.01 -1.87 1.99
CA LEU A 76 -7.76 -2.03 0.56
C LEU A 76 -6.95 -0.86 0.00
N LEU A 77 -5.91 -1.18 -0.75
CA LEU A 77 -5.00 -0.17 -1.31
C LEU A 77 -5.15 -0.15 -2.82
N LEU A 78 -5.08 1.04 -3.41
CA LEU A 78 -5.21 1.19 -4.86
C LEU A 78 -3.93 1.75 -5.46
N ILE A 79 -3.55 1.24 -6.63
CA ILE A 79 -2.36 1.71 -7.33
C ILE A 79 -2.83 2.58 -8.50
N ARG A 80 -2.44 3.84 -8.51
CA ARG A 80 -2.89 4.80 -9.53
C ARG A 80 -1.67 5.27 -10.30
N GLY A 81 -1.83 5.64 -11.55
CA GLY A 81 -0.73 6.17 -12.34
C GLY A 81 -0.62 7.65 -12.13
N LYS A 82 0.60 8.14 -12.11
CA LYS A 82 0.87 9.58 -11.94
C LYS A 82 0.72 10.33 -13.27
N ILE A 83 1.85 10.54 -13.93
CA ILE A 83 1.87 11.22 -15.23
C ILE A 83 1.52 10.17 -16.26
N SER A 84 0.58 10.48 -17.14
CA SER A 84 0.16 9.57 -18.19
C SER A 84 0.08 10.37 -19.48
N ASN A 85 0.06 9.67 -20.60
CA ASN A 85 0.03 10.32 -21.92
C ASN A 85 -0.91 9.59 -22.89
N SER A 86 -0.86 8.24 -22.84
CA SER A 86 -1.67 7.34 -23.68
C SER A 86 -1.40 7.47 -25.18
N HIS A 1 -8.31 -16.63 10.04
CA HIS A 1 -8.12 -15.57 11.08
C HIS A 1 -6.73 -15.52 11.71
N ILE A 2 -5.74 -15.16 10.89
CA ILE A 2 -4.37 -14.94 11.35
C ILE A 2 -4.26 -13.43 11.52
N GLU A 3 -4.81 -12.96 12.62
CA GLU A 3 -4.99 -11.52 12.83
C GLU A 3 -4.31 -11.07 14.11
N GLY A 4 -4.00 -9.77 14.19
CA GLY A 4 -3.34 -9.22 15.35
C GLY A 4 -2.32 -8.20 14.89
N ARG A 5 -1.05 -8.42 15.25
CA ARG A 5 0.04 -7.57 14.75
C ARG A 5 0.22 -7.74 13.25
N HIS A 6 -0.31 -8.83 12.71
CA HIS A 6 -0.29 -9.08 11.27
C HIS A 6 -1.69 -8.81 10.78
N MET A 7 -1.80 -8.25 9.60
CA MET A 7 -3.07 -7.91 8.99
C MET A 7 -2.94 -8.13 7.50
N ASP A 8 -4.06 -8.49 6.87
CA ASP A 8 -4.09 -8.82 5.45
C ASP A 8 -4.58 -7.60 4.70
N LEU A 9 -3.72 -7.01 3.88
CA LEU A 9 -4.12 -5.84 3.09
C LEU A 9 -4.12 -6.25 1.66
N THR A 10 -5.23 -5.96 1.00
CA THR A 10 -5.41 -6.36 -0.39
C THR A 10 -5.02 -5.21 -1.29
N ILE A 11 -4.27 -5.51 -2.32
CA ILE A 11 -3.75 -4.48 -3.23
C ILE A 11 -4.49 -4.60 -4.56
N SER A 12 -4.98 -3.50 -5.07
CA SER A 12 -5.74 -3.52 -6.33
C SER A 12 -5.23 -2.46 -7.30
N ASN A 13 -4.91 -2.89 -8.51
CA ASN A 13 -4.40 -2.00 -9.52
C ASN A 13 -5.48 -1.27 -10.30
N GLU A 14 -5.63 0.01 -10.02
CA GLU A 14 -6.64 0.83 -10.71
C GLU A 14 -6.26 1.11 -12.16
N LEU A 15 -5.03 0.78 -12.55
CA LEU A 15 -4.60 0.99 -13.93
C LEU A 15 -4.88 -0.21 -14.81
N THR A 16 -4.58 -1.40 -14.29
CA THR A 16 -4.69 -2.63 -15.08
C THR A 16 -5.95 -3.43 -14.76
N GLY A 17 -6.57 -3.14 -13.63
CA GLY A 17 -7.77 -3.85 -13.21
C GLY A 17 -7.46 -5.14 -12.47
N GLU A 18 -6.18 -5.42 -12.30
CA GLU A 18 -5.75 -6.67 -11.67
C GLU A 18 -5.74 -6.58 -10.14
N ILE A 19 -6.06 -7.69 -9.51
CA ILE A 19 -6.10 -7.77 -8.05
C ILE A 19 -4.85 -8.54 -7.60
N TYR A 20 -4.07 -7.92 -6.72
CA TYR A 20 -2.90 -8.56 -6.13
C TYR A 20 -3.36 -9.16 -4.80
N GLY A 21 -2.49 -9.93 -4.16
CA GLY A 21 -2.90 -10.69 -3.01
C GLY A 21 -3.15 -9.94 -1.74
N PRO A 22 -3.98 -10.50 -0.85
CA PRO A 22 -3.81 -9.96 0.49
C PRO A 22 -2.49 -10.43 1.05
N ILE A 23 -1.68 -9.47 1.34
CA ILE A 23 -0.33 -9.69 1.84
C ILE A 23 -0.33 -9.51 3.35
N GLU A 24 0.38 -10.38 4.03
CA GLU A 24 0.45 -10.33 5.49
C GLU A 24 1.50 -9.30 5.86
N VAL A 25 1.02 -8.13 6.25
CA VAL A 25 1.90 -7.02 6.63
C VAL A 25 1.61 -6.70 8.06
N SER A 26 2.49 -5.94 8.69
CA SER A 26 2.34 -5.67 10.10
C SER A 26 1.86 -4.26 10.35
N GLU A 27 1.14 -4.06 11.45
CA GLU A 27 0.73 -2.73 11.87
C GLU A 27 1.99 -1.90 12.18
N ASP A 28 3.06 -2.60 12.56
CA ASP A 28 4.30 -1.99 13.02
C ASP A 28 5.27 -1.74 11.85
N MET A 29 4.84 -2.11 10.66
CA MET A 29 5.64 -1.93 9.45
C MET A 29 5.55 -0.45 9.09
N ALA A 30 6.64 0.14 8.62
CA ALA A 30 6.59 1.53 8.21
C ALA A 30 5.95 1.58 6.82
N LEU A 31 5.35 2.70 6.48
CA LEU A 31 4.79 2.89 5.14
C LEU A 31 5.91 2.75 4.10
N THR A 32 7.08 3.27 4.43
CA THR A 32 8.22 3.18 3.51
C THR A 32 8.62 1.72 3.29
N ASP A 33 8.46 0.87 4.29
CA ASP A 33 8.78 -0.55 4.15
C ASP A 33 7.67 -1.28 3.39
N LEU A 34 6.42 -0.86 3.58
CA LEU A 34 5.32 -1.41 2.80
C LEU A 34 5.59 -1.12 1.33
N ILE A 35 5.92 0.14 1.01
CA ILE A 35 6.23 0.49 -0.36
C ILE A 35 7.47 -0.26 -0.84
N ALA A 36 8.43 -0.51 0.03
CA ALA A 36 9.61 -1.28 -0.34
C ALA A 36 9.21 -2.69 -0.81
N LEU A 37 8.27 -3.32 -0.12
CA LEU A 37 7.78 -4.63 -0.53
C LEU A 37 7.02 -4.51 -1.83
N LEU A 38 6.20 -3.48 -1.97
CA LEU A 38 5.40 -3.29 -3.18
C LEU A 38 6.26 -3.03 -4.40
N GLN A 39 7.43 -2.43 -4.22
CA GLN A 39 8.37 -2.24 -5.32
C GLN A 39 8.89 -3.58 -5.83
N ALA A 40 9.11 -4.54 -4.93
CA ALA A 40 9.60 -5.86 -5.31
C ALA A 40 8.49 -6.81 -5.82
N ASP A 41 7.38 -6.84 -5.10
CA ASP A 41 6.30 -7.79 -5.36
C ASP A 41 5.31 -7.29 -6.43
N CYS A 42 4.79 -6.08 -6.21
CA CYS A 42 3.77 -5.52 -7.09
C CYS A 42 4.31 -4.60 -8.18
N GLY A 43 5.63 -4.42 -8.22
CA GLY A 43 6.24 -3.56 -9.23
C GLY A 43 5.88 -2.09 -9.08
N PHE A 44 5.48 -1.69 -7.88
CA PHE A 44 5.08 -0.30 -7.63
C PHE A 44 6.32 0.58 -7.72
N ASP A 45 6.17 1.80 -8.21
CA ASP A 45 7.27 2.75 -8.22
C ASP A 45 6.71 4.09 -7.83
N LYS A 46 7.07 4.60 -6.66
CA LYS A 46 6.57 5.89 -6.18
C LYS A 46 6.82 7.08 -7.11
N THR A 47 7.67 6.93 -8.12
CA THR A 47 7.94 8.01 -9.08
C THR A 47 7.08 7.93 -10.33
N LYS A 48 6.51 6.76 -10.60
CA LYS A 48 5.71 6.53 -11.82
C LYS A 48 4.28 6.18 -11.45
N HIS A 49 4.10 5.82 -10.20
CA HIS A 49 2.82 5.37 -9.69
C HIS A 49 2.54 6.04 -8.36
N ASP A 50 1.28 6.04 -7.97
CA ASP A 50 0.83 6.65 -6.73
C ASP A 50 0.03 5.64 -5.94
N LEU A 51 0.07 5.75 -4.63
CA LEU A 51 -0.66 4.84 -3.75
C LEU A 51 -1.82 5.60 -3.14
N TYR A 52 -3.00 4.99 -3.11
CA TYR A 52 -4.19 5.62 -2.57
C TYR A 52 -4.78 4.79 -1.45
N TYR A 53 -5.28 5.49 -0.44
CA TYR A 53 -6.02 4.87 0.66
C TYR A 53 -7.15 5.82 1.01
N ASN A 54 -8.34 5.28 1.21
CA ASN A 54 -9.55 6.08 1.49
C ASN A 54 -9.77 7.15 0.41
N MET A 55 -9.33 6.83 -0.81
CA MET A 55 -9.40 7.69 -2.00
C MET A 55 -8.55 8.98 -1.91
N ASP A 56 -7.63 9.02 -0.96
CA ASP A 56 -6.66 10.12 -0.86
C ASP A 56 -5.27 9.53 -1.11
N ILE A 57 -4.32 10.38 -1.42
CA ILE A 57 -2.97 9.95 -1.80
C ILE A 57 -2.08 9.74 -0.58
N LEU A 58 -1.44 8.57 -0.51
CA LEU A 58 -0.47 8.31 0.56
C LEU A 58 0.88 8.86 0.14
N ASP A 59 1.36 9.83 0.90
CA ASP A 59 2.69 10.41 0.64
C ASP A 59 3.77 9.39 1.00
N SER A 60 4.53 9.00 -0.01
CA SER A 60 5.57 7.99 0.15
C SER A 60 6.72 8.43 1.06
N ASN A 61 6.78 9.71 1.38
CA ASN A 61 7.87 10.24 2.20
C ASN A 61 7.51 10.16 3.70
N ARG A 62 6.32 9.67 4.02
CA ARG A 62 5.92 9.51 5.42
C ARG A 62 6.48 8.21 5.98
N THR A 63 7.36 8.32 6.96
CA THR A 63 7.92 7.15 7.64
C THR A 63 7.03 6.67 8.82
N GLN A 64 5.73 6.85 8.68
CA GLN A 64 4.80 6.46 9.76
C GLN A 64 4.57 4.97 9.67
N SER A 65 4.01 4.38 10.71
CA SER A 65 3.72 2.96 10.73
C SER A 65 2.34 2.81 10.12
N LEU A 66 2.02 1.63 9.60
CA LEU A 66 0.71 1.40 9.00
C LEU A 66 -0.39 1.58 10.05
N LYS A 67 -0.05 1.26 11.29
CA LYS A 67 -0.93 1.48 12.44
C LYS A 67 -1.36 2.93 12.57
N GLU A 68 -0.43 3.85 12.33
CA GLU A 68 -0.67 5.28 12.53
C GLU A 68 -1.50 5.84 11.39
N LEU A 69 -1.55 5.11 10.29
CA LEU A 69 -2.37 5.50 9.14
C LEU A 69 -3.79 4.98 9.33
N GLY A 70 -3.95 4.13 10.33
CA GLY A 70 -5.25 3.57 10.66
C GLY A 70 -5.58 2.34 9.85
N LEU A 71 -4.56 1.71 9.28
CA LEU A 71 -4.76 0.54 8.43
C LEU A 71 -5.06 -0.71 9.26
N LYS A 72 -5.88 -1.59 8.68
CA LYS A 72 -6.33 -2.83 9.33
C LYS A 72 -6.50 -3.92 8.27
N THR A 73 -6.77 -5.15 8.72
CA THR A 73 -6.91 -6.32 7.85
C THR A 73 -8.17 -6.32 6.95
N ASP A 74 -8.93 -5.24 7.02
CA ASP A 74 -10.20 -5.12 6.27
C ASP A 74 -10.03 -4.05 5.19
N ASP A 75 -8.81 -3.57 5.03
CA ASP A 75 -8.53 -2.50 4.05
C ASP A 75 -8.06 -3.01 2.69
N LEU A 76 -8.40 -2.21 1.67
CA LEU A 76 -7.97 -2.44 0.31
C LEU A 76 -7.27 -1.16 -0.18
N LEU A 77 -6.12 -1.34 -0.81
CA LEU A 77 -5.29 -0.22 -1.26
C LEU A 77 -5.33 -0.16 -2.77
N LEU A 78 -5.27 1.05 -3.32
CA LEU A 78 -5.36 1.23 -4.78
C LEU A 78 -4.05 1.77 -5.37
N ILE A 79 -3.69 1.25 -6.52
CA ILE A 79 -2.47 1.67 -7.24
C ILE A 79 -2.87 2.51 -8.44
N ARG A 80 -2.40 3.74 -8.51
CA ARG A 80 -2.70 4.65 -9.62
C ARG A 80 -1.39 5.05 -10.28
N GLY A 81 -1.46 5.83 -11.35
CA GLY A 81 -0.27 6.24 -12.09
C GLY A 81 -0.03 7.73 -11.98
N LYS A 82 1.22 8.12 -11.95
CA LYS A 82 1.59 9.54 -11.95
C LYS A 82 1.32 10.07 -13.36
N ILE A 83 0.63 11.21 -13.45
CA ILE A 83 0.30 11.77 -14.75
C ILE A 83 1.53 12.41 -15.37
N SER A 84 1.85 12.02 -16.60
CA SER A 84 2.98 12.57 -17.34
C SER A 84 2.63 12.41 -18.82
N ASN A 85 3.41 13.01 -19.71
CA ASN A 85 3.17 12.92 -21.15
C ASN A 85 4.44 13.21 -21.94
N SER A 86 5.04 14.39 -21.72
CA SER A 86 6.29 14.79 -22.36
C SER A 86 7.49 14.50 -21.46
N HIS A 1 -3.98 -20.05 19.56
CA HIS A 1 -3.75 -18.61 19.84
C HIS A 1 -3.92 -17.73 18.62
N ILE A 2 -4.18 -16.43 18.85
CA ILE A 2 -4.37 -15.44 17.79
C ILE A 2 -3.47 -14.27 18.13
N GLU A 3 -2.88 -13.66 17.12
CA GLU A 3 -2.02 -12.49 17.31
C GLU A 3 -2.64 -11.30 16.59
N GLY A 4 -2.61 -10.14 17.24
CA GLY A 4 -3.17 -8.93 16.62
C GLY A 4 -2.14 -8.09 15.91
N ARG A 5 -0.90 -8.56 15.87
CA ARG A 5 0.21 -7.79 15.25
C ARG A 5 0.34 -8.06 13.75
N HIS A 6 -0.63 -8.76 13.19
CA HIS A 6 -0.60 -9.08 11.76
C HIS A 6 -1.96 -8.83 11.18
N MET A 7 -1.98 -8.30 9.96
CA MET A 7 -3.20 -8.00 9.25
C MET A 7 -2.99 -8.26 7.77
N ASP A 8 -4.06 -8.61 7.09
CA ASP A 8 -4.00 -8.94 5.67
C ASP A 8 -4.52 -7.77 4.86
N LEU A 9 -3.68 -7.13 4.07
CA LEU A 9 -4.10 -6.00 3.25
C LEU A 9 -4.09 -6.42 1.81
N THR A 10 -5.14 -6.08 1.11
CA THR A 10 -5.27 -6.45 -0.30
C THR A 10 -4.82 -5.29 -1.17
N ILE A 11 -4.14 -5.59 -2.27
CA ILE A 11 -3.59 -4.56 -3.14
C ILE A 11 -4.28 -4.66 -4.50
N SER A 12 -4.67 -3.53 -5.08
CA SER A 12 -5.33 -3.54 -6.39
C SER A 12 -4.87 -2.39 -7.26
N ASN A 13 -4.70 -2.64 -8.55
CA ASN A 13 -4.25 -1.65 -9.48
C ASN A 13 -5.37 -0.86 -10.14
N GLU A 14 -5.43 0.43 -9.87
CA GLU A 14 -6.43 1.32 -10.46
C GLU A 14 -6.12 1.54 -11.95
N LEU A 15 -4.87 1.34 -12.33
CA LEU A 15 -4.44 1.56 -13.72
C LEU A 15 -4.71 0.39 -14.64
N THR A 16 -4.50 -0.83 -14.15
CA THR A 16 -4.55 -2.01 -15.00
C THR A 16 -5.72 -2.93 -14.67
N GLY A 17 -6.33 -2.71 -13.52
CA GLY A 17 -7.44 -3.55 -13.07
C GLY A 17 -6.96 -4.82 -12.39
N GLU A 18 -5.65 -5.01 -12.31
CA GLU A 18 -5.09 -6.21 -11.71
C GLU A 18 -5.33 -6.28 -10.21
N ILE A 19 -5.44 -7.50 -9.72
CA ILE A 19 -5.67 -7.76 -8.30
C ILE A 19 -4.44 -8.49 -7.78
N TYR A 20 -3.84 -7.94 -6.75
CA TYR A 20 -2.67 -8.53 -6.12
C TYR A 20 -3.12 -9.11 -4.79
N GLY A 21 -2.23 -9.84 -4.14
CA GLY A 21 -2.62 -10.64 -3.00
C GLY A 21 -2.99 -9.96 -1.72
N PRO A 22 -3.87 -10.59 -0.92
CA PRO A 22 -3.80 -10.09 0.44
C PRO A 22 -2.52 -10.58 1.06
N ILE A 23 -1.75 -9.59 1.42
CA ILE A 23 -0.42 -9.78 1.97
C ILE A 23 -0.43 -9.59 3.48
N GLU A 24 0.33 -10.43 4.14
CA GLU A 24 0.40 -10.47 5.59
C GLU A 24 1.45 -9.47 6.06
N VAL A 25 0.96 -8.36 6.58
CA VAL A 25 1.83 -7.27 7.02
C VAL A 25 1.53 -6.93 8.47
N SER A 26 2.39 -6.15 9.09
CA SER A 26 2.24 -5.81 10.49
C SER A 26 1.87 -4.36 10.67
N GLU A 27 1.13 -4.08 11.73
CA GLU A 27 0.67 -2.72 12.03
C GLU A 27 1.83 -1.73 12.25
N ASP A 28 2.96 -2.23 12.71
CA ASP A 28 4.13 -1.39 13.03
C ASP A 28 5.10 -1.31 11.87
N MET A 29 4.75 -1.91 10.75
CA MET A 29 5.56 -1.83 9.53
C MET A 29 5.50 -0.38 9.07
N ALA A 30 6.61 0.15 8.59
CA ALA A 30 6.61 1.53 8.11
C ALA A 30 5.96 1.56 6.73
N LEU A 31 5.39 2.69 6.36
CA LEU A 31 4.83 2.87 5.03
C LEU A 31 5.91 2.67 3.98
N THR A 32 7.12 3.13 4.27
CA THR A 32 8.23 2.99 3.35
C THR A 32 8.58 1.52 3.14
N ASP A 33 8.37 0.70 4.17
CA ASP A 33 8.69 -0.72 4.08
C ASP A 33 7.60 -1.42 3.27
N LEU A 34 6.36 -1.00 3.47
CA LEU A 34 5.26 -1.52 2.65
C LEU A 34 5.51 -1.19 1.19
N ILE A 35 5.84 0.06 0.89
CA ILE A 35 6.13 0.45 -0.49
C ILE A 35 7.36 -0.28 -1.01
N ALA A 36 8.31 -0.59 -0.15
CA ALA A 36 9.47 -1.37 -0.58
C ALA A 36 9.01 -2.75 -1.10
N LEU A 37 8.04 -3.36 -0.44
CA LEU A 37 7.48 -4.63 -0.89
C LEU A 37 6.67 -4.43 -2.17
N LEU A 38 5.94 -3.32 -2.26
CA LEU A 38 5.15 -3.03 -3.47
C LEU A 38 6.04 -2.82 -4.68
N GLN A 39 7.22 -2.25 -4.49
CA GLN A 39 8.19 -2.09 -5.58
C GLN A 39 8.70 -3.45 -6.05
N ALA A 40 8.86 -4.39 -5.14
CA ALA A 40 9.37 -5.71 -5.49
C ALA A 40 8.31 -6.63 -6.14
N ASP A 41 7.11 -6.63 -5.59
CA ASP A 41 6.04 -7.53 -6.05
C ASP A 41 5.10 -6.88 -7.05
N CYS A 42 4.49 -5.78 -6.65
CA CYS A 42 3.49 -5.10 -7.48
C CYS A 42 4.13 -4.23 -8.57
N GLY A 43 5.45 -4.09 -8.54
CA GLY A 43 6.14 -3.25 -9.50
C GLY A 43 5.75 -1.79 -9.36
N PHE A 44 5.38 -1.39 -8.14
CA PHE A 44 4.89 -0.04 -7.94
C PHE A 44 6.07 0.93 -7.91
N ASP A 45 6.24 1.67 -9.00
CA ASP A 45 7.28 2.69 -9.04
C ASP A 45 6.73 3.96 -8.42
N LYS A 46 7.17 4.27 -7.21
CA LYS A 46 6.64 5.41 -6.46
C LYS A 46 6.94 6.78 -7.08
N THR A 47 7.74 6.81 -8.12
CA THR A 47 8.00 8.07 -8.82
C THR A 47 7.06 8.27 -10.02
N LYS A 48 6.49 7.18 -10.52
CA LYS A 48 5.53 7.26 -11.65
C LYS A 48 4.11 7.11 -11.13
N HIS A 49 4.02 6.46 -9.99
CA HIS A 49 2.73 6.06 -9.45
C HIS A 49 2.58 6.54 -8.02
N ASP A 50 1.35 6.54 -7.53
CA ASP A 50 1.03 6.95 -6.16
C ASP A 50 0.23 5.85 -5.51
N LEU A 51 0.38 5.71 -4.20
CA LEU A 51 -0.36 4.72 -3.43
C LEU A 51 -1.55 5.45 -2.84
N TYR A 52 -2.73 4.88 -2.97
CA TYR A 52 -3.94 5.54 -2.50
C TYR A 52 -4.61 4.76 -1.40
N TYR A 53 -5.14 5.50 -0.44
CA TYR A 53 -5.90 4.93 0.67
C TYR A 53 -7.02 5.90 1.00
N ASN A 54 -8.23 5.37 1.19
CA ASN A 54 -9.42 6.20 1.47
C ASN A 54 -9.57 7.33 0.42
N MET A 55 -9.23 6.98 -0.81
CA MET A 55 -9.27 7.88 -1.99
C MET A 55 -8.35 9.11 -1.90
N ASP A 56 -7.39 9.09 -0.99
CA ASP A 56 -6.39 10.15 -0.87
C ASP A 56 -5.00 9.53 -1.04
N ILE A 57 -3.99 10.35 -1.23
CA ILE A 57 -2.63 9.88 -1.54
C ILE A 57 -1.82 9.60 -0.28
N LEU A 58 -1.25 8.40 -0.21
CA LEU A 58 -0.28 8.08 0.82
C LEU A 58 1.09 8.51 0.29
N ASP A 59 1.57 9.63 0.81
CA ASP A 59 2.84 10.20 0.39
C ASP A 59 3.99 9.25 0.71
N SER A 60 4.67 8.79 -0.33
CA SER A 60 5.75 7.82 -0.21
C SER A 60 7.00 8.31 0.53
N ASN A 61 7.04 9.59 0.87
CA ASN A 61 8.16 10.14 1.64
C ASN A 61 7.93 9.95 3.15
N ARG A 62 6.67 9.77 3.55
CA ARG A 62 6.35 9.60 4.97
C ARG A 62 6.79 8.25 5.49
N THR A 63 7.31 8.26 6.71
CA THR A 63 7.82 7.06 7.36
C THR A 63 6.94 6.66 8.54
N GLN A 64 5.65 6.95 8.41
CA GLN A 64 4.69 6.60 9.46
C GLN A 64 4.47 5.10 9.38
N SER A 65 3.88 4.53 10.42
CA SER A 65 3.62 3.10 10.47
C SER A 65 2.21 2.88 9.93
N LEU A 66 1.90 1.66 9.53
CA LEU A 66 0.58 1.37 8.96
C LEU A 66 -0.53 1.67 9.98
N LYS A 67 -0.24 1.47 11.25
CA LYS A 67 -1.17 1.79 12.33
C LYS A 67 -1.56 3.26 12.38
N GLU A 68 -0.60 4.13 12.09
CA GLU A 68 -0.82 5.58 12.12
C GLU A 68 -1.75 6.01 10.99
N LEU A 69 -1.77 5.20 9.95
CA LEU A 69 -2.59 5.47 8.77
C LEU A 69 -4.00 4.91 8.98
N GLY A 70 -4.15 4.13 10.04
CA GLY A 70 -5.46 3.56 10.37
C GLY A 70 -5.80 2.32 9.58
N LEU A 71 -4.79 1.64 9.09
CA LEU A 71 -4.98 0.42 8.29
C LEU A 71 -5.35 -0.77 9.17
N LYS A 72 -6.02 -1.74 8.56
CA LYS A 72 -6.57 -2.90 9.27
C LYS A 72 -6.65 -4.08 8.29
N THR A 73 -6.96 -5.28 8.79
CA THR A 73 -7.02 -6.49 7.96
C THR A 73 -8.22 -6.54 7.02
N ASP A 74 -9.09 -5.57 7.16
CA ASP A 74 -10.33 -5.49 6.39
C ASP A 74 -10.15 -4.50 5.24
N ASP A 75 -8.92 -4.06 5.03
CA ASP A 75 -8.63 -2.96 4.10
C ASP A 75 -7.97 -3.28 2.77
N LEU A 76 -8.10 -2.34 1.83
CA LEU A 76 -7.57 -2.47 0.48
C LEU A 76 -6.83 -1.19 0.05
N LEU A 77 -5.70 -1.36 -0.62
CA LEU A 77 -4.89 -0.23 -1.09
C LEU A 77 -4.92 -0.19 -2.62
N LEU A 78 -4.94 1.01 -3.18
CA LEU A 78 -5.00 1.19 -4.63
C LEU A 78 -3.69 1.73 -5.20
N ILE A 79 -3.31 1.24 -6.37
CA ILE A 79 -2.14 1.75 -7.09
C ILE A 79 -2.63 2.67 -8.19
N ARG A 80 -2.29 3.95 -8.11
CA ARG A 80 -2.77 4.94 -9.07
C ARG A 80 -1.58 5.52 -9.81
N GLY A 81 -1.81 6.11 -10.96
CA GLY A 81 -0.74 6.73 -11.72
C GLY A 81 -0.82 8.22 -11.60
N LYS A 82 0.33 8.85 -11.59
CA LYS A 82 0.44 10.31 -11.53
C LYS A 82 1.24 10.80 -12.72
N ILE A 83 1.04 12.05 -13.10
CA ILE A 83 1.72 12.63 -14.26
C ILE A 83 2.62 13.75 -13.76
N SER A 84 3.89 13.40 -13.54
CA SER A 84 4.89 14.35 -13.02
C SER A 84 5.45 15.30 -14.09
N ASN A 85 4.56 15.83 -14.92
CA ASN A 85 4.95 16.73 -16.01
C ASN A 85 4.80 18.19 -15.59
N SER A 86 5.78 19.02 -15.91
CA SER A 86 5.75 20.46 -15.64
C SER A 86 4.70 21.18 -16.50
N HIS A 1 -1.91 -6.28 26.24
CA HIS A 1 -2.30 -6.31 24.81
C HIS A 1 -1.30 -7.05 23.92
N ILE A 2 -1.74 -7.41 22.72
CA ILE A 2 -0.89 -8.07 21.73
C ILE A 2 -0.79 -7.12 20.55
N GLU A 3 0.42 -6.65 20.28
CA GLU A 3 0.68 -5.71 19.20
C GLU A 3 1.85 -6.25 18.38
N GLY A 4 2.07 -5.68 17.21
CA GLY A 4 3.05 -6.22 16.27
C GLY A 4 2.37 -7.30 15.44
N ARG A 5 1.05 -7.33 15.58
CA ARG A 5 0.22 -8.35 14.94
C ARG A 5 0.18 -8.14 13.43
N HIS A 6 -0.06 -9.23 12.71
CA HIS A 6 -0.23 -9.17 11.27
C HIS A 6 -1.66 -8.80 10.94
N MET A 7 -1.80 -8.19 9.79
CA MET A 7 -3.07 -7.94 9.14
C MET A 7 -2.75 -8.24 7.68
N ASP A 8 -3.76 -8.41 6.85
CA ASP A 8 -3.51 -8.66 5.44
C ASP A 8 -4.21 -7.58 4.63
N LEU A 9 -3.47 -7.03 3.67
CA LEU A 9 -3.96 -5.91 2.88
C LEU A 9 -4.05 -6.31 1.45
N THR A 10 -5.21 -6.10 0.85
CA THR A 10 -5.42 -6.47 -0.55
C THR A 10 -5.03 -5.31 -1.42
N ILE A 11 -4.26 -5.58 -2.46
CA ILE A 11 -3.75 -4.53 -3.32
C ILE A 11 -4.49 -4.63 -4.65
N SER A 12 -5.00 -3.51 -5.13
CA SER A 12 -5.73 -3.47 -6.41
C SER A 12 -5.08 -2.47 -7.34
N ASN A 13 -4.77 -2.89 -8.55
CA ASN A 13 -4.15 -2.02 -9.52
C ASN A 13 -5.21 -1.36 -10.36
N GLU A 14 -5.57 -0.13 -10.00
CA GLU A 14 -6.59 0.64 -10.71
C GLU A 14 -6.16 0.92 -12.16
N LEU A 15 -4.86 0.78 -12.40
CA LEU A 15 -4.27 0.98 -13.71
C LEU A 15 -4.53 -0.15 -14.69
N THR A 16 -4.66 -1.35 -14.16
CA THR A 16 -4.72 -2.56 -14.99
C THR A 16 -5.98 -3.38 -14.75
N GLY A 17 -6.66 -3.10 -13.64
CA GLY A 17 -7.84 -3.85 -13.25
C GLY A 17 -7.49 -5.12 -12.51
N GLU A 18 -6.20 -5.38 -12.34
CA GLU A 18 -5.74 -6.60 -11.68
C GLU A 18 -5.84 -6.51 -10.17
N ILE A 19 -5.99 -7.66 -9.54
CA ILE A 19 -6.07 -7.77 -8.09
C ILE A 19 -4.86 -8.56 -7.63
N TYR A 20 -4.06 -7.96 -6.77
CA TYR A 20 -2.88 -8.60 -6.21
C TYR A 20 -3.27 -9.16 -4.85
N GLY A 21 -2.36 -9.90 -4.24
CA GLY A 21 -2.69 -10.67 -3.05
C GLY A 21 -3.00 -9.89 -1.80
N PRO A 22 -3.84 -10.47 -0.91
CA PRO A 22 -3.71 -9.90 0.43
C PRO A 22 -2.38 -10.30 1.02
N ILE A 23 -1.56 -9.30 1.26
CA ILE A 23 -0.20 -9.49 1.75
C ILE A 23 -0.14 -9.29 3.25
N GLU A 24 0.58 -10.19 3.92
CA GLU A 24 0.67 -10.19 5.37
C GLU A 24 1.72 -9.18 5.80
N VAL A 25 1.23 -8.12 6.38
CA VAL A 25 2.06 -7.02 6.87
C VAL A 25 1.72 -6.77 8.32
N SER A 26 2.55 -5.99 9.00
CA SER A 26 2.32 -5.69 10.41
C SER A 26 1.88 -4.27 10.60
N GLU A 27 1.14 -4.01 11.66
CA GLU A 27 0.67 -2.66 11.95
C GLU A 27 1.83 -1.68 12.18
N ASP A 28 2.95 -2.17 12.67
CA ASP A 28 4.10 -1.35 13.02
C ASP A 28 5.12 -1.30 11.90
N MET A 29 4.77 -1.90 10.78
CA MET A 29 5.61 -1.84 9.58
C MET A 29 5.58 -0.39 9.12
N ALA A 30 6.71 0.13 8.66
CA ALA A 30 6.74 1.51 8.20
C ALA A 30 6.08 1.56 6.83
N LEU A 31 5.52 2.71 6.48
CA LEU A 31 4.95 2.89 5.15
C LEU A 31 6.01 2.67 4.09
N THR A 32 7.22 3.12 4.37
CA THR A 32 8.32 2.94 3.42
C THR A 32 8.60 1.45 3.19
N ASP A 33 8.42 0.65 4.23
CA ASP A 33 8.67 -0.79 4.14
C ASP A 33 7.53 -1.47 3.39
N LEU A 34 6.30 -1.01 3.61
CA LEU A 34 5.16 -1.50 2.85
C LEU A 34 5.38 -1.22 1.38
N ILE A 35 5.75 0.01 1.05
CA ILE A 35 6.01 0.36 -0.34
C ILE A 35 7.20 -0.41 -0.86
N ALA A 36 8.19 -0.69 -0.02
CA ALA A 36 9.34 -1.51 -0.46
C ALA A 36 8.88 -2.88 -0.96
N LEU A 37 7.89 -3.48 -0.29
CA LEU A 37 7.34 -4.75 -0.73
C LEU A 37 6.57 -4.57 -2.04
N LEU A 38 5.82 -3.48 -2.14
CA LEU A 38 5.08 -3.19 -3.37
C LEU A 38 6.01 -2.93 -4.56
N GLN A 39 7.19 -2.38 -4.29
CA GLN A 39 8.17 -2.13 -5.34
C GLN A 39 8.74 -3.46 -5.84
N ALA A 40 8.89 -4.42 -4.95
CA ALA A 40 9.45 -5.72 -5.30
C ALA A 40 8.45 -6.63 -6.01
N ASP A 41 7.22 -6.66 -5.50
CA ASP A 41 6.18 -7.57 -6.02
C ASP A 41 5.25 -6.92 -7.04
N CYS A 42 4.60 -5.84 -6.64
CA CYS A 42 3.58 -5.20 -7.47
C CYS A 42 4.15 -4.27 -8.55
N GLY A 43 5.47 -4.10 -8.56
CA GLY A 43 6.11 -3.23 -9.54
C GLY A 43 5.79 -1.76 -9.32
N PHE A 44 5.43 -1.43 -8.09
CA PHE A 44 5.09 -0.06 -7.73
C PHE A 44 6.35 0.79 -7.76
N ASP A 45 6.23 2.04 -8.16
CA ASP A 45 7.35 2.97 -8.04
C ASP A 45 6.76 4.28 -7.56
N LYS A 46 7.24 4.75 -6.42
CA LYS A 46 6.79 6.03 -5.83
C LYS A 46 6.94 7.24 -6.76
N THR A 47 7.73 7.12 -7.81
CA THR A 47 7.91 8.22 -8.75
C THR A 47 6.93 8.18 -9.93
N LYS A 48 6.49 6.99 -10.30
CA LYS A 48 5.62 6.80 -11.47
C LYS A 48 4.19 6.58 -11.04
N HIS A 49 4.02 6.12 -9.82
CA HIS A 49 2.71 5.73 -9.32
C HIS A 49 2.47 6.34 -7.95
N ASP A 50 1.22 6.36 -7.56
CA ASP A 50 0.78 6.83 -6.25
C ASP A 50 0.08 5.67 -5.58
N LEU A 51 0.19 5.60 -4.27
CA LEU A 51 -0.50 4.58 -3.50
C LEU A 51 -1.66 5.32 -2.86
N TYR A 52 -2.86 4.78 -2.99
CA TYR A 52 -4.06 5.46 -2.52
C TYR A 52 -4.71 4.67 -1.40
N TYR A 53 -5.19 5.39 -0.40
CA TYR A 53 -5.93 4.82 0.71
C TYR A 53 -7.00 5.83 1.07
N ASN A 54 -8.22 5.35 1.32
CA ASN A 54 -9.38 6.22 1.58
C ASN A 54 -9.55 7.25 0.44
N MET A 55 -9.17 6.80 -0.76
CA MET A 55 -9.20 7.60 -2.00
C MET A 55 -8.36 8.88 -1.97
N ASP A 56 -7.37 8.93 -1.09
CA ASP A 56 -6.41 10.03 -1.04
C ASP A 56 -5.00 9.43 -1.16
N ILE A 57 -4.02 10.26 -1.48
CA ILE A 57 -2.65 9.80 -1.73
C ILE A 57 -1.88 9.58 -0.44
N LEU A 58 -1.29 8.39 -0.29
CA LEU A 58 -0.38 8.13 0.81
C LEU A 58 0.99 8.65 0.40
N ASP A 59 1.48 9.64 1.13
CA ASP A 59 2.77 10.25 0.85
C ASP A 59 3.92 9.28 1.16
N SER A 60 4.53 8.76 0.10
CA SER A 60 5.62 7.80 0.19
C SER A 60 6.86 8.29 0.94
N ASN A 61 6.95 9.58 1.21
CA ASN A 61 8.11 10.14 1.90
C ASN A 61 7.96 10.03 3.42
N ARG A 62 6.80 9.57 3.88
CA ARG A 62 6.56 9.44 5.32
C ARG A 62 7.02 8.09 5.82
N THR A 63 7.57 8.10 7.02
CA THR A 63 8.03 6.89 7.69
C THR A 63 7.09 6.53 8.83
N GLN A 64 5.81 6.85 8.64
CA GLN A 64 4.81 6.53 9.66
C GLN A 64 4.58 5.03 9.59
N SER A 65 3.97 4.48 10.61
CA SER A 65 3.64 3.07 10.63
C SER A 65 2.24 2.91 10.11
N LEU A 66 1.90 1.71 9.69
CA LEU A 66 0.59 1.45 9.10
C LEU A 66 -0.52 1.70 10.13
N LYS A 67 -0.19 1.51 11.40
CA LYS A 67 -1.07 1.75 12.52
C LYS A 67 -1.56 3.20 12.57
N GLU A 68 -0.66 4.13 12.28
CA GLU A 68 -0.97 5.55 12.32
C GLU A 68 -1.88 5.94 11.17
N LEU A 69 -1.77 5.20 10.08
CA LEU A 69 -2.56 5.45 8.89
C LEU A 69 -3.99 4.90 9.05
N GLY A 70 -4.17 4.07 10.06
CA GLY A 70 -5.48 3.51 10.38
C GLY A 70 -5.75 2.24 9.61
N LEU A 71 -4.70 1.65 9.07
CA LEU A 71 -4.83 0.43 8.29
C LEU A 71 -5.17 -0.77 9.16
N LYS A 72 -5.95 -1.66 8.58
CA LYS A 72 -6.46 -2.85 9.26
C LYS A 72 -6.57 -3.92 8.19
N THR A 73 -6.84 -5.15 8.58
CA THR A 73 -6.91 -6.28 7.64
C THR A 73 -8.14 -6.20 6.73
N ASP A 74 -9.03 -5.29 7.06
CA ASP A 74 -10.29 -5.10 6.34
C ASP A 74 -10.14 -4.10 5.19
N ASP A 75 -8.93 -3.61 5.00
CA ASP A 75 -8.67 -2.56 3.99
C ASP A 75 -8.11 -3.05 2.66
N LEU A 76 -8.43 -2.28 1.63
CA LEU A 76 -7.94 -2.51 0.27
C LEU A 76 -7.21 -1.24 -0.17
N LEU A 77 -6.07 -1.41 -0.83
CA LEU A 77 -5.22 -0.30 -1.27
C LEU A 77 -5.28 -0.21 -2.79
N LEU A 78 -5.22 1.01 -3.31
CA LEU A 78 -5.27 1.21 -4.77
C LEU A 78 -3.94 1.71 -5.32
N ILE A 79 -3.52 1.15 -6.44
CA ILE A 79 -2.32 1.63 -7.15
C ILE A 79 -2.80 2.51 -8.29
N ARG A 80 -2.42 3.77 -8.26
CA ARG A 80 -2.85 4.75 -9.26
C ARG A 80 -1.60 5.26 -9.96
N GLY A 81 -1.72 5.71 -11.20
CA GLY A 81 -0.57 6.18 -11.94
C GLY A 81 -0.56 7.68 -12.07
N LYS A 82 0.64 8.23 -12.03
CA LYS A 82 0.84 9.67 -12.21
C LYS A 82 1.89 9.92 -13.29
N ILE A 83 1.86 11.10 -13.88
CA ILE A 83 2.85 11.49 -14.88
C ILE A 83 3.91 12.29 -14.15
N SER A 84 5.10 11.72 -14.00
CA SER A 84 6.20 12.38 -13.30
C SER A 84 6.62 13.66 -14.00
N ASN A 85 6.53 13.65 -15.32
CA ASN A 85 6.94 14.78 -16.13
C ASN A 85 5.71 15.64 -16.43
N SER A 86 5.26 16.37 -15.41
CA SER A 86 4.09 17.26 -15.52
C SER A 86 4.30 18.33 -16.59
N HIS A 1 -0.86 -20.78 10.88
CA HIS A 1 -0.62 -19.54 11.69
C HIS A 1 -1.90 -18.87 12.17
N ILE A 2 -1.76 -18.11 13.27
CA ILE A 2 -2.89 -17.41 13.89
C ILE A 2 -2.84 -15.92 13.55
N GLU A 3 -3.96 -15.25 13.76
CA GLU A 3 -4.07 -13.82 13.53
C GLU A 3 -3.31 -13.08 14.64
N GLY A 4 -3.04 -11.81 14.44
CA GLY A 4 -2.31 -11.04 15.44
C GLY A 4 -1.99 -9.66 14.91
N ARG A 5 -0.79 -9.15 15.19
CA ARG A 5 -0.37 -7.84 14.66
C ARG A 5 0.07 -7.92 13.19
N HIS A 6 -0.31 -9.01 12.54
CA HIS A 6 -0.10 -9.22 11.10
C HIS A 6 -1.50 -9.02 10.55
N MET A 7 -1.63 -8.21 9.53
CA MET A 7 -2.91 -7.88 8.94
C MET A 7 -2.82 -8.05 7.44
N ASP A 8 -3.94 -8.40 6.86
CA ASP A 8 -4.03 -8.66 5.43
C ASP A 8 -4.45 -7.38 4.74
N LEU A 9 -3.55 -6.82 3.94
CA LEU A 9 -3.90 -5.67 3.11
C LEU A 9 -3.98 -6.16 1.70
N THR A 10 -5.10 -5.91 1.06
CA THR A 10 -5.30 -6.37 -0.31
C THR A 10 -4.92 -5.23 -1.22
N ILE A 11 -4.19 -5.54 -2.28
CA ILE A 11 -3.66 -4.51 -3.17
C ILE A 11 -4.32 -4.66 -4.53
N SER A 12 -4.71 -3.54 -5.14
CA SER A 12 -5.25 -3.58 -6.49
C SER A 12 -4.66 -2.47 -7.33
N ASN A 13 -4.31 -2.81 -8.56
CA ASN A 13 -3.71 -1.85 -9.47
C ASN A 13 -4.78 -1.22 -10.34
N GLU A 14 -5.14 0.00 -10.00
CA GLU A 14 -6.20 0.75 -10.70
C GLU A 14 -5.86 0.94 -12.19
N LEU A 15 -4.57 0.92 -12.50
CA LEU A 15 -4.08 1.12 -13.86
C LEU A 15 -4.30 -0.08 -14.77
N THR A 16 -4.15 -1.27 -14.21
CA THR A 16 -4.14 -2.50 -15.00
C THR A 16 -5.38 -3.35 -14.74
N GLY A 17 -6.09 -3.04 -13.66
CA GLY A 17 -7.25 -3.81 -13.27
C GLY A 17 -6.88 -5.07 -12.51
N GLU A 18 -5.61 -5.20 -12.16
CA GLU A 18 -5.13 -6.39 -11.47
C GLU A 18 -5.52 -6.44 -9.99
N ILE A 19 -5.64 -7.66 -9.49
CA ILE A 19 -5.91 -7.91 -8.08
C ILE A 19 -4.72 -8.70 -7.56
N TYR A 20 -3.96 -8.09 -6.67
CA TYR A 20 -2.80 -8.72 -6.06
C TYR A 20 -3.24 -9.35 -4.75
N GLY A 21 -2.34 -10.08 -4.14
CA GLY A 21 -2.71 -10.85 -2.96
C GLY A 21 -2.98 -10.05 -1.72
N PRO A 22 -3.79 -10.60 -0.80
CA PRO A 22 -3.61 -9.96 0.49
C PRO A 22 -2.26 -10.36 1.04
N ILE A 23 -1.51 -9.34 1.33
CA ILE A 23 -0.16 -9.50 1.84
C ILE A 23 -0.18 -9.29 3.35
N GLU A 24 0.43 -10.21 4.06
CA GLU A 24 0.45 -10.17 5.51
C GLU A 24 1.56 -9.22 5.92
N VAL A 25 1.15 -8.03 6.35
CA VAL A 25 2.11 -7.00 6.75
C VAL A 25 1.79 -6.68 8.18
N SER A 26 2.70 -6.02 8.87
CA SER A 26 2.45 -5.72 10.27
C SER A 26 1.86 -4.34 10.40
N GLU A 27 1.09 -4.12 11.44
CA GLU A 27 0.60 -2.78 11.75
C GLU A 27 1.81 -1.87 12.09
N ASP A 28 2.87 -2.53 12.55
CA ASP A 28 4.10 -1.88 13.02
C ASP A 28 5.09 -1.68 11.88
N MET A 29 4.68 -2.06 10.68
CA MET A 29 5.51 -1.93 9.49
C MET A 29 5.46 -0.47 9.07
N ALA A 30 6.57 0.07 8.58
CA ALA A 30 6.56 1.45 8.13
C ALA A 30 5.80 1.52 6.79
N LEU A 31 5.28 2.70 6.49
CA LEU A 31 4.63 2.97 5.21
C LEU A 31 5.66 2.75 4.12
N THR A 32 6.89 3.18 4.38
CA THR A 32 7.94 3.04 3.39
C THR A 32 8.29 1.57 3.16
N ASP A 33 8.14 0.75 4.19
CA ASP A 33 8.47 -0.68 4.10
C ASP A 33 7.39 -1.42 3.35
N LEU A 34 6.14 -0.99 3.53
CA LEU A 34 5.03 -1.54 2.77
C LEU A 34 5.31 -1.27 1.30
N ILE A 35 5.70 -0.04 0.99
CA ILE A 35 6.02 0.32 -0.40
C ILE A 35 7.21 -0.48 -0.89
N ALA A 36 8.18 -0.73 -0.04
CA ALA A 36 9.34 -1.53 -0.44
C ALA A 36 8.89 -2.92 -0.94
N LEU A 37 7.92 -3.52 -0.27
CA LEU A 37 7.37 -4.80 -0.72
C LEU A 37 6.61 -4.61 -2.04
N LEU A 38 5.88 -3.51 -2.17
CA LEU A 38 5.14 -3.22 -3.41
C LEU A 38 6.08 -2.99 -4.59
N GLN A 39 7.28 -2.50 -4.36
CA GLN A 39 8.25 -2.33 -5.44
C GLN A 39 8.62 -3.69 -6.03
N ALA A 40 8.80 -4.68 -5.15
CA ALA A 40 9.24 -6.01 -5.55
C ALA A 40 8.10 -6.86 -6.13
N ASP A 41 6.95 -6.84 -5.46
CA ASP A 41 5.83 -7.72 -5.83
C ASP A 41 4.90 -7.10 -6.87
N CYS A 42 4.55 -5.84 -6.67
CA CYS A 42 3.57 -5.16 -7.51
C CYS A 42 4.21 -4.25 -8.57
N GLY A 43 5.54 -4.16 -8.55
CA GLY A 43 6.26 -3.31 -9.50
C GLY A 43 6.02 -1.83 -9.28
N PHE A 44 5.65 -1.45 -8.06
CA PHE A 44 5.34 -0.06 -7.76
C PHE A 44 6.57 0.83 -7.87
N ASP A 45 6.39 2.00 -8.49
CA ASP A 45 7.44 3.01 -8.61
C ASP A 45 6.79 4.33 -8.21
N LYS A 46 7.24 4.93 -7.12
CA LYS A 46 6.67 6.18 -6.60
C LYS A 46 6.84 7.38 -7.53
N THR A 47 7.61 7.25 -8.59
CA THR A 47 7.73 8.34 -9.55
C THR A 47 6.69 8.25 -10.67
N LYS A 48 6.20 7.04 -10.95
CA LYS A 48 5.23 6.81 -12.04
C LYS A 48 3.87 6.52 -11.48
N HIS A 49 3.86 6.09 -10.24
CA HIS A 49 2.64 5.68 -9.56
C HIS A 49 2.59 6.30 -8.17
N ASP A 50 1.40 6.35 -7.60
CA ASP A 50 1.18 6.86 -6.24
C ASP A 50 0.32 5.82 -5.54
N LEU A 51 0.42 5.77 -4.22
CA LEU A 51 -0.34 4.82 -3.42
C LEU A 51 -1.56 5.55 -2.86
N TYR A 52 -2.73 4.93 -2.94
CA TYR A 52 -3.96 5.57 -2.49
C TYR A 52 -4.64 4.73 -1.41
N TYR A 53 -5.20 5.41 -0.43
CA TYR A 53 -5.97 4.77 0.65
C TYR A 53 -7.10 5.71 1.01
N ASN A 54 -8.31 5.16 1.16
CA ASN A 54 -9.50 5.95 1.52
C ASN A 54 -9.70 7.14 0.56
N MET A 55 -9.33 6.91 -0.70
CA MET A 55 -9.42 7.91 -1.79
C MET A 55 -8.53 9.15 -1.60
N ASP A 56 -7.52 9.02 -0.75
CA ASP A 56 -6.51 10.08 -0.55
C ASP A 56 -5.13 9.48 -0.85
N ILE A 57 -4.13 10.34 -0.99
CA ILE A 57 -2.79 9.94 -1.42
C ILE A 57 -1.86 9.67 -0.25
N LEU A 58 -1.26 8.49 -0.23
CA LEU A 58 -0.25 8.14 0.75
C LEU A 58 1.12 8.45 0.17
N ASP A 59 1.61 9.63 0.52
CA ASP A 59 2.93 10.09 0.05
C ASP A 59 4.01 9.11 0.53
N SER A 60 4.83 8.67 -0.40
CA SER A 60 5.86 7.68 -0.15
C SER A 60 7.02 8.18 0.71
N ASN A 61 7.04 9.46 1.04
CA ASN A 61 8.10 10.05 1.85
C ASN A 61 7.70 10.07 3.33
N ARG A 62 6.52 9.56 3.65
CA ARG A 62 6.05 9.52 5.04
C ARG A 62 6.62 8.31 5.77
N THR A 63 7.26 8.52 6.91
CA THR A 63 7.89 7.44 7.67
C THR A 63 6.99 6.95 8.81
N GLN A 64 5.69 7.04 8.61
CA GLN A 64 4.72 6.62 9.61
C GLN A 64 4.60 5.10 9.56
N SER A 65 3.97 4.52 10.58
CA SER A 65 3.70 3.10 10.62
C SER A 65 2.30 2.91 10.08
N LEU A 66 1.97 1.73 9.58
CA LEU A 66 0.65 1.51 9.00
C LEU A 66 -0.47 1.69 10.02
N LYS A 67 -0.17 1.41 11.28
CA LYS A 67 -1.16 1.60 12.35
C LYS A 67 -1.49 3.08 12.60
N GLU A 68 -0.58 3.97 12.24
CA GLU A 68 -0.83 5.41 12.36
C GLU A 68 -1.78 5.87 11.28
N LEU A 69 -1.76 5.16 10.16
CA LEU A 69 -2.62 5.49 9.03
C LEU A 69 -4.03 4.93 9.25
N GLY A 70 -4.15 4.12 10.29
CA GLY A 70 -5.44 3.55 10.67
C GLY A 70 -5.77 2.29 9.89
N LEU A 71 -4.74 1.69 9.31
CA LEU A 71 -4.91 0.48 8.51
C LEU A 71 -5.11 -0.74 9.38
N LYS A 72 -5.97 -1.63 8.90
CA LYS A 72 -6.30 -2.89 9.56
C LYS A 72 -6.46 -3.94 8.47
N THR A 73 -6.68 -5.17 8.87
CA THR A 73 -6.83 -6.33 7.96
C THR A 73 -8.10 -6.33 7.08
N ASP A 74 -8.84 -5.24 7.13
CA ASP A 74 -10.13 -5.10 6.45
C ASP A 74 -10.04 -3.98 5.42
N ASP A 75 -8.82 -3.53 5.18
CA ASP A 75 -8.57 -2.43 4.23
C ASP A 75 -7.93 -2.83 2.90
N LEU A 76 -8.27 -2.09 1.86
CA LEU A 76 -7.75 -2.31 0.51
C LEU A 76 -6.99 -1.07 0.03
N LEU A 77 -5.86 -1.30 -0.62
CA LEU A 77 -5.00 -0.23 -1.11
C LEU A 77 -5.03 -0.20 -2.62
N LEU A 78 -4.98 1.00 -3.19
CA LEU A 78 -5.01 1.15 -4.64
C LEU A 78 -3.70 1.72 -5.16
N ILE A 79 -3.28 1.23 -6.31
CA ILE A 79 -2.08 1.75 -6.99
C ILE A 79 -2.60 2.61 -8.13
N ARG A 80 -2.26 3.90 -8.11
CA ARG A 80 -2.80 4.85 -9.10
C ARG A 80 -1.66 5.49 -9.88
N GLY A 81 -1.95 6.02 -11.05
CA GLY A 81 -0.91 6.61 -11.88
C GLY A 81 -0.69 8.08 -11.59
N LYS A 82 0.57 8.47 -11.63
CA LYS A 82 0.97 9.87 -11.45
C LYS A 82 0.69 10.64 -12.73
N ILE A 83 0.12 11.82 -12.60
CA ILE A 83 -0.07 12.68 -13.75
C ILE A 83 1.27 13.37 -13.99
N SER A 84 1.72 13.37 -15.24
CA SER A 84 2.98 14.02 -15.61
C SER A 84 2.71 14.95 -16.78
N ASN A 85 3.46 16.04 -16.85
CA ASN A 85 3.31 17.03 -17.94
C ASN A 85 4.69 17.51 -18.36
N SER A 86 4.95 17.44 -19.68
CA SER A 86 6.25 17.82 -20.29
C SER A 86 7.45 17.00 -19.76
N HIS A 1 -9.66 -4.12 16.27
CA HIS A 1 -8.87 -4.36 17.51
C HIS A 1 -7.67 -5.28 17.32
N ILE A 2 -6.85 -4.89 16.36
CA ILE A 2 -5.60 -5.58 16.06
C ILE A 2 -4.55 -5.04 17.03
N GLU A 3 -3.74 -5.94 17.58
CA GLU A 3 -2.83 -5.64 18.68
C GLU A 3 -1.40 -6.12 18.41
N GLY A 4 -0.64 -5.37 17.61
CA GLY A 4 0.74 -5.76 17.32
C GLY A 4 0.84 -7.04 16.51
N ARG A 5 -0.13 -7.26 15.64
CA ARG A 5 -0.21 -8.51 14.88
C ARG A 5 -0.08 -8.25 13.38
N HIS A 6 -0.09 -9.31 12.60
CA HIS A 6 -0.16 -9.18 11.15
C HIS A 6 -1.59 -8.88 10.78
N MET A 7 -1.76 -8.24 9.63
CA MET A 7 -3.05 -7.94 9.04
C MET A 7 -2.88 -8.17 7.57
N ASP A 8 -3.94 -8.57 6.90
CA ASP A 8 -3.88 -8.98 5.51
C ASP A 8 -4.47 -7.87 4.67
N LEU A 9 -3.63 -7.18 3.91
CA LEU A 9 -4.08 -6.05 3.10
C LEU A 9 -4.09 -6.45 1.66
N THR A 10 -5.19 -6.15 0.99
CA THR A 10 -5.32 -6.49 -0.41
C THR A 10 -4.88 -5.29 -1.23
N ILE A 11 -4.23 -5.55 -2.36
CA ILE A 11 -3.71 -4.49 -3.21
C ILE A 11 -4.47 -4.58 -4.53
N SER A 12 -4.89 -3.44 -5.07
CA SER A 12 -5.61 -3.44 -6.35
C SER A 12 -5.11 -2.29 -7.22
N ASN A 13 -4.99 -2.54 -8.51
CA ASN A 13 -4.47 -1.55 -9.44
C ASN A 13 -5.60 -0.83 -10.15
N GLU A 14 -5.86 0.40 -9.73
CA GLU A 14 -6.89 1.25 -10.33
C GLU A 14 -6.56 1.56 -11.79
N LEU A 15 -5.30 1.36 -12.15
CA LEU A 15 -4.83 1.62 -13.51
C LEU A 15 -5.15 0.51 -14.50
N THR A 16 -5.17 -0.72 -14.03
CA THR A 16 -5.27 -1.88 -14.91
C THR A 16 -6.49 -2.75 -14.63
N GLY A 17 -7.06 -2.59 -13.44
CA GLY A 17 -8.17 -3.42 -13.01
C GLY A 17 -7.71 -4.71 -12.34
N GLU A 18 -6.40 -4.92 -12.32
CA GLU A 18 -5.82 -6.13 -11.72
C GLU A 18 -5.87 -6.06 -10.20
N ILE A 19 -5.83 -7.21 -9.56
CA ILE A 19 -5.85 -7.29 -8.10
C ILE A 19 -4.70 -8.20 -7.67
N TYR A 20 -3.87 -7.68 -6.77
CA TYR A 20 -2.73 -8.40 -6.23
C TYR A 20 -3.16 -9.03 -4.91
N GLY A 21 -2.28 -9.82 -4.31
CA GLY A 21 -2.66 -10.63 -3.17
C GLY A 21 -2.99 -9.93 -1.89
N PRO A 22 -3.85 -10.56 -1.06
CA PRO A 22 -3.76 -10.06 0.31
C PRO A 22 -2.47 -10.54 0.93
N ILE A 23 -1.70 -9.55 1.25
CA ILE A 23 -0.36 -9.72 1.80
C ILE A 23 -0.37 -9.47 3.29
N GLU A 24 0.31 -10.33 4.01
CA GLU A 24 0.34 -10.27 5.46
C GLU A 24 1.46 -9.33 5.93
N VAL A 25 1.03 -8.15 6.37
CA VAL A 25 1.95 -7.10 6.79
C VAL A 25 1.64 -6.75 8.22
N SER A 26 2.55 -6.09 8.91
CA SER A 26 2.34 -5.75 10.29
C SER A 26 1.86 -4.32 10.42
N GLU A 27 1.09 -4.03 11.44
CA GLU A 27 0.62 -2.66 11.67
C GLU A 27 1.79 -1.76 12.09
N ASP A 28 2.86 -2.37 12.58
CA ASP A 28 4.04 -1.62 13.04
C ASP A 28 5.04 -1.41 11.89
N MET A 29 4.69 -1.93 10.72
CA MET A 29 5.54 -1.78 9.54
C MET A 29 5.49 -0.33 9.09
N ALA A 30 6.59 0.23 8.64
CA ALA A 30 6.59 1.61 8.18
C ALA A 30 5.99 1.64 6.78
N LEU A 31 5.45 2.79 6.39
CA LEU A 31 4.92 2.96 5.03
C LEU A 31 6.04 2.74 4.02
N THR A 32 7.23 3.20 4.35
CA THR A 32 8.38 3.04 3.47
C THR A 32 8.70 1.56 3.26
N ASP A 33 8.48 0.76 4.30
CA ASP A 33 8.78 -0.67 4.24
C ASP A 33 7.70 -1.37 3.42
N LEU A 34 6.46 -0.92 3.59
CA LEU A 34 5.35 -1.45 2.80
C LEU A 34 5.64 -1.19 1.33
N ILE A 35 5.97 0.04 0.97
CA ILE A 35 6.27 0.37 -0.41
C ILE A 35 7.51 -0.37 -0.89
N ALA A 36 8.46 -0.64 -0.01
CA ALA A 36 9.63 -1.43 -0.39
C ALA A 36 9.19 -2.82 -0.88
N LEU A 37 8.23 -3.42 -0.20
CA LEU A 37 7.67 -4.71 -0.64
C LEU A 37 6.87 -4.52 -1.93
N LEU A 38 6.07 -3.46 -2.01
CA LEU A 38 5.24 -3.23 -3.19
C LEU A 38 6.09 -3.02 -4.44
N GLN A 39 7.25 -2.40 -4.30
CA GLN A 39 8.18 -2.23 -5.41
C GLN A 39 8.70 -3.58 -5.91
N ALA A 40 8.93 -4.50 -4.98
CA ALA A 40 9.48 -5.82 -5.33
C ALA A 40 8.42 -6.79 -5.91
N ASP A 41 7.26 -6.84 -5.27
CA ASP A 41 6.20 -7.80 -5.65
C ASP A 41 5.20 -7.22 -6.63
N CYS A 42 4.56 -6.13 -6.24
CA CYS A 42 3.50 -5.53 -7.05
C CYS A 42 4.06 -4.67 -8.19
N GLY A 43 5.37 -4.47 -8.18
CA GLY A 43 6.00 -3.63 -9.19
C GLY A 43 5.59 -2.18 -9.07
N PHE A 44 5.18 -1.77 -7.87
CA PHE A 44 4.71 -0.41 -7.68
C PHE A 44 5.90 0.51 -7.61
N ASP A 45 6.15 1.23 -8.67
CA ASP A 45 7.24 2.21 -8.71
C ASP A 45 6.70 3.53 -8.20
N LYS A 46 7.06 3.92 -6.99
CA LYS A 46 6.56 5.18 -6.42
C LYS A 46 6.95 6.45 -7.19
N THR A 47 7.85 6.35 -8.15
CA THR A 47 8.19 7.50 -8.98
C THR A 47 7.23 7.66 -10.17
N LYS A 48 6.63 6.56 -10.61
CA LYS A 48 5.71 6.58 -11.76
C LYS A 48 4.28 6.41 -11.30
N HIS A 49 4.13 5.94 -10.08
CA HIS A 49 2.82 5.61 -9.53
C HIS A 49 2.64 6.22 -8.14
N ASP A 50 1.39 6.28 -7.69
CA ASP A 50 1.05 6.78 -6.36
C ASP A 50 0.20 5.74 -5.64
N LEU A 51 0.36 5.66 -4.33
CA LEU A 51 -0.39 4.71 -3.52
C LEU A 51 -1.57 5.45 -2.91
N TYR A 52 -2.75 4.88 -2.99
CA TYR A 52 -3.96 5.52 -2.49
C TYR A 52 -4.57 4.67 -1.38
N TYR A 53 -5.13 5.34 -0.39
CA TYR A 53 -5.82 4.72 0.72
C TYR A 53 -6.96 5.63 1.09
N ASN A 54 -8.14 5.07 1.31
CA ASN A 54 -9.34 5.84 1.63
C ASN A 54 -9.59 6.93 0.56
N MET A 55 -9.22 6.61 -0.67
CA MET A 55 -9.33 7.49 -1.86
C MET A 55 -8.48 8.77 -1.82
N ASP A 56 -7.51 8.83 -0.92
CA ASP A 56 -6.55 9.94 -0.87
C ASP A 56 -5.14 9.36 -1.05
N ILE A 57 -4.17 10.22 -1.34
CA ILE A 57 -2.81 9.79 -1.65
C ILE A 57 -1.97 9.58 -0.40
N LEU A 58 -1.36 8.41 -0.29
CA LEU A 58 -0.37 8.16 0.75
C LEU A 58 0.96 8.65 0.20
N ASP A 59 1.45 9.74 0.75
CA ASP A 59 2.73 10.30 0.33
C ASP A 59 3.81 9.28 0.66
N SER A 60 4.44 8.78 -0.38
CA SER A 60 5.44 7.72 -0.28
C SER A 60 6.70 8.10 0.50
N ASN A 61 6.82 9.36 0.87
CA ASN A 61 7.97 9.82 1.64
C ASN A 61 7.67 9.85 3.15
N ARG A 62 6.45 9.52 3.54
CA ARG A 62 6.09 9.47 4.97
C ARG A 62 6.72 8.21 5.57
N THR A 63 7.21 8.34 6.78
CA THR A 63 7.85 7.23 7.49
C THR A 63 6.99 6.78 8.65
N GLN A 64 5.69 7.00 8.53
CA GLN A 64 4.74 6.63 9.58
C GLN A 64 4.48 5.14 9.47
N SER A 65 3.89 4.56 10.49
CA SER A 65 3.59 3.13 10.46
C SER A 65 2.16 2.95 9.98
N LEU A 66 1.84 1.73 9.57
CA LEU A 66 0.52 1.44 9.03
C LEU A 66 -0.57 1.66 10.08
N LYS A 67 -0.21 1.48 11.34
CA LYS A 67 -1.11 1.71 12.46
C LYS A 67 -1.58 3.17 12.51
N GLU A 68 -0.67 4.10 12.23
CA GLU A 68 -1.00 5.52 12.27
C GLU A 68 -1.95 5.88 11.15
N LEU A 69 -1.84 5.15 10.04
CA LEU A 69 -2.67 5.41 8.88
C LEU A 69 -4.07 4.82 9.09
N GLY A 70 -4.19 3.96 10.09
CA GLY A 70 -5.48 3.36 10.44
C GLY A 70 -5.78 2.14 9.59
N LEU A 71 -4.75 1.58 8.98
CA LEU A 71 -4.90 0.40 8.14
C LEU A 71 -5.23 -0.82 9.02
N LYS A 72 -5.91 -1.78 8.41
CA LYS A 72 -6.44 -2.94 9.13
C LYS A 72 -6.52 -4.09 8.14
N THR A 73 -6.83 -5.29 8.62
CA THR A 73 -6.93 -6.48 7.76
C THR A 73 -8.21 -6.47 6.92
N ASP A 74 -9.05 -5.48 7.22
CA ASP A 74 -10.35 -5.30 6.58
C ASP A 74 -10.24 -4.11 5.63
N ASP A 75 -9.05 -3.91 5.08
CA ASP A 75 -8.77 -2.76 4.20
C ASP A 75 -8.11 -3.11 2.87
N LEU A 76 -8.05 -2.12 1.97
CA LEU A 76 -7.52 -2.31 0.62
C LEU A 76 -6.75 -1.07 0.15
N LEU A 77 -5.63 -1.30 -0.51
CA LEU A 77 -4.79 -0.22 -1.06
C LEU A 77 -4.96 -0.16 -2.57
N LEU A 78 -4.99 1.05 -3.12
CA LEU A 78 -5.14 1.24 -4.56
C LEU A 78 -3.86 1.78 -5.18
N ILE A 79 -3.51 1.25 -6.34
CA ILE A 79 -2.34 1.71 -7.10
C ILE A 79 -2.83 2.59 -8.25
N ARG A 80 -2.40 3.84 -8.27
CA ARG A 80 -2.75 4.75 -9.36
C ARG A 80 -1.48 5.30 -9.97
N GLY A 81 -1.59 6.07 -11.04
CA GLY A 81 -0.43 6.59 -11.72
C GLY A 81 -0.25 8.07 -11.49
N LYS A 82 0.99 8.50 -11.60
CA LYS A 82 1.33 9.91 -11.55
C LYS A 82 0.76 10.57 -12.80
N ILE A 83 0.56 11.88 -12.74
CA ILE A 83 0.12 12.63 -13.90
C ILE A 83 1.27 12.55 -14.91
N SER A 84 0.98 11.93 -16.06
CA SER A 84 2.01 11.62 -17.04
C SER A 84 1.51 11.92 -18.46
N ASN A 85 0.54 12.84 -18.53
CA ASN A 85 -0.09 13.25 -19.81
C ASN A 85 -0.65 12.06 -20.57
N SER A 86 -1.13 11.08 -19.82
CA SER A 86 -1.68 9.83 -20.33
C SER A 86 -2.92 9.99 -21.20
N HIS A 1 -4.05 -21.02 18.03
CA HIS A 1 -3.14 -19.85 17.92
C HIS A 1 -3.29 -19.02 16.65
N ILE A 2 -3.76 -17.79 16.84
CA ILE A 2 -3.91 -16.79 15.80
C ILE A 2 -3.11 -15.60 16.30
N GLU A 3 -2.23 -15.06 15.47
CA GLU A 3 -1.43 -13.89 15.86
C GLU A 3 -2.20 -12.61 15.53
N GLY A 4 -1.87 -11.53 16.22
CA GLY A 4 -2.52 -10.25 15.99
C GLY A 4 -1.59 -9.22 15.37
N ARG A 5 -0.30 -9.54 15.30
CA ARG A 5 0.69 -8.58 14.75
C ARG A 5 0.73 -8.57 13.23
N HIS A 6 -0.16 -9.33 12.60
CA HIS A 6 -0.23 -9.39 11.14
C HIS A 6 -1.64 -9.09 10.69
N MET A 7 -1.73 -8.40 9.57
CA MET A 7 -3.00 -8.07 8.95
C MET A 7 -2.81 -8.26 7.46
N ASP A 8 -3.90 -8.51 6.78
CA ASP A 8 -3.86 -8.80 5.35
C ASP A 8 -4.35 -7.57 4.62
N LEU A 9 -3.54 -7.02 3.73
CA LEU A 9 -3.96 -5.85 2.96
C LEU A 9 -4.08 -6.24 1.52
N THR A 10 -5.24 -5.97 0.96
CA THR A 10 -5.49 -6.33 -0.44
C THR A 10 -5.06 -5.20 -1.33
N ILE A 11 -4.34 -5.51 -2.38
CA ILE A 11 -3.82 -4.51 -3.29
C ILE A 11 -4.59 -4.64 -4.59
N SER A 12 -5.05 -3.53 -5.14
CA SER A 12 -5.78 -3.55 -6.41
C SER A 12 -5.26 -2.49 -7.35
N ASN A 13 -5.10 -2.84 -8.61
CA ASN A 13 -4.56 -1.92 -9.59
C ASN A 13 -5.67 -1.15 -10.26
N GLU A 14 -5.84 0.10 -9.84
CA GLU A 14 -6.86 1.00 -10.39
C GLU A 14 -6.61 1.26 -11.88
N LEU A 15 -5.37 1.05 -12.31
CA LEU A 15 -4.97 1.29 -13.69
C LEU A 15 -5.35 0.18 -14.66
N THR A 16 -5.34 -1.05 -14.18
CA THR A 16 -5.48 -2.21 -15.05
C THR A 16 -6.72 -3.03 -14.72
N GLY A 17 -7.25 -2.83 -13.53
CA GLY A 17 -8.39 -3.61 -13.06
C GLY A 17 -7.95 -4.91 -12.40
N GLU A 18 -6.64 -5.16 -12.39
CA GLU A 18 -6.10 -6.38 -11.79
C GLU A 18 -6.19 -6.33 -10.28
N ILE A 19 -6.20 -7.50 -9.67
CA ILE A 19 -6.27 -7.64 -8.23
C ILE A 19 -5.04 -8.42 -7.77
N TYR A 20 -4.30 -7.85 -6.85
CA TYR A 20 -3.12 -8.49 -6.27
C TYR A 20 -3.55 -9.13 -4.95
N GLY A 21 -2.63 -9.81 -4.31
CA GLY A 21 -2.97 -10.60 -3.14
C GLY A 21 -3.27 -9.84 -1.89
N PRO A 22 -4.11 -10.38 -0.99
CA PRO A 22 -3.95 -9.81 0.33
C PRO A 22 -2.61 -10.27 0.88
N ILE A 23 -1.76 -9.31 1.09
CA ILE A 23 -0.39 -9.54 1.54
C ILE A 23 -0.30 -9.38 3.04
N GLU A 24 0.55 -10.21 3.62
CA GLU A 24 0.69 -10.30 5.07
C GLU A 24 1.70 -9.27 5.55
N VAL A 25 1.19 -8.21 6.15
CA VAL A 25 2.03 -7.13 6.65
C VAL A 25 1.75 -6.89 8.12
N SER A 26 2.59 -6.10 8.77
CA SER A 26 2.44 -5.82 10.19
C SER A 26 1.98 -4.40 10.43
N GLU A 27 1.24 -4.20 11.52
CA GLU A 27 0.73 -2.87 11.88
C GLU A 27 1.85 -1.86 12.16
N ASP A 28 2.99 -2.35 12.61
CA ASP A 28 4.12 -1.51 13.01
C ASP A 28 5.13 -1.38 11.88
N MET A 29 4.79 -1.93 10.72
CA MET A 29 5.62 -1.79 9.53
C MET A 29 5.56 -0.33 9.10
N ALA A 30 6.66 0.24 8.67
CA ALA A 30 6.66 1.63 8.23
C ALA A 30 6.03 1.66 6.84
N LEU A 31 5.44 2.79 6.47
CA LEU A 31 4.89 2.96 5.12
C LEU A 31 6.02 2.81 4.10
N THR A 32 7.19 3.31 4.45
CA THR A 32 8.35 3.21 3.57
C THR A 32 8.71 1.75 3.34
N ASP A 33 8.55 0.92 4.36
CA ASP A 33 8.86 -0.50 4.27
C ASP A 33 7.78 -1.22 3.49
N LEU A 34 6.53 -0.80 3.67
CA LEU A 34 5.42 -1.35 2.89
C LEU A 34 5.68 -1.09 1.42
N ILE A 35 6.01 0.15 1.06
CA ILE A 35 6.28 0.45 -0.34
C ILE A 35 7.52 -0.29 -0.81
N ALA A 36 8.49 -0.51 0.07
CA ALA A 36 9.67 -1.29 -0.30
C ALA A 36 9.25 -2.70 -0.76
N LEU A 37 8.31 -3.30 -0.04
CA LEU A 37 7.77 -4.60 -0.41
C LEU A 37 6.95 -4.49 -1.70
N LEU A 38 6.13 -3.45 -1.81
CA LEU A 38 5.29 -3.26 -2.98
C LEU A 38 6.13 -3.08 -4.26
N GLN A 39 7.26 -2.42 -4.14
CA GLN A 39 8.18 -2.28 -5.27
C GLN A 39 8.75 -3.63 -5.71
N ALA A 40 9.01 -4.51 -4.75
CA ALA A 40 9.60 -5.81 -5.03
C ALA A 40 8.59 -6.84 -5.57
N ASP A 41 7.43 -6.91 -4.93
CA ASP A 41 6.41 -7.92 -5.26
C ASP A 41 5.36 -7.42 -6.25
N CYS A 42 4.69 -6.34 -5.89
CA CYS A 42 3.61 -5.82 -6.71
C CYS A 42 4.11 -4.99 -7.89
N GLY A 43 5.41 -4.75 -7.92
CA GLY A 43 6.02 -3.96 -8.98
C GLY A 43 5.55 -2.52 -8.92
N PHE A 44 5.15 -2.04 -7.75
CA PHE A 44 4.64 -0.69 -7.63
C PHE A 44 5.83 0.24 -7.67
N ASP A 45 6.03 0.90 -8.79
CA ASP A 45 7.11 1.85 -8.93
C ASP A 45 6.64 3.16 -8.33
N LYS A 46 7.11 3.51 -7.15
CA LYS A 46 6.63 4.70 -6.45
C LYS A 46 6.94 6.04 -7.12
N THR A 47 7.72 6.05 -8.19
CA THR A 47 7.97 7.29 -8.94
C THR A 47 7.29 7.30 -10.30
N LYS A 48 6.61 6.20 -10.64
CA LYS A 48 5.75 6.16 -11.83
C LYS A 48 4.30 5.97 -11.40
N HIS A 49 4.10 5.66 -10.13
CA HIS A 49 2.78 5.35 -9.60
C HIS A 49 2.57 5.95 -8.22
N ASP A 50 1.30 6.06 -7.82
CA ASP A 50 0.90 6.58 -6.52
C ASP A 50 0.03 5.52 -5.82
N LEU A 51 0.14 5.46 -4.50
CA LEU A 51 -0.61 4.51 -3.70
C LEU A 51 -1.73 5.28 -3.02
N TYR A 52 -2.94 4.76 -3.10
CA TYR A 52 -4.12 5.45 -2.56
C TYR A 52 -4.78 4.67 -1.44
N TYR A 53 -5.21 5.40 -0.42
CA TYR A 53 -5.95 4.84 0.71
C TYR A 53 -6.91 5.91 1.16
N ASN A 54 -8.16 5.53 1.44
CA ASN A 54 -9.21 6.47 1.86
C ASN A 54 -9.36 7.64 0.87
N MET A 55 -9.08 7.34 -0.40
CA MET A 55 -9.12 8.31 -1.52
C MET A 55 -8.11 9.46 -1.41
N ASP A 56 -7.09 9.29 -0.57
CA ASP A 56 -5.97 10.22 -0.46
C ASP A 56 -4.73 9.48 -0.94
N ILE A 57 -3.67 10.22 -1.22
CA ILE A 57 -2.42 9.63 -1.66
C ILE A 57 -1.55 9.34 -0.43
N LEU A 58 -1.07 8.12 -0.33
CA LEU A 58 -0.12 7.77 0.72
C LEU A 58 1.26 8.20 0.24
N ASP A 59 1.62 9.42 0.61
CA ASP A 59 2.89 10.00 0.21
C ASP A 59 4.04 9.14 0.75
N SER A 60 4.91 8.71 -0.15
CA SER A 60 6.03 7.85 0.18
C SER A 60 7.01 8.45 1.19
N ASN A 61 6.92 9.75 1.43
CA ASN A 61 7.81 10.41 2.39
C ASN A 61 7.26 10.36 3.81
N ARG A 62 6.05 9.82 3.98
CA ARG A 62 5.49 9.66 5.33
C ARG A 62 6.20 8.46 5.95
N THR A 63 6.95 8.68 7.02
CA THR A 63 7.69 7.61 7.69
C THR A 63 6.87 7.03 8.83
N GLN A 64 5.56 7.07 8.66
CA GLN A 64 4.64 6.60 9.70
C GLN A 64 4.51 5.10 9.60
N SER A 65 3.92 4.51 10.62
CA SER A 65 3.64 3.07 10.62
C SER A 65 2.22 2.90 10.11
N LEU A 66 1.89 1.69 9.69
CA LEU A 66 0.58 1.42 9.11
C LEU A 66 -0.53 1.64 10.13
N LYS A 67 -0.20 1.43 11.41
CA LYS A 67 -1.13 1.64 12.50
C LYS A 67 -1.60 3.07 12.61
N GLU A 68 -0.69 4.01 12.34
CA GLU A 68 -1.01 5.44 12.42
C GLU A 68 -1.93 5.85 11.28
N LEU A 69 -1.81 5.14 10.17
CA LEU A 69 -2.64 5.41 8.99
C LEU A 69 -4.03 4.83 9.22
N GLY A 70 -4.15 4.02 10.27
CA GLY A 70 -5.43 3.44 10.64
C GLY A 70 -5.75 2.21 9.83
N LEU A 71 -4.73 1.60 9.26
CA LEU A 71 -4.90 0.42 8.42
C LEU A 71 -5.20 -0.82 9.25
N LYS A 72 -6.03 -1.71 8.71
CA LYS A 72 -6.42 -2.95 9.37
C LYS A 72 -6.51 -4.02 8.29
N THR A 73 -6.76 -5.27 8.69
CA THR A 73 -6.86 -6.40 7.74
C THR A 73 -8.10 -6.38 6.83
N ASP A 74 -8.94 -5.38 7.01
CA ASP A 74 -10.20 -5.26 6.27
C ASP A 74 -10.04 -4.23 5.15
N ASP A 75 -8.83 -3.71 5.00
CA ASP A 75 -8.56 -2.65 4.03
C ASP A 75 -8.11 -3.11 2.64
N LEU A 76 -8.35 -2.23 1.68
CA LEU A 76 -7.93 -2.43 0.30
C LEU A 76 -7.22 -1.16 -0.18
N LEU A 77 -6.10 -1.35 -0.84
CA LEU A 77 -5.24 -0.26 -1.30
C LEU A 77 -5.32 -0.19 -2.83
N LEU A 78 -5.26 1.02 -3.37
CA LEU A 78 -5.37 1.22 -4.82
C LEU A 78 -4.07 1.73 -5.42
N ILE A 79 -3.78 1.27 -6.64
CA ILE A 79 -2.57 1.67 -7.37
C ILE A 79 -2.96 2.54 -8.56
N ARG A 80 -2.55 3.80 -8.56
CA ARG A 80 -2.84 4.72 -9.66
C ARG A 80 -1.51 5.14 -10.28
N GLY A 81 -1.53 5.70 -11.48
CA GLY A 81 -0.31 6.06 -12.16
C GLY A 81 -0.09 7.55 -12.20
N LYS A 82 1.19 7.90 -12.16
CA LYS A 82 1.62 9.28 -12.28
C LYS A 82 1.75 9.61 -13.77
N ILE A 83 1.60 10.88 -14.11
CA ILE A 83 1.81 11.30 -15.49
C ILE A 83 3.31 11.48 -15.65
N SER A 84 3.93 10.66 -16.49
CA SER A 84 5.39 10.68 -16.68
C SER A 84 5.90 12.04 -17.18
N ASN A 85 5.08 12.72 -17.98
CA ASN A 85 5.36 14.07 -18.47
C ASN A 85 6.79 14.29 -18.99
N SER A 86 7.14 13.60 -20.08
CA SER A 86 8.47 13.79 -20.70
C SER A 86 8.73 15.23 -21.17
N HIS A 1 -7.36 -20.98 12.68
CA HIS A 1 -6.06 -20.96 13.37
C HIS A 1 -5.84 -19.68 14.18
N ILE A 2 -4.62 -19.53 14.70
CA ILE A 2 -4.20 -18.34 15.43
C ILE A 2 -2.74 -18.15 15.02
N GLU A 3 -2.38 -16.94 14.64
CA GLU A 3 -1.09 -16.67 14.00
C GLU A 3 -0.44 -15.40 14.57
N GLY A 4 0.59 -14.89 13.90
CA GLY A 4 1.33 -13.75 14.40
C GLY A 4 0.64 -12.41 14.21
N ARG A 5 1.32 -11.33 14.60
CA ARG A 5 0.77 -9.97 14.45
C ARG A 5 0.85 -9.50 13.01
N HIS A 6 -0.10 -9.92 12.21
CA HIS A 6 -0.20 -9.52 10.82
C HIS A 6 -1.62 -9.10 10.54
N MET A 7 -1.77 -8.30 9.51
CA MET A 7 -3.06 -7.93 8.97
C MET A 7 -2.86 -8.09 7.48
N ASP A 8 -3.93 -8.45 6.80
CA ASP A 8 -3.85 -8.77 5.38
C ASP A 8 -4.44 -7.61 4.61
N LEU A 9 -3.61 -6.92 3.84
CA LEU A 9 -4.09 -5.79 3.05
C LEU A 9 -4.11 -6.26 1.63
N THR A 10 -5.20 -5.96 0.96
CA THR A 10 -5.37 -6.39 -0.42
C THR A 10 -5.00 -5.23 -1.32
N ILE A 11 -4.25 -5.53 -2.37
CA ILE A 11 -3.74 -4.49 -3.26
C ILE A 11 -4.47 -4.60 -4.60
N SER A 12 -4.91 -3.47 -5.14
CA SER A 12 -5.61 -3.47 -6.43
C SER A 12 -5.11 -2.37 -7.35
N ASN A 13 -4.80 -2.74 -8.58
CA ASN A 13 -4.30 -1.82 -9.57
C ASN A 13 -5.39 -1.08 -10.31
N GLU A 14 -5.52 0.21 -10.03
CA GLU A 14 -6.54 1.03 -10.69
C GLU A 14 -6.21 1.26 -12.17
N LEU A 15 -4.96 1.05 -12.56
CA LEU A 15 -4.56 1.26 -13.96
C LEU A 15 -4.90 0.06 -14.83
N THR A 16 -4.68 -1.13 -14.31
CA THR A 16 -4.81 -2.35 -15.11
C THR A 16 -6.04 -3.17 -14.77
N GLY A 17 -6.64 -2.90 -13.62
CA GLY A 17 -7.79 -3.66 -13.15
C GLY A 17 -7.38 -4.91 -12.41
N GLU A 18 -6.09 -5.19 -12.35
CA GLU A 18 -5.58 -6.40 -11.71
C GLU A 18 -5.73 -6.38 -10.21
N ILE A 19 -5.92 -7.56 -9.66
CA ILE A 19 -6.04 -7.76 -8.22
C ILE A 19 -4.79 -8.48 -7.77
N TYR A 20 -4.07 -7.86 -6.85
CA TYR A 20 -2.85 -8.43 -6.30
C TYR A 20 -3.23 -9.03 -4.96
N GLY A 21 -2.30 -9.73 -4.33
CA GLY A 21 -2.64 -10.55 -3.18
C GLY A 21 -2.99 -9.86 -1.91
N PRO A 22 -3.83 -10.51 -1.07
CA PRO A 22 -3.72 -9.99 0.27
C PRO A 22 -2.40 -10.42 0.83
N ILE A 23 -1.66 -9.40 1.16
CA ILE A 23 -0.29 -9.55 1.63
C ILE A 23 -0.21 -9.38 3.13
N GLU A 24 0.69 -10.15 3.71
CA GLU A 24 0.84 -10.22 5.16
C GLU A 24 1.77 -9.12 5.61
N VAL A 25 1.21 -8.08 6.21
CA VAL A 25 1.99 -6.96 6.70
C VAL A 25 1.69 -6.74 8.15
N SER A 26 2.54 -6.00 8.83
CA SER A 26 2.38 -5.77 10.26
C SER A 26 1.91 -4.37 10.54
N GLU A 27 1.18 -4.22 11.63
CA GLU A 27 0.70 -2.92 12.10
C GLU A 27 1.85 -1.92 12.34
N ASP A 28 3.01 -2.44 12.71
CA ASP A 28 4.16 -1.61 13.09
C ASP A 28 5.12 -1.42 11.92
N MET A 29 4.76 -1.95 10.76
CA MET A 29 5.57 -1.80 9.56
C MET A 29 5.51 -0.34 9.14
N ALA A 30 6.60 0.21 8.62
CA ALA A 30 6.56 1.59 8.16
C ALA A 30 5.85 1.64 6.81
N LEU A 31 5.29 2.79 6.49
CA LEU A 31 4.68 3.03 5.18
C LEU A 31 5.73 2.84 4.12
N THR A 32 6.93 3.31 4.39
CA THR A 32 8.01 3.19 3.43
C THR A 32 8.37 1.73 3.19
N ASP A 33 8.24 0.91 4.23
CA ASP A 33 8.60 -0.51 4.16
C ASP A 33 7.53 -1.27 3.40
N LEU A 34 6.28 -0.86 3.57
CA LEU A 34 5.18 -1.43 2.80
C LEU A 34 5.48 -1.22 1.32
N ILE A 35 5.86 -0.01 0.96
CA ILE A 35 6.16 0.30 -0.44
C ILE A 35 7.42 -0.44 -0.88
N ALA A 36 8.36 -0.65 0.02
CA ALA A 36 9.54 -1.44 -0.32
C ALA A 36 9.11 -2.85 -0.78
N LEU A 37 8.14 -3.44 -0.11
CA LEU A 37 7.60 -4.73 -0.52
C LEU A 37 6.81 -4.60 -1.82
N LEU A 38 6.01 -3.55 -1.94
CA LEU A 38 5.19 -3.35 -3.14
C LEU A 38 6.04 -3.17 -4.39
N GLN A 39 7.20 -2.53 -4.25
CA GLN A 39 8.14 -2.39 -5.36
C GLN A 39 8.70 -3.74 -5.78
N ALA A 40 8.92 -4.63 -4.82
CA ALA A 40 9.50 -5.94 -5.10
C ALA A 40 8.48 -6.95 -5.66
N ASP A 41 7.29 -6.97 -5.09
CA ASP A 41 6.26 -7.96 -5.46
C ASP A 41 5.26 -7.43 -6.48
N CYS A 42 4.60 -6.34 -6.14
CA CYS A 42 3.54 -5.79 -6.98
C CYS A 42 4.09 -4.96 -8.14
N GLY A 43 5.40 -4.71 -8.13
CA GLY A 43 6.02 -3.89 -9.16
C GLY A 43 5.57 -2.44 -9.09
N PHE A 44 5.16 -2.00 -7.91
CA PHE A 44 4.65 -0.65 -7.75
C PHE A 44 5.82 0.33 -7.78
N ASP A 45 5.99 1.03 -8.90
CA ASP A 45 7.05 2.02 -9.01
C ASP A 45 6.57 3.32 -8.38
N LYS A 46 7.01 3.59 -7.15
CA LYS A 46 6.59 4.80 -6.44
C LYS A 46 6.97 6.12 -7.11
N THR A 47 7.78 6.08 -8.16
CA THR A 47 8.14 7.30 -8.88
C THR A 47 7.19 7.59 -10.05
N LYS A 48 6.44 6.58 -10.47
CA LYS A 48 5.53 6.74 -11.61
C LYS A 48 4.09 6.61 -11.13
N HIS A 49 3.97 6.01 -9.96
CA HIS A 49 2.69 5.64 -9.39
C HIS A 49 2.59 6.09 -7.94
N ASP A 50 1.38 6.20 -7.44
CA ASP A 50 1.11 6.58 -6.05
C ASP A 50 0.21 5.54 -5.41
N LEU A 51 0.34 5.39 -4.10
CA LEU A 51 -0.46 4.45 -3.33
C LEU A 51 -1.60 5.23 -2.72
N TYR A 52 -2.81 4.72 -2.79
CA TYR A 52 -3.99 5.41 -2.28
C TYR A 52 -4.70 4.59 -1.21
N TYR A 53 -5.15 5.30 -0.18
CA TYR A 53 -5.95 4.71 0.90
C TYR A 53 -7.03 5.72 1.23
N ASN A 54 -8.26 5.27 1.35
CA ASN A 54 -9.42 6.14 1.60
C ASN A 54 -9.50 7.26 0.54
N MET A 55 -9.01 6.93 -0.66
CA MET A 55 -8.94 7.83 -1.82
C MET A 55 -8.03 9.06 -1.63
N ASP A 56 -7.18 9.03 -0.62
CA ASP A 56 -6.14 10.05 -0.43
C ASP A 56 -4.81 9.40 -0.77
N ILE A 57 -3.81 10.23 -0.99
CA ILE A 57 -2.48 9.77 -1.40
C ILE A 57 -1.64 9.42 -0.19
N LEU A 58 -1.14 8.20 -0.14
CA LEU A 58 -0.15 7.82 0.87
C LEU A 58 1.21 8.13 0.27
N ASP A 59 1.63 9.37 0.47
CA ASP A 59 2.90 9.85 -0.08
C ASP A 59 4.05 8.96 0.41
N SER A 60 4.87 8.51 -0.53
CA SER A 60 5.91 7.53 -0.25
C SER A 60 7.04 8.04 0.65
N ASN A 61 7.04 9.32 0.97
CA ASN A 61 8.05 9.90 1.86
C ASN A 61 7.56 9.96 3.30
N ARG A 62 6.33 9.50 3.56
CA ARG A 62 5.80 9.47 4.93
C ARG A 62 6.46 8.32 5.67
N THR A 63 7.16 8.62 6.76
CA THR A 63 7.86 7.60 7.54
C THR A 63 7.00 7.11 8.69
N GLN A 64 5.69 7.15 8.49
CA GLN A 64 4.74 6.73 9.51
C GLN A 64 4.64 5.22 9.52
N SER A 65 4.00 4.66 10.54
CA SER A 65 3.72 3.23 10.60
C SER A 65 2.30 3.02 10.10
N LEU A 66 1.99 1.82 9.66
CA LEU A 66 0.66 1.52 9.11
C LEU A 66 -0.43 1.73 10.17
N LYS A 67 -0.05 1.52 11.42
CA LYS A 67 -0.91 1.78 12.57
C LYS A 67 -1.39 3.23 12.64
N GLU A 68 -0.51 4.17 12.31
CA GLU A 68 -0.83 5.59 12.39
C GLU A 68 -1.73 6.02 11.24
N LEU A 69 -1.70 5.23 10.18
CA LEU A 69 -2.53 5.49 9.00
C LEU A 69 -3.92 4.91 9.23
N GLY A 70 -4.06 4.09 10.27
CA GLY A 70 -5.34 3.49 10.61
C GLY A 70 -5.65 2.29 9.74
N LEU A 71 -4.61 1.64 9.24
CA LEU A 71 -4.78 0.47 8.38
C LEU A 71 -5.09 -0.78 9.19
N LYS A 72 -5.87 -1.67 8.59
CA LYS A 72 -6.38 -2.89 9.23
C LYS A 72 -6.48 -3.97 8.16
N THR A 73 -6.76 -5.19 8.59
CA THR A 73 -6.86 -6.35 7.68
C THR A 73 -8.09 -6.31 6.76
N ASP A 74 -8.92 -5.31 6.95
CA ASP A 74 -10.16 -5.18 6.21
C ASP A 74 -9.98 -4.21 5.04
N ASP A 75 -8.77 -3.71 4.90
CA ASP A 75 -8.50 -2.65 3.91
C ASP A 75 -8.07 -3.09 2.51
N LEU A 76 -8.50 -2.26 1.55
CA LEU A 76 -8.11 -2.38 0.15
C LEU A 76 -7.29 -1.15 -0.21
N LEU A 77 -6.12 -1.38 -0.79
CA LEU A 77 -5.21 -0.30 -1.16
C LEU A 77 -5.19 -0.21 -2.68
N LEU A 78 -5.20 1.01 -3.20
CA LEU A 78 -5.25 1.20 -4.66
C LEU A 78 -3.93 1.73 -5.19
N ILE A 79 -3.57 1.26 -6.38
CA ILE A 79 -2.36 1.73 -7.07
C ILE A 79 -2.82 2.65 -8.18
N ARG A 80 -2.38 3.90 -8.18
CA ARG A 80 -2.76 4.85 -9.23
C ARG A 80 -1.56 5.44 -9.91
N GLY A 81 -1.78 6.09 -11.05
CA GLY A 81 -0.70 6.66 -11.81
C GLY A 81 -0.60 8.14 -11.52
N LYS A 82 0.63 8.61 -11.41
CA LYS A 82 0.90 10.03 -11.14
C LYS A 82 0.60 10.90 -12.34
N ILE A 83 0.71 10.31 -13.51
CA ILE A 83 0.50 11.00 -14.78
C ILE A 83 -0.99 11.32 -14.95
N SER A 84 -1.38 12.49 -14.46
CA SER A 84 -2.78 12.90 -14.41
C SER A 84 -3.11 14.01 -15.41
N ASN A 85 -2.17 14.35 -16.27
CA ASN A 85 -2.37 15.41 -17.24
C ASN A 85 -1.84 15.01 -18.62
N SER A 86 -2.55 15.41 -19.67
CA SER A 86 -2.12 15.15 -21.05
C SER A 86 -0.94 16.05 -21.44
N HIS A 1 -10.64 -9.03 12.03
CA HIS A 1 -11.66 -9.83 12.79
C HIS A 1 -11.07 -10.87 13.73
N ILE A 2 -9.74 -10.86 13.80
CA ILE A 2 -8.95 -11.71 14.68
C ILE A 2 -7.95 -10.80 15.38
N GLU A 3 -7.41 -11.24 16.51
CA GLU A 3 -6.45 -10.45 17.26
C GLU A 3 -5.02 -10.76 16.83
N GLY A 4 -4.23 -9.72 16.58
CA GLY A 4 -2.84 -9.92 16.23
C GLY A 4 -2.23 -8.65 15.66
N ARG A 5 -0.89 -8.59 15.60
CA ARG A 5 -0.19 -7.42 15.06
C ARG A 5 0.01 -7.54 13.55
N HIS A 6 -0.56 -8.57 12.98
CA HIS A 6 -0.39 -8.88 11.56
C HIS A 6 -1.75 -8.76 10.91
N MET A 7 -1.79 -8.27 9.69
CA MET A 7 -3.03 -8.02 8.99
C MET A 7 -2.86 -8.28 7.50
N ASP A 8 -3.97 -8.57 6.84
CA ASP A 8 -3.98 -8.82 5.41
C ASP A 8 -4.46 -7.57 4.70
N LEU A 9 -3.66 -7.05 3.79
CA LEU A 9 -4.05 -5.89 2.99
C LEU A 9 -4.13 -6.30 1.55
N THR A 10 -5.25 -6.03 0.93
CA THR A 10 -5.45 -6.43 -0.47
C THR A 10 -5.04 -5.28 -1.36
N ILE A 11 -4.33 -5.59 -2.43
CA ILE A 11 -3.79 -4.56 -3.32
C ILE A 11 -4.49 -4.66 -4.66
N SER A 12 -5.00 -3.55 -5.15
CA SER A 12 -5.75 -3.52 -6.41
C SER A 12 -5.25 -2.42 -7.35
N ASN A 13 -5.00 -2.77 -8.59
CA ASN A 13 -4.50 -1.83 -9.56
C ASN A 13 -5.59 -1.02 -10.28
N GLU A 14 -5.56 0.30 -10.11
CA GLU A 14 -6.50 1.20 -10.78
C GLU A 14 -6.20 1.30 -12.28
N LEU A 15 -4.96 0.99 -12.66
CA LEU A 15 -4.55 1.13 -14.05
C LEU A 15 -4.85 -0.10 -14.90
N THR A 16 -4.60 -1.27 -14.34
CA THR A 16 -4.69 -2.51 -15.11
C THR A 16 -5.90 -3.34 -14.74
N GLY A 17 -6.50 -3.04 -13.60
CA GLY A 17 -7.63 -3.81 -13.11
C GLY A 17 -7.18 -5.08 -12.40
N GLU A 18 -5.89 -5.33 -12.36
CA GLU A 18 -5.36 -6.54 -11.73
C GLU A 18 -5.53 -6.51 -10.23
N ILE A 19 -5.75 -7.68 -9.67
CA ILE A 19 -5.93 -7.85 -8.23
C ILE A 19 -4.73 -8.62 -7.71
N TYR A 20 -3.97 -7.99 -6.83
CA TYR A 20 -2.82 -8.61 -6.20
C TYR A 20 -3.31 -9.16 -4.87
N GLY A 21 -2.47 -9.94 -4.21
CA GLY A 21 -2.90 -10.69 -3.05
C GLY A 21 -3.22 -9.93 -1.81
N PRO A 22 -4.07 -10.49 -0.94
CA PRO A 22 -3.95 -9.91 0.39
C PRO A 22 -2.60 -10.34 0.95
N ILE A 23 -1.78 -9.34 1.18
CA ILE A 23 -0.42 -9.56 1.66
C ILE A 23 -0.37 -9.35 3.16
N GLU A 24 0.37 -10.22 3.82
CA GLU A 24 0.45 -10.27 5.26
C GLU A 24 1.51 -9.29 5.75
N VAL A 25 1.05 -8.19 6.29
CA VAL A 25 1.93 -7.11 6.77
C VAL A 25 1.64 -6.81 8.22
N SER A 26 2.53 -6.08 8.86
CA SER A 26 2.39 -5.78 10.28
C SER A 26 1.99 -4.34 10.55
N GLU A 27 1.28 -4.12 11.63
CA GLU A 27 0.82 -2.77 12.00
C GLU A 27 2.01 -1.83 12.30
N ASP A 28 3.12 -2.42 12.71
CA ASP A 28 4.32 -1.68 13.10
C ASP A 28 5.29 -1.53 11.92
N MET A 29 4.90 -2.03 10.77
CA MET A 29 5.69 -1.88 9.55
C MET A 29 5.62 -0.40 9.15
N ALA A 30 6.70 0.15 8.62
CA ALA A 30 6.67 1.54 8.19
C ALA A 30 5.94 1.65 6.85
N LEU A 31 5.43 2.84 6.56
CA LEU A 31 4.82 3.12 5.27
C LEU A 31 5.85 2.89 4.18
N THR A 32 7.07 3.32 4.44
CA THR A 32 8.13 3.18 3.46
C THR A 32 8.44 1.70 3.21
N ASP A 33 8.29 0.88 4.24
CA ASP A 33 8.62 -0.54 4.14
C ASP A 33 7.54 -1.27 3.37
N LEU A 34 6.29 -0.85 3.56
CA LEU A 34 5.19 -1.40 2.77
C LEU A 34 5.46 -1.13 1.30
N ILE A 35 5.89 0.08 0.99
CA ILE A 35 6.18 0.42 -0.41
C ILE A 35 7.43 -0.31 -0.88
N ALA A 36 8.37 -0.57 0.01
CA ALA A 36 9.53 -1.38 -0.35
C ALA A 36 9.08 -2.77 -0.84
N LEU A 37 8.08 -3.34 -0.18
CA LEU A 37 7.51 -4.61 -0.62
C LEU A 37 6.75 -4.45 -1.93
N LEU A 38 5.99 -3.36 -2.05
CA LEU A 38 5.21 -3.12 -3.27
C LEU A 38 6.12 -2.91 -4.48
N GLN A 39 7.28 -2.28 -4.28
CA GLN A 39 8.27 -2.10 -5.35
C GLN A 39 8.81 -3.45 -5.81
N ALA A 40 8.97 -4.39 -4.89
CA ALA A 40 9.51 -5.70 -5.22
C ALA A 40 8.48 -6.64 -5.86
N ASP A 41 7.28 -6.69 -5.28
CA ASP A 41 6.23 -7.63 -5.69
C ASP A 41 5.29 -7.06 -6.76
N CYS A 42 4.65 -5.94 -6.42
CA CYS A 42 3.66 -5.33 -7.31
C CYS A 42 4.31 -4.49 -8.41
N GLY A 43 5.61 -4.31 -8.33
CA GLY A 43 6.33 -3.49 -9.29
C GLY A 43 5.92 -2.03 -9.17
N PHE A 44 5.46 -1.63 -7.99
CA PHE A 44 4.97 -0.28 -7.81
C PHE A 44 6.16 0.66 -7.74
N ASP A 45 6.39 1.41 -8.80
CA ASP A 45 7.45 2.40 -8.83
C ASP A 45 6.91 3.65 -8.16
N LYS A 46 7.38 3.96 -6.96
CA LYS A 46 6.85 5.08 -6.17
C LYS A 46 6.93 6.49 -6.79
N THR A 47 7.64 6.67 -7.90
CA THR A 47 7.68 7.98 -8.55
C THR A 47 6.98 7.98 -9.89
N LYS A 48 6.63 6.80 -10.41
CA LYS A 48 5.82 6.70 -11.63
C LYS A 48 4.39 6.37 -11.26
N HIS A 49 4.20 5.97 -10.02
CA HIS A 49 2.90 5.53 -9.52
C HIS A 49 2.57 6.18 -8.18
N ASP A 50 1.29 6.14 -7.82
CA ASP A 50 0.80 6.72 -6.58
C ASP A 50 0.05 5.64 -5.82
N LEU A 51 0.15 5.65 -4.50
CA LEU A 51 -0.55 4.68 -3.66
C LEU A 51 -1.71 5.44 -3.01
N TYR A 52 -2.90 4.89 -3.11
CA TYR A 52 -4.10 5.54 -2.62
C TYR A 52 -4.74 4.76 -1.49
N TYR A 53 -5.20 5.48 -0.48
CA TYR A 53 -5.92 4.91 0.64
C TYR A 53 -6.94 5.93 1.11
N ASN A 54 -8.15 5.46 1.43
CA ASN A 54 -9.24 6.33 1.90
C ASN A 54 -9.44 7.54 0.96
N MET A 55 -9.35 7.27 -0.33
CA MET A 55 -9.52 8.26 -1.42
C MET A 55 -8.52 9.42 -1.41
N ASP A 56 -7.39 9.24 -0.72
CA ASP A 56 -6.32 10.24 -0.66
C ASP A 56 -5.01 9.55 -1.03
N ILE A 57 -3.98 10.34 -1.31
CA ILE A 57 -2.68 9.81 -1.73
C ILE A 57 -1.78 9.61 -0.51
N LEU A 58 -1.23 8.42 -0.37
CA LEU A 58 -0.25 8.15 0.67
C LEU A 58 1.10 8.62 0.15
N ASP A 59 1.60 9.70 0.72
CA ASP A 59 2.89 10.24 0.32
C ASP A 59 3.97 9.22 0.70
N SER A 60 4.71 8.77 -0.31
CA SER A 60 5.70 7.70 -0.15
C SER A 60 6.88 8.04 0.77
N ASN A 61 6.99 9.29 1.19
CA ASN A 61 8.13 9.71 2.02
C ASN A 61 7.77 9.77 3.50
N ARG A 62 6.52 9.46 3.85
CA ARG A 62 6.12 9.47 5.27
C ARG A 62 6.80 8.31 5.97
N THR A 63 7.34 8.55 7.15
CA THR A 63 8.01 7.51 7.92
C THR A 63 7.10 7.00 9.03
N GLN A 64 5.79 7.10 8.80
CA GLN A 64 4.81 6.64 9.77
C GLN A 64 4.70 5.13 9.70
N SER A 65 4.04 4.53 10.68
CA SER A 65 3.77 3.10 10.68
C SER A 65 2.36 2.89 10.15
N LEU A 66 2.05 1.70 9.69
CA LEU A 66 0.74 1.42 9.12
C LEU A 66 -0.39 1.64 10.13
N LYS A 67 -0.07 1.43 11.41
CA LYS A 67 -0.98 1.69 12.50
C LYS A 67 -1.47 3.14 12.52
N GLU A 68 -0.59 4.08 12.21
CA GLU A 68 -0.93 5.50 12.25
C GLU A 68 -1.83 5.86 11.09
N LEU A 69 -1.71 5.11 10.00
CA LEU A 69 -2.49 5.36 8.81
C LEU A 69 -3.90 4.81 8.96
N GLY A 70 -4.10 3.99 9.98
CA GLY A 70 -5.41 3.42 10.27
C GLY A 70 -5.69 2.16 9.50
N LEU A 71 -4.64 1.60 8.90
CA LEU A 71 -4.78 0.39 8.10
C LEU A 71 -5.15 -0.80 8.97
N LYS A 72 -5.94 -1.70 8.41
CA LYS A 72 -6.49 -2.85 9.13
C LYS A 72 -6.60 -4.03 8.18
N THR A 73 -6.81 -5.22 8.73
CA THR A 73 -6.94 -6.46 7.94
C THR A 73 -8.25 -6.54 7.14
N ASP A 74 -9.04 -5.49 7.29
CA ASP A 74 -10.37 -5.39 6.73
C ASP A 74 -10.33 -4.33 5.62
N ASP A 75 -9.12 -3.98 5.21
CA ASP A 75 -8.92 -2.90 4.21
C ASP A 75 -8.24 -3.25 2.89
N LEU A 76 -8.31 -2.30 1.95
CA LEU A 76 -7.81 -2.47 0.58
C LEU A 76 -7.08 -1.21 0.09
N LEU A 77 -6.00 -1.39 -0.67
CA LEU A 77 -5.19 -0.30 -1.20
C LEU A 77 -5.30 -0.23 -2.72
N LEU A 78 -5.21 0.98 -3.27
CA LEU A 78 -5.28 1.17 -4.73
C LEU A 78 -3.95 1.66 -5.29
N ILE A 79 -3.59 1.14 -6.46
CA ILE A 79 -2.36 1.54 -7.16
C ILE A 79 -2.73 2.37 -8.37
N ARG A 80 -2.26 3.61 -8.42
CA ARG A 80 -2.54 4.49 -9.55
C ARG A 80 -1.26 4.89 -10.24
N GLY A 81 -1.36 5.53 -11.39
CA GLY A 81 -0.18 6.02 -12.09
C GLY A 81 -0.15 7.52 -11.97
N LYS A 82 1.05 8.06 -11.90
CA LYS A 82 1.23 9.51 -11.83
C LYS A 82 0.85 10.08 -13.18
N ILE A 83 -0.01 11.08 -13.20
CA ILE A 83 -0.46 11.71 -14.45
C ILE A 83 0.74 12.32 -15.16
N SER A 84 1.70 12.80 -14.37
CA SER A 84 2.99 13.31 -14.86
C SER A 84 2.86 14.44 -15.89
N ASN A 85 3.02 14.12 -17.18
CA ASN A 85 2.95 15.11 -18.25
C ASN A 85 2.61 14.35 -19.52
N SER A 86 2.28 15.08 -20.59
CA SER A 86 1.97 14.49 -21.90
C SER A 86 2.26 15.47 -23.03
N HIS A 1 -9.48 -11.16 17.24
CA HIS A 1 -10.31 -9.98 17.58
C HIS A 1 -9.80 -8.69 16.94
N ILE A 2 -9.14 -8.91 15.79
CA ILE A 2 -8.48 -7.88 14.97
C ILE A 2 -7.46 -7.18 15.89
N GLU A 3 -6.67 -8.00 16.56
CA GLU A 3 -5.73 -7.54 17.58
C GLU A 3 -4.43 -6.96 17.00
N GLY A 4 -4.45 -6.62 15.72
CA GLY A 4 -3.25 -6.13 15.07
C GLY A 4 -2.28 -7.25 14.83
N ARG A 5 -1.01 -7.03 15.19
CA ARG A 5 0.12 -7.97 15.00
C ARG A 5 0.45 -8.29 13.54
N HIS A 6 -0.49 -8.85 12.82
CA HIS A 6 -0.34 -9.13 11.39
C HIS A 6 -1.70 -8.93 10.78
N MET A 7 -1.74 -8.30 9.63
CA MET A 7 -2.98 -7.98 8.94
C MET A 7 -2.78 -8.22 7.46
N ASP A 8 -3.88 -8.53 6.79
CA ASP A 8 -3.85 -8.85 5.37
C ASP A 8 -4.33 -7.63 4.61
N LEU A 9 -3.47 -7.03 3.81
CA LEU A 9 -3.87 -5.86 3.02
C LEU A 9 -3.99 -6.24 1.59
N THR A 10 -5.15 -5.99 1.02
CA THR A 10 -5.41 -6.37 -0.38
C THR A 10 -4.97 -5.24 -1.27
N ILE A 11 -4.23 -5.56 -2.30
CA ILE A 11 -3.68 -4.54 -3.20
C ILE A 11 -4.41 -4.64 -4.53
N SER A 12 -4.79 -3.52 -5.12
CA SER A 12 -5.47 -3.53 -6.41
C SER A 12 -4.97 -2.39 -7.29
N ASN A 13 -4.70 -2.70 -8.56
CA ASN A 13 -4.21 -1.71 -9.48
C ASN A 13 -5.31 -0.94 -10.19
N GLU A 14 -5.37 0.36 -9.96
CA GLU A 14 -6.35 1.21 -10.64
C GLU A 14 -5.97 1.36 -12.11
N LEU A 15 -4.69 1.15 -12.40
CA LEU A 15 -4.17 1.33 -13.76
C LEU A 15 -4.49 0.19 -14.71
N THR A 16 -4.45 -1.03 -14.18
CA THR A 16 -4.56 -2.23 -15.02
C THR A 16 -5.76 -3.10 -14.68
N GLY A 17 -6.34 -2.86 -13.51
CA GLY A 17 -7.46 -3.66 -13.04
C GLY A 17 -7.01 -4.94 -12.37
N GLU A 18 -5.71 -5.14 -12.28
CA GLU A 18 -5.16 -6.36 -11.67
C GLU A 18 -5.38 -6.35 -10.16
N ILE A 19 -5.90 -7.44 -9.64
CA ILE A 19 -6.09 -7.59 -8.20
C ILE A 19 -4.92 -8.42 -7.71
N TYR A 20 -4.17 -7.86 -6.77
CA TYR A 20 -3.01 -8.52 -6.19
C TYR A 20 -3.44 -9.10 -4.85
N GLY A 21 -2.54 -9.82 -4.20
CA GLY A 21 -2.91 -10.59 -3.03
C GLY A 21 -3.19 -9.82 -1.78
N PRO A 22 -4.02 -10.38 -0.89
CA PRO A 22 -3.86 -9.79 0.43
C PRO A 22 -2.52 -10.24 0.98
N ILE A 23 -1.67 -9.28 1.19
CA ILE A 23 -0.32 -9.52 1.66
C ILE A 23 -0.26 -9.33 3.16
N GLU A 24 0.49 -10.23 3.78
CA GLU A 24 0.57 -10.32 5.23
C GLU A 24 1.64 -9.38 5.75
N VAL A 25 1.20 -8.28 6.33
CA VAL A 25 2.08 -7.23 6.82
C VAL A 25 1.76 -6.92 8.28
N SER A 26 2.66 -6.20 8.94
CA SER A 26 2.46 -5.85 10.34
C SER A 26 2.02 -4.42 10.49
N GLU A 27 1.28 -4.14 11.55
CA GLU A 27 0.74 -2.79 11.78
C GLU A 27 1.84 -1.77 12.11
N ASP A 28 2.96 -2.25 12.62
CA ASP A 28 4.07 -1.39 13.00
C ASP A 28 5.04 -1.17 11.84
N MET A 29 4.77 -1.84 10.72
CA MET A 29 5.61 -1.71 9.54
C MET A 29 5.55 -0.27 9.07
N ALA A 30 6.67 0.26 8.60
CA ALA A 30 6.67 1.63 8.12
C ALA A 30 5.94 1.68 6.77
N LEU A 31 5.36 2.82 6.45
CA LEU A 31 4.71 3.04 5.17
C LEU A 31 5.74 2.84 4.07
N THR A 32 6.96 3.31 4.31
CA THR A 32 8.00 3.18 3.31
C THR A 32 8.36 1.72 3.07
N ASP A 33 8.28 0.91 4.12
CA ASP A 33 8.65 -0.51 4.06
C ASP A 33 7.56 -1.29 3.34
N LEU A 34 6.31 -0.90 3.56
CA LEU A 34 5.20 -1.50 2.82
C LEU A 34 5.43 -1.26 1.34
N ILE A 35 5.79 -0.04 0.98
CA ILE A 35 6.07 0.29 -0.41
C ILE A 35 7.26 -0.51 -0.91
N ALA A 36 8.26 -0.70 -0.08
CA ALA A 36 9.43 -1.49 -0.49
C ALA A 36 9.00 -2.90 -0.95
N LEU A 37 8.03 -3.49 -0.25
CA LEU A 37 7.49 -4.79 -0.66
C LEU A 37 6.68 -4.65 -1.95
N LEU A 38 5.90 -3.58 -2.06
CA LEU A 38 5.10 -3.34 -3.25
C LEU A 38 5.97 -3.11 -4.48
N GLN A 39 7.14 -2.52 -4.30
CA GLN A 39 8.08 -2.31 -5.39
C GLN A 39 8.59 -3.65 -5.92
N ALA A 40 8.77 -4.61 -5.02
CA ALA A 40 9.30 -5.92 -5.40
C ALA A 40 8.25 -6.83 -6.03
N ASP A 41 7.06 -6.89 -5.42
CA ASP A 41 6.00 -7.81 -5.86
C ASP A 41 5.03 -7.18 -6.85
N CYS A 42 4.40 -6.08 -6.44
CA CYS A 42 3.38 -5.44 -7.25
C CYS A 42 3.96 -4.56 -8.35
N GLY A 43 5.28 -4.41 -8.36
CA GLY A 43 5.94 -3.57 -9.35
C GLY A 43 5.58 -2.11 -9.16
N PHE A 44 5.17 -1.75 -7.95
CA PHE A 44 4.74 -0.40 -7.68
C PHE A 44 5.98 0.44 -7.50
N ASP A 45 6.33 1.23 -8.50
CA ASP A 45 7.47 2.12 -8.39
C ASP A 45 6.96 3.43 -7.83
N LYS A 46 7.36 3.77 -6.62
CA LYS A 46 6.88 5.00 -5.97
C LYS A 46 7.26 6.29 -6.71
N THR A 47 8.14 6.21 -7.69
CA THR A 47 8.46 7.39 -8.50
C THR A 47 7.49 7.56 -9.67
N LYS A 48 6.93 6.46 -10.15
CA LYS A 48 6.02 6.49 -11.30
C LYS A 48 4.58 6.45 -10.84
N HIS A 49 4.39 5.90 -9.66
CA HIS A 49 3.05 5.58 -9.15
C HIS A 49 2.86 6.12 -7.75
N ASP A 50 1.61 6.24 -7.33
CA ASP A 50 1.25 6.69 -5.99
C ASP A 50 0.32 5.66 -5.36
N LEU A 51 0.38 5.53 -4.04
CA LEU A 51 -0.43 4.58 -3.30
C LEU A 51 -1.62 5.35 -2.75
N TYR A 52 -2.82 4.80 -2.89
CA TYR A 52 -4.04 5.48 -2.47
C TYR A 52 -4.78 4.66 -1.42
N TYR A 53 -5.32 5.36 -0.43
CA TYR A 53 -6.14 4.74 0.61
C TYR A 53 -7.20 5.74 1.03
N ASN A 54 -8.43 5.29 1.20
CA ASN A 54 -9.56 6.16 1.58
C ASN A 54 -9.67 7.37 0.64
N MET A 55 -9.37 7.13 -0.63
CA MET A 55 -9.39 8.14 -1.70
C MET A 55 -8.43 9.33 -1.48
N ASP A 56 -7.41 9.12 -0.64
CA ASP A 56 -6.35 10.11 -0.42
C ASP A 56 -5.04 9.44 -0.80
N ILE A 57 -3.99 10.24 -0.95
CA ILE A 57 -2.68 9.74 -1.36
C ILE A 57 -1.84 9.41 -0.12
N LEU A 58 -1.35 8.19 -0.05
CA LEU A 58 -0.38 7.82 0.98
C LEU A 58 0.97 8.18 0.40
N ASP A 59 1.40 9.40 0.70
CA ASP A 59 2.66 9.92 0.16
C ASP A 59 3.82 9.00 0.56
N SER A 60 4.64 8.69 -0.42
CA SER A 60 5.73 7.73 -0.26
C SER A 60 6.87 8.19 0.65
N ASN A 61 6.85 9.46 1.07
CA ASN A 61 7.88 9.97 1.97
C ASN A 61 7.42 9.94 3.43
N ARG A 62 6.17 9.55 3.67
CA ARG A 62 5.69 9.41 5.05
C ARG A 62 6.44 8.25 5.70
N THR A 63 7.04 8.49 6.84
CA THR A 63 7.80 7.45 7.55
C THR A 63 6.98 6.94 8.73
N GLN A 64 5.67 7.05 8.60
CA GLN A 64 4.75 6.63 9.65
C GLN A 64 4.59 5.13 9.59
N SER A 65 3.99 4.55 10.62
CA SER A 65 3.69 3.13 10.64
C SER A 65 2.28 2.95 10.12
N LEU A 66 1.96 1.76 9.66
CA LEU A 66 0.64 1.48 9.09
C LEU A 66 -0.48 1.72 10.11
N LYS A 67 -0.16 1.50 11.38
CA LYS A 67 -1.06 1.78 12.48
C LYS A 67 -1.54 3.23 12.52
N GLU A 68 -0.64 4.15 12.24
CA GLU A 68 -0.95 5.59 12.28
C GLU A 68 -1.87 5.95 11.13
N LEU A 69 -1.75 5.21 10.03
CA LEU A 69 -2.56 5.45 8.85
C LEU A 69 -3.96 4.86 9.06
N GLY A 70 -4.10 4.11 10.14
CA GLY A 70 -5.38 3.52 10.51
C GLY A 70 -5.69 2.25 9.75
N LEU A 71 -4.65 1.62 9.21
CA LEU A 71 -4.83 0.41 8.40
C LEU A 71 -5.13 -0.81 9.27
N LYS A 72 -5.90 -1.73 8.69
CA LYS A 72 -6.34 -2.95 9.35
C LYS A 72 -6.48 -4.04 8.28
N THR A 73 -6.74 -5.27 8.69
CA THR A 73 -6.84 -6.42 7.76
C THR A 73 -8.07 -6.40 6.85
N ASP A 74 -8.94 -5.43 7.07
CA ASP A 74 -10.20 -5.32 6.34
C ASP A 74 -10.05 -4.32 5.19
N ASP A 75 -8.84 -3.80 5.02
CA ASP A 75 -8.58 -2.74 4.03
C ASP A 75 -8.10 -3.21 2.65
N LEU A 76 -8.37 -2.36 1.67
CA LEU A 76 -7.91 -2.53 0.31
C LEU A 76 -7.18 -1.25 -0.12
N LEU A 77 -6.04 -1.42 -0.77
CA LEU A 77 -5.17 -0.31 -1.18
C LEU A 77 -5.17 -0.23 -2.70
N LEU A 78 -5.14 0.99 -3.23
CA LEU A 78 -5.16 1.20 -4.68
C LEU A 78 -3.82 1.70 -5.20
N ILE A 79 -3.48 1.29 -6.42
CA ILE A 79 -2.23 1.71 -7.06
C ILE A 79 -2.59 2.62 -8.22
N ARG A 80 -2.14 3.86 -8.15
CA ARG A 80 -2.49 4.87 -9.16
C ARG A 80 -1.24 5.37 -9.83
N GLY A 81 -1.35 5.92 -11.02
CA GLY A 81 -0.20 6.43 -11.74
C GLY A 81 -0.08 7.93 -11.61
N LYS A 82 1.17 8.36 -11.56
CA LYS A 82 1.50 9.78 -11.54
C LYS A 82 1.58 10.26 -12.98
N ILE A 83 1.59 11.56 -13.17
CA ILE A 83 1.78 12.15 -14.50
C ILE A 83 3.17 12.78 -14.48
N SER A 84 3.98 12.45 -15.47
CA SER A 84 5.35 12.96 -15.56
C SER A 84 5.70 13.11 -17.03
N ASN A 85 6.62 14.03 -17.34
CA ASN A 85 7.05 14.23 -18.72
C ASN A 85 8.19 13.26 -19.06
N SER A 86 7.86 11.98 -19.15
CA SER A 86 8.84 10.93 -19.42
C SER A 86 8.86 10.57 -20.91
N HIS A 1 -6.09 -1.45 25.38
CA HIS A 1 -6.31 -2.10 24.06
C HIS A 1 -5.37 -3.26 23.79
N ILE A 2 -5.51 -3.87 22.62
CA ILE A 2 -4.67 -5.00 22.22
C ILE A 2 -3.94 -4.66 20.92
N GLU A 3 -2.88 -5.41 20.67
CA GLU A 3 -2.10 -5.29 19.44
C GLU A 3 -2.82 -6.03 18.31
N GLY A 4 -2.69 -5.53 17.09
CA GLY A 4 -3.30 -6.16 15.93
C GLY A 4 -2.40 -7.21 15.32
N ARG A 5 -1.10 -7.08 15.59
CA ARG A 5 -0.02 -8.00 15.18
C ARG A 5 0.23 -8.13 13.67
N HIS A 6 -0.75 -8.61 12.94
CA HIS A 6 -0.61 -8.88 11.52
C HIS A 6 -1.94 -8.61 10.85
N MET A 7 -1.90 -8.13 9.63
CA MET A 7 -3.10 -7.82 8.87
C MET A 7 -2.86 -8.15 7.41
N ASP A 8 -3.94 -8.46 6.72
CA ASP A 8 -3.88 -8.85 5.32
C ASP A 8 -4.35 -7.64 4.52
N LEU A 9 -3.45 -7.03 3.75
CA LEU A 9 -3.84 -5.85 2.98
C LEU A 9 -3.92 -6.22 1.53
N THR A 10 -5.08 -5.99 0.95
CA THR A 10 -5.31 -6.36 -0.44
C THR A 10 -4.90 -5.21 -1.32
N ILE A 11 -4.15 -5.50 -2.36
CA ILE A 11 -3.63 -4.47 -3.24
C ILE A 11 -4.35 -4.59 -4.57
N SER A 12 -4.77 -3.48 -5.15
CA SER A 12 -5.45 -3.51 -6.44
C SER A 12 -4.98 -2.36 -7.33
N ASN A 13 -4.76 -2.66 -8.59
CA ASN A 13 -4.23 -1.67 -9.52
C ASN A 13 -5.35 -1.04 -10.31
N GLU A 14 -5.72 0.17 -9.92
CA GLU A 14 -6.79 0.94 -10.60
C GLU A 14 -6.41 1.28 -12.04
N LEU A 15 -5.14 1.13 -12.36
CA LEU A 15 -4.64 1.38 -13.71
C LEU A 15 -4.88 0.23 -14.68
N THR A 16 -4.83 -0.99 -14.16
CA THR A 16 -4.79 -2.18 -15.01
C THR A 16 -5.96 -3.13 -14.76
N GLY A 17 -6.61 -2.98 -13.61
CA GLY A 17 -7.69 -3.87 -13.22
C GLY A 17 -7.19 -5.12 -12.53
N GLU A 18 -5.88 -5.22 -12.38
CA GLU A 18 -5.27 -6.38 -11.72
C GLU A 18 -5.54 -6.33 -10.22
N ILE A 19 -5.81 -7.49 -9.65
CA ILE A 19 -5.99 -7.62 -8.21
C ILE A 19 -4.79 -8.42 -7.73
N TYR A 20 -4.04 -7.84 -6.81
CA TYR A 20 -2.84 -8.47 -6.26
C TYR A 20 -3.23 -9.05 -4.91
N GLY A 21 -2.31 -9.74 -4.27
CA GLY A 21 -2.64 -10.53 -3.09
C GLY A 21 -2.98 -9.77 -1.84
N PRO A 22 -3.83 -10.34 -0.98
CA PRO A 22 -3.72 -9.77 0.35
C PRO A 22 -2.39 -10.19 0.93
N ILE A 23 -1.56 -9.21 1.17
CA ILE A 23 -0.21 -9.44 1.68
C ILE A 23 -0.21 -9.28 3.18
N GLU A 24 0.49 -10.19 3.83
CA GLU A 24 0.51 -10.28 5.28
C GLU A 24 1.58 -9.36 5.84
N VAL A 25 1.15 -8.24 6.38
CA VAL A 25 2.04 -7.22 6.90
C VAL A 25 1.69 -6.89 8.34
N SER A 26 2.57 -6.20 9.03
CA SER A 26 2.35 -5.85 10.43
C SER A 26 1.93 -4.41 10.57
N GLU A 27 1.19 -4.12 11.62
CA GLU A 27 0.71 -2.76 11.89
C GLU A 27 1.88 -1.78 12.10
N ASP A 28 3.01 -2.27 12.59
CA ASP A 28 4.14 -1.39 12.93
C ASP A 28 5.18 -1.37 11.81
N MET A 29 4.80 -1.89 10.67
CA MET A 29 5.65 -1.80 9.48
C MET A 29 5.62 -0.34 9.06
N ALA A 30 6.72 0.19 8.59
CA ALA A 30 6.73 1.58 8.17
C ALA A 30 6.01 1.67 6.83
N LEU A 31 5.48 2.84 6.53
CA LEU A 31 4.84 3.11 5.25
C LEU A 31 5.84 2.86 4.13
N THR A 32 7.08 3.28 4.35
CA THR A 32 8.10 3.11 3.33
C THR A 32 8.44 1.64 3.12
N ASP A 33 8.31 0.84 4.18
CA ASP A 33 8.66 -0.58 4.11
C ASP A 33 7.57 -1.33 3.38
N LEU A 34 6.33 -0.91 3.56
CA LEU A 34 5.22 -1.48 2.80
C LEU A 34 5.48 -1.25 1.33
N ILE A 35 5.90 -0.03 0.97
CA ILE A 35 6.21 0.29 -0.42
C ILE A 35 7.39 -0.53 -0.90
N ALA A 36 8.36 -0.79 -0.03
CA ALA A 36 9.51 -1.62 -0.40
C ALA A 36 9.04 -3.01 -0.85
N LEU A 37 8.06 -3.57 -0.16
CA LEU A 37 7.48 -4.85 -0.54
C LEU A 37 6.71 -4.71 -1.86
N LEU A 38 5.95 -3.64 -2.00
CA LEU A 38 5.16 -3.41 -3.21
C LEU A 38 6.04 -3.20 -4.44
N GLN A 39 7.22 -2.64 -4.27
CA GLN A 39 8.17 -2.48 -5.38
C GLN A 39 8.63 -3.86 -5.88
N ALA A 40 8.81 -4.80 -4.97
CA ALA A 40 9.30 -6.12 -5.32
C ALA A 40 8.19 -7.02 -5.89
N ASP A 41 7.01 -6.99 -5.25
CA ASP A 41 5.90 -7.89 -5.62
C ASP A 41 4.97 -7.28 -6.67
N CYS A 42 4.41 -6.13 -6.35
CA CYS A 42 3.41 -5.50 -7.21
C CYS A 42 4.03 -4.60 -8.29
N GLY A 43 5.34 -4.46 -8.26
CA GLY A 43 6.03 -3.61 -9.22
C GLY A 43 5.70 -2.14 -9.04
N PHE A 44 5.28 -1.75 -7.85
CA PHE A 44 4.85 -0.38 -7.61
C PHE A 44 6.06 0.55 -7.49
N ASP A 45 6.29 1.31 -8.54
CA ASP A 45 7.32 2.34 -8.53
C ASP A 45 6.72 3.60 -7.94
N LYS A 46 7.17 3.99 -6.75
CA LYS A 46 6.56 5.12 -6.03
C LYS A 46 6.86 6.47 -6.66
N THR A 47 7.73 6.50 -7.66
CA THR A 47 8.03 7.77 -8.34
C THR A 47 7.22 7.91 -9.64
N LYS A 48 6.72 6.80 -10.15
CA LYS A 48 5.87 6.82 -11.35
C LYS A 48 4.41 6.65 -10.98
N HIS A 49 4.19 6.10 -9.81
CA HIS A 49 2.85 5.77 -9.33
C HIS A 49 2.68 6.29 -7.92
N ASP A 50 1.43 6.37 -7.48
CA ASP A 50 1.12 6.77 -6.11
C ASP A 50 0.17 5.76 -5.49
N LEU A 51 0.29 5.61 -4.18
CA LEU A 51 -0.56 4.70 -3.43
C LEU A 51 -1.76 5.48 -2.96
N TYR A 52 -2.91 4.85 -2.94
CA TYR A 52 -4.13 5.50 -2.48
C TYR A 52 -4.79 4.66 -1.40
N TYR A 53 -5.31 5.33 -0.38
CA TYR A 53 -6.08 4.69 0.68
C TYR A 53 -7.24 5.62 0.99
N ASN A 54 -8.43 5.06 1.13
CA ASN A 54 -9.67 5.83 1.33
C ASN A 54 -9.84 6.84 0.18
N MET A 55 -9.29 6.47 -0.99
CA MET A 55 -9.29 7.27 -2.22
C MET A 55 -8.52 8.60 -2.13
N ASP A 56 -7.69 8.76 -1.11
CA ASP A 56 -6.78 9.89 -1.01
C ASP A 56 -5.36 9.35 -1.13
N ILE A 57 -4.41 10.23 -1.43
CA ILE A 57 -3.03 9.83 -1.71
C ILE A 57 -2.25 9.56 -0.41
N LEU A 58 -1.63 8.39 -0.34
CA LEU A 58 -0.69 8.10 0.74
C LEU A 58 0.65 8.67 0.30
N ASP A 59 1.14 9.63 1.07
CA ASP A 59 2.42 10.27 0.79
C ASP A 59 3.54 9.25 0.96
N SER A 60 4.11 8.84 -0.17
CA SER A 60 5.14 7.82 -0.23
C SER A 60 6.45 8.17 0.48
N ASN A 61 6.58 9.40 0.97
CA ASN A 61 7.81 9.83 1.63
C ASN A 61 7.71 9.85 3.17
N ARG A 62 6.55 9.48 3.71
CA ARG A 62 6.38 9.48 5.17
C ARG A 62 6.95 8.23 5.80
N THR A 63 7.45 8.37 7.01
CA THR A 63 8.03 7.25 7.76
C THR A 63 7.13 6.83 8.91
N GLN A 64 5.83 7.05 8.73
CA GLN A 64 4.84 6.66 9.75
C GLN A 64 4.68 5.14 9.68
N SER A 65 4.05 4.58 10.70
CA SER A 65 3.74 3.14 10.72
C SER A 65 2.35 2.98 10.16
N LEU A 66 2.03 1.79 9.67
CA LEU A 66 0.71 1.53 9.09
C LEU A 66 -0.40 1.73 10.12
N LYS A 67 -0.06 1.50 11.38
CA LYS A 67 -0.94 1.71 12.50
C LYS A 67 -1.43 3.14 12.62
N GLU A 68 -0.56 4.08 12.29
CA GLU A 68 -0.90 5.51 12.36
C GLU A 68 -1.83 5.88 11.22
N LEU A 69 -1.70 5.17 10.12
CA LEU A 69 -2.53 5.41 8.93
C LEU A 69 -3.91 4.81 9.14
N GLY A 70 -4.04 4.02 10.20
CA GLY A 70 -5.32 3.43 10.57
C GLY A 70 -5.64 2.18 9.77
N LEU A 71 -4.61 1.57 9.20
CA LEU A 71 -4.80 0.38 8.37
C LEU A 71 -5.09 -0.86 9.20
N LYS A 72 -5.88 -1.76 8.63
CA LYS A 72 -6.32 -3.01 9.27
C LYS A 72 -6.53 -4.05 8.19
N THR A 73 -6.79 -5.29 8.58
CA THR A 73 -6.99 -6.41 7.62
C THR A 73 -8.26 -6.31 6.78
N ASP A 74 -9.09 -5.32 7.09
CA ASP A 74 -10.36 -5.10 6.40
C ASP A 74 -10.19 -4.07 5.27
N ASP A 75 -8.95 -3.65 5.06
CA ASP A 75 -8.65 -2.61 4.05
C ASP A 75 -8.14 -3.12 2.70
N LEU A 76 -8.44 -2.34 1.68
CA LEU A 76 -7.94 -2.56 0.32
C LEU A 76 -7.26 -1.27 -0.13
N LEU A 77 -6.09 -1.41 -0.74
CA LEU A 77 -5.26 -0.29 -1.16
C LEU A 77 -5.29 -0.21 -2.68
N LEU A 78 -5.26 1.01 -3.21
CA LEU A 78 -5.32 1.21 -4.66
C LEU A 78 -4.01 1.78 -5.19
N ILE A 79 -3.64 1.37 -6.38
CA ILE A 79 -2.43 1.86 -7.05
C ILE A 79 -2.86 2.69 -8.25
N ARG A 80 -2.40 3.93 -8.32
CA ARG A 80 -2.70 4.80 -9.45
C ARG A 80 -1.42 5.35 -10.03
N GLY A 81 -1.47 5.84 -11.26
CA GLY A 81 -0.30 6.40 -11.90
C GLY A 81 -0.38 7.90 -11.85
N LYS A 82 0.77 8.52 -11.75
CA LYS A 82 0.88 9.98 -11.71
C LYS A 82 1.77 10.47 -12.84
N ILE A 83 1.68 11.75 -13.16
CA ILE A 83 2.48 12.32 -14.24
C ILE A 83 3.92 12.42 -13.75
N SER A 84 4.79 11.60 -14.34
CA SER A 84 6.19 11.54 -13.91
C SER A 84 7.09 11.19 -15.08
N ASN A 85 7.93 12.13 -15.48
CA ASN A 85 8.92 11.95 -16.55
C ASN A 85 8.34 11.27 -17.79
N SER A 86 7.17 11.74 -18.24
CA SER A 86 6.45 11.22 -19.42
C SER A 86 5.48 12.24 -19.99
N HIS A 1 0.31 -15.75 24.34
CA HIS A 1 0.70 -17.15 24.11
C HIS A 1 0.79 -17.53 22.64
N ILE A 2 0.26 -16.62 21.83
CA ILE A 2 0.24 -16.74 20.38
C ILE A 2 0.73 -15.43 19.80
N GLU A 3 1.23 -15.49 18.57
CA GLU A 3 1.71 -14.31 17.87
C GLU A 3 0.55 -13.63 17.15
N GLY A 4 0.78 -12.40 16.70
CA GLY A 4 -0.27 -11.66 16.00
C GLY A 4 0.31 -10.42 15.34
N ARG A 5 -0.45 -9.33 15.41
CA ARG A 5 -0.06 -8.01 14.83
C ARG A 5 0.21 -8.07 13.33
N HIS A 6 -0.35 -9.07 12.68
CA HIS A 6 -0.28 -9.23 11.24
C HIS A 6 -1.68 -8.92 10.74
N MET A 7 -1.76 -8.26 9.60
CA MET A 7 -3.03 -7.92 8.97
C MET A 7 -2.89 -8.15 7.48
N ASP A 8 -4.01 -8.41 6.83
CA ASP A 8 -4.03 -8.74 5.41
C ASP A 8 -4.50 -7.52 4.63
N LEU A 9 -3.66 -6.99 3.74
CA LEU A 9 -4.06 -5.87 2.89
C LEU A 9 -4.17 -6.34 1.48
N THR A 10 -5.24 -5.95 0.82
CA THR A 10 -5.50 -6.37 -0.56
C THR A 10 -5.14 -5.22 -1.50
N ILE A 11 -4.48 -5.54 -2.60
CA ILE A 11 -4.00 -4.54 -3.54
C ILE A 11 -4.71 -4.72 -4.88
N SER A 12 -5.09 -3.64 -5.53
CA SER A 12 -5.72 -3.72 -6.84
C SER A 12 -5.21 -2.62 -7.77
N ASN A 13 -5.05 -2.94 -9.05
CA ASN A 13 -4.48 -1.99 -10.00
C ASN A 13 -5.57 -1.30 -10.82
N GLU A 14 -5.84 -0.05 -10.47
CA GLU A 14 -6.83 0.77 -11.16
C GLU A 14 -6.45 1.01 -12.63
N LEU A 15 -5.17 0.87 -12.93
CA LEU A 15 -4.67 1.11 -14.28
C LEU A 15 -4.74 -0.07 -15.23
N THR A 16 -4.77 -1.28 -14.69
CA THR A 16 -4.68 -2.48 -15.53
C THR A 16 -5.83 -3.43 -15.27
N GLY A 17 -6.55 -3.20 -14.18
CA GLY A 17 -7.66 -4.05 -13.78
C GLY A 17 -7.22 -5.28 -13.00
N GLU A 18 -5.92 -5.43 -12.83
CA GLU A 18 -5.38 -6.61 -12.13
C GLU A 18 -5.69 -6.57 -10.65
N ILE A 19 -5.84 -7.75 -10.08
CA ILE A 19 -6.10 -7.90 -8.65
C ILE A 19 -4.93 -8.67 -8.05
N TYR A 20 -4.27 -8.05 -7.09
CA TYR A 20 -3.14 -8.66 -6.42
C TYR A 20 -3.64 -9.29 -5.12
N GLY A 21 -2.77 -10.00 -4.43
CA GLY A 21 -3.20 -10.79 -3.28
C GLY A 21 -3.31 -10.09 -1.97
N PRO A 22 -4.03 -10.71 -1.02
CA PRO A 22 -3.81 -10.20 0.33
C PRO A 22 -2.44 -10.59 0.82
N ILE A 23 -1.71 -9.57 1.14
CA ILE A 23 -0.34 -9.69 1.63
C ILE A 23 -0.32 -9.46 3.14
N GLU A 24 0.44 -10.32 3.81
CA GLU A 24 0.55 -10.29 5.27
C GLU A 24 1.57 -9.26 5.71
N VAL A 25 1.09 -8.15 6.23
CA VAL A 25 1.96 -7.07 6.71
C VAL A 25 1.69 -6.81 8.18
N SER A 26 2.55 -6.05 8.84
CA SER A 26 2.40 -5.81 10.27
C SER A 26 2.01 -4.39 10.63
N GLU A 27 1.34 -4.24 11.76
CA GLU A 27 0.88 -2.92 12.23
C GLU A 27 2.04 -1.94 12.49
N ASP A 28 3.19 -2.49 12.86
CA ASP A 28 4.36 -1.69 13.22
C ASP A 28 5.34 -1.57 12.06
N MET A 29 4.94 -2.04 10.90
CA MET A 29 5.73 -1.86 9.68
C MET A 29 5.71 -0.37 9.36
N ALA A 30 6.81 0.16 8.86
CA ALA A 30 6.84 1.56 8.44
C ALA A 30 6.17 1.64 7.07
N LEU A 31 5.55 2.78 6.77
CA LEU A 31 4.92 2.97 5.47
C LEU A 31 5.95 2.84 4.35
N THR A 32 7.16 3.31 4.61
CA THR A 32 8.22 3.22 3.64
C THR A 32 8.56 1.78 3.32
N ASP A 33 8.47 0.90 4.31
CA ASP A 33 8.75 -0.52 4.11
C ASP A 33 7.58 -1.20 3.41
N LEU A 34 6.35 -0.77 3.71
CA LEU A 34 5.18 -1.28 2.99
C LEU A 34 5.34 -0.98 1.50
N ILE A 35 5.70 0.25 1.16
CA ILE A 35 5.88 0.59 -0.25
C ILE A 35 7.08 -0.17 -0.82
N ALA A 36 8.10 -0.42 -0.01
CA ALA A 36 9.25 -1.21 -0.48
C ALA A 36 8.83 -2.63 -0.87
N LEU A 37 7.88 -3.21 -0.13
CA LEU A 37 7.36 -4.53 -0.48
C LEU A 37 6.62 -4.45 -1.80
N LEU A 38 5.83 -3.40 -1.98
CA LEU A 38 5.08 -3.19 -3.21
C LEU A 38 5.99 -2.93 -4.40
N GLN A 39 7.18 -2.37 -4.17
CA GLN A 39 8.17 -2.19 -5.23
C GLN A 39 8.63 -3.55 -5.73
N ALA A 40 8.82 -4.50 -4.82
CA ALA A 40 9.32 -5.82 -5.19
C ALA A 40 8.26 -6.74 -5.78
N ASP A 41 7.09 -6.81 -5.14
CA ASP A 41 6.04 -7.75 -5.54
C ASP A 41 5.12 -7.18 -6.62
N CYS A 42 4.60 -6.00 -6.36
CA CYS A 42 3.63 -5.38 -7.26
C CYS A 42 4.29 -4.51 -8.34
N GLY A 43 5.61 -4.36 -8.26
CA GLY A 43 6.34 -3.56 -9.22
C GLY A 43 6.02 -2.07 -9.14
N PHE A 44 5.53 -1.63 -7.99
CA PHE A 44 5.11 -0.24 -7.83
C PHE A 44 6.29 0.72 -7.71
N ASP A 45 6.42 1.64 -8.64
CA ASP A 45 7.39 2.74 -8.49
C ASP A 45 6.65 4.03 -8.19
N LYS A 46 6.95 4.60 -7.03
CA LYS A 46 6.34 5.88 -6.59
C LYS A 46 6.60 7.08 -7.51
N THR A 47 7.45 6.87 -8.51
CA THR A 47 7.78 7.92 -9.47
C THR A 47 6.96 7.84 -10.75
N LYS A 48 6.37 6.69 -11.04
CA LYS A 48 5.56 6.54 -12.26
C LYS A 48 4.13 6.23 -11.88
N HIS A 49 3.97 5.70 -10.68
CA HIS A 49 2.66 5.34 -10.17
C HIS A 49 2.45 6.00 -8.81
N ASP A 50 1.19 6.04 -8.38
CA ASP A 50 0.79 6.64 -7.12
C ASP A 50 0.02 5.58 -6.34
N LEU A 51 0.13 5.62 -5.03
CA LEU A 51 -0.55 4.65 -4.17
C LEU A 51 -1.66 5.35 -3.43
N TYR A 52 -2.86 4.79 -3.56
CA TYR A 52 -4.04 5.35 -2.94
C TYR A 52 -4.49 4.41 -1.84
N TYR A 53 -4.89 4.98 -0.73
CA TYR A 53 -5.38 4.22 0.41
C TYR A 53 -6.64 4.90 0.89
N ASN A 54 -7.73 4.15 0.99
CA ASN A 54 -9.03 4.68 1.45
C ASN A 54 -9.38 6.04 0.81
N MET A 55 -9.35 6.07 -0.51
CA MET A 55 -9.72 7.24 -1.34
C MET A 55 -8.83 8.48 -1.22
N ASP A 56 -7.66 8.34 -0.62
CA ASP A 56 -6.69 9.45 -0.51
C ASP A 56 -5.32 8.98 -0.95
N ILE A 57 -4.42 9.93 -1.20
CA ILE A 57 -3.08 9.67 -1.74
C ILE A 57 -2.06 9.51 -0.60
N LEU A 58 -1.27 8.44 -0.66
CA LEU A 58 -0.24 8.21 0.36
C LEU A 58 1.08 8.92 0.03
N ASP A 59 1.51 9.75 0.95
CA ASP A 59 2.81 10.43 0.85
C ASP A 59 3.93 9.43 1.18
N SER A 60 4.64 9.02 0.14
CA SER A 60 5.71 8.03 0.24
C SER A 60 6.94 8.43 1.05
N ASN A 61 6.99 9.66 1.54
CA ASN A 61 8.14 10.13 2.33
C ASN A 61 7.86 10.04 3.82
N ARG A 62 6.64 9.69 4.20
CA ARG A 62 6.30 9.57 5.62
C ARG A 62 6.84 8.26 6.19
N THR A 63 7.64 8.36 7.23
CA THR A 63 8.19 7.18 7.91
C THR A 63 7.31 6.73 9.08
N GLN A 64 6.00 6.96 8.95
CA GLN A 64 5.08 6.58 10.02
C GLN A 64 4.84 5.08 9.97
N SER A 65 4.29 4.55 11.04
CA SER A 65 3.94 3.15 11.12
C SER A 65 2.54 3.02 10.56
N LEU A 66 2.18 1.85 10.07
CA LEU A 66 0.84 1.62 9.54
C LEU A 66 -0.20 1.81 10.63
N LYS A 67 0.19 1.51 11.85
CA LYS A 67 -0.64 1.71 13.03
C LYS A 67 -1.02 3.17 13.26
N GLU A 68 -0.13 4.09 12.92
CA GLU A 68 -0.37 5.52 13.11
C GLU A 68 -1.38 6.01 12.09
N LEU A 69 -1.41 5.34 10.96
CA LEU A 69 -2.33 5.71 9.88
C LEU A 69 -3.70 5.11 10.16
N GLY A 70 -3.73 4.19 11.14
CA GLY A 70 -4.99 3.62 11.61
C GLY A 70 -5.59 2.56 10.70
N LEU A 71 -4.77 2.05 9.79
CA LEU A 71 -5.26 1.06 8.82
C LEU A 71 -5.34 -0.36 9.40
N LYS A 72 -6.06 -1.24 8.71
CA LYS A 72 -6.39 -2.58 9.23
C LYS A 72 -6.48 -3.67 8.14
N THR A 73 -6.74 -4.88 8.60
CA THR A 73 -6.87 -6.10 7.75
C THR A 73 -8.15 -6.17 6.89
N ASP A 74 -8.91 -5.10 6.88
CA ASP A 74 -10.21 -5.03 6.22
C ASP A 74 -10.10 -4.08 5.04
N ASP A 75 -8.87 -3.66 4.78
CA ASP A 75 -8.62 -2.55 3.83
C ASP A 75 -8.13 -2.99 2.45
N LEU A 76 -8.38 -2.13 1.48
CA LEU A 76 -7.98 -2.35 0.08
C LEU A 76 -7.30 -1.10 -0.48
N LEU A 77 -6.26 -1.31 -1.27
CA LEU A 77 -5.42 -0.23 -1.81
C LEU A 77 -5.50 -0.21 -3.32
N LEU A 78 -5.28 0.96 -3.91
CA LEU A 78 -5.33 1.10 -5.37
C LEU A 78 -4.02 1.64 -5.95
N ILE A 79 -3.62 1.05 -7.06
CA ILE A 79 -2.44 1.49 -7.80
C ILE A 79 -2.91 2.31 -8.98
N ARG A 80 -2.51 3.57 -9.04
CA ARG A 80 -2.87 4.47 -10.14
C ARG A 80 -1.59 4.94 -10.80
N GLY A 81 -1.67 5.46 -12.01
CA GLY A 81 -0.51 5.97 -12.71
C GLY A 81 -0.42 7.48 -12.55
N LYS A 82 0.80 7.97 -12.48
CA LYS A 82 1.08 9.42 -12.41
C LYS A 82 0.75 10.03 -13.76
N ILE A 83 1.16 9.30 -14.79
CA ILE A 83 0.98 9.69 -16.20
C ILE A 83 0.32 8.49 -16.87
N SER A 84 -0.65 8.74 -17.75
CA SER A 84 -1.30 7.70 -18.51
C SER A 84 -1.75 8.33 -19.83
N ASN A 85 -1.84 7.55 -20.89
CA ASN A 85 -2.19 8.08 -22.22
C ASN A 85 -3.16 7.16 -22.97
N SER A 86 -3.87 6.30 -22.25
CA SER A 86 -4.78 5.33 -22.86
C SER A 86 -5.86 4.89 -21.89
N HIS A 1 -8.80 -13.89 20.88
CA HIS A 1 -8.34 -12.90 19.87
C HIS A 1 -7.38 -11.85 20.42
N ILE A 2 -6.15 -11.88 19.90
CA ILE A 2 -5.10 -10.94 20.28
C ILE A 2 -5.00 -9.93 19.15
N GLU A 3 -4.94 -8.65 19.49
CA GLU A 3 -4.86 -7.57 18.51
C GLU A 3 -3.46 -7.50 17.87
N GLY A 4 -3.34 -6.70 16.81
CA GLY A 4 -2.06 -6.51 16.15
C GLY A 4 -1.66 -7.69 15.29
N ARG A 5 -0.60 -8.39 15.71
CA ARG A 5 -0.07 -9.57 14.98
C ARG A 5 0.28 -9.24 13.52
N HIS A 6 -0.54 -9.73 12.61
CA HIS A 6 -0.40 -9.54 11.18
C HIS A 6 -1.80 -9.24 10.70
N MET A 7 -1.90 -8.40 9.70
CA MET A 7 -3.16 -8.03 9.09
C MET A 7 -2.96 -8.22 7.60
N ASP A 8 -4.02 -8.59 6.93
CA ASP A 8 -3.94 -9.00 5.53
C ASP A 8 -4.52 -7.88 4.67
N LEU A 9 -3.66 -7.20 3.91
CA LEU A 9 -4.11 -6.04 3.13
C LEU A 9 -4.10 -6.35 1.67
N THR A 10 -5.22 -6.10 1.05
CA THR A 10 -5.40 -6.42 -0.37
C THR A 10 -4.94 -5.24 -1.20
N ILE A 11 -4.23 -5.53 -2.29
CA ILE A 11 -3.69 -4.49 -3.15
C ILE A 11 -4.38 -4.60 -4.49
N SER A 12 -4.84 -3.48 -5.02
CA SER A 12 -5.53 -3.47 -6.30
C SER A 12 -5.00 -2.40 -7.24
N ASN A 13 -4.71 -2.79 -8.47
CA ASN A 13 -4.23 -1.87 -9.47
C ASN A 13 -5.36 -1.20 -10.21
N GLU A 14 -5.59 0.06 -9.91
CA GLU A 14 -6.65 0.83 -10.55
C GLU A 14 -6.31 1.07 -12.03
N LEU A 15 -5.02 0.99 -12.35
CA LEU A 15 -4.55 1.23 -13.71
C LEU A 15 -4.84 0.07 -14.66
N THR A 16 -4.71 -1.15 -14.15
CA THR A 16 -4.78 -2.34 -15.00
C THR A 16 -5.98 -3.22 -14.70
N GLY A 17 -6.60 -2.98 -13.55
CA GLY A 17 -7.72 -3.80 -13.09
C GLY A 17 -7.26 -5.03 -12.35
N GLU A 18 -5.95 -5.23 -12.26
CA GLU A 18 -5.41 -6.42 -11.59
C GLU A 18 -5.60 -6.39 -10.09
N ILE A 19 -5.72 -7.58 -9.54
CA ILE A 19 -5.90 -7.78 -8.11
C ILE A 19 -4.70 -8.55 -7.60
N TYR A 20 -3.99 -7.98 -6.65
CA TYR A 20 -2.83 -8.61 -6.04
C TYR A 20 -3.31 -9.17 -4.70
N GLY A 21 -2.46 -9.94 -4.06
CA GLY A 21 -2.88 -10.68 -2.89
C GLY A 21 -3.18 -9.90 -1.65
N PRO A 22 -4.08 -10.43 -0.78
CA PRO A 22 -3.94 -9.84 0.55
C PRO A 22 -2.63 -10.32 1.14
N ILE A 23 -1.76 -9.38 1.36
CA ILE A 23 -0.42 -9.65 1.86
C ILE A 23 -0.40 -9.43 3.36
N GLU A 24 0.22 -10.35 4.06
CA GLU A 24 0.21 -10.35 5.51
C GLU A 24 1.36 -9.47 6.02
N VAL A 25 0.97 -8.31 6.52
CA VAL A 25 1.91 -7.29 6.97
C VAL A 25 1.62 -6.95 8.42
N SER A 26 2.54 -6.27 9.07
CA SER A 26 2.34 -5.88 10.46
C SER A 26 1.93 -4.43 10.51
N GLU A 27 1.16 -4.08 11.52
CA GLU A 27 0.73 -2.70 11.71
C GLU A 27 1.91 -1.80 12.11
N ASP A 28 2.98 -2.42 12.59
CA ASP A 28 4.20 -1.72 13.00
C ASP A 28 5.15 -1.50 11.82
N MET A 29 4.78 -2.02 10.66
CA MET A 29 5.60 -1.85 9.45
C MET A 29 5.55 -0.39 9.05
N ALA A 30 6.66 0.16 8.58
CA ALA A 30 6.67 1.54 8.14
C ALA A 30 5.96 1.65 6.79
N LEU A 31 5.42 2.82 6.51
CA LEU A 31 4.80 3.11 5.21
C LEU A 31 5.84 2.90 4.12
N THR A 32 7.06 3.33 4.38
CA THR A 32 8.13 3.22 3.41
C THR A 32 8.49 1.76 3.16
N ASP A 33 8.36 0.92 4.18
CA ASP A 33 8.72 -0.49 4.08
C ASP A 33 7.65 -1.23 3.30
N LEU A 34 6.41 -0.82 3.48
CA LEU A 34 5.31 -1.39 2.69
C LEU A 34 5.59 -1.11 1.23
N ILE A 35 5.98 0.12 0.89
CA ILE A 35 6.30 0.46 -0.49
C ILE A 35 7.51 -0.33 -0.96
N ALA A 36 8.46 -0.60 -0.08
CA ALA A 36 9.62 -1.41 -0.45
C ALA A 36 9.17 -2.79 -0.96
N LEU A 37 8.18 -3.37 -0.29
CA LEU A 37 7.61 -4.66 -0.71
C LEU A 37 6.83 -4.49 -2.02
N LEU A 38 6.05 -3.41 -2.12
CA LEU A 38 5.25 -3.17 -3.31
C LEU A 38 6.09 -2.91 -4.56
N GLN A 39 7.27 -2.33 -4.38
CA GLN A 39 8.21 -2.13 -5.48
C GLN A 39 8.71 -3.47 -6.02
N ALA A 40 8.89 -4.44 -5.13
CA ALA A 40 9.38 -5.76 -5.52
C ALA A 40 8.28 -6.64 -6.14
N ASP A 41 7.12 -6.69 -5.49
CA ASP A 41 6.02 -7.58 -5.90
C ASP A 41 5.07 -6.95 -6.91
N CYS A 42 4.48 -5.83 -6.53
CA CYS A 42 3.46 -5.18 -7.36
C CYS A 42 4.07 -4.32 -8.46
N GLY A 43 5.39 -4.17 -8.44
CA GLY A 43 6.06 -3.31 -9.41
C GLY A 43 5.67 -1.87 -9.22
N PHE A 44 5.26 -1.52 -8.00
CA PHE A 44 4.81 -0.17 -7.73
C PHE A 44 6.03 0.68 -7.46
N ASP A 45 6.41 1.51 -8.41
CA ASP A 45 7.49 2.46 -8.19
C ASP A 45 6.83 3.79 -7.89
N LYS A 46 7.13 4.32 -6.72
CA LYS A 46 6.61 5.61 -6.25
C LYS A 46 6.90 6.79 -7.20
N THR A 47 7.79 6.61 -8.17
CA THR A 47 8.11 7.67 -9.11
C THR A 47 7.16 7.71 -10.30
N LYS A 48 6.60 6.57 -10.66
CA LYS A 48 5.77 6.46 -11.86
C LYS A 48 4.34 6.13 -11.49
N HIS A 49 4.16 5.60 -10.30
CA HIS A 49 2.85 5.22 -9.79
C HIS A 49 2.62 5.92 -8.46
N ASP A 50 1.36 6.04 -8.07
CA ASP A 50 0.99 6.70 -6.82
C ASP A 50 0.16 5.74 -5.99
N LEU A 51 0.24 5.85 -4.68
CA LEU A 51 -0.50 4.95 -3.79
C LEU A 51 -1.67 5.71 -3.20
N TYR A 52 -2.83 5.08 -3.17
CA TYR A 52 -4.01 5.68 -2.60
C TYR A 52 -4.59 4.81 -1.52
N TYR A 53 -5.08 5.46 -0.48
CA TYR A 53 -5.75 4.81 0.64
C TYR A 53 -6.88 5.72 1.06
N ASN A 54 -8.06 5.15 1.29
CA ASN A 54 -9.26 5.92 1.63
C ASN A 54 -9.48 7.03 0.57
N MET A 55 -9.15 6.70 -0.67
CA MET A 55 -9.25 7.59 -1.85
C MET A 55 -8.36 8.84 -1.82
N ASP A 56 -7.44 8.92 -0.86
CA ASP A 56 -6.49 10.03 -0.74
C ASP A 56 -5.08 9.48 -0.98
N ILE A 57 -4.14 10.37 -1.24
CA ILE A 57 -2.77 9.98 -1.61
C ILE A 57 -1.89 9.66 -0.39
N LEU A 58 -1.24 8.51 -0.44
CA LEU A 58 -0.25 8.17 0.57
C LEU A 58 1.11 8.68 0.08
N ASP A 59 1.54 9.78 0.67
CA ASP A 59 2.84 10.35 0.37
C ASP A 59 3.91 9.33 0.75
N SER A 60 4.78 9.02 -0.19
CA SER A 60 5.80 8.00 0.00
C SER A 60 6.89 8.42 0.98
N ASN A 61 6.89 9.68 1.38
CA ASN A 61 7.89 10.19 2.33
C ASN A 61 7.40 10.09 3.76
N ARG A 62 6.18 9.60 3.99
CA ARG A 62 5.68 9.40 5.35
C ARG A 62 6.53 8.33 6.02
N THR A 63 7.09 8.64 7.18
CA THR A 63 7.88 7.68 7.94
C THR A 63 7.02 7.08 9.05
N GLN A 64 5.71 7.10 8.83
CA GLN A 64 4.75 6.60 9.81
C GLN A 64 4.65 5.09 9.69
N SER A 65 4.01 4.46 10.65
CA SER A 65 3.72 3.03 10.58
C SER A 65 2.29 2.86 10.10
N LEU A 66 1.96 1.66 9.66
CA LEU A 66 0.64 1.39 9.09
C LEU A 66 -0.47 1.59 10.12
N LYS A 67 -0.14 1.37 11.39
CA LYS A 67 -1.06 1.61 12.50
C LYS A 67 -1.53 3.06 12.53
N GLU A 68 -0.63 3.99 12.27
CA GLU A 68 -0.96 5.42 12.32
C GLU A 68 -1.80 5.83 11.13
N LEU A 69 -1.69 5.07 10.05
CA LEU A 69 -2.46 5.36 8.84
C LEU A 69 -3.89 4.83 9.00
N GLY A 70 -4.08 3.98 10.00
CA GLY A 70 -5.40 3.45 10.30
C GLY A 70 -5.72 2.19 9.51
N LEU A 71 -4.68 1.57 8.96
CA LEU A 71 -4.85 0.35 8.16
C LEU A 71 -5.23 -0.82 9.05
N LYS A 72 -5.93 -1.78 8.46
CA LYS A 72 -6.47 -2.94 9.18
C LYS A 72 -6.59 -4.08 8.19
N THR A 73 -6.90 -5.28 8.64
CA THR A 73 -6.99 -6.47 7.77
C THR A 73 -8.22 -6.45 6.87
N ASP A 74 -9.08 -5.48 7.12
CA ASP A 74 -10.36 -5.35 6.44
C ASP A 74 -10.28 -4.31 5.32
N ASP A 75 -9.05 -3.93 4.99
CA ASP A 75 -8.82 -2.77 4.11
C ASP A 75 -8.17 -3.03 2.75
N LEU A 76 -8.27 -2.02 1.88
CA LEU A 76 -7.80 -2.10 0.49
C LEU A 76 -6.89 -0.92 0.12
N LEU A 77 -5.83 -1.21 -0.62
CA LEU A 77 -4.91 -0.18 -1.13
C LEU A 77 -5.06 -0.13 -2.64
N LEU A 78 -4.99 1.07 -3.21
CA LEU A 78 -5.16 1.26 -4.66
C LEU A 78 -3.89 1.82 -5.30
N ILE A 79 -3.55 1.29 -6.46
CA ILE A 79 -2.37 1.74 -7.22
C ILE A 79 -2.82 2.59 -8.40
N ARG A 80 -2.35 3.83 -8.45
CA ARG A 80 -2.65 4.78 -9.53
C ARG A 80 -1.36 5.10 -10.25
N GLY A 81 -1.44 5.95 -11.27
CA GLY A 81 -0.25 6.39 -11.98
C GLY A 81 0.01 7.85 -11.68
N LYS A 82 1.28 8.22 -11.60
CA LYS A 82 1.68 9.62 -11.40
C LYS A 82 1.39 10.40 -12.68
N ILE A 83 1.55 9.69 -13.78
CA ILE A 83 1.33 10.25 -15.11
C ILE A 83 -0.16 10.20 -15.41
N SER A 84 -0.73 11.32 -15.84
CA SER A 84 -2.13 11.41 -16.20
C SER A 84 -2.24 12.19 -17.50
N ASN A 85 -3.38 12.08 -18.16
CA ASN A 85 -3.67 12.78 -19.43
C ASN A 85 -2.55 12.59 -20.46
N SER A 86 -2.00 11.38 -20.54
CA SER A 86 -0.91 11.06 -21.48
C SER A 86 -1.39 11.01 -22.94
N HIS A 1 -10.11 -5.85 17.92
CA HIS A 1 -10.00 -5.93 19.40
C HIS A 1 -8.64 -6.37 19.93
N ILE A 2 -7.83 -6.93 19.02
CA ILE A 2 -6.50 -7.44 19.36
C ILE A 2 -5.51 -6.76 18.44
N GLU A 3 -4.46 -6.26 19.04
CA GLU A 3 -3.38 -5.55 18.35
C GLU A 3 -2.10 -6.38 18.44
N GLY A 4 -1.04 -5.93 17.78
CA GLY A 4 0.21 -6.67 17.74
C GLY A 4 0.09 -7.82 16.75
N ARG A 5 -0.61 -7.57 15.65
CA ARG A 5 -0.95 -8.63 14.70
C ARG A 5 -0.39 -8.42 13.29
N HIS A 6 -0.35 -9.51 12.55
CA HIS A 6 -0.18 -9.45 11.11
C HIS A 6 -1.60 -9.20 10.63
N MET A 7 -1.74 -8.40 9.59
CA MET A 7 -3.04 -8.08 9.01
C MET A 7 -2.89 -8.27 7.51
N ASP A 8 -3.96 -8.66 6.87
CA ASP A 8 -3.91 -9.08 5.47
C ASP A 8 -4.48 -7.94 4.63
N LEU A 9 -3.62 -7.27 3.88
CA LEU A 9 -4.04 -6.11 3.10
C LEU A 9 -4.08 -6.48 1.65
N THR A 10 -5.17 -6.14 1.01
CA THR A 10 -5.36 -6.47 -0.40
C THR A 10 -4.97 -5.27 -1.25
N ILE A 11 -4.26 -5.54 -2.33
CA ILE A 11 -3.78 -4.49 -3.22
C ILE A 11 -4.56 -4.57 -4.52
N SER A 12 -5.00 -3.45 -5.03
CA SER A 12 -5.79 -3.43 -6.28
C SER A 12 -5.30 -2.36 -7.24
N ASN A 13 -5.14 -2.73 -8.50
CA ASN A 13 -4.70 -1.81 -9.51
C ASN A 13 -5.83 -1.03 -10.13
N GLU A 14 -5.93 0.24 -9.76
CA GLU A 14 -6.96 1.12 -10.29
C GLU A 14 -6.72 1.45 -11.77
N LEU A 15 -5.53 1.13 -12.28
CA LEU A 15 -5.22 1.37 -13.68
C LEU A 15 -5.61 0.22 -14.59
N THR A 16 -5.39 -1.00 -14.12
CA THR A 16 -5.57 -2.19 -14.97
C THR A 16 -6.77 -3.05 -14.58
N GLY A 17 -7.26 -2.85 -13.37
CA GLY A 17 -8.36 -3.66 -12.86
C GLY A 17 -7.89 -4.93 -12.19
N GLU A 18 -6.60 -5.20 -12.27
CA GLU A 18 -6.03 -6.42 -11.68
C GLU A 18 -6.02 -6.35 -10.15
N ILE A 19 -6.19 -7.51 -9.54
CA ILE A 19 -6.22 -7.63 -8.08
C ILE A 19 -4.97 -8.39 -7.66
N TYR A 20 -4.20 -7.81 -6.76
CA TYR A 20 -3.00 -8.43 -6.24
C TYR A 20 -3.37 -9.13 -4.93
N GLY A 21 -2.41 -9.85 -4.36
CA GLY A 21 -2.69 -10.68 -3.21
C GLY A 21 -3.04 -9.99 -1.92
N PRO A 22 -3.89 -10.62 -1.09
CA PRO A 22 -3.79 -10.11 0.27
C PRO A 22 -2.50 -10.59 0.89
N ILE A 23 -1.72 -9.60 1.21
CA ILE A 23 -0.39 -9.78 1.77
C ILE A 23 -0.39 -9.51 3.26
N GLU A 24 0.29 -10.39 3.99
CA GLU A 24 0.31 -10.31 5.44
C GLU A 24 1.43 -9.38 5.91
N VAL A 25 1.03 -8.20 6.35
CA VAL A 25 1.95 -7.15 6.79
C VAL A 25 1.65 -6.81 8.24
N SER A 26 2.54 -6.08 8.88
CA SER A 26 2.36 -5.75 10.30
C SER A 26 1.93 -4.32 10.50
N GLU A 27 1.19 -4.09 11.57
CA GLU A 27 0.70 -2.75 11.91
C GLU A 27 1.86 -1.81 12.23
N ASP A 28 2.97 -2.38 12.67
CA ASP A 28 4.17 -1.62 13.05
C ASP A 28 5.10 -1.39 11.86
N MET A 29 4.79 -1.97 10.72
CA MET A 29 5.61 -1.81 9.51
C MET A 29 5.53 -0.35 9.10
N ALA A 30 6.63 0.21 8.64
CA ALA A 30 6.62 1.60 8.21
C ALA A 30 5.93 1.69 6.84
N LEU A 31 5.36 2.85 6.56
CA LEU A 31 4.75 3.14 5.26
C LEU A 31 5.79 2.95 4.18
N THR A 32 6.99 3.42 4.45
CA THR A 32 8.06 3.34 3.49
C THR A 32 8.45 1.89 3.21
N ASP A 33 8.34 1.05 4.23
CA ASP A 33 8.74 -0.36 4.12
C ASP A 33 7.69 -1.12 3.35
N LEU A 34 6.42 -0.75 3.54
CA LEU A 34 5.34 -1.34 2.77
C LEU A 34 5.59 -1.07 1.29
N ILE A 35 5.97 0.15 0.93
CA ILE A 35 6.24 0.46 -0.46
C ILE A 35 7.48 -0.27 -0.93
N ALA A 36 8.46 -0.46 -0.07
CA ALA A 36 9.66 -1.22 -0.44
C ALA A 36 9.26 -2.65 -0.86
N LEU A 37 8.32 -3.25 -0.13
CA LEU A 37 7.81 -4.57 -0.48
C LEU A 37 7.04 -4.50 -1.79
N LEU A 38 6.21 -3.49 -1.94
CA LEU A 38 5.37 -3.36 -3.14
C LEU A 38 6.20 -3.13 -4.39
N GLN A 39 7.33 -2.46 -4.26
CA GLN A 39 8.27 -2.30 -5.37
C GLN A 39 8.87 -3.63 -5.80
N ALA A 40 9.14 -4.50 -4.82
CA ALA A 40 9.77 -5.79 -5.10
C ALA A 40 8.78 -6.83 -5.63
N ASP A 41 7.62 -6.92 -4.99
CA ASP A 41 6.63 -7.95 -5.31
C ASP A 41 5.58 -7.50 -6.34
N CYS A 42 4.88 -6.43 -6.03
CA CYS A 42 3.80 -5.96 -6.90
C CYS A 42 4.32 -5.13 -8.07
N GLY A 43 5.62 -4.85 -8.05
CA GLY A 43 6.22 -4.04 -9.10
C GLY A 43 5.71 -2.61 -9.09
N PHE A 44 5.29 -2.12 -7.92
CA PHE A 44 4.78 -0.76 -7.84
C PHE A 44 5.95 0.19 -7.99
N ASP A 45 6.07 0.79 -9.15
CA ASP A 45 7.14 1.76 -9.40
C ASP A 45 6.70 3.09 -8.81
N LYS A 46 7.22 3.43 -7.65
CA LYS A 46 6.76 4.62 -6.92
C LYS A 46 7.02 5.99 -7.59
N THR A 47 7.68 6.02 -8.73
CA THR A 47 7.90 7.29 -9.45
C THR A 47 7.09 7.34 -10.74
N LYS A 48 6.59 6.19 -11.19
CA LYS A 48 5.66 6.15 -12.33
C LYS A 48 4.22 6.03 -11.81
N HIS A 49 4.10 5.60 -10.58
CA HIS A 49 2.79 5.32 -9.98
C HIS A 49 2.62 6.00 -8.65
N ASP A 50 1.37 6.08 -8.21
CA ASP A 50 1.02 6.69 -6.93
C ASP A 50 0.17 5.69 -6.16
N LEU A 51 0.21 5.78 -4.84
CA LEU A 51 -0.56 4.88 -3.99
C LEU A 51 -1.66 5.66 -3.31
N TYR A 52 -2.84 5.07 -3.23
CA TYR A 52 -3.99 5.71 -2.60
C TYR A 52 -4.57 4.84 -1.50
N TYR A 53 -5.04 5.48 -0.44
CA TYR A 53 -5.76 4.83 0.65
C TYR A 53 -6.77 5.85 1.17
N ASN A 54 -7.98 5.39 1.48
CA ASN A 54 -9.04 6.26 1.99
C ASN A 54 -9.24 7.51 1.11
N MET A 55 -9.12 7.29 -0.20
CA MET A 55 -9.25 8.34 -1.24
C MET A 55 -8.25 9.50 -1.12
N ASP A 56 -7.16 9.28 -0.39
CA ASP A 56 -6.08 10.25 -0.27
C ASP A 56 -4.80 9.60 -0.79
N ILE A 57 -3.79 10.40 -1.06
CA ILE A 57 -2.52 9.91 -1.58
C ILE A 57 -1.62 9.54 -0.42
N LEU A 58 -1.06 8.34 -0.45
CA LEU A 58 -0.08 7.94 0.55
C LEU A 58 1.26 8.53 0.14
N ASP A 59 1.59 9.68 0.72
CA ASP A 59 2.89 10.29 0.47
C ASP A 59 3.96 9.30 0.88
N SER A 60 4.90 9.05 -0.01
CA SER A 60 5.91 8.04 0.21
C SER A 60 7.07 8.46 1.08
N ASN A 61 7.14 9.73 1.45
CA ASN A 61 8.25 10.22 2.26
C ASN A 61 7.99 10.01 3.75
N ARG A 62 6.73 9.98 4.15
CA ARG A 62 6.41 9.85 5.58
C ARG A 62 6.71 8.46 6.10
N THR A 63 7.34 8.41 7.27
CA THR A 63 7.83 7.17 7.86
C THR A 63 6.92 6.68 8.96
N GLN A 64 5.63 6.96 8.83
CA GLN A 64 4.65 6.54 9.83
C GLN A 64 4.51 5.03 9.75
N SER A 65 3.91 4.43 10.76
CA SER A 65 3.63 3.00 10.76
C SER A 65 2.24 2.83 10.20
N LEU A 66 1.94 1.63 9.71
CA LEU A 66 0.63 1.36 9.11
C LEU A 66 -0.51 1.59 10.11
N LYS A 67 -0.22 1.33 11.37
CA LYS A 67 -1.16 1.56 12.45
C LYS A 67 -1.63 3.01 12.56
N GLU A 68 -0.71 3.92 12.32
CA GLU A 68 -1.00 5.36 12.42
C GLU A 68 -1.83 5.82 11.23
N LEU A 69 -1.73 5.07 10.14
CA LEU A 69 -2.51 5.37 8.95
C LEU A 69 -3.93 4.83 9.11
N GLY A 70 -4.10 4.00 10.12
CA GLY A 70 -5.40 3.43 10.45
C GLY A 70 -5.70 2.17 9.67
N LEU A 71 -4.67 1.57 9.10
CA LEU A 71 -4.82 0.37 8.28
C LEU A 71 -5.17 -0.87 9.11
N LYS A 72 -6.03 -1.71 8.55
CA LYS A 72 -6.45 -2.96 9.19
C LYS A 72 -6.52 -4.06 8.13
N THR A 73 -6.77 -5.29 8.55
CA THR A 73 -6.85 -6.46 7.66
C THR A 73 -8.09 -6.48 6.73
N ASP A 74 -8.89 -5.43 6.84
CA ASP A 74 -10.16 -5.33 6.11
C ASP A 74 -10.07 -4.21 5.08
N ASP A 75 -8.86 -3.70 4.89
CA ASP A 75 -8.62 -2.57 3.97
C ASP A 75 -8.15 -2.97 2.57
N LEU A 76 -8.38 -2.05 1.64
CA LEU A 76 -7.95 -2.18 0.25
C LEU A 76 -7.06 -0.99 -0.14
N LEU A 77 -5.94 -1.27 -0.79
CA LEU A 77 -5.02 -0.23 -1.25
C LEU A 77 -5.16 -0.11 -2.75
N LEU A 78 -5.08 1.11 -3.27
CA LEU A 78 -5.28 1.34 -4.71
C LEU A 78 -4.03 1.88 -5.40
N ILE A 79 -3.70 1.31 -6.55
CA ILE A 79 -2.52 1.71 -7.33
C ILE A 79 -2.96 2.57 -8.50
N ARG A 80 -2.43 3.78 -8.59
CA ARG A 80 -2.79 4.72 -9.66
C ARG A 80 -1.51 5.11 -10.38
N GLY A 81 -1.62 5.82 -11.50
CA GLY A 81 -0.45 6.24 -12.23
C GLY A 81 -0.24 7.72 -12.00
N LYS A 82 1.01 8.13 -12.07
CA LYS A 82 1.35 9.55 -11.93
C LYS A 82 0.84 10.29 -13.15
N ILE A 83 0.10 11.37 -12.94
CA ILE A 83 -0.38 12.21 -14.03
C ILE A 83 0.78 13.13 -14.36
N SER A 84 1.31 13.03 -15.57
CA SER A 84 2.45 13.82 -15.99
C SER A 84 2.25 14.29 -17.42
N ASN A 85 2.80 15.46 -17.74
CA ASN A 85 2.71 16.10 -19.06
C ASN A 85 1.26 16.45 -19.44
N SER A 86 1.10 17.06 -20.62
CA SER A 86 -0.22 17.48 -21.13
C SER A 86 -0.73 16.58 -22.25
N HIS A 1 4.97 -20.24 18.74
CA HIS A 1 6.09 -19.97 17.79
C HIS A 1 5.71 -19.10 16.62
N ILE A 2 4.40 -19.03 16.39
CA ILE A 2 3.82 -18.25 15.30
C ILE A 2 3.85 -16.76 15.63
N GLU A 3 4.06 -15.94 14.62
CA GLU A 3 4.08 -14.49 14.75
C GLU A 3 2.67 -13.94 15.02
N GLY A 4 2.59 -12.67 15.37
CA GLY A 4 1.31 -12.03 15.63
C GLY A 4 1.30 -10.62 15.07
N ARG A 5 0.21 -9.89 15.30
CA ARG A 5 0.01 -8.52 14.82
C ARG A 5 0.15 -8.38 13.29
N HIS A 6 -0.12 -9.45 12.58
CA HIS A 6 -0.22 -9.38 11.13
C HIS A 6 -1.62 -8.96 10.79
N MET A 7 -1.75 -8.27 9.66
CA MET A 7 -3.02 -7.91 9.09
C MET A 7 -2.86 -8.13 7.59
N ASP A 8 -3.96 -8.44 6.94
CA ASP A 8 -3.96 -8.73 5.51
C ASP A 8 -4.38 -7.50 4.75
N LEU A 9 -3.50 -6.94 3.95
CA LEU A 9 -3.85 -5.79 3.12
C LEU A 9 -3.95 -6.27 1.70
N THR A 10 -5.05 -5.94 1.06
CA THR A 10 -5.25 -6.34 -0.33
C THR A 10 -4.82 -5.20 -1.21
N ILE A 11 -4.06 -5.50 -2.25
CA ILE A 11 -3.55 -4.47 -3.14
C ILE A 11 -4.33 -4.60 -4.44
N SER A 12 -4.71 -3.50 -5.06
CA SER A 12 -5.41 -3.56 -6.34
C SER A 12 -4.93 -2.44 -7.25
N ASN A 13 -4.73 -2.77 -8.51
CA ASN A 13 -4.22 -1.81 -9.46
C ASN A 13 -5.36 -1.08 -10.15
N GLU A 14 -5.61 0.13 -9.70
CA GLU A 14 -6.65 0.99 -10.25
C GLU A 14 -6.35 1.32 -11.71
N LEU A 15 -5.08 1.17 -12.07
CA LEU A 15 -4.60 1.45 -13.43
C LEU A 15 -4.98 0.38 -14.43
N THR A 16 -5.07 -0.86 -13.98
CA THR A 16 -5.24 -2.00 -14.88
C THR A 16 -6.51 -2.79 -14.59
N GLY A 17 -7.06 -2.58 -13.40
CA GLY A 17 -8.22 -3.32 -12.96
C GLY A 17 -7.84 -4.65 -12.31
N GLU A 18 -6.55 -4.95 -12.28
CA GLU A 18 -6.07 -6.22 -11.72
C GLU A 18 -6.03 -6.18 -10.20
N ILE A 19 -6.14 -7.37 -9.60
CA ILE A 19 -6.13 -7.51 -8.15
C ILE A 19 -4.86 -8.25 -7.74
N TYR A 20 -4.13 -7.71 -6.78
CA TYR A 20 -2.92 -8.33 -6.26
C TYR A 20 -3.26 -8.99 -4.92
N GLY A 21 -2.29 -9.66 -4.33
CA GLY A 21 -2.55 -10.49 -3.17
C GLY A 21 -2.92 -9.83 -1.87
N PRO A 22 -3.79 -10.47 -1.07
CA PRO A 22 -3.70 -10.00 0.30
C PRO A 22 -2.43 -10.50 0.91
N ILE A 23 -1.67 -9.53 1.31
CA ILE A 23 -0.33 -9.74 1.87
C ILE A 23 -0.34 -9.52 3.38
N GLU A 24 0.42 -10.37 4.06
CA GLU A 24 0.51 -10.34 5.51
C GLU A 24 1.59 -9.36 5.91
N VAL A 25 1.14 -8.21 6.41
CA VAL A 25 2.04 -7.16 6.86
C VAL A 25 1.74 -6.87 8.31
N SER A 26 2.63 -6.16 8.96
CA SER A 26 2.45 -5.88 10.38
C SER A 26 1.96 -4.47 10.62
N GLU A 27 1.25 -4.30 11.73
CA GLU A 27 0.71 -3.01 12.13
C GLU A 27 1.79 -1.91 12.25
N ASP A 28 2.99 -2.33 12.60
CA ASP A 28 4.10 -1.42 12.91
C ASP A 28 5.13 -1.40 11.80
N MET A 29 4.78 -1.96 10.65
CA MET A 29 5.61 -1.86 9.46
C MET A 29 5.55 -0.40 9.05
N ALA A 30 6.64 0.16 8.56
CA ALA A 30 6.61 1.55 8.13
C ALA A 30 5.89 1.64 6.78
N LEU A 31 5.34 2.80 6.50
CA LEU A 31 4.71 3.06 5.20
C LEU A 31 5.73 2.85 4.10
N THR A 32 6.96 3.29 4.33
CA THR A 32 8.00 3.14 3.33
C THR A 32 8.36 1.68 3.12
N ASP A 33 8.24 0.87 4.17
CA ASP A 33 8.63 -0.53 4.10
C ASP A 33 7.56 -1.32 3.36
N LEU A 34 6.31 -0.94 3.54
CA LEU A 34 5.22 -1.54 2.77
C LEU A 34 5.49 -1.29 1.29
N ILE A 35 5.86 -0.07 0.96
CA ILE A 35 6.16 0.27 -0.43
C ILE A 35 7.40 -0.46 -0.91
N ALA A 36 8.35 -0.70 -0.02
CA ALA A 36 9.53 -1.49 -0.40
C ALA A 36 9.10 -2.90 -0.88
N LEU A 37 8.10 -3.48 -0.22
CA LEU A 37 7.56 -4.77 -0.66
C LEU A 37 6.80 -4.61 -1.96
N LEU A 38 6.03 -3.53 -2.11
CA LEU A 38 5.28 -3.29 -3.33
C LEU A 38 6.20 -3.06 -4.53
N GLN A 39 7.38 -2.50 -4.31
CA GLN A 39 8.36 -2.34 -5.39
C GLN A 39 8.86 -3.69 -5.87
N ALA A 40 9.02 -4.64 -4.95
CA ALA A 40 9.53 -5.95 -5.29
C ALA A 40 8.47 -6.87 -5.92
N ASP A 41 7.27 -6.87 -5.36
CA ASP A 41 6.20 -7.77 -5.80
C ASP A 41 5.30 -7.15 -6.86
N CYS A 42 4.69 -6.02 -6.52
CA CYS A 42 3.72 -5.37 -7.38
C CYS A 42 4.35 -4.50 -8.47
N GLY A 43 5.67 -4.35 -8.40
CA GLY A 43 6.38 -3.50 -9.35
C GLY A 43 6.01 -2.04 -9.19
N PHE A 44 5.56 -1.66 -8.00
CA PHE A 44 5.09 -0.31 -7.76
C PHE A 44 6.27 0.62 -7.56
N ASP A 45 6.57 1.41 -8.58
CA ASP A 45 7.60 2.43 -8.49
C ASP A 45 6.95 3.70 -7.98
N LYS A 46 7.32 4.11 -6.78
CA LYS A 46 6.78 5.33 -6.14
C LYS A 46 7.01 6.63 -6.91
N THR A 47 7.82 6.60 -7.96
CA THR A 47 8.06 7.79 -8.77
C THR A 47 7.19 7.84 -10.02
N LYS A 48 6.64 6.70 -10.42
CA LYS A 48 5.82 6.63 -11.63
C LYS A 48 4.38 6.46 -11.21
N HIS A 49 4.22 5.88 -10.03
CA HIS A 49 2.92 5.49 -9.53
C HIS A 49 2.69 6.03 -8.13
N ASP A 50 1.45 6.09 -7.72
CA ASP A 50 1.06 6.65 -6.43
C ASP A 50 0.16 5.66 -5.68
N LEU A 51 0.20 5.71 -4.35
CA LEU A 51 -0.57 4.77 -3.54
C LEU A 51 -1.74 5.52 -2.91
N TYR A 52 -2.92 4.95 -3.04
CA TYR A 52 -4.14 5.58 -2.54
C TYR A 52 -4.79 4.75 -1.46
N TYR A 53 -5.33 5.43 -0.46
CA TYR A 53 -6.11 4.81 0.60
C TYR A 53 -7.21 5.79 0.97
N ASN A 54 -8.42 5.29 1.16
CA ASN A 54 -9.60 6.14 1.46
C ASN A 54 -9.74 7.26 0.41
N MET A 55 -9.40 6.92 -0.82
CA MET A 55 -9.42 7.84 -1.98
C MET A 55 -8.51 9.07 -1.87
N ASP A 56 -7.59 9.05 -0.92
CA ASP A 56 -6.60 10.12 -0.75
C ASP A 56 -5.22 9.52 -1.02
N ILE A 57 -4.24 10.38 -1.23
CA ILE A 57 -2.89 9.94 -1.58
C ILE A 57 -2.04 9.70 -0.33
N LEU A 58 -1.49 8.51 -0.22
CA LEU A 58 -0.52 8.23 0.82
C LEU A 58 0.83 8.68 0.25
N ASP A 59 1.39 9.72 0.83
CA ASP A 59 2.70 10.20 0.37
C ASP A 59 3.69 9.09 0.63
N SER A 60 4.31 8.64 -0.45
CA SER A 60 5.20 7.49 -0.42
C SER A 60 6.43 7.63 0.45
N ASN A 61 6.67 8.82 0.98
CA ASN A 61 7.86 9.12 1.76
C ASN A 61 7.60 9.29 3.26
N ARG A 62 6.34 9.14 3.69
CA ARG A 62 6.03 9.26 5.11
C ARG A 62 6.68 8.11 5.87
N THR A 63 7.21 8.40 7.05
CA THR A 63 7.86 7.38 7.88
C THR A 63 6.94 6.93 9.00
N GLN A 64 5.64 7.03 8.77
CA GLN A 64 4.65 6.58 9.75
C GLN A 64 4.55 5.06 9.66
N SER A 65 3.91 4.46 10.64
CA SER A 65 3.62 3.03 10.62
C SER A 65 2.23 2.89 10.05
N LEU A 66 1.92 1.70 9.57
CA LEU A 66 0.63 1.44 8.93
C LEU A 66 -0.54 1.73 9.86
N LYS A 67 -0.36 1.46 11.14
CA LYS A 67 -1.41 1.67 12.09
C LYS A 67 -1.72 3.13 12.38
N GLU A 68 -0.77 4.02 12.14
CA GLU A 68 -1.01 5.46 12.30
C GLU A 68 -1.79 6.00 11.13
N LEU A 69 -1.73 5.26 10.02
CA LEU A 69 -2.49 5.60 8.83
C LEU A 69 -3.92 5.07 8.98
N GLY A 70 -4.12 4.27 10.02
CA GLY A 70 -5.43 3.72 10.32
C GLY A 70 -5.70 2.42 9.58
N LEU A 71 -4.64 1.81 9.05
CA LEU A 71 -4.80 0.57 8.28
C LEU A 71 -5.09 -0.64 9.17
N LYS A 72 -5.88 -1.56 8.63
CA LYS A 72 -6.30 -2.78 9.32
C LYS A 72 -6.46 -3.87 8.28
N THR A 73 -6.70 -5.10 8.72
CA THR A 73 -6.85 -6.26 7.83
C THR A 73 -8.09 -6.25 6.92
N ASP A 74 -8.92 -5.24 7.08
CA ASP A 74 -10.18 -5.11 6.33
C ASP A 74 -10.00 -4.11 5.19
N ASP A 75 -8.78 -3.62 5.04
CA ASP A 75 -8.51 -2.58 4.03
C ASP A 75 -7.98 -3.07 2.69
N LEU A 76 -8.29 -2.26 1.67
CA LEU A 76 -7.80 -2.47 0.31
C LEU A 76 -7.09 -1.19 -0.14
N LEU A 77 -5.92 -1.36 -0.73
CA LEU A 77 -5.08 -0.25 -1.18
C LEU A 77 -5.13 -0.18 -2.70
N LEU A 78 -5.12 1.03 -3.25
CA LEU A 78 -5.20 1.23 -4.69
C LEU A 78 -3.91 1.78 -5.28
N ILE A 79 -3.55 1.29 -6.45
CA ILE A 79 -2.33 1.72 -7.15
C ILE A 79 -2.75 2.58 -8.34
N ARG A 80 -2.32 3.83 -8.36
CA ARG A 80 -2.63 4.75 -9.46
C ARG A 80 -1.33 5.22 -10.08
N GLY A 81 -1.41 6.01 -11.13
CA GLY A 81 -0.23 6.55 -11.76
C GLY A 81 -0.07 7.98 -11.33
N LYS A 82 1.16 8.45 -11.32
CA LYS A 82 1.43 9.86 -11.02
C LYS A 82 0.89 10.66 -12.19
N ILE A 83 -0.09 11.51 -11.91
CA ILE A 83 -0.75 12.29 -12.95
C ILE A 83 0.23 13.32 -13.54
N SER A 84 1.08 13.87 -12.67
CA SER A 84 2.14 14.82 -13.07
C SER A 84 1.61 16.01 -13.89
N ASN A 85 0.40 16.45 -13.58
CA ASN A 85 -0.24 17.57 -14.31
C ASN A 85 0.58 18.86 -14.27
N SER A 86 1.27 19.10 -13.16
CA SER A 86 2.11 20.28 -12.98
C SER A 86 3.20 20.04 -11.94
N HIS A 1 -10.92 -8.52 14.92
CA HIS A 1 -10.77 -9.78 15.69
C HIS A 1 -9.71 -10.72 15.14
N ILE A 2 -8.98 -11.35 16.10
CA ILE A 2 -7.88 -12.31 15.86
C ILE A 2 -6.63 -11.54 15.35
N GLU A 3 -5.45 -12.11 15.59
CA GLU A 3 -4.16 -11.52 15.25
C GLU A 3 -3.97 -10.02 15.51
N GLY A 4 -4.09 -9.18 14.49
CA GLY A 4 -3.79 -7.77 14.63
C GLY A 4 -2.30 -7.51 14.45
N ARG A 5 -1.49 -8.37 15.07
CA ARG A 5 -0.03 -8.30 14.91
C ARG A 5 0.34 -8.49 13.46
N HIS A 6 -0.45 -9.31 12.77
CA HIS A 6 -0.37 -9.44 11.34
C HIS A 6 -1.75 -9.16 10.81
N MET A 7 -1.80 -8.45 9.70
CA MET A 7 -3.04 -8.05 9.07
C MET A 7 -2.82 -8.18 7.57
N ASP A 8 -3.88 -8.49 6.85
CA ASP A 8 -3.76 -8.81 5.44
C ASP A 8 -4.37 -7.68 4.62
N LEU A 9 -3.58 -7.09 3.74
CA LEU A 9 -4.05 -6.00 2.89
C LEU A 9 -4.15 -6.51 1.49
N THR A 10 -5.20 -6.12 0.80
CA THR A 10 -5.39 -6.51 -0.60
C THR A 10 -5.05 -5.31 -1.46
N ILE A 11 -4.41 -5.55 -2.59
CA ILE A 11 -3.95 -4.48 -3.47
C ILE A 11 -4.72 -4.54 -4.78
N SER A 12 -5.22 -3.42 -5.24
CA SER A 12 -5.95 -3.34 -6.51
C SER A 12 -5.22 -2.43 -7.47
N ASN A 13 -4.79 -3.00 -8.60
CA ASN A 13 -4.09 -2.22 -9.61
C ASN A 13 -5.12 -1.59 -10.53
N GLU A 14 -5.58 -0.40 -10.18
CA GLU A 14 -6.57 0.34 -10.95
C GLU A 14 -6.06 0.68 -12.35
N LEU A 15 -4.75 0.57 -12.52
CA LEU A 15 -4.10 0.80 -13.80
C LEU A 15 -4.30 -0.34 -14.79
N THR A 16 -4.42 -1.55 -14.28
CA THR A 16 -4.42 -2.75 -15.12
C THR A 16 -5.71 -3.55 -14.99
N GLY A 17 -6.45 -3.29 -13.91
CA GLY A 17 -7.68 -4.02 -13.64
C GLY A 17 -7.42 -5.34 -12.93
N GLU A 18 -6.20 -5.52 -12.47
CA GLU A 18 -5.80 -6.76 -11.78
C GLU A 18 -5.87 -6.59 -10.28
N ILE A 19 -6.16 -7.68 -9.60
CA ILE A 19 -6.20 -7.70 -8.14
C ILE A 19 -4.97 -8.48 -7.69
N TYR A 20 -4.15 -7.85 -6.86
CA TYR A 20 -2.94 -8.45 -6.35
C TYR A 20 -3.26 -9.15 -5.02
N GLY A 21 -2.25 -9.80 -4.45
CA GLY A 21 -2.47 -10.66 -3.30
C GLY A 21 -2.87 -10.03 -2.01
N PRO A 22 -3.64 -10.76 -1.18
CA PRO A 22 -3.58 -10.28 0.19
C PRO A 22 -2.25 -10.61 0.79
N ILE A 23 -1.58 -9.54 1.12
CA ILE A 23 -0.23 -9.58 1.66
C ILE A 23 -0.23 -9.36 3.17
N GLU A 24 0.50 -10.23 3.86
CA GLU A 24 0.51 -10.25 5.31
C GLU A 24 1.56 -9.28 5.86
N VAL A 25 1.07 -8.16 6.37
CA VAL A 25 1.89 -7.08 6.89
C VAL A 25 1.59 -6.86 8.36
N SER A 26 2.40 -6.06 9.02
CA SER A 26 2.20 -5.78 10.44
C SER A 26 1.80 -4.34 10.65
N GLU A 27 1.03 -4.11 11.71
CA GLU A 27 0.60 -2.75 12.08
C GLU A 27 1.80 -1.80 12.31
N ASP A 28 2.93 -2.38 12.71
CA ASP A 28 4.11 -1.61 13.09
C ASP A 28 5.04 -1.33 11.91
N MET A 29 4.70 -1.91 10.76
CA MET A 29 5.53 -1.77 9.55
C MET A 29 5.49 -0.31 9.11
N ALA A 30 6.61 0.22 8.68
CA ALA A 30 6.65 1.60 8.23
C ALA A 30 6.07 1.65 6.82
N LEU A 31 5.53 2.79 6.43
CA LEU A 31 5.00 2.97 5.08
C LEU A 31 6.13 2.77 4.06
N THR A 32 7.32 3.21 4.41
CA THR A 32 8.48 3.04 3.53
C THR A 32 8.76 1.56 3.30
N ASP A 33 8.53 0.74 4.33
CA ASP A 33 8.79 -0.69 4.24
C ASP A 33 7.70 -1.36 3.43
N LEU A 34 6.47 -0.88 3.61
CA LEU A 34 5.35 -1.38 2.83
C LEU A 34 5.61 -1.13 1.35
N ILE A 35 5.96 0.10 1.00
CA ILE A 35 6.25 0.42 -0.40
C ILE A 35 7.48 -0.35 -0.88
N ALA A 36 8.43 -0.59 0.00
CA ALA A 36 9.61 -1.39 -0.38
C ALA A 36 9.17 -2.78 -0.88
N LEU A 37 8.21 -3.39 -0.18
CA LEU A 37 7.67 -4.68 -0.59
C LEU A 37 6.89 -4.53 -1.89
N LEU A 38 6.08 -3.49 -1.98
CA LEU A 38 5.25 -3.27 -3.16
C LEU A 38 6.07 -3.01 -4.42
N GLN A 39 7.21 -2.37 -4.27
CA GLN A 39 8.13 -2.17 -5.38
C GLN A 39 8.70 -3.50 -5.88
N ALA A 40 8.92 -4.44 -4.96
CA ALA A 40 9.49 -5.74 -5.30
C ALA A 40 8.45 -6.71 -5.90
N ASP A 41 7.29 -6.78 -5.27
CA ASP A 41 6.26 -7.75 -5.65
C ASP A 41 5.22 -7.20 -6.63
N CYS A 42 4.57 -6.13 -6.23
CA CYS A 42 3.49 -5.54 -7.04
C CYS A 42 4.04 -4.65 -8.16
N GLY A 43 5.34 -4.44 -8.16
CA GLY A 43 5.96 -3.58 -9.16
C GLY A 43 5.52 -2.14 -9.02
N PHE A 44 5.08 -1.75 -7.83
CA PHE A 44 4.58 -0.40 -7.64
C PHE A 44 5.79 0.51 -7.53
N ASP A 45 6.06 1.25 -8.59
CA ASP A 45 7.15 2.22 -8.59
C ASP A 45 6.64 3.53 -8.04
N LYS A 46 7.09 3.91 -6.85
CA LYS A 46 6.61 5.15 -6.23
C LYS A 46 6.99 6.43 -6.99
N THR A 47 7.83 6.31 -8.02
CA THR A 47 8.18 7.47 -8.83
C THR A 47 7.27 7.63 -10.05
N LYS A 48 6.61 6.55 -10.46
CA LYS A 48 5.72 6.58 -11.63
C LYS A 48 4.28 6.47 -11.21
N HIS A 49 4.09 6.02 -9.98
CA HIS A 49 2.76 5.70 -9.47
C HIS A 49 2.56 6.24 -8.06
N ASP A 50 1.30 6.32 -7.67
CA ASP A 50 0.90 6.80 -6.35
C ASP A 50 0.00 5.77 -5.71
N LEU A 51 0.07 5.68 -4.40
CA LEU A 51 -0.76 4.77 -3.63
C LEU A 51 -1.92 5.56 -3.08
N TYR A 52 -3.08 4.96 -3.07
CA TYR A 52 -4.28 5.62 -2.53
C TYR A 52 -4.87 4.77 -1.42
N TYR A 53 -5.26 5.46 -0.35
CA TYR A 53 -5.89 4.85 0.82
C TYR A 53 -6.93 5.83 1.32
N ASN A 54 -8.13 5.35 1.59
CA ASN A 54 -9.23 6.20 2.07
C ASN A 54 -9.47 7.41 1.14
N MET A 55 -9.21 7.17 -0.15
CA MET A 55 -9.33 8.17 -1.23
C MET A 55 -8.36 9.36 -1.14
N ASP A 56 -7.32 9.22 -0.32
CA ASP A 56 -6.25 10.22 -0.23
C ASP A 56 -4.98 9.54 -0.71
N ILE A 57 -3.95 10.32 -1.01
CA ILE A 57 -2.69 9.80 -1.51
C ILE A 57 -1.76 9.50 -0.34
N LEU A 58 -1.24 8.28 -0.29
CA LEU A 58 -0.24 7.95 0.72
C LEU A 58 1.08 8.49 0.21
N ASP A 59 1.51 9.60 0.81
CA ASP A 59 2.77 10.23 0.44
C ASP A 59 3.90 9.27 0.75
N SER A 60 4.54 8.81 -0.32
CA SER A 60 5.60 7.82 -0.26
C SER A 60 6.86 8.23 0.50
N ASN A 61 6.92 9.49 0.92
CA ASN A 61 8.06 10.01 1.67
C ASN A 61 7.81 9.98 3.19
N ARG A 62 6.62 9.58 3.61
CA ARG A 62 6.34 9.47 5.04
C ARG A 62 6.90 8.16 5.56
N THR A 63 7.35 8.17 6.81
CA THR A 63 7.90 6.99 7.46
C THR A 63 7.03 6.59 8.66
N GLN A 64 5.74 6.91 8.58
CA GLN A 64 4.81 6.55 9.65
C GLN A 64 4.57 5.06 9.58
N SER A 65 4.00 4.49 10.62
CA SER A 65 3.68 3.07 10.66
C SER A 65 2.25 2.92 10.21
N LEU A 66 1.89 1.72 9.76
CA LEU A 66 0.55 1.48 9.23
C LEU A 66 -0.54 1.76 10.27
N LYS A 67 -0.21 1.53 11.53
CA LYS A 67 -1.11 1.79 12.62
C LYS A 67 -1.42 3.28 12.82
N GLU A 68 -0.53 4.16 12.39
CA GLU A 68 -0.76 5.61 12.49
C GLU A 68 -1.73 6.03 11.39
N LEU A 69 -1.70 5.28 10.29
CA LEU A 69 -2.54 5.57 9.15
C LEU A 69 -3.93 5.00 9.43
N GLY A 70 -4.00 4.18 10.46
CA GLY A 70 -5.27 3.64 10.95
C GLY A 70 -5.77 2.51 10.09
N LEU A 71 -4.87 1.86 9.36
CA LEU A 71 -5.25 0.78 8.47
C LEU A 71 -5.10 -0.59 9.12
N LYS A 72 -5.91 -1.53 8.63
CA LYS A 72 -6.09 -2.84 9.26
C LYS A 72 -6.25 -3.93 8.19
N THR A 73 -6.52 -5.16 8.63
CA THR A 73 -6.73 -6.31 7.73
C THR A 73 -8.00 -6.24 6.86
N ASP A 74 -8.79 -5.22 7.10
CA ASP A 74 -10.08 -5.06 6.42
C ASP A 74 -9.94 -4.05 5.29
N ASP A 75 -8.73 -3.57 5.08
CA ASP A 75 -8.47 -2.55 4.06
C ASP A 75 -7.98 -3.06 2.72
N LEU A 76 -8.22 -2.23 1.71
CA LEU A 76 -7.81 -2.51 0.34
C LEU A 76 -7.18 -1.24 -0.21
N LEU A 77 -6.04 -1.39 -0.86
CA LEU A 77 -5.24 -0.26 -1.32
C LEU A 77 -5.33 -0.15 -2.84
N LEU A 78 -5.35 1.07 -3.35
CA LEU A 78 -5.50 1.30 -4.80
C LEU A 78 -4.20 1.83 -5.41
N ILE A 79 -3.88 1.39 -6.61
CA ILE A 79 -2.67 1.84 -7.31
C ILE A 79 -3.06 2.75 -8.47
N ARG A 80 -2.58 3.98 -8.46
CA ARG A 80 -2.88 4.96 -9.51
C ARG A 80 -1.57 5.37 -10.17
N GLY A 81 -1.61 5.71 -11.45
CA GLY A 81 -0.42 6.18 -12.12
C GLY A 81 -0.39 7.68 -11.99
N LYS A 82 0.81 8.19 -11.87
CA LYS A 82 1.02 9.65 -11.77
C LYS A 82 0.74 10.27 -13.12
N ILE A 83 0.99 9.49 -14.15
CA ILE A 83 0.71 9.90 -15.52
C ILE A 83 -0.75 9.56 -15.80
N SER A 84 -1.65 10.41 -15.32
CA SER A 84 -3.08 10.20 -15.46
C SER A 84 -3.77 11.54 -15.31
N ASN A 85 -5.03 11.61 -15.71
CA ASN A 85 -5.81 12.83 -15.52
C ASN A 85 -6.28 12.91 -14.06
N SER A 86 -6.48 14.14 -13.60
CA SER A 86 -7.08 14.38 -12.28
C SER A 86 -8.60 14.21 -12.35
N HIS A 1 -3.71 -15.36 8.55
CA HIS A 1 -5.07 -14.74 8.33
C HIS A 1 -5.85 -14.54 9.61
N ILE A 2 -5.19 -14.89 10.72
CA ILE A 2 -5.77 -14.66 12.04
C ILE A 2 -5.51 -13.20 12.43
N GLU A 3 -6.42 -12.64 13.20
CA GLU A 3 -6.24 -11.27 13.68
C GLU A 3 -5.06 -11.28 14.66
N GLY A 4 -4.18 -10.29 14.56
CA GLY A 4 -2.99 -10.29 15.38
C GLY A 4 -2.01 -9.23 14.96
N ARG A 5 -0.73 -9.50 15.18
CA ARG A 5 0.34 -8.53 14.82
C ARG A 5 0.53 -8.41 13.32
N HIS A 6 -0.17 -9.23 12.55
CA HIS A 6 -0.15 -9.15 11.09
C HIS A 6 -1.55 -8.84 10.65
N MET A 7 -1.63 -8.19 9.51
CA MET A 7 -2.89 -7.86 8.88
C MET A 7 -2.76 -8.17 7.40
N ASP A 8 -3.87 -8.50 6.78
CA ASP A 8 -3.90 -8.82 5.36
C ASP A 8 -4.39 -7.60 4.63
N LEU A 9 -3.55 -7.02 3.81
CA LEU A 9 -3.93 -5.84 3.04
C LEU A 9 -4.11 -6.25 1.60
N THR A 10 -5.22 -5.88 1.00
CA THR A 10 -5.48 -6.28 -0.39
C THR A 10 -5.13 -5.14 -1.31
N ILE A 11 -4.35 -5.47 -2.32
CA ILE A 11 -3.83 -4.47 -3.25
C ILE A 11 -4.57 -4.65 -4.58
N SER A 12 -4.97 -3.54 -5.19
CA SER A 12 -5.65 -3.60 -6.49
C SER A 12 -5.17 -2.47 -7.39
N ASN A 13 -5.01 -2.77 -8.67
CA ASN A 13 -4.51 -1.82 -9.63
C ASN A 13 -5.59 -1.03 -10.34
N GLU A 14 -5.61 0.27 -10.13
CA GLU A 14 -6.60 1.15 -10.76
C GLU A 14 -6.30 1.35 -12.26
N LEU A 15 -5.08 1.07 -12.67
CA LEU A 15 -4.71 1.23 -14.09
C LEU A 15 -5.08 0.03 -14.95
N THR A 16 -4.90 -1.17 -14.40
CA THR A 16 -5.06 -2.40 -15.20
C THR A 16 -6.30 -3.18 -14.81
N GLY A 17 -6.87 -2.86 -13.65
CA GLY A 17 -8.01 -3.59 -13.12
C GLY A 17 -7.62 -4.86 -12.38
N GLU A 18 -6.33 -5.17 -12.36
CA GLU A 18 -5.86 -6.40 -11.74
C GLU A 18 -5.97 -6.39 -10.23
N ILE A 19 -6.11 -7.58 -9.67
CA ILE A 19 -6.20 -7.76 -8.22
C ILE A 19 -4.93 -8.48 -7.81
N TYR A 20 -4.24 -7.93 -6.83
CA TYR A 20 -3.04 -8.51 -6.30
C TYR A 20 -3.40 -9.17 -4.97
N GLY A 21 -2.46 -9.88 -4.38
CA GLY A 21 -2.76 -10.68 -3.23
C GLY A 21 -3.06 -9.97 -1.94
N PRO A 22 -3.86 -10.59 -1.06
CA PRO A 22 -3.74 -10.08 0.29
C PRO A 22 -2.40 -10.49 0.87
N ILE A 23 -1.66 -9.47 1.23
CA ILE A 23 -0.29 -9.62 1.74
C ILE A 23 -0.25 -9.42 3.23
N GLU A 24 0.46 -10.31 3.91
CA GLU A 24 0.58 -10.27 5.36
C GLU A 24 1.71 -9.31 5.76
N VAL A 25 1.31 -8.17 6.28
CA VAL A 25 2.27 -7.17 6.75
C VAL A 25 1.96 -6.87 8.18
N SER A 26 2.86 -6.19 8.86
CA SER A 26 2.65 -5.89 10.28
C SER A 26 2.07 -4.51 10.46
N GLU A 27 1.31 -4.30 11.52
CA GLU A 27 0.75 -2.98 11.81
C GLU A 27 1.86 -1.98 12.12
N ASP A 28 2.95 -2.48 12.69
CA ASP A 28 4.09 -1.66 13.09
C ASP A 28 5.08 -1.47 11.94
N MET A 29 4.73 -1.94 10.75
CA MET A 29 5.58 -1.81 9.57
C MET A 29 5.53 -0.33 9.15
N ALA A 30 6.63 0.22 8.69
CA ALA A 30 6.63 1.60 8.27
C ALA A 30 5.94 1.72 6.92
N LEU A 31 5.41 2.89 6.63
CA LEU A 31 4.79 3.18 5.34
C LEU A 31 5.80 2.92 4.23
N THR A 32 7.03 3.36 4.43
CA THR A 32 8.07 3.20 3.41
C THR A 32 8.44 1.72 3.19
N ASP A 33 8.32 0.91 4.24
CA ASP A 33 8.66 -0.52 4.15
C ASP A 33 7.56 -1.26 3.41
N LEU A 34 6.32 -0.83 3.59
CA LEU A 34 5.21 -1.39 2.84
C LEU A 34 5.46 -1.13 1.37
N ILE A 35 5.87 0.09 1.02
CA ILE A 35 6.18 0.41 -0.36
C ILE A 35 7.34 -0.44 -0.87
N ALA A 36 8.33 -0.69 -0.03
CA ALA A 36 9.47 -1.52 -0.44
C ALA A 36 9.01 -2.93 -0.83
N LEU A 37 8.04 -3.47 -0.10
CA LEU A 37 7.47 -4.78 -0.43
C LEU A 37 6.73 -4.69 -1.75
N LEU A 38 5.95 -3.63 -1.92
CA LEU A 38 5.19 -3.43 -3.14
C LEU A 38 6.07 -3.24 -4.37
N GLN A 39 7.27 -2.70 -4.20
CA GLN A 39 8.22 -2.57 -5.30
C GLN A 39 8.65 -3.95 -5.80
N ALA A 40 8.89 -4.88 -4.89
CA ALA A 40 9.37 -6.20 -5.25
C ALA A 40 8.23 -7.11 -5.74
N ASP A 41 7.13 -7.13 -5.01
CA ASP A 41 6.02 -8.05 -5.28
C ASP A 41 5.03 -7.54 -6.32
N CYS A 42 4.69 -6.27 -6.24
CA CYS A 42 3.67 -5.67 -7.10
C CYS A 42 4.24 -4.79 -8.20
N GLY A 43 5.55 -4.58 -8.18
CA GLY A 43 6.20 -3.75 -9.17
C GLY A 43 5.86 -2.27 -9.04
N PHE A 44 5.42 -1.85 -7.86
CA PHE A 44 5.04 -0.45 -7.64
C PHE A 44 6.26 0.46 -7.72
N ASP A 45 6.11 1.63 -8.32
CA ASP A 45 7.19 2.61 -8.38
C ASP A 45 6.66 3.96 -7.98
N LYS A 46 7.11 4.47 -6.84
CA LYS A 46 6.61 5.74 -6.31
C LYS A 46 6.93 6.96 -7.20
N THR A 47 7.78 6.80 -8.20
CA THR A 47 8.08 7.89 -9.12
C THR A 47 7.14 7.92 -10.33
N LYS A 48 6.52 6.79 -10.63
CA LYS A 48 5.67 6.67 -11.82
C LYS A 48 4.22 6.41 -11.41
N HIS A 49 4.03 6.05 -10.16
CA HIS A 49 2.73 5.67 -9.64
C HIS A 49 2.47 6.35 -8.32
N ASP A 50 1.20 6.36 -7.93
CA ASP A 50 0.74 6.87 -6.64
C ASP A 50 0.05 5.72 -5.94
N LEU A 51 0.11 5.73 -4.61
CA LEU A 51 -0.53 4.72 -3.79
C LEU A 51 -1.71 5.42 -3.10
N TYR A 52 -2.86 4.79 -3.14
CA TYR A 52 -4.05 5.35 -2.53
C TYR A 52 -4.54 4.49 -1.38
N TYR A 53 -4.98 5.16 -0.32
CA TYR A 53 -5.63 4.52 0.82
C TYR A 53 -6.73 5.46 1.24
N ASN A 54 -7.90 4.92 1.55
CA ASN A 54 -9.08 5.72 1.95
C ASN A 54 -9.40 6.77 0.85
N MET A 55 -9.06 6.40 -0.38
CA MET A 55 -9.27 7.22 -1.60
C MET A 55 -8.47 8.54 -1.62
N ASP A 56 -7.48 8.68 -0.75
CA ASP A 56 -6.55 9.81 -0.77
C ASP A 56 -5.14 9.25 -1.05
N ILE A 57 -4.21 10.13 -1.40
CA ILE A 57 -2.85 9.73 -1.80
C ILE A 57 -1.93 9.59 -0.59
N LEU A 58 -1.27 8.45 -0.49
CA LEU A 58 -0.28 8.24 0.56
C LEU A 58 1.04 8.86 0.10
N ASP A 59 1.51 9.87 0.83
CA ASP A 59 2.81 10.46 0.54
C ASP A 59 3.87 9.40 0.82
N SER A 60 4.63 9.06 -0.21
CA SER A 60 5.62 8.00 -0.15
C SER A 60 6.83 8.33 0.75
N ASN A 61 6.90 9.56 1.24
CA ASN A 61 7.99 9.97 2.12
C ASN A 61 7.61 9.89 3.62
N ARG A 62 6.38 9.48 3.91
CA ARG A 62 5.95 9.37 5.32
C ARG A 62 6.70 8.24 6.02
N THR A 63 7.14 8.50 7.24
CA THR A 63 7.86 7.51 8.03
C THR A 63 7.00 6.93 9.15
N GLN A 64 5.70 7.13 9.04
CA GLN A 64 4.76 6.64 10.05
C GLN A 64 4.58 5.14 9.87
N SER A 65 4.01 4.50 10.86
CA SER A 65 3.72 3.07 10.82
C SER A 65 2.33 2.95 10.26
N LEU A 66 1.99 1.79 9.71
CA LEU A 66 0.67 1.56 9.12
C LEU A 66 -0.44 1.71 10.17
N LYS A 67 -0.11 1.35 11.40
CA LYS A 67 -1.00 1.48 12.55
C LYS A 67 -1.43 2.91 12.77
N GLU A 68 -0.53 3.84 12.52
CA GLU A 68 -0.77 5.26 12.74
C GLU A 68 -1.59 5.85 11.62
N LEU A 69 -1.61 5.18 10.48
CA LEU A 69 -2.40 5.64 9.34
C LEU A 69 -3.82 5.13 9.46
N GLY A 70 -4.02 4.23 10.42
CA GLY A 70 -5.32 3.73 10.76
C GLY A 70 -5.82 2.63 9.83
N LEU A 71 -4.94 2.09 9.01
CA LEU A 71 -5.33 1.04 8.07
C LEU A 71 -5.26 -0.33 8.74
N LYS A 72 -5.90 -1.32 8.16
CA LYS A 72 -6.13 -2.62 8.83
C LYS A 72 -6.36 -3.77 7.88
N THR A 73 -6.50 -4.97 8.44
CA THR A 73 -6.69 -6.23 7.71
C THR A 73 -7.99 -6.37 6.90
N ASP A 74 -8.79 -5.33 6.86
CA ASP A 74 -10.10 -5.34 6.20
C ASP A 74 -10.13 -4.19 5.20
N ASP A 75 -8.94 -3.68 4.86
CA ASP A 75 -8.85 -2.53 3.95
C ASP A 75 -8.56 -2.85 2.47
N LEU A 76 -8.45 -1.79 1.67
CA LEU A 76 -8.16 -1.92 0.25
C LEU A 76 -7.23 -0.78 -0.16
N LEU A 77 -6.17 -1.13 -0.87
CA LEU A 77 -5.20 -0.17 -1.38
C LEU A 77 -5.31 -0.15 -2.88
N LEU A 78 -5.22 1.04 -3.47
CA LEU A 78 -5.31 1.18 -4.92
C LEU A 78 -4.00 1.73 -5.48
N ILE A 79 -3.59 1.19 -6.62
CA ILE A 79 -2.37 1.64 -7.30
C ILE A 79 -2.77 2.47 -8.51
N ARG A 80 -2.41 3.74 -8.54
CA ARG A 80 -2.76 4.61 -9.66
C ARG A 80 -1.49 5.06 -10.35
N GLY A 81 -1.59 5.51 -11.59
CA GLY A 81 -0.41 6.00 -12.30
C GLY A 81 -0.45 7.50 -12.38
N LYS A 82 0.71 8.09 -12.38
CA LYS A 82 0.88 9.54 -12.51
C LYS A 82 1.88 9.91 -13.59
N ILE A 83 1.86 11.16 -14.03
CA ILE A 83 2.83 11.67 -14.98
C ILE A 83 3.82 12.52 -14.18
N SER A 84 5.05 12.04 -14.09
CA SER A 84 6.12 12.73 -13.36
C SER A 84 7.14 13.30 -14.33
N ASN A 85 6.85 13.21 -15.62
CA ASN A 85 7.74 13.73 -16.66
C ASN A 85 7.52 15.23 -16.83
N SER A 86 8.09 16.00 -15.89
CA SER A 86 7.95 17.44 -15.84
C SER A 86 9.08 18.16 -16.56
N HIS A 1 -11.89 -11.50 18.84
CA HIS A 1 -10.59 -11.96 18.29
C HIS A 1 -9.43 -11.20 18.90
N ILE A 2 -8.22 -11.72 18.72
CA ILE A 2 -7.00 -11.06 19.20
C ILE A 2 -6.56 -10.10 18.08
N GLU A 3 -5.79 -9.08 18.42
CA GLU A 3 -5.36 -8.08 17.43
C GLU A 3 -4.31 -8.69 16.51
N GLY A 4 -3.48 -9.54 17.07
CA GLY A 4 -2.41 -10.17 16.30
C GLY A 4 -1.28 -9.20 16.03
N ARG A 5 -0.45 -9.53 15.03
CA ARG A 5 0.67 -8.66 14.63
C ARG A 5 0.81 -8.54 13.14
N HIS A 6 0.00 -9.28 12.41
CA HIS A 6 0.07 -9.30 10.97
C HIS A 6 -1.35 -9.01 10.57
N MET A 7 -1.49 -8.34 9.44
CA MET A 7 -2.77 -7.97 8.90
C MET A 7 -2.66 -8.17 7.40
N ASP A 8 -3.80 -8.44 6.78
CA ASP A 8 -3.85 -8.76 5.36
C ASP A 8 -4.34 -7.53 4.63
N LEU A 9 -3.57 -7.08 3.65
CA LEU A 9 -3.98 -5.95 2.83
C LEU A 9 -4.13 -6.42 1.40
N THR A 10 -5.29 -6.19 0.83
CA THR A 10 -5.52 -6.55 -0.56
C THR A 10 -5.08 -5.38 -1.39
N ILE A 11 -4.34 -5.66 -2.45
CA ILE A 11 -3.80 -4.63 -3.30
C ILE A 11 -4.50 -4.73 -4.64
N SER A 12 -4.93 -3.61 -5.20
CA SER A 12 -5.60 -3.61 -6.49
C SER A 12 -5.16 -2.45 -7.35
N ASN A 13 -4.95 -2.70 -8.64
CA ASN A 13 -4.51 -1.70 -9.56
C ASN A 13 -5.65 -0.92 -10.20
N GLU A 14 -5.67 0.38 -9.98
CA GLU A 14 -6.71 1.26 -10.52
C GLU A 14 -6.59 1.50 -12.02
N LEU A 15 -5.40 1.22 -12.58
CA LEU A 15 -5.18 1.46 -14.01
C LEU A 15 -5.43 0.26 -14.88
N THR A 16 -5.03 -0.90 -14.40
CA THR A 16 -5.04 -2.13 -15.20
C THR A 16 -6.15 -3.09 -14.81
N GLY A 17 -6.76 -2.82 -13.66
CA GLY A 17 -7.81 -3.68 -13.14
C GLY A 17 -7.24 -4.94 -12.49
N GLU A 18 -5.93 -5.03 -12.37
CA GLU A 18 -5.31 -6.20 -11.77
C GLU A 18 -5.58 -6.35 -10.28
N ILE A 19 -5.60 -7.59 -9.83
CA ILE A 19 -5.83 -7.90 -8.42
C ILE A 19 -4.61 -8.66 -7.92
N TYR A 20 -3.99 -8.13 -6.90
CA TYR A 20 -2.84 -8.76 -6.27
C TYR A 20 -3.32 -9.35 -4.95
N GLY A 21 -2.48 -10.13 -4.30
CA GLY A 21 -2.92 -10.93 -3.19
C GLY A 21 -3.10 -10.16 -1.92
N PRO A 22 -3.84 -10.75 -0.94
CA PRO A 22 -3.65 -10.14 0.36
C PRO A 22 -2.26 -10.43 0.87
N ILE A 23 -1.53 -9.36 1.08
CA ILE A 23 -0.16 -9.45 1.57
C ILE A 23 -0.16 -9.28 3.08
N GLU A 24 0.50 -10.23 3.75
CA GLU A 24 0.55 -10.28 5.19
C GLU A 24 1.67 -9.35 5.68
N VAL A 25 1.27 -8.18 6.18
CA VAL A 25 2.21 -7.15 6.64
C VAL A 25 1.88 -6.83 8.08
N SER A 26 2.68 -6.03 8.78
CA SER A 26 2.38 -5.72 10.18
C SER A 26 1.79 -4.33 10.34
N GLU A 27 1.05 -4.12 11.42
CA GLU A 27 0.52 -2.77 11.72
C GLU A 27 1.72 -1.87 12.08
N ASP A 28 2.75 -2.51 12.60
CA ASP A 28 3.95 -1.84 13.09
C ASP A 28 4.95 -1.59 11.96
N MET A 29 4.59 -1.99 10.75
CA MET A 29 5.45 -1.85 9.59
C MET A 29 5.39 -0.39 9.16
N ALA A 30 6.50 0.15 8.68
CA ALA A 30 6.50 1.53 8.23
C ALA A 30 5.83 1.59 6.87
N LEU A 31 5.26 2.73 6.58
CA LEU A 31 4.63 3.01 5.28
C LEU A 31 5.70 2.82 4.21
N THR A 32 6.90 3.27 4.51
CA THR A 32 8.00 3.16 3.54
C THR A 32 8.40 1.70 3.29
N ASP A 33 8.27 0.86 4.31
CA ASP A 33 8.60 -0.57 4.20
C ASP A 33 7.50 -1.28 3.41
N LEU A 34 6.27 -0.83 3.57
CA LEU A 34 5.16 -1.37 2.76
C LEU A 34 5.46 -1.10 1.29
N ILE A 35 5.87 0.12 0.97
CA ILE A 35 6.19 0.47 -0.42
C ILE A 35 7.36 -0.39 -0.91
N ALA A 36 8.33 -0.68 -0.05
CA ALA A 36 9.44 -1.54 -0.44
C ALA A 36 8.94 -2.95 -0.83
N LEU A 37 7.96 -3.47 -0.10
CA LEU A 37 7.37 -4.76 -0.46
C LEU A 37 6.59 -4.65 -1.76
N LEU A 38 5.91 -3.53 -1.94
CA LEU A 38 5.17 -3.29 -3.19
C LEU A 38 6.10 -3.19 -4.40
N GLN A 39 7.32 -2.73 -4.18
CA GLN A 39 8.33 -2.71 -5.26
C GLN A 39 8.77 -4.12 -5.63
N ALA A 40 8.93 -4.99 -4.63
CA ALA A 40 9.40 -6.36 -4.87
C ALA A 40 8.33 -7.27 -5.48
N ASP A 41 7.12 -7.14 -4.97
CA ASP A 41 6.01 -8.02 -5.37
C ASP A 41 5.17 -7.45 -6.50
N CYS A 42 4.64 -6.24 -6.28
CA CYS A 42 3.73 -5.61 -7.24
C CYS A 42 4.44 -4.76 -8.31
N GLY A 43 5.75 -4.63 -8.22
CA GLY A 43 6.51 -3.82 -9.17
C GLY A 43 6.16 -2.34 -9.08
N PHE A 44 5.67 -1.90 -7.92
CA PHE A 44 5.25 -0.54 -7.73
C PHE A 44 6.45 0.40 -7.80
N ASP A 45 6.25 1.57 -8.37
CA ASP A 45 7.31 2.59 -8.43
C ASP A 45 6.70 3.95 -8.13
N LYS A 46 7.16 4.56 -7.05
CA LYS A 46 6.62 5.84 -6.57
C LYS A 46 6.83 7.01 -7.54
N THR A 47 7.58 6.80 -8.61
CA THR A 47 7.80 7.89 -9.56
C THR A 47 6.73 7.92 -10.63
N LYS A 48 6.16 6.77 -10.96
CA LYS A 48 5.20 6.66 -12.05
C LYS A 48 3.81 6.37 -11.49
N HIS A 49 3.77 5.78 -10.30
CA HIS A 49 2.52 5.42 -9.65
C HIS A 49 2.48 6.01 -8.24
N ASP A 50 1.28 6.14 -7.71
CA ASP A 50 1.02 6.66 -6.37
C ASP A 50 0.20 5.61 -5.65
N LEU A 51 0.28 5.63 -4.32
CA LEU A 51 -0.46 4.68 -3.50
C LEU A 51 -1.62 5.43 -2.85
N TYR A 52 -2.82 4.88 -2.95
CA TYR A 52 -4.03 5.54 -2.42
C TYR A 52 -4.63 4.72 -1.29
N TYR A 53 -5.03 5.43 -0.25
CA TYR A 53 -5.74 4.81 0.89
C TYR A 53 -6.89 5.72 1.25
N ASN A 54 -8.07 5.14 1.43
CA ASN A 54 -9.30 5.89 1.73
C ASN A 54 -9.49 7.02 0.71
N MET A 55 -9.10 6.73 -0.55
CA MET A 55 -9.21 7.64 -1.71
C MET A 55 -8.33 8.89 -1.66
N ASP A 56 -7.37 8.91 -0.76
CA ASP A 56 -6.41 10.02 -0.67
C ASP A 56 -5.01 9.48 -0.98
N ILE A 57 -4.11 10.35 -1.35
CA ILE A 57 -2.74 9.98 -1.76
C ILE A 57 -1.83 9.83 -0.54
N LEU A 58 -1.19 8.67 -0.41
CA LEU A 58 -0.21 8.49 0.65
C LEU A 58 1.17 8.95 0.15
N ASP A 59 1.68 10.01 0.75
CA ASP A 59 3.00 10.54 0.39
C ASP A 59 4.04 9.50 0.79
N SER A 60 4.85 9.09 -0.17
CA SER A 60 5.85 8.05 0.04
C SER A 60 6.96 8.51 0.97
N ASN A 61 7.00 9.78 1.30
CA ASN A 61 8.03 10.30 2.21
C ASN A 61 7.60 10.22 3.70
N ARG A 62 6.40 9.70 3.97
CA ARG A 62 5.91 9.59 5.36
C ARG A 62 6.45 8.34 6.04
N THR A 63 7.44 8.49 6.88
CA THR A 63 8.02 7.36 7.63
C THR A 63 7.17 6.89 8.83
N GLN A 64 5.85 7.03 8.73
CA GLN A 64 4.93 6.64 9.81
C GLN A 64 4.70 5.14 9.71
N SER A 65 4.09 4.55 10.72
CA SER A 65 3.72 3.14 10.71
C SER A 65 2.31 3.02 10.16
N LEU A 66 1.94 1.86 9.64
CA LEU A 66 0.61 1.65 9.08
C LEU A 66 -0.45 1.84 10.17
N LYS A 67 -0.07 1.50 11.39
CA LYS A 67 -0.88 1.72 12.58
C LYS A 67 -1.26 3.19 12.76
N GLU A 68 -0.33 4.08 12.44
CA GLU A 68 -0.54 5.50 12.63
C GLU A 68 -1.37 6.09 11.51
N LEU A 69 -1.46 5.36 10.40
CA LEU A 69 -2.30 5.78 9.27
C LEU A 69 -3.72 5.30 9.53
N GLY A 70 -3.85 4.37 10.46
CA GLY A 70 -5.17 3.89 10.88
C GLY A 70 -5.74 2.80 9.99
N LEU A 71 -4.89 2.14 9.21
CA LEU A 71 -5.35 1.08 8.31
C LEU A 71 -5.13 -0.33 8.90
N LYS A 72 -6.03 -1.24 8.58
CA LYS A 72 -6.10 -2.57 9.22
C LYS A 72 -6.28 -3.71 8.22
N THR A 73 -6.45 -4.94 8.73
CA THR A 73 -6.66 -6.16 7.91
C THR A 73 -7.96 -6.20 7.08
N ASP A 74 -8.74 -5.14 7.20
CA ASP A 74 -10.05 -5.06 6.57
C ASP A 74 -9.97 -4.02 5.43
N ASP A 75 -8.76 -3.52 5.20
CA ASP A 75 -8.56 -2.46 4.19
C ASP A 75 -7.95 -2.93 2.88
N LEU A 76 -8.28 -2.17 1.82
CA LEU A 76 -7.79 -2.43 0.47
C LEU A 76 -7.05 -1.19 -0.03
N LEU A 77 -5.90 -1.39 -0.66
CA LEU A 77 -5.06 -0.29 -1.11
C LEU A 77 -5.05 -0.25 -2.64
N LEU A 78 -5.06 0.97 -3.19
CA LEU A 78 -5.14 1.14 -4.65
C LEU A 78 -3.84 1.69 -5.24
N ILE A 79 -3.50 1.19 -6.42
CA ILE A 79 -2.28 1.62 -7.14
C ILE A 79 -2.76 2.43 -8.33
N ARG A 80 -2.41 3.71 -8.40
CA ARG A 80 -2.91 4.56 -9.47
C ARG A 80 -1.73 5.28 -10.10
N GLY A 81 -1.88 5.77 -11.32
CA GLY A 81 -0.82 6.50 -11.96
C GLY A 81 -0.73 7.91 -11.41
N LYS A 82 0.49 8.40 -11.32
CA LYS A 82 0.72 9.78 -10.91
C LYS A 82 0.21 10.69 -12.02
N ILE A 83 -0.35 11.83 -11.66
CA ILE A 83 -0.82 12.79 -12.65
C ILE A 83 0.39 13.61 -13.08
N SER A 84 1.08 13.15 -14.12
CA SER A 84 2.32 13.76 -14.59
C SER A 84 2.44 13.71 -16.10
N ASN A 85 1.33 14.01 -16.78
CA ASN A 85 1.30 13.94 -18.24
C ASN A 85 1.65 15.27 -18.89
N SER A 86 2.62 15.24 -19.80
CA SER A 86 3.08 16.38 -20.63
C SER A 86 3.68 17.54 -19.84
N HIS A 1 -4.89 -17.45 10.70
CA HIS A 1 -5.47 -17.57 12.08
C HIS A 1 -4.43 -17.65 13.20
N ILE A 2 -3.32 -16.96 12.96
CA ILE A 2 -2.18 -16.91 13.89
C ILE A 2 -1.97 -15.44 14.25
N GLU A 3 -1.97 -15.12 15.53
CA GLU A 3 -1.75 -13.75 15.97
C GLU A 3 -0.27 -13.38 15.86
N GLY A 4 0.00 -12.09 15.86
CA GLY A 4 1.35 -11.57 15.73
C GLY A 4 1.32 -10.17 15.14
N ARG A 5 0.28 -9.41 15.47
CA ARG A 5 0.07 -8.05 14.95
C ARG A 5 0.08 -8.01 13.41
N HIS A 6 -0.42 -9.08 12.80
CA HIS A 6 -0.45 -9.19 11.35
C HIS A 6 -1.84 -8.81 10.84
N MET A 7 -1.88 -8.20 9.68
CA MET A 7 -3.13 -7.84 9.02
C MET A 7 -2.97 -8.08 7.54
N ASP A 8 -4.04 -8.47 6.89
CA ASP A 8 -4.02 -8.86 5.48
C ASP A 8 -4.59 -7.71 4.66
N LEU A 9 -3.74 -7.06 3.86
CA LEU A 9 -4.16 -5.90 3.07
C LEU A 9 -4.14 -6.27 1.62
N THR A 10 -5.22 -5.96 0.95
CA THR A 10 -5.40 -6.35 -0.46
C THR A 10 -5.01 -5.20 -1.36
N ILE A 11 -4.29 -5.50 -2.44
CA ILE A 11 -3.77 -4.47 -3.33
C ILE A 11 -4.41 -4.62 -4.70
N SER A 12 -4.97 -3.54 -5.19
CA SER A 12 -5.62 -3.55 -6.51
C SER A 12 -5.10 -2.46 -7.43
N ASN A 13 -4.78 -2.82 -8.65
CA ASN A 13 -4.30 -1.90 -9.65
C ASN A 13 -5.42 -1.18 -10.39
N GLU A 14 -5.56 0.10 -10.12
CA GLU A 14 -6.58 0.92 -10.75
C GLU A 14 -6.26 1.17 -12.23
N LEU A 15 -5.00 0.96 -12.60
CA LEU A 15 -4.57 1.20 -13.98
C LEU A 15 -4.77 0.00 -14.89
N THR A 16 -4.46 -1.17 -14.38
CA THR A 16 -4.46 -2.39 -15.20
C THR A 16 -5.66 -3.27 -14.94
N GLY A 17 -6.34 -3.04 -13.82
CA GLY A 17 -7.48 -3.84 -13.43
C GLY A 17 -7.07 -5.10 -12.67
N GLU A 18 -5.78 -5.34 -12.56
CA GLU A 18 -5.28 -6.52 -11.87
C GLU A 18 -5.40 -6.40 -10.37
N ILE A 19 -5.48 -7.53 -9.70
CA ILE A 19 -5.63 -7.57 -8.25
C ILE A 19 -4.56 -8.51 -7.70
N TYR A 20 -3.84 -8.02 -6.71
CA TYR A 20 -2.75 -8.75 -6.07
C TYR A 20 -3.28 -9.31 -4.76
N GLY A 21 -2.45 -10.06 -4.06
CA GLY A 21 -2.91 -10.76 -2.89
C GLY A 21 -3.22 -9.95 -1.68
N PRO A 22 -4.12 -10.46 -0.80
CA PRO A 22 -4.00 -9.84 0.51
C PRO A 22 -2.68 -10.29 1.10
N ILE A 23 -1.81 -9.33 1.30
CA ILE A 23 -0.47 -9.58 1.80
C ILE A 23 -0.46 -9.35 3.29
N GLU A 24 0.21 -10.26 3.99
CA GLU A 24 0.22 -10.23 5.45
C GLU A 24 1.36 -9.33 5.92
N VAL A 25 0.96 -8.16 6.39
CA VAL A 25 1.90 -7.12 6.82
C VAL A 25 1.62 -6.81 8.27
N SER A 26 2.55 -6.14 8.92
CA SER A 26 2.40 -5.84 10.34
C SER A 26 2.01 -4.40 10.58
N GLU A 27 1.30 -4.19 11.67
CA GLU A 27 0.86 -2.84 12.06
C GLU A 27 2.04 -1.89 12.28
N ASP A 28 3.18 -2.48 12.64
CA ASP A 28 4.37 -1.74 13.04
C ASP A 28 5.33 -1.56 11.87
N MET A 29 4.93 -2.04 10.70
CA MET A 29 5.74 -1.90 9.49
C MET A 29 5.68 -0.42 9.11
N ALA A 30 6.76 0.13 8.61
CA ALA A 30 6.74 1.52 8.20
C ALA A 30 6.02 1.64 6.85
N LEU A 31 5.48 2.81 6.57
CA LEU A 31 4.85 3.10 5.29
C LEU A 31 5.87 2.89 4.19
N THR A 32 7.09 3.33 4.44
CA THR A 32 8.14 3.21 3.45
C THR A 32 8.48 1.75 3.18
N ASP A 33 8.36 0.92 4.21
CA ASP A 33 8.72 -0.50 4.11
C ASP A 33 7.64 -1.24 3.33
N LEU A 34 6.40 -0.83 3.52
CA LEU A 34 5.30 -1.38 2.75
C LEU A 34 5.55 -1.11 1.27
N ILE A 35 5.93 0.11 0.93
CA ILE A 35 6.22 0.45 -0.46
C ILE A 35 7.46 -0.30 -0.93
N ALA A 36 8.42 -0.54 -0.06
CA ALA A 36 9.60 -1.33 -0.42
C ALA A 36 9.17 -2.73 -0.89
N LEU A 37 8.22 -3.34 -0.20
CA LEU A 37 7.69 -4.63 -0.59
C LEU A 37 6.91 -4.51 -1.90
N LEU A 38 6.09 -3.47 -2.01
CA LEU A 38 5.27 -3.28 -3.20
C LEU A 38 6.10 -3.04 -4.45
N GLN A 39 7.24 -2.36 -4.31
CA GLN A 39 8.18 -2.18 -5.41
C GLN A 39 8.77 -3.51 -5.86
N ALA A 40 9.02 -4.41 -4.92
CA ALA A 40 9.64 -5.70 -5.22
C ALA A 40 8.65 -6.71 -5.82
N ASP A 41 7.47 -6.81 -5.21
CA ASP A 41 6.47 -7.82 -5.60
C ASP A 41 5.45 -7.30 -6.61
N CYS A 42 4.75 -6.24 -6.24
CA CYS A 42 3.68 -5.70 -7.08
C CYS A 42 4.21 -4.83 -8.21
N GLY A 43 5.51 -4.54 -8.17
CA GLY A 43 6.12 -3.68 -9.17
C GLY A 43 5.65 -2.25 -9.07
N PHE A 44 5.19 -1.85 -7.88
CA PHE A 44 4.67 -0.50 -7.71
C PHE A 44 5.83 0.46 -7.63
N ASP A 45 6.08 1.18 -8.70
CA ASP A 45 7.13 2.18 -8.72
C ASP A 45 6.55 3.50 -8.27
N LYS A 46 6.83 3.88 -7.03
CA LYS A 46 6.34 5.14 -6.45
C LYS A 46 6.69 6.43 -7.23
N THR A 47 7.60 6.35 -8.18
CA THR A 47 7.94 7.52 -8.99
C THR A 47 7.04 7.66 -10.23
N LYS A 48 6.48 6.55 -10.68
CA LYS A 48 5.62 6.56 -11.88
C LYS A 48 4.18 6.33 -11.49
N HIS A 49 4.01 5.78 -10.31
CA HIS A 49 2.71 5.37 -9.81
C HIS A 49 2.48 5.98 -8.45
N ASP A 50 1.23 6.01 -8.02
CA ASP A 50 0.86 6.61 -6.75
C ASP A 50 0.06 5.59 -5.95
N LEU A 51 0.04 5.75 -4.64
CA LEU A 51 -0.70 4.84 -3.77
C LEU A 51 -1.88 5.57 -3.16
N TYR A 52 -3.03 4.94 -3.15
CA TYR A 52 -4.24 5.53 -2.60
C TYR A 52 -4.82 4.66 -1.49
N TYR A 53 -5.29 5.32 -0.45
CA TYR A 53 -5.97 4.67 0.68
C TYR A 53 -7.04 5.62 1.12
N ASN A 54 -8.22 5.09 1.45
CA ASN A 54 -9.38 5.92 1.86
C ASN A 54 -9.68 7.01 0.81
N MET A 55 -9.39 6.69 -0.45
CA MET A 55 -9.59 7.57 -1.62
C MET A 55 -8.71 8.82 -1.64
N ASP A 56 -7.69 8.85 -0.80
CA ASP A 56 -6.71 9.96 -0.76
C ASP A 56 -5.32 9.36 -1.00
N ILE A 57 -4.33 10.21 -1.27
CA ILE A 57 -2.98 9.76 -1.61
C ILE A 57 -2.14 9.49 -0.37
N LEU A 58 -1.49 8.32 -0.34
CA LEU A 58 -0.53 8.01 0.70
C LEU A 58 0.81 8.60 0.30
N ASP A 59 1.23 9.63 1.01
CA ASP A 59 2.51 10.27 0.75
C ASP A 59 3.66 9.32 1.10
N SER A 60 4.44 8.98 0.08
CA SER A 60 5.57 8.06 0.22
C SER A 60 6.69 8.56 1.15
N ASN A 61 6.67 9.83 1.51
CA ASN A 61 7.69 10.39 2.39
C ASN A 61 7.41 10.10 3.86
N ARG A 62 6.18 9.73 4.18
CA ARG A 62 5.81 9.42 5.58
C ARG A 62 6.62 8.23 6.07
N THR A 63 7.21 8.38 7.25
CA THR A 63 7.97 7.29 7.87
C THR A 63 7.15 6.75 9.05
N GLN A 64 5.85 6.90 8.94
CA GLN A 64 4.92 6.47 9.98
C GLN A 64 4.71 4.97 9.86
N SER A 65 4.11 4.36 10.86
CA SER A 65 3.81 2.95 10.85
C SER A 65 2.43 2.80 10.25
N LEU A 66 2.12 1.63 9.74
CA LEU A 66 0.82 1.40 9.10
C LEU A 66 -0.33 1.63 10.07
N LYS A 67 -0.09 1.35 11.34
CA LYS A 67 -1.09 1.56 12.38
C LYS A 67 -1.53 3.01 12.51
N GLU A 68 -0.59 3.93 12.34
CA GLU A 68 -0.86 5.36 12.45
C GLU A 68 -1.74 5.82 11.30
N LEU A 69 -1.57 5.16 10.16
CA LEU A 69 -2.32 5.52 8.96
C LEU A 69 -3.76 4.99 9.02
N GLY A 70 -4.00 4.12 9.99
CA GLY A 70 -5.34 3.56 10.19
C GLY A 70 -5.57 2.31 9.37
N LEU A 71 -4.49 1.76 8.82
CA LEU A 71 -4.58 0.56 8.00
C LEU A 71 -4.99 -0.63 8.86
N LYS A 72 -5.80 -1.52 8.27
CA LYS A 72 -6.38 -2.66 8.97
C LYS A 72 -6.53 -3.82 7.99
N THR A 73 -6.72 -5.01 8.52
CA THR A 73 -6.91 -6.25 7.72
C THR A 73 -8.21 -6.27 6.90
N ASP A 74 -8.96 -5.21 7.05
CA ASP A 74 -10.30 -5.08 6.49
C ASP A 74 -10.28 -3.91 5.51
N ASP A 75 -9.09 -3.58 5.02
CA ASP A 75 -8.97 -2.49 4.02
C ASP A 75 -8.34 -2.87 2.66
N LEU A 76 -8.49 -1.95 1.72
CA LEU A 76 -8.06 -2.14 0.33
C LEU A 76 -7.20 -0.96 -0.12
N LEU A 77 -6.09 -1.25 -0.79
CA LEU A 77 -5.20 -0.22 -1.33
C LEU A 77 -5.36 -0.18 -2.84
N LEU A 78 -5.23 1.01 -3.41
CA LEU A 78 -5.34 1.18 -4.86
C LEU A 78 -4.05 1.75 -5.44
N ILE A 79 -3.63 1.19 -6.57
CA ILE A 79 -2.42 1.64 -7.25
C ILE A 79 -2.84 2.52 -8.43
N ARG A 80 -2.37 3.76 -8.43
CA ARG A 80 -2.72 4.73 -9.46
C ARG A 80 -1.49 5.13 -10.22
N GLY A 81 -1.68 5.98 -11.21
CA GLY A 81 -0.57 6.49 -12.00
C GLY A 81 -0.34 7.94 -11.66
N LYS A 82 0.92 8.34 -11.62
CA LYS A 82 1.30 9.74 -11.39
C LYS A 82 0.95 10.53 -12.64
N ILE A 83 0.99 9.83 -13.75
CA ILE A 83 0.74 10.39 -15.06
C ILE A 83 -0.43 9.63 -15.68
N SER A 84 -1.33 10.35 -16.32
CA SER A 84 -2.45 9.74 -17.04
C SER A 84 -1.93 9.16 -18.36
N ASN A 85 -1.36 7.95 -18.27
CA ASN A 85 -0.71 7.31 -19.42
C ASN A 85 -1.70 6.96 -20.55
N SER A 86 -2.97 6.80 -20.19
CA SER A 86 -4.03 6.47 -21.15
C SER A 86 -5.38 7.03 -20.73
N HIS A 1 -9.01 -14.99 10.33
CA HIS A 1 -7.63 -15.19 10.84
C HIS A 1 -7.21 -14.13 11.86
N ILE A 2 -6.55 -14.58 12.94
CA ILE A 2 -6.14 -13.70 14.04
C ILE A 2 -4.62 -13.82 14.14
N GLU A 3 -3.95 -12.97 13.39
CA GLU A 3 -2.48 -13.02 13.30
C GLU A 3 -1.83 -11.98 14.22
N GLY A 4 -2.64 -11.43 15.12
CA GLY A 4 -2.16 -10.47 16.09
C GLY A 4 -1.75 -9.16 15.45
N ARG A 5 -0.44 -8.96 15.31
CA ARG A 5 0.09 -7.73 14.72
C ARG A 5 0.08 -7.80 13.20
N HIS A 6 -0.10 -8.99 12.64
CA HIS A 6 -0.12 -9.16 11.19
C HIS A 6 -1.53 -8.86 10.70
N MET A 7 -1.63 -8.29 9.52
CA MET A 7 -2.89 -7.97 8.91
C MET A 7 -2.75 -8.22 7.42
N ASP A 8 -3.85 -8.46 6.77
CA ASP A 8 -3.86 -8.76 5.35
C ASP A 8 -4.35 -7.52 4.62
N LEU A 9 -3.57 -7.07 3.66
CA LEU A 9 -3.97 -5.93 2.84
C LEU A 9 -4.10 -6.39 1.42
N THR A 10 -5.24 -6.12 0.82
CA THR A 10 -5.47 -6.49 -0.57
C THR A 10 -5.05 -5.29 -1.40
N ILE A 11 -4.31 -5.55 -2.45
CA ILE A 11 -3.81 -4.50 -3.32
C ILE A 11 -4.55 -4.64 -4.65
N SER A 12 -4.83 -3.53 -5.31
CA SER A 12 -5.42 -3.59 -6.66
C SER A 12 -4.91 -2.48 -7.56
N ASN A 13 -4.69 -2.83 -8.83
CA ASN A 13 -4.22 -1.89 -9.81
C ASN A 13 -5.40 -1.23 -10.50
N GLU A 14 -5.72 -0.01 -10.08
CA GLU A 14 -6.84 0.74 -10.66
C GLU A 14 -6.62 1.02 -12.16
N LEU A 15 -5.37 0.89 -12.60
CA LEU A 15 -5.02 1.09 -14.01
C LEU A 15 -5.42 -0.08 -14.91
N THR A 16 -5.34 -1.29 -14.35
CA THR A 16 -5.48 -2.52 -15.15
C THR A 16 -6.69 -3.37 -14.72
N GLY A 17 -7.20 -3.09 -13.54
CA GLY A 17 -8.32 -3.84 -12.98
C GLY A 17 -7.87 -5.10 -12.25
N GLU A 18 -6.56 -5.34 -12.23
CA GLU A 18 -6.03 -6.53 -11.59
C GLU A 18 -6.12 -6.49 -10.07
N ILE A 19 -6.33 -7.66 -9.48
CA ILE A 19 -6.39 -7.82 -8.03
C ILE A 19 -5.14 -8.58 -7.62
N TYR A 20 -4.34 -7.97 -6.74
CA TYR A 20 -3.13 -8.59 -6.22
C TYR A 20 -3.46 -9.35 -4.94
N GLY A 21 -2.47 -10.04 -4.40
CA GLY A 21 -2.68 -10.87 -3.24
C GLY A 21 -2.96 -10.14 -1.97
N PRO A 22 -3.73 -10.74 -1.04
CA PRO A 22 -3.56 -10.16 0.27
C PRO A 22 -2.22 -10.55 0.82
N ILE A 23 -1.46 -9.52 1.14
CA ILE A 23 -0.11 -9.69 1.66
C ILE A 23 -0.09 -9.47 3.16
N GLU A 24 0.63 -10.35 3.84
CA GLU A 24 0.70 -10.31 5.30
C GLU A 24 1.74 -9.27 5.76
N VAL A 25 1.25 -8.12 6.20
CA VAL A 25 2.10 -7.04 6.67
C VAL A 25 1.74 -6.75 8.12
N SER A 26 2.55 -5.97 8.80
CA SER A 26 2.30 -5.69 10.20
C SER A 26 1.83 -4.27 10.41
N GLU A 27 1.08 -4.06 11.48
CA GLU A 27 0.64 -2.72 11.88
C GLU A 27 1.85 -1.85 12.22
N ASP A 28 2.93 -2.53 12.62
CA ASP A 28 4.19 -1.89 13.05
C ASP A 28 5.13 -1.66 11.86
N MET A 29 4.69 -2.07 10.68
CA MET A 29 5.51 -1.89 9.49
C MET A 29 5.47 -0.43 9.13
N ALA A 30 6.60 0.11 8.72
CA ALA A 30 6.64 1.49 8.29
C ALA A 30 5.93 1.62 6.94
N LEU A 31 5.38 2.80 6.67
CA LEU A 31 4.76 3.10 5.38
C LEU A 31 5.80 2.90 4.28
N THR A 32 7.02 3.33 4.56
CA THR A 32 8.10 3.23 3.62
C THR A 32 8.42 1.76 3.30
N ASP A 33 8.32 0.89 4.29
CA ASP A 33 8.62 -0.54 4.11
C ASP A 33 7.47 -1.23 3.38
N LEU A 34 6.24 -0.80 3.61
CA LEU A 34 5.12 -1.35 2.87
C LEU A 34 5.37 -1.08 1.39
N ILE A 35 5.76 0.14 1.06
CA ILE A 35 6.04 0.46 -0.34
C ILE A 35 7.25 -0.34 -0.83
N ALA A 36 8.24 -0.54 0.00
CA ALA A 36 9.41 -1.33 -0.40
C ALA A 36 8.99 -2.75 -0.83
N LEU A 37 8.05 -3.35 -0.11
CA LEU A 37 7.53 -4.66 -0.47
C LEU A 37 6.80 -4.59 -1.81
N LEU A 38 6.04 -3.52 -2.00
CA LEU A 38 5.32 -3.33 -3.25
C LEU A 38 6.26 -3.15 -4.45
N GLN A 39 7.45 -2.61 -4.23
CA GLN A 39 8.44 -2.47 -5.31
C GLN A 39 8.81 -3.88 -5.79
N ALA A 40 9.00 -4.80 -4.86
CA ALA A 40 9.46 -6.15 -5.19
C ALA A 40 8.35 -7.07 -5.72
N ASP A 41 7.21 -7.06 -5.06
CA ASP A 41 6.12 -8.01 -5.39
C ASP A 41 5.16 -7.47 -6.43
N CYS A 42 4.75 -6.23 -6.27
CA CYS A 42 3.75 -5.63 -7.16
C CYS A 42 4.37 -4.84 -8.31
N GLY A 43 5.68 -4.65 -8.27
CA GLY A 43 6.36 -3.85 -9.29
C GLY A 43 5.96 -2.40 -9.22
N PHE A 44 5.60 -1.91 -8.04
CA PHE A 44 5.10 -0.54 -7.89
C PHE A 44 6.18 0.51 -8.12
N ASP A 45 5.97 1.33 -9.14
CA ASP A 45 6.85 2.46 -9.43
C ASP A 45 6.32 3.73 -8.77
N LYS A 46 6.94 4.18 -7.68
CA LYS A 46 6.54 5.45 -7.04
C LYS A 46 6.86 6.67 -7.91
N THR A 47 7.56 6.45 -9.00
CA THR A 47 7.89 7.49 -9.97
C THR A 47 6.81 7.65 -11.04
N LYS A 48 6.01 6.62 -11.25
CA LYS A 48 4.95 6.63 -12.29
C LYS A 48 3.57 6.59 -11.66
N HIS A 49 3.50 5.98 -10.49
CA HIS A 49 2.26 5.70 -9.83
C HIS A 49 2.26 6.26 -8.41
N ASP A 50 1.06 6.36 -7.86
CA ASP A 50 0.83 6.79 -6.48
C ASP A 50 0.11 5.64 -5.78
N LEU A 51 0.28 5.56 -4.47
CA LEU A 51 -0.41 4.56 -3.67
C LEU A 51 -1.55 5.26 -2.95
N TYR A 52 -2.74 4.70 -3.05
CA TYR A 52 -3.94 5.34 -2.52
C TYR A 52 -4.53 4.53 -1.38
N TYR A 53 -5.01 5.23 -0.36
CA TYR A 53 -5.73 4.65 0.76
C TYR A 53 -6.76 5.69 1.19
N ASN A 54 -7.98 5.25 1.50
CA ASN A 54 -9.06 6.17 1.93
C ASN A 54 -9.24 7.33 0.94
N MET A 55 -9.07 7.03 -0.35
CA MET A 55 -9.24 7.99 -1.47
C MET A 55 -8.21 9.14 -1.48
N ASP A 56 -7.17 9.04 -0.67
CA ASP A 56 -6.13 10.05 -0.59
C ASP A 56 -4.80 9.39 -0.98
N ILE A 57 -3.77 10.21 -1.23
CA ILE A 57 -2.46 9.72 -1.67
C ILE A 57 -1.52 9.54 -0.47
N LEU A 58 -0.93 8.36 -0.36
CA LEU A 58 0.05 8.11 0.69
C LEU A 58 1.43 8.59 0.21
N ASP A 59 1.85 9.72 0.76
CA ASP A 59 3.17 10.28 0.44
C ASP A 59 4.26 9.32 0.94
N SER A 60 5.14 8.92 0.05
CA SER A 60 6.19 7.95 0.35
C SER A 60 7.23 8.47 1.33
N ASN A 61 7.23 9.78 1.58
CA ASN A 61 8.15 10.37 2.55
C ASN A 61 7.65 10.24 4.00
N ARG A 62 6.46 9.69 4.19
CA ARG A 62 5.93 9.48 5.53
C ARG A 62 6.64 8.29 6.17
N THR A 63 7.32 8.51 7.28
CA THR A 63 8.00 7.43 8.00
C THR A 63 7.12 6.91 9.13
N GLN A 64 5.83 7.05 8.96
CA GLN A 64 4.85 6.61 9.95
C GLN A 64 4.67 5.10 9.86
N SER A 65 4.04 4.52 10.86
CA SER A 65 3.71 3.10 10.84
C SER A 65 2.29 2.97 10.30
N LEU A 66 1.94 1.82 9.76
CA LEU A 66 0.60 1.62 9.19
C LEU A 66 -0.48 1.81 10.25
N LYS A 67 -0.12 1.49 11.49
CA LYS A 67 -1.01 1.69 12.62
C LYS A 67 -1.46 3.14 12.78
N GLU A 68 -0.56 4.08 12.50
CA GLU A 68 -0.85 5.50 12.65
C GLU A 68 -1.71 6.01 11.51
N LEU A 69 -1.67 5.32 10.39
CA LEU A 69 -2.47 5.65 9.23
C LEU A 69 -3.89 5.11 9.43
N GLY A 70 -4.03 4.29 10.47
CA GLY A 70 -5.33 3.80 10.89
C GLY A 70 -5.88 2.69 10.01
N LEU A 71 -5.02 2.07 9.23
CA LEU A 71 -5.44 1.03 8.30
C LEU A 71 -5.27 -0.36 8.90
N LYS A 72 -6.14 -1.29 8.50
CA LYS A 72 -6.26 -2.62 9.11
C LYS A 72 -6.40 -3.75 8.07
N THR A 73 -6.55 -4.97 8.60
CA THR A 73 -6.74 -6.20 7.78
C THR A 73 -8.03 -6.27 6.94
N ASP A 74 -8.80 -5.19 6.94
CA ASP A 74 -10.10 -5.11 6.29
C ASP A 74 -10.06 -4.04 5.19
N ASP A 75 -8.87 -3.50 4.97
CA ASP A 75 -8.71 -2.38 4.02
C ASP A 75 -8.16 -2.77 2.64
N LEU A 76 -8.51 -1.92 1.68
CA LEU A 76 -8.08 -2.07 0.28
C LEU A 76 -7.11 -0.94 -0.10
N LEU A 77 -5.98 -1.30 -0.71
CA LEU A 77 -4.99 -0.33 -1.15
C LEU A 77 -5.01 -0.32 -2.70
N LEU A 78 -4.89 0.86 -3.28
CA LEU A 78 -4.99 1.00 -4.74
C LEU A 78 -3.73 1.61 -5.37
N ILE A 79 -3.42 1.18 -6.58
CA ILE A 79 -2.30 1.72 -7.35
C ILE A 79 -2.89 2.63 -8.42
N ARG A 80 -2.51 3.91 -8.43
CA ARG A 80 -3.10 4.88 -9.36
C ARG A 80 -2.01 5.45 -10.25
N GLY A 81 -2.33 5.72 -11.51
CA GLY A 81 -1.36 6.28 -12.43
C GLY A 81 -1.38 7.78 -12.37
N LYS A 82 -0.26 8.39 -11.97
CA LYS A 82 -0.16 9.85 -11.93
C LYS A 82 0.51 10.35 -13.20
N ILE A 83 1.38 9.53 -13.75
CA ILE A 83 2.10 9.83 -14.97
C ILE A 83 1.96 8.61 -15.87
N SER A 84 1.49 8.83 -17.09
CA SER A 84 1.23 7.78 -18.08
C SER A 84 0.16 6.77 -17.61
N ASN A 85 -0.16 5.83 -18.48
CA ASN A 85 -1.17 4.81 -18.23
C ASN A 85 -0.58 3.42 -18.28
N SER A 86 0.73 3.35 -17.99
CA SER A 86 1.51 2.11 -18.05
C SER A 86 2.70 2.15 -17.09
N HIS A 1 -6.59 -13.87 9.58
CA HIS A 1 -7.88 -14.32 10.19
C HIS A 1 -8.02 -13.92 11.64
N ILE A 2 -6.85 -13.62 12.23
CA ILE A 2 -6.73 -13.16 13.61
C ILE A 2 -6.05 -11.80 13.56
N GLU A 3 -6.77 -10.78 13.98
CA GLU A 3 -6.22 -9.43 13.99
C GLU A 3 -5.19 -9.30 15.11
N GLY A 4 -4.17 -8.49 14.87
CA GLY A 4 -3.12 -8.32 15.86
C GLY A 4 -1.95 -7.59 15.23
N ARG A 5 -0.74 -7.95 15.65
CA ARG A 5 0.48 -7.35 15.10
C ARG A 5 0.65 -7.63 13.60
N HIS A 6 -0.07 -8.63 13.09
CA HIS A 6 0.00 -8.99 11.69
C HIS A 6 -1.39 -8.81 11.10
N MET A 7 -1.45 -8.33 9.86
CA MET A 7 -2.70 -8.08 9.16
C MET A 7 -2.48 -8.35 7.67
N ASP A 8 -3.57 -8.55 6.93
CA ASP A 8 -3.48 -8.89 5.51
C ASP A 8 -4.07 -7.74 4.71
N LEU A 9 -3.34 -7.24 3.73
CA LEU A 9 -3.80 -6.11 2.93
C LEU A 9 -3.93 -6.48 1.50
N THR A 10 -5.09 -6.20 0.91
CA THR A 10 -5.32 -6.53 -0.49
C THR A 10 -4.96 -5.33 -1.33
N ILE A 11 -4.29 -5.58 -2.45
CA ILE A 11 -3.79 -4.50 -3.29
C ILE A 11 -4.49 -4.56 -4.63
N SER A 12 -4.98 -3.44 -5.12
CA SER A 12 -5.67 -3.40 -6.41
C SER A 12 -5.08 -2.31 -7.30
N ASN A 13 -4.85 -2.64 -8.56
CA ASN A 13 -4.24 -1.71 -9.48
C ASN A 13 -5.28 -0.97 -10.30
N GLU A 14 -5.61 0.23 -9.86
CA GLU A 14 -6.58 1.10 -10.56
C GLU A 14 -6.03 1.52 -11.93
N LEU A 15 -4.76 1.22 -12.17
CA LEU A 15 -4.11 1.49 -13.45
C LEU A 15 -4.37 0.42 -14.50
N THR A 16 -4.56 -0.82 -14.07
CA THR A 16 -4.59 -1.96 -15.00
C THR A 16 -5.83 -2.83 -14.85
N GLY A 17 -6.48 -2.73 -13.70
CA GLY A 17 -7.63 -3.56 -13.39
C GLY A 17 -7.21 -4.86 -12.71
N GLU A 18 -5.91 -5.08 -12.59
CA GLU A 18 -5.39 -6.28 -11.92
C GLU A 18 -5.53 -6.14 -10.41
N ILE A 19 -5.56 -7.29 -9.73
CA ILE A 19 -5.66 -7.32 -8.28
C ILE A 19 -4.56 -8.25 -7.77
N TYR A 20 -3.77 -7.75 -6.83
CA TYR A 20 -2.69 -8.50 -6.23
C TYR A 20 -3.19 -9.03 -4.87
N GLY A 21 -2.40 -9.88 -4.25
CA GLY A 21 -2.86 -10.63 -3.10
C GLY A 21 -3.08 -9.92 -1.81
N PRO A 22 -3.84 -10.57 -0.91
CA PRO A 22 -3.66 -10.09 0.47
C PRO A 22 -2.31 -10.53 0.98
N ILE A 23 -1.52 -9.51 1.18
CA ILE A 23 -0.13 -9.66 1.62
C ILE A 23 -0.07 -9.40 3.11
N GLU A 24 0.64 -10.28 3.80
CA GLU A 24 0.67 -10.29 5.24
C GLU A 24 1.74 -9.33 5.76
N VAL A 25 1.28 -8.19 6.26
CA VAL A 25 2.16 -7.12 6.73
C VAL A 25 1.87 -6.80 8.17
N SER A 26 2.76 -6.06 8.80
CA SER A 26 2.58 -5.73 10.20
C SER A 26 1.91 -4.38 10.34
N GLU A 27 1.13 -4.20 11.39
CA GLU A 27 0.54 -2.89 11.69
C GLU A 27 1.66 -1.88 11.99
N ASP A 28 2.76 -2.40 12.49
CA ASP A 28 3.88 -1.59 12.95
C ASP A 28 4.87 -1.34 11.82
N MET A 29 4.58 -1.90 10.65
CA MET A 29 5.44 -1.76 9.48
C MET A 29 5.38 -0.31 9.05
N ALA A 30 6.50 0.24 8.60
CA ALA A 30 6.49 1.62 8.14
C ALA A 30 5.79 1.68 6.79
N LEU A 31 5.24 2.85 6.47
CA LEU A 31 4.63 3.09 5.17
C LEU A 31 5.67 2.85 4.09
N THR A 32 6.89 3.31 4.36
CA THR A 32 7.96 3.15 3.38
C THR A 32 8.30 1.68 3.18
N ASP A 33 8.16 0.89 4.23
CA ASP A 33 8.50 -0.54 4.17
C ASP A 33 7.42 -1.30 3.42
N LEU A 34 6.17 -0.87 3.58
CA LEU A 34 5.08 -1.45 2.80
C LEU A 34 5.40 -1.24 1.33
N ILE A 35 5.81 -0.03 0.96
CA ILE A 35 6.15 0.25 -0.43
C ILE A 35 7.34 -0.59 -0.88
N ALA A 36 8.27 -0.87 0.02
CA ALA A 36 9.39 -1.73 -0.33
C ALA A 36 8.88 -3.11 -0.81
N LEU A 37 7.87 -3.64 -0.14
CA LEU A 37 7.25 -4.89 -0.55
C LEU A 37 6.44 -4.71 -1.85
N LEU A 38 5.73 -3.60 -1.96
CA LEU A 38 4.92 -3.34 -3.16
C LEU A 38 5.80 -3.19 -4.41
N GLN A 39 7.00 -2.67 -4.26
CA GLN A 39 7.96 -2.57 -5.35
C GLN A 39 8.43 -3.96 -5.79
N ALA A 40 8.53 -4.88 -4.85
CA ALA A 40 8.99 -6.23 -5.14
C ALA A 40 7.91 -7.12 -5.77
N ASP A 41 6.70 -7.06 -5.24
CA ASP A 41 5.60 -7.93 -5.68
C ASP A 41 4.65 -7.27 -6.67
N CYS A 42 4.06 -6.15 -6.24
CA CYS A 42 3.03 -5.48 -7.03
C CYS A 42 3.60 -4.63 -8.17
N GLY A 43 4.92 -4.54 -8.24
CA GLY A 43 5.57 -3.74 -9.27
C GLY A 43 5.27 -2.27 -9.11
N PHE A 44 4.99 -1.83 -7.89
CA PHE A 44 4.62 -0.46 -7.68
C PHE A 44 5.88 0.39 -7.66
N ASP A 45 6.12 1.11 -8.74
CA ASP A 45 7.22 2.06 -8.81
C ASP A 45 6.78 3.32 -8.12
N LYS A 46 7.22 3.60 -6.91
CA LYS A 46 6.78 4.83 -6.22
C LYS A 46 7.20 6.11 -6.94
N THR A 47 8.05 5.97 -7.94
CA THR A 47 8.48 7.10 -8.76
C THR A 47 7.56 7.35 -9.97
N LYS A 48 6.85 6.32 -10.43
CA LYS A 48 5.92 6.46 -11.56
C LYS A 48 4.49 6.34 -11.10
N HIS A 49 4.31 5.86 -9.88
CA HIS A 49 2.98 5.54 -9.35
C HIS A 49 2.76 6.16 -7.98
N ASP A 50 1.49 6.31 -7.63
CA ASP A 50 1.07 6.87 -6.34
C ASP A 50 0.26 5.79 -5.63
N LEU A 51 0.34 5.76 -4.31
CA LEU A 51 -0.41 4.79 -3.51
C LEU A 51 -1.57 5.52 -2.85
N TYR A 52 -2.76 4.95 -2.94
CA TYR A 52 -3.95 5.59 -2.39
C TYR A 52 -4.57 4.73 -1.29
N TYR A 53 -5.06 5.39 -0.26
CA TYR A 53 -5.74 4.76 0.87
C TYR A 53 -6.81 5.74 1.31
N ASN A 54 -8.02 5.25 1.58
CA ASN A 54 -9.16 6.12 1.96
C ASN A 54 -9.36 7.25 0.93
N MET A 55 -9.06 6.91 -0.33
CA MET A 55 -9.15 7.84 -1.47
C MET A 55 -8.22 9.07 -1.40
N ASP A 56 -7.25 9.03 -0.49
CA ASP A 56 -6.26 10.09 -0.34
C ASP A 56 -4.90 9.49 -0.71
N ILE A 57 -3.91 10.33 -0.94
CA ILE A 57 -2.59 9.90 -1.38
C ILE A 57 -1.67 9.62 -0.19
N LEU A 58 -1.11 8.42 -0.18
CA LEU A 58 -0.09 8.08 0.79
C LEU A 58 1.24 8.49 0.18
N ASP A 59 1.71 9.66 0.56
CA ASP A 59 2.99 10.17 0.08
C ASP A 59 4.08 9.16 0.47
N SER A 60 4.89 8.81 -0.51
CA SER A 60 5.90 7.77 -0.35
C SER A 60 7.04 8.14 0.60
N ASN A 61 7.08 9.37 1.06
CA ASN A 61 8.09 9.84 2.00
C ASN A 61 7.57 9.84 3.45
N ARG A 62 6.31 9.48 3.66
CA ARG A 62 5.76 9.42 5.02
C ARG A 62 6.44 8.28 5.77
N THR A 63 7.05 8.58 6.90
CA THR A 63 7.77 7.57 7.68
C THR A 63 6.92 7.07 8.83
N GLN A 64 5.62 7.13 8.64
CA GLN A 64 4.66 6.69 9.65
C GLN A 64 4.52 5.18 9.57
N SER A 65 3.87 4.58 10.55
CA SER A 65 3.59 3.15 10.53
C SER A 65 2.17 2.99 10.01
N LEU A 66 1.84 1.81 9.52
CA LEU A 66 0.51 1.56 8.98
C LEU A 66 -0.57 1.79 10.03
N LYS A 67 -0.23 1.49 11.27
CA LYS A 67 -1.11 1.71 12.41
C LYS A 67 -1.53 3.18 12.57
N GLU A 68 -0.64 4.09 12.22
CA GLU A 68 -0.93 5.52 12.32
C GLU A 68 -1.87 5.96 11.22
N LEU A 69 -1.86 5.23 10.12
CA LEU A 69 -2.72 5.55 9.00
C LEU A 69 -4.11 5.01 9.31
N GLY A 70 -4.18 4.16 10.32
CA GLY A 70 -5.44 3.62 10.80
C GLY A 70 -5.89 2.40 10.04
N LEU A 71 -5.03 1.90 9.17
CA LEU A 71 -5.39 0.76 8.34
C LEU A 71 -5.16 -0.58 9.03
N LYS A 72 -6.00 -1.54 8.69
CA LYS A 72 -6.04 -2.86 9.34
C LYS A 72 -6.21 -3.94 8.27
N THR A 73 -6.40 -5.19 8.70
CA THR A 73 -6.55 -6.34 7.78
C THR A 73 -7.80 -6.31 6.88
N ASP A 74 -8.65 -5.33 7.12
CA ASP A 74 -9.91 -5.18 6.38
C ASP A 74 -9.77 -4.06 5.33
N ASP A 75 -8.56 -3.57 5.20
CA ASP A 75 -8.26 -2.46 4.28
C ASP A 75 -7.83 -2.93 2.88
N LEU A 76 -7.94 -2.04 1.91
CA LEU A 76 -7.57 -2.31 0.52
C LEU A 76 -6.89 -1.09 -0.08
N LEU A 77 -5.71 -1.31 -0.67
CA LEU A 77 -4.90 -0.23 -1.21
C LEU A 77 -5.08 -0.13 -2.71
N LEU A 78 -5.05 1.09 -3.23
CA LEU A 78 -5.19 1.33 -4.66
C LEU A 78 -3.92 1.91 -5.28
N ILE A 79 -3.52 1.37 -6.42
CA ILE A 79 -2.34 1.84 -7.14
C ILE A 79 -2.77 2.78 -8.27
N ARG A 80 -2.22 3.99 -8.27
CA ARG A 80 -2.50 4.98 -9.32
C ARG A 80 -1.21 5.34 -10.01
N GLY A 81 -1.29 6.10 -11.08
CA GLY A 81 -0.11 6.58 -11.78
C GLY A 81 0.10 8.02 -11.40
N LYS A 82 1.36 8.41 -11.31
CA LYS A 82 1.71 9.79 -10.95
C LYS A 82 1.37 10.73 -12.08
N ILE A 83 0.61 11.76 -11.76
CA ILE A 83 0.28 12.80 -12.73
C ILE A 83 1.55 13.61 -13.00
N SER A 84 2.34 13.81 -11.95
CA SER A 84 3.63 14.50 -12.09
C SER A 84 4.67 13.49 -12.57
N ASN A 85 5.09 13.65 -13.82
CA ASN A 85 6.06 12.75 -14.42
C ASN A 85 7.41 12.81 -13.70
N SER A 86 8.03 11.64 -13.51
CA SER A 86 9.35 11.52 -12.89
C SER A 86 10.43 12.22 -13.71
N HIS A 1 -7.79 -16.86 20.46
CA HIS A 1 -8.58 -15.99 19.55
C HIS A 1 -8.45 -14.52 19.89
N ILE A 2 -7.24 -14.17 20.32
CA ILE A 2 -6.88 -12.78 20.64
C ILE A 2 -6.66 -11.98 19.36
N GLU A 3 -6.57 -10.67 19.49
CA GLU A 3 -6.32 -9.80 18.35
C GLU A 3 -4.89 -10.04 17.81
N GLY A 4 -4.70 -9.70 16.55
CA GLY A 4 -3.40 -9.91 15.92
C GLY A 4 -2.76 -8.61 15.49
N ARG A 5 -1.43 -8.65 15.35
CA ARG A 5 -0.62 -7.49 14.94
C ARG A 5 -0.11 -7.70 13.52
N HIS A 6 -0.69 -8.69 12.86
CA HIS A 6 -0.33 -9.05 11.48
C HIS A 6 -1.67 -9.02 10.80
N MET A 7 -1.74 -8.40 9.63
CA MET A 7 -2.99 -8.13 8.95
C MET A 7 -2.77 -8.32 7.47
N ASP A 8 -3.85 -8.54 6.75
CA ASP A 8 -3.78 -8.84 5.32
C ASP A 8 -4.37 -7.67 4.56
N LEU A 9 -3.59 -7.03 3.72
CA LEU A 9 -4.06 -5.87 2.96
C LEU A 9 -4.09 -6.25 1.51
N THR A 10 -5.19 -5.93 0.85
CA THR A 10 -5.36 -6.31 -0.56
C THR A 10 -4.98 -5.13 -1.42
N ILE A 11 -4.24 -5.41 -2.48
CA ILE A 11 -3.75 -4.39 -3.39
C ILE A 11 -4.52 -4.57 -4.67
N SER A 12 -5.02 -3.48 -5.24
CA SER A 12 -5.76 -3.55 -6.50
C SER A 12 -5.25 -2.50 -7.49
N ASN A 13 -5.11 -2.90 -8.74
CA ASN A 13 -4.59 -2.05 -9.77
C ASN A 13 -5.70 -1.26 -10.48
N GLU A 14 -5.74 0.04 -10.25
CA GLU A 14 -6.74 0.91 -10.86
C GLU A 14 -6.54 1.05 -12.38
N LEU A 15 -5.35 0.70 -12.86
CA LEU A 15 -5.06 0.81 -14.29
C LEU A 15 -5.46 -0.42 -15.09
N THR A 16 -5.26 -1.59 -14.50
CA THR A 16 -5.47 -2.85 -15.23
C THR A 16 -6.69 -3.61 -14.75
N GLY A 17 -7.21 -3.23 -13.58
CA GLY A 17 -8.36 -3.90 -12.98
C GLY A 17 -7.95 -5.13 -12.18
N GLU A 18 -6.69 -5.49 -12.23
CA GLU A 18 -6.19 -6.69 -11.56
C GLU A 18 -6.21 -6.60 -10.04
N ILE A 19 -6.39 -7.76 -9.42
CA ILE A 19 -6.36 -7.88 -7.96
C ILE A 19 -5.07 -8.58 -7.59
N TYR A 20 -4.23 -7.89 -6.83
CA TYR A 20 -2.96 -8.44 -6.36
C TYR A 20 -3.25 -9.13 -5.02
N GLY A 21 -2.23 -9.78 -4.48
CA GLY A 21 -2.44 -10.61 -3.32
C GLY A 21 -2.83 -9.89 -2.07
N PRO A 22 -3.61 -10.53 -1.19
CA PRO A 22 -3.55 -9.93 0.14
C PRO A 22 -2.20 -10.26 0.70
N ILE A 23 -1.50 -9.20 1.01
CA ILE A 23 -0.12 -9.31 1.50
C ILE A 23 -0.11 -9.20 3.00
N GLU A 24 0.54 -10.15 3.64
CA GLU A 24 0.51 -10.27 5.09
C GLU A 24 1.59 -9.39 5.73
N VAL A 25 1.15 -8.27 6.29
CA VAL A 25 2.06 -7.24 6.83
C VAL A 25 1.70 -6.95 8.27
N SER A 26 2.57 -6.26 8.98
CA SER A 26 2.35 -5.96 10.39
C SER A 26 2.09 -4.50 10.64
N GLU A 27 1.38 -4.24 11.72
CA GLU A 27 0.98 -2.88 12.09
C GLU A 27 2.15 -1.97 12.45
N ASP A 28 3.25 -2.55 12.88
CA ASP A 28 4.45 -1.79 13.27
C ASP A 28 5.40 -1.64 12.08
N MET A 29 4.96 -2.09 10.92
CA MET A 29 5.74 -1.94 9.71
C MET A 29 5.63 -0.48 9.30
N ALA A 30 6.71 0.09 8.78
CA ALA A 30 6.68 1.47 8.34
C ALA A 30 5.88 1.57 7.04
N LEU A 31 5.31 2.74 6.79
CA LEU A 31 4.62 3.04 5.55
C LEU A 31 5.61 2.85 4.40
N THR A 32 6.84 3.29 4.61
CA THR A 32 7.86 3.19 3.57
C THR A 32 8.25 1.74 3.31
N ASP A 33 8.18 0.89 4.34
CA ASP A 33 8.53 -0.53 4.21
C ASP A 33 7.41 -1.28 3.49
N LEU A 34 6.17 -0.87 3.73
CA LEU A 34 5.04 -1.43 3.00
C LEU A 34 5.24 -1.16 1.51
N ILE A 35 5.62 0.06 1.17
CA ILE A 35 5.86 0.42 -0.23
C ILE A 35 7.08 -0.33 -0.76
N ALA A 36 8.09 -0.55 0.08
CA ALA A 36 9.27 -1.29 -0.36
C ALA A 36 8.89 -2.71 -0.81
N LEU A 37 7.95 -3.34 -0.11
CA LEU A 37 7.43 -4.65 -0.50
C LEU A 37 6.68 -4.52 -1.83
N LEU A 38 5.91 -3.45 -1.99
CA LEU A 38 5.17 -3.21 -3.24
C LEU A 38 6.11 -2.99 -4.42
N GLN A 39 7.31 -2.45 -4.19
CA GLN A 39 8.26 -2.23 -5.30
C GLN A 39 8.66 -3.57 -5.89
N ALA A 40 8.90 -4.54 -5.00
CA ALA A 40 9.37 -5.86 -5.40
C ALA A 40 8.26 -6.78 -5.92
N ASP A 41 7.18 -6.90 -5.17
CA ASP A 41 6.13 -7.88 -5.49
C ASP A 41 5.08 -7.35 -6.46
N CYS A 42 4.66 -6.12 -6.27
CA CYS A 42 3.63 -5.52 -7.11
C CYS A 42 4.21 -4.68 -8.25
N GLY A 43 5.53 -4.54 -8.27
CA GLY A 43 6.18 -3.75 -9.29
C GLY A 43 5.88 -2.27 -9.21
N PHE A 44 5.54 -1.79 -8.02
CA PHE A 44 5.20 -0.38 -7.85
C PHE A 44 6.41 0.50 -8.08
N ASP A 45 6.19 1.58 -8.82
CA ASP A 45 7.22 2.56 -9.14
C ASP A 45 6.69 3.92 -8.70
N LYS A 46 7.40 4.56 -7.77
CA LYS A 46 6.92 5.81 -7.15
C LYS A 46 6.93 7.04 -8.06
N THR A 47 7.51 6.95 -9.25
CA THR A 47 7.55 8.10 -10.17
C THR A 47 6.63 7.89 -11.36
N LYS A 48 6.27 6.63 -11.62
CA LYS A 48 5.32 6.31 -12.71
C LYS A 48 3.93 6.05 -12.15
N HIS A 49 3.86 5.77 -10.86
CA HIS A 49 2.61 5.47 -10.21
C HIS A 49 2.49 6.22 -8.91
N ASP A 50 1.27 6.30 -8.42
CA ASP A 50 0.95 6.88 -7.12
C ASP A 50 0.20 5.80 -6.37
N LEU A 51 0.33 5.78 -5.07
CA LEU A 51 -0.38 4.81 -4.24
C LEU A 51 -1.53 5.56 -3.57
N TYR A 52 -2.73 5.01 -3.67
CA TYR A 52 -3.91 5.62 -3.10
C TYR A 52 -4.42 4.74 -1.97
N TYR A 53 -4.81 5.40 -0.87
CA TYR A 53 -5.37 4.70 0.27
C TYR A 53 -6.70 5.34 0.55
N ASN A 54 -7.75 4.54 0.54
CA ASN A 54 -9.13 5.03 0.70
C ASN A 54 -9.42 6.21 -0.25
N MET A 55 -8.90 6.12 -1.46
CA MET A 55 -9.04 7.12 -2.53
C MET A 55 -8.32 8.47 -2.32
N ASP A 56 -7.50 8.57 -1.30
CA ASP A 56 -6.65 9.75 -1.11
C ASP A 56 -5.22 9.35 -1.47
N ILE A 57 -4.40 10.33 -1.79
CA ILE A 57 -3.04 10.10 -2.29
C ILE A 57 -2.04 9.99 -1.14
N LEU A 58 -1.29 8.90 -1.12
CA LEU A 58 -0.26 8.74 -0.10
C LEU A 58 1.07 9.39 -0.47
N ASP A 59 1.57 10.18 0.45
CA ASP A 59 2.92 10.71 0.35
C ASP A 59 3.88 9.57 0.69
N SER A 60 4.62 9.13 -0.31
CA SER A 60 5.53 7.99 -0.16
C SER A 60 6.70 8.27 0.79
N ASN A 61 6.82 9.51 1.27
CA ASN A 61 7.91 9.89 2.18
C ASN A 61 7.48 9.83 3.64
N ARG A 62 6.22 9.48 3.92
CA ARG A 62 5.74 9.42 5.32
C ARG A 62 6.44 8.27 6.01
N THR A 63 7.10 8.54 7.12
CA THR A 63 7.90 7.53 7.84
C THR A 63 7.16 6.98 9.06
N GLN A 64 5.85 7.08 9.03
CA GLN A 64 4.99 6.60 10.11
C GLN A 64 4.76 5.11 9.94
N SER A 65 4.22 4.48 10.97
CA SER A 65 3.90 3.07 10.96
C SER A 65 2.49 2.91 10.48
N LEU A 66 2.13 1.72 10.01
CA LEU A 66 0.77 1.47 9.54
C LEU A 66 -0.24 1.67 10.66
N LYS A 67 0.15 1.36 11.90
CA LYS A 67 -0.71 1.57 13.05
C LYS A 67 -1.07 3.03 13.26
N GLU A 68 -0.14 3.92 13.00
CA GLU A 68 -0.37 5.37 13.20
C GLU A 68 -1.41 5.88 12.22
N LEU A 69 -1.49 5.22 11.08
CA LEU A 69 -2.43 5.60 10.03
C LEU A 69 -3.81 4.99 10.33
N GLY A 70 -3.83 3.98 11.20
CA GLY A 70 -5.07 3.40 11.68
C GLY A 70 -5.65 2.31 10.81
N LEU A 71 -4.87 1.85 9.83
CA LEU A 71 -5.37 0.84 8.90
C LEU A 71 -5.43 -0.57 9.48
N LYS A 72 -6.17 -1.45 8.80
CA LYS A 72 -6.47 -2.80 9.32
C LYS A 72 -6.50 -3.87 8.21
N THR A 73 -6.74 -5.12 8.61
CA THR A 73 -6.83 -6.28 7.69
C THR A 73 -8.10 -6.29 6.80
N ASP A 74 -8.90 -5.24 6.95
CA ASP A 74 -10.20 -5.12 6.27
C ASP A 74 -10.11 -3.95 5.28
N ASP A 75 -8.89 -3.50 5.00
CA ASP A 75 -8.68 -2.33 4.15
C ASP A 75 -8.11 -2.68 2.78
N LEU A 76 -8.20 -1.73 1.84
CA LEU A 76 -7.78 -1.95 0.46
C LEU A 76 -7.03 -0.75 -0.14
N LEU A 77 -6.00 -1.05 -0.94
CA LEU A 77 -5.16 -0.02 -1.55
C LEU A 77 -5.26 -0.05 -3.07
N LEU A 78 -5.10 1.12 -3.70
CA LEU A 78 -5.19 1.24 -5.15
C LEU A 78 -3.89 1.73 -5.76
N ILE A 79 -3.48 1.10 -6.86
CA ILE A 79 -2.29 1.53 -7.63
C ILE A 79 -2.78 2.35 -8.81
N ARG A 80 -2.38 3.61 -8.87
CA ARG A 80 -2.83 4.51 -9.93
C ARG A 80 -1.62 4.94 -10.72
N GLY A 81 -1.77 5.16 -12.02
CA GLY A 81 -0.68 5.67 -12.82
C GLY A 81 -0.68 7.18 -12.74
N LYS A 82 0.51 7.75 -12.79
CA LYS A 82 0.67 9.20 -12.76
C LYS A 82 1.66 9.65 -13.83
N ILE A 83 1.67 10.93 -14.14
CA ILE A 83 2.60 11.49 -15.11
C ILE A 83 3.98 11.61 -14.44
N SER A 84 5.00 11.06 -15.08
CA SER A 84 6.36 11.16 -14.58
C SER A 84 7.00 12.46 -15.04
N ASN A 85 7.95 12.97 -14.28
CA ASN A 85 8.68 14.20 -14.61
C ASN A 85 10.17 13.94 -14.65
N SER A 86 10.53 12.71 -15.02
CA SER A 86 11.92 12.25 -15.07
C SER A 86 12.84 13.13 -15.91
N HIS A 1 3.62 3.21 19.03
CA HIS A 1 4.70 2.29 19.45
C HIS A 1 4.20 1.10 20.27
N ILE A 2 5.06 0.05 20.28
CA ILE A 2 4.89 -1.22 21.03
C ILE A 2 3.80 -2.10 20.40
N GLU A 3 4.17 -3.37 20.21
CA GLU A 3 3.34 -4.41 19.58
C GLU A 3 3.23 -4.27 18.06
N GLY A 4 3.07 -5.40 17.38
CA GLY A 4 3.11 -5.43 15.93
C GLY A 4 2.37 -6.61 15.33
N ARG A 5 1.04 -6.63 15.50
CA ARG A 5 0.23 -7.73 14.96
C ARG A 5 0.25 -7.70 13.44
N HIS A 6 0.14 -8.88 12.84
CA HIS A 6 0.00 -8.98 11.40
C HIS A 6 -1.43 -8.69 11.02
N MET A 7 -1.63 -8.18 9.81
CA MET A 7 -2.92 -7.90 9.22
C MET A 7 -2.79 -8.12 7.73
N ASP A 8 -3.90 -8.45 7.09
CA ASP A 8 -3.93 -8.72 5.66
C ASP A 8 -4.40 -7.49 4.90
N LEU A 9 -3.56 -6.96 4.02
CA LEU A 9 -3.97 -5.83 3.18
C LEU A 9 -4.09 -6.31 1.76
N THR A 10 -5.11 -5.85 1.06
CA THR A 10 -5.33 -6.24 -0.33
C THR A 10 -4.96 -5.09 -1.25
N ILE A 11 -4.28 -5.38 -2.34
CA ILE A 11 -3.78 -4.35 -3.25
C ILE A 11 -4.44 -4.55 -4.61
N SER A 12 -4.90 -3.47 -5.22
CA SER A 12 -5.49 -3.55 -6.55
C SER A 12 -4.90 -2.47 -7.47
N ASN A 13 -4.54 -2.85 -8.68
CA ASN A 13 -3.93 -1.93 -9.62
C ASN A 13 -4.99 -1.32 -10.53
N GLU A 14 -5.37 -0.11 -10.21
CA GLU A 14 -6.40 0.63 -10.94
C GLU A 14 -6.01 0.89 -12.41
N LEU A 15 -4.73 0.77 -12.70
CA LEU A 15 -4.25 0.97 -14.07
C LEU A 15 -4.34 -0.27 -14.95
N THR A 16 -4.14 -1.44 -14.36
CA THR A 16 -4.00 -2.68 -15.13
C THR A 16 -5.16 -3.64 -14.92
N GLY A 17 -5.93 -3.38 -13.88
CA GLY A 17 -7.05 -4.24 -13.53
C GLY A 17 -6.63 -5.43 -12.67
N GLU A 18 -5.34 -5.53 -12.40
CA GLU A 18 -4.81 -6.65 -11.61
C GLU A 18 -5.20 -6.56 -10.15
N ILE A 19 -5.50 -7.72 -9.58
CA ILE A 19 -5.84 -7.83 -8.17
C ILE A 19 -4.72 -8.62 -7.51
N TYR A 20 -3.91 -7.96 -6.73
CA TYR A 20 -2.78 -8.58 -6.06
C TYR A 20 -3.29 -9.20 -4.74
N GLY A 21 -2.44 -9.95 -4.09
CA GLY A 21 -2.87 -10.75 -2.96
C GLY A 21 -3.07 -10.05 -1.66
N PRO A 22 -3.80 -10.70 -0.73
CA PRO A 22 -3.64 -10.20 0.62
C PRO A 22 -2.28 -10.52 1.16
N ILE A 23 -1.56 -9.45 1.38
CA ILE A 23 -0.20 -9.51 1.86
C ILE A 23 -0.20 -9.33 3.37
N GLU A 24 0.49 -10.23 4.04
CA GLU A 24 0.52 -10.25 5.49
C GLU A 24 1.60 -9.25 5.96
N VAL A 25 1.13 -8.10 6.44
CA VAL A 25 2.02 -7.02 6.87
C VAL A 25 1.69 -6.68 8.30
N SER A 26 2.53 -5.92 8.98
CA SER A 26 2.28 -5.63 10.38
C SER A 26 1.84 -4.20 10.62
N GLU A 27 1.12 -3.99 11.70
CA GLU A 27 0.64 -2.66 12.07
C GLU A 27 1.81 -1.71 12.38
N ASP A 28 2.96 -2.28 12.77
CA ASP A 28 4.16 -1.50 13.09
C ASP A 28 5.15 -1.48 11.93
N MET A 29 4.75 -2.06 10.79
CA MET A 29 5.55 -2.00 9.58
C MET A 29 5.50 -0.56 9.14
N ALA A 30 6.57 -0.03 8.60
CA ALA A 30 6.57 1.35 8.15
C ALA A 30 5.85 1.41 6.81
N LEU A 31 5.29 2.58 6.53
CA LEU A 31 4.68 2.86 5.23
C LEU A 31 5.74 2.65 4.16
N THR A 32 6.95 3.11 4.45
CA THR A 32 8.03 2.99 3.49
C THR A 32 8.41 1.53 3.22
N ASP A 33 8.26 0.68 4.22
CA ASP A 33 8.55 -0.75 4.07
C ASP A 33 7.41 -1.45 3.33
N LEU A 34 6.18 -1.00 3.54
CA LEU A 34 5.05 -1.49 2.73
C LEU A 34 5.30 -1.17 1.26
N ILE A 35 5.72 0.06 0.97
CA ILE A 35 6.03 0.44 -0.40
C ILE A 35 7.18 -0.40 -0.93
N ALA A 36 8.18 -0.65 -0.08
CA ALA A 36 9.33 -1.46 -0.49
C ALA A 36 8.91 -2.84 -1.01
N LEU A 37 7.92 -3.46 -0.36
CA LEU A 37 7.38 -4.75 -0.82
C LEU A 37 6.69 -4.56 -2.17
N LEU A 38 5.94 -3.47 -2.31
CA LEU A 38 5.24 -3.18 -3.56
C LEU A 38 6.21 -2.90 -4.71
N GLN A 39 7.39 -2.38 -4.42
CA GLN A 39 8.41 -2.15 -5.45
C GLN A 39 8.80 -3.48 -6.08
N ALA A 40 8.90 -4.50 -5.26
CA ALA A 40 9.33 -5.83 -5.71
C ALA A 40 8.21 -6.62 -6.39
N ASP A 41 7.04 -6.66 -5.77
CA ASP A 41 5.93 -7.49 -6.27
C ASP A 41 5.08 -6.76 -7.30
N CYS A 42 4.54 -5.61 -6.94
CA CYS A 42 3.66 -4.84 -7.81
C CYS A 42 4.42 -4.00 -8.84
N GLY A 43 5.74 -3.94 -8.74
CA GLY A 43 6.53 -3.12 -9.66
C GLY A 43 6.25 -1.65 -9.43
N PHE A 44 5.81 -1.32 -8.23
CA PHE A 44 5.43 0.04 -7.91
C PHE A 44 6.64 0.97 -7.98
N ASP A 45 6.43 2.12 -8.56
CA ASP A 45 7.48 3.12 -8.71
C ASP A 45 6.92 4.44 -8.20
N LYS A 46 7.41 4.92 -7.07
CA LYS A 46 6.80 6.08 -6.39
C LYS A 46 6.90 7.40 -7.16
N THR A 47 7.62 7.39 -8.26
CA THR A 47 7.74 8.57 -9.12
C THR A 47 6.79 8.48 -10.32
N LYS A 48 6.38 7.27 -10.67
CA LYS A 48 5.53 7.03 -11.86
C LYS A 48 4.12 6.70 -11.44
N HIS A 49 3.98 6.22 -10.22
CA HIS A 49 2.71 5.74 -9.68
C HIS A 49 2.55 6.27 -8.27
N ASP A 50 1.32 6.23 -7.77
CA ASP A 50 0.97 6.74 -6.45
C ASP A 50 0.18 5.67 -5.73
N LEU A 51 0.21 5.70 -4.40
CA LEU A 51 -0.56 4.76 -3.59
C LEU A 51 -1.76 5.50 -3.02
N TYR A 52 -2.93 4.92 -3.13
CA TYR A 52 -4.16 5.53 -2.62
C TYR A 52 -4.77 4.64 -1.54
N TYR A 53 -5.24 5.27 -0.48
CA TYR A 53 -5.92 4.58 0.61
C TYR A 53 -7.00 5.52 1.13
N ASN A 54 -8.17 4.96 1.44
CA ASN A 54 -9.30 5.74 1.94
C ASN A 54 -9.60 6.97 1.06
N MET A 55 -9.45 6.77 -0.25
CA MET A 55 -9.68 7.80 -1.28
C MET A 55 -8.79 9.05 -1.17
N ASP A 56 -7.64 8.88 -0.54
CA ASP A 56 -6.64 9.96 -0.45
C ASP A 56 -5.27 9.39 -0.86
N ILE A 57 -4.29 10.27 -1.08
CA ILE A 57 -2.96 9.89 -1.53
C ILE A 57 -2.01 9.66 -0.35
N LEU A 58 -1.33 8.52 -0.35
CA LEU A 58 -0.32 8.24 0.67
C LEU A 58 1.02 8.76 0.18
N ASP A 59 1.54 9.78 0.85
CA ASP A 59 2.86 10.33 0.49
C ASP A 59 3.94 9.31 0.78
N SER A 60 4.81 9.10 -0.20
CA SER A 60 5.82 8.05 -0.13
C SER A 60 6.99 8.29 0.81
N ASN A 61 7.10 9.49 1.38
CA ASN A 61 8.22 9.81 2.27
C ASN A 61 7.82 9.70 3.74
N ARG A 62 6.57 9.36 4.01
CA ARG A 62 6.09 9.21 5.40
C ARG A 62 6.68 7.96 6.03
N THR A 63 7.58 8.11 6.99
CA THR A 63 8.16 6.97 7.70
C THR A 63 7.28 6.55 8.88
N GLN A 64 5.98 6.73 8.73
CA GLN A 64 5.03 6.38 9.78
C GLN A 64 4.74 4.90 9.73
N SER A 65 4.11 4.37 10.75
CA SER A 65 3.74 2.97 10.80
C SER A 65 2.35 2.84 10.20
N LEU A 66 2.00 1.67 9.73
CA LEU A 66 0.69 1.45 9.12
C LEU A 66 -0.44 1.72 10.11
N LYS A 67 -0.17 1.50 11.38
CA LYS A 67 -1.11 1.78 12.44
C LYS A 67 -1.50 3.26 12.51
N GLU A 68 -0.53 4.13 12.26
CA GLU A 68 -0.78 5.57 12.29
C GLU A 68 -1.67 6.00 11.15
N LEU A 69 -1.57 5.28 10.05
CA LEU A 69 -2.37 5.55 8.85
C LEU A 69 -3.80 5.03 9.06
N GLY A 70 -3.97 4.25 10.13
CA GLY A 70 -5.27 3.74 10.52
C GLY A 70 -5.65 2.46 9.80
N LEU A 71 -4.65 1.82 9.20
CA LEU A 71 -4.86 0.60 8.42
C LEU A 71 -5.23 -0.61 9.27
N LYS A 72 -6.04 -1.49 8.69
CA LYS A 72 -6.48 -2.73 9.35
C LYS A 72 -6.51 -3.88 8.33
N THR A 73 -6.75 -5.08 8.81
CA THR A 73 -6.80 -6.30 7.99
C THR A 73 -8.03 -6.42 7.05
N ASP A 74 -8.77 -5.34 6.90
CA ASP A 74 -10.02 -5.33 6.15
C ASP A 74 -9.91 -4.30 5.04
N ASP A 75 -8.70 -3.74 4.88
CA ASP A 75 -8.48 -2.64 3.93
C ASP A 75 -8.00 -3.07 2.55
N LEU A 76 -8.42 -2.31 1.56
CA LEU A 76 -7.99 -2.49 0.17
C LEU A 76 -7.41 -1.17 -0.32
N LEU A 77 -6.25 -1.24 -0.95
CA LEU A 77 -5.51 -0.04 -1.39
C LEU A 77 -5.34 -0.07 -2.90
N LEU A 78 -5.27 1.11 -3.51
CA LEU A 78 -5.22 1.22 -4.97
C LEU A 78 -3.89 1.79 -5.48
N ILE A 79 -3.46 1.30 -6.63
CA ILE A 79 -2.24 1.78 -7.28
C ILE A 79 -2.68 2.64 -8.47
N ARG A 80 -2.32 3.90 -8.43
CA ARG A 80 -2.74 4.87 -9.44
C ARG A 80 -1.53 5.32 -10.23
N GLY A 81 -1.72 5.84 -11.44
CA GLY A 81 -0.61 6.37 -12.21
C GLY A 81 -0.47 7.86 -12.03
N LYS A 82 0.76 8.29 -11.85
CA LYS A 82 1.10 9.72 -11.76
C LYS A 82 1.31 10.23 -13.15
N ILE A 83 2.09 9.45 -13.87
CA ILE A 83 2.42 9.74 -15.27
C ILE A 83 1.39 9.01 -16.12
N SER A 84 0.71 9.74 -16.98
CA SER A 84 -0.27 9.16 -17.88
C SER A 84 0.28 9.26 -19.29
N ASN A 85 0.60 8.11 -19.88
CA ASN A 85 1.15 8.05 -21.23
C ASN A 85 0.33 7.13 -22.11
N SER A 86 -0.90 6.81 -21.66
CA SER A 86 -1.76 5.83 -22.34
C SER A 86 -3.24 6.19 -22.24
N HIS A 1 -3.61 -18.77 12.55
CA HIS A 1 -2.45 -18.19 11.81
C HIS A 1 -1.55 -17.32 12.69
N ILE A 2 -2.05 -17.13 13.92
CA ILE A 2 -1.50 -16.20 14.92
C ILE A 2 -1.65 -14.81 14.28
N GLU A 3 -2.85 -14.62 13.77
CA GLU A 3 -3.26 -13.42 13.07
C GLU A 3 -3.38 -12.25 14.05
N GLY A 4 -3.55 -11.05 13.53
CA GLY A 4 -3.57 -9.85 14.35
C GLY A 4 -2.17 -9.28 14.46
N ARG A 5 -1.18 -10.14 14.67
CA ARG A 5 0.23 -9.74 14.63
C ARG A 5 0.59 -9.42 13.18
N HIS A 6 -0.21 -9.97 12.29
CA HIS A 6 -0.16 -9.65 10.88
C HIS A 6 -1.59 -9.39 10.47
N MET A 7 -1.75 -8.43 9.58
CA MET A 7 -3.03 -8.10 8.96
C MET A 7 -2.80 -8.26 7.49
N ASP A 8 -3.85 -8.63 6.78
CA ASP A 8 -3.73 -8.94 5.37
C ASP A 8 -4.23 -7.73 4.59
N LEU A 9 -3.37 -7.11 3.80
CA LEU A 9 -3.76 -5.92 3.03
C LEU A 9 -3.86 -6.30 1.59
N THR A 10 -5.02 -6.03 1.02
CA THR A 10 -5.26 -6.38 -0.38
C THR A 10 -4.90 -5.19 -1.23
N ILE A 11 -4.18 -5.45 -2.31
CA ILE A 11 -3.68 -4.41 -3.18
C ILE A 11 -4.43 -4.53 -4.50
N SER A 12 -4.84 -3.40 -5.06
CA SER A 12 -5.55 -3.43 -6.35
C SER A 12 -5.08 -2.31 -7.26
N ASN A 13 -4.87 -2.64 -8.52
CA ASN A 13 -4.43 -1.67 -9.49
C ASN A 13 -5.60 -0.96 -10.16
N GLU A 14 -5.79 0.30 -9.82
CA GLU A 14 -6.85 1.12 -10.42
C GLU A 14 -6.52 1.43 -11.89
N LEU A 15 -5.29 1.15 -12.29
CA LEU A 15 -4.90 1.34 -13.69
C LEU A 15 -5.29 0.17 -14.59
N THR A 16 -5.17 -1.05 -14.07
CA THR A 16 -5.33 -2.24 -14.90
C THR A 16 -6.55 -3.10 -14.52
N GLY A 17 -7.08 -2.86 -13.34
CA GLY A 17 -8.20 -3.65 -12.83
C GLY A 17 -7.73 -4.91 -12.11
N GLU A 18 -6.43 -5.15 -12.13
CA GLU A 18 -5.88 -6.36 -11.50
C GLU A 18 -5.95 -6.33 -9.99
N ILE A 19 -6.12 -7.51 -9.41
CA ILE A 19 -6.17 -7.68 -7.97
C ILE A 19 -4.90 -8.43 -7.58
N TYR A 20 -4.14 -7.84 -6.67
CA TYR A 20 -2.91 -8.43 -6.18
C TYR A 20 -3.22 -9.03 -4.81
N GLY A 21 -2.26 -9.75 -4.26
CA GLY A 21 -2.51 -10.55 -3.08
C GLY A 21 -2.85 -9.82 -1.81
N PRO A 22 -3.71 -10.39 -0.96
CA PRO A 22 -3.59 -9.85 0.38
C PRO A 22 -2.29 -10.29 0.99
N ILE A 23 -1.45 -9.33 1.24
CA ILE A 23 -0.11 -9.55 1.78
C ILE A 23 -0.14 -9.36 3.28
N GLU A 24 0.44 -10.30 4.00
CA GLU A 24 0.37 -10.28 5.45
C GLU A 24 1.52 -9.44 6.02
N VAL A 25 1.13 -8.27 6.49
CA VAL A 25 2.06 -7.24 6.97
C VAL A 25 1.72 -6.88 8.40
N SER A 26 2.60 -6.16 9.07
CA SER A 26 2.37 -5.79 10.46
C SER A 26 1.91 -4.36 10.56
N GLU A 27 1.14 -4.04 11.59
CA GLU A 27 0.68 -2.67 11.83
C GLU A 27 1.83 -1.71 12.10
N ASP A 28 2.91 -2.24 12.64
CA ASP A 28 4.07 -1.42 13.04
C ASP A 28 5.13 -1.41 11.94
N MET A 29 4.74 -1.89 10.76
CA MET A 29 5.58 -1.78 9.58
C MET A 29 5.51 -0.33 9.13
N ALA A 30 6.59 0.23 8.64
CA ALA A 30 6.56 1.62 8.18
C ALA A 30 5.93 1.64 6.78
N LEU A 31 5.40 2.79 6.38
CA LEU A 31 4.87 2.95 5.03
C LEU A 31 5.98 2.72 4.01
N THR A 32 7.17 3.19 4.33
CA THR A 32 8.32 3.01 3.45
C THR A 32 8.64 1.54 3.26
N ASP A 33 8.42 0.74 4.30
CA ASP A 33 8.70 -0.69 4.25
C ASP A 33 7.61 -1.38 3.44
N LEU A 34 6.38 -0.93 3.60
CA LEU A 34 5.27 -1.46 2.82
C LEU A 34 5.55 -1.19 1.34
N ILE A 35 5.91 0.03 0.99
CA ILE A 35 6.22 0.35 -0.40
C ILE A 35 7.44 -0.42 -0.87
N ALA A 36 8.38 -0.70 0.01
CA ALA A 36 9.54 -1.52 -0.35
C ALA A 36 9.08 -2.90 -0.84
N LEU A 37 8.10 -3.48 -0.17
CA LEU A 37 7.52 -4.76 -0.58
C LEU A 37 6.71 -4.58 -1.87
N LEU A 38 5.93 -3.52 -1.96
CA LEU A 38 5.10 -3.28 -3.14
C LEU A 38 5.92 -3.06 -4.41
N GLN A 39 7.09 -2.44 -4.27
CA GLN A 39 8.00 -2.27 -5.40
C GLN A 39 8.50 -3.62 -5.91
N ALA A 40 8.73 -4.56 -5.00
CA ALA A 40 9.23 -5.88 -5.36
C ALA A 40 8.15 -6.81 -5.92
N ASP A 41 6.99 -6.84 -5.25
CA ASP A 41 5.91 -7.77 -5.59
C ASP A 41 4.91 -7.20 -6.59
N CYS A 42 4.30 -6.09 -6.24
CA CYS A 42 3.24 -5.48 -7.05
C CYS A 42 3.80 -4.63 -8.18
N GLY A 43 5.13 -4.45 -8.18
CA GLY A 43 5.77 -3.61 -9.18
C GLY A 43 5.38 -2.15 -9.04
N PHE A 44 4.97 -1.74 -7.83
CA PHE A 44 4.53 -0.38 -7.64
C PHE A 44 5.76 0.51 -7.58
N ASP A 45 6.01 1.24 -8.65
CA ASP A 45 7.12 2.16 -8.68
C ASP A 45 6.66 3.50 -8.15
N LYS A 46 7.07 3.82 -6.93
CA LYS A 46 6.69 5.08 -6.28
C LYS A 46 7.08 6.36 -7.05
N THR A 47 7.88 6.25 -8.11
CA THR A 47 8.23 7.42 -8.91
C THR A 47 7.27 7.62 -10.10
N LYS A 48 6.65 6.53 -10.55
CA LYS A 48 5.74 6.58 -11.70
C LYS A 48 4.30 6.41 -11.27
N HIS A 49 4.13 5.97 -10.04
CA HIS A 49 2.82 5.66 -9.50
C HIS A 49 2.63 6.29 -8.13
N ASP A 50 1.38 6.39 -7.71
CA ASP A 50 1.03 6.90 -6.39
C ASP A 50 0.14 5.87 -5.71
N LEU A 51 0.28 5.79 -4.40
CA LEU A 51 -0.52 4.86 -3.61
C LEU A 51 -1.72 5.64 -3.10
N TYR A 52 -2.89 5.02 -3.14
CA TYR A 52 -4.11 5.66 -2.68
C TYR A 52 -4.74 4.84 -1.57
N TYR A 53 -5.20 5.54 -0.55
CA TYR A 53 -5.88 4.95 0.59
C TYR A 53 -6.91 5.95 1.06
N ASN A 54 -8.12 5.49 1.33
CA ASN A 54 -9.23 6.36 1.75
C ASN A 54 -9.44 7.52 0.76
N MET A 55 -9.15 7.23 -0.52
CA MET A 55 -9.26 8.19 -1.65
C MET A 55 -8.29 9.38 -1.59
N ASP A 56 -7.28 9.29 -0.72
CA ASP A 56 -6.22 10.31 -0.63
C ASP A 56 -4.91 9.62 -1.00
N ILE A 57 -3.88 10.40 -1.27
CA ILE A 57 -2.57 9.88 -1.68
C ILE A 57 -1.67 9.64 -0.48
N LEU A 58 -1.13 8.44 -0.38
CA LEU A 58 -0.13 8.14 0.64
C LEU A 58 1.22 8.57 0.10
N ASP A 59 1.70 9.69 0.62
CA ASP A 59 2.99 10.23 0.20
C ASP A 59 4.08 9.25 0.61
N SER A 60 4.85 8.79 -0.37
CA SER A 60 5.87 7.77 -0.16
C SER A 60 7.05 8.23 0.69
N ASN A 61 7.12 9.52 1.00
CA ASN A 61 8.20 10.06 1.82
C ASN A 61 7.84 10.02 3.30
N ARG A 62 6.61 9.64 3.63
CA ARG A 62 6.21 9.55 5.04
C ARG A 62 6.77 8.27 5.63
N THR A 63 7.27 8.37 6.85
CA THR A 63 7.83 7.21 7.56
C THR A 63 6.87 6.79 8.67
N GLN A 64 5.59 7.03 8.46
CA GLN A 64 4.58 6.66 9.44
C GLN A 64 4.40 5.16 9.43
N SER A 65 3.79 4.64 10.47
CA SER A 65 3.52 3.22 10.61
C SER A 65 2.14 2.98 10.03
N LEU A 66 1.86 1.76 9.61
CA LEU A 66 0.53 1.43 9.07
C LEU A 66 -0.55 1.64 10.13
N LYS A 67 -0.16 1.46 11.39
CA LYS A 67 -1.01 1.73 12.55
C LYS A 67 -1.54 3.16 12.56
N GLU A 68 -0.69 4.11 12.19
CA GLU A 68 -1.05 5.53 12.22
C GLU A 68 -2.02 5.86 11.10
N LEU A 69 -1.95 5.10 10.03
CA LEU A 69 -2.81 5.31 8.86
C LEU A 69 -4.18 4.69 9.13
N GLY A 70 -4.24 3.85 10.16
CA GLY A 70 -5.50 3.22 10.55
C GLY A 70 -5.82 2.03 9.67
N LEU A 71 -4.78 1.45 9.08
CA LEU A 71 -4.94 0.29 8.20
C LEU A 71 -5.27 -0.95 9.02
N LYS A 72 -5.95 -1.89 8.40
CA LYS A 72 -6.48 -3.08 9.07
C LYS A 72 -6.51 -4.24 8.09
N THR A 73 -6.82 -5.44 8.55
CA THR A 73 -6.86 -6.63 7.68
C THR A 73 -8.07 -6.63 6.72
N ASP A 74 -8.95 -5.67 6.93
CA ASP A 74 -10.19 -5.56 6.17
C ASP A 74 -10.05 -4.49 5.08
N ASP A 75 -8.83 -4.02 4.90
CA ASP A 75 -8.57 -2.84 4.05
C ASP A 75 -8.13 -3.14 2.61
N LEU A 76 -8.25 -2.11 1.78
CA LEU A 76 -7.91 -2.18 0.36
C LEU A 76 -7.07 -0.98 -0.05
N LEU A 77 -5.94 -1.23 -0.68
CA LEU A 77 -5.03 -0.18 -1.12
C LEU A 77 -5.08 -0.12 -2.64
N LEU A 78 -5.10 1.08 -3.18
CA LEU A 78 -5.24 1.26 -4.63
C LEU A 78 -3.98 1.84 -5.25
N ILE A 79 -3.64 1.38 -6.44
CA ILE A 79 -2.44 1.85 -7.15
C ILE A 79 -2.87 2.66 -8.35
N ARG A 80 -2.40 3.90 -8.46
CA ARG A 80 -2.69 4.74 -9.62
C ARG A 80 -1.40 5.22 -10.22
N GLY A 81 -1.47 5.69 -11.46
CA GLY A 81 -0.29 6.19 -12.13
C GLY A 81 -0.31 7.69 -12.05
N LYS A 82 0.86 8.28 -11.99
CA LYS A 82 1.02 9.73 -11.93
C LYS A 82 1.97 10.19 -13.01
N ILE A 83 2.06 11.49 -13.20
CA ILE A 83 2.94 12.05 -14.23
C ILE A 83 4.38 12.05 -13.71
N SER A 84 5.13 11.03 -14.09
CA SER A 84 6.54 10.97 -13.74
C SER A 84 7.25 12.03 -14.58
N ASN A 85 8.28 12.65 -14.02
CA ASN A 85 9.01 13.70 -14.73
C ASN A 85 10.51 13.44 -14.56
N SER A 86 11.27 13.67 -15.63
CA SER A 86 12.73 13.46 -15.64
C SER A 86 13.44 14.38 -16.63
N HIS A 1 -9.76 -14.66 9.02
CA HIS A 1 -11.05 -14.17 9.63
C HIS A 1 -10.89 -13.64 11.05
N ILE A 2 -9.63 -13.59 11.45
CA ILE A 2 -9.20 -13.04 12.74
C ILE A 2 -8.31 -11.85 12.44
N GLU A 3 -8.04 -11.02 13.44
CA GLU A 3 -7.18 -9.86 13.29
C GLU A 3 -6.13 -9.89 14.40
N GLY A 4 -5.09 -9.09 14.26
CA GLY A 4 -4.03 -9.04 15.25
C GLY A 4 -3.03 -7.99 14.85
N ARG A 5 -1.81 -8.09 15.36
CA ARG A 5 -0.74 -7.15 14.99
C ARG A 5 -0.17 -7.46 13.60
N HIS A 6 -0.76 -8.45 12.95
CA HIS A 6 -0.42 -8.83 11.58
C HIS A 6 -1.76 -8.73 10.87
N MET A 7 -1.74 -8.24 9.65
CA MET A 7 -2.95 -7.94 8.91
C MET A 7 -2.75 -8.26 7.44
N ASP A 8 -3.84 -8.57 6.76
CA ASP A 8 -3.79 -9.03 5.37
C ASP A 8 -4.38 -7.92 4.51
N LEU A 9 -3.55 -7.24 3.74
CA LEU A 9 -4.00 -6.06 2.99
C LEU A 9 -4.13 -6.36 1.53
N THR A 10 -5.29 -6.08 0.96
CA THR A 10 -5.52 -6.40 -0.44
C THR A 10 -5.08 -5.23 -1.31
N ILE A 11 -4.31 -5.54 -2.34
CA ILE A 11 -3.77 -4.51 -3.23
C ILE A 11 -4.51 -4.63 -4.56
N SER A 12 -4.94 -3.52 -5.11
CA SER A 12 -5.63 -3.52 -6.40
C SER A 12 -5.07 -2.44 -7.31
N ASN A 13 -4.90 -2.75 -8.58
CA ASN A 13 -4.29 -1.81 -9.51
C ASN A 13 -5.34 -1.08 -10.32
N GLU A 14 -5.62 0.15 -9.92
CA GLU A 14 -6.57 1.02 -10.64
C GLU A 14 -6.08 1.30 -12.06
N LEU A 15 -4.80 1.11 -12.28
CA LEU A 15 -4.17 1.36 -13.58
C LEU A 15 -4.43 0.26 -14.60
N THR A 16 -4.55 -0.97 -14.13
CA THR A 16 -4.61 -2.12 -15.04
C THR A 16 -5.86 -2.96 -14.85
N GLY A 17 -6.53 -2.77 -13.73
CA GLY A 17 -7.70 -3.55 -13.39
C GLY A 17 -7.33 -4.86 -12.68
N GLU A 18 -6.03 -5.10 -12.53
CA GLU A 18 -5.55 -6.32 -11.89
C GLU A 18 -5.73 -6.27 -10.38
N ILE A 19 -5.80 -7.44 -9.78
CA ILE A 19 -5.95 -7.55 -8.33
C ILE A 19 -4.77 -8.38 -7.82
N TYR A 20 -4.10 -7.86 -6.82
CA TYR A 20 -2.96 -8.52 -6.19
C TYR A 20 -3.43 -9.11 -4.87
N GLY A 21 -2.57 -9.85 -4.20
CA GLY A 21 -2.97 -10.61 -3.04
C GLY A 21 -3.24 -9.86 -1.78
N PRO A 22 -4.05 -10.44 -0.87
CA PRO A 22 -3.89 -9.87 0.46
C PRO A 22 -2.53 -10.28 1.00
N ILE A 23 -1.71 -9.29 1.20
CA ILE A 23 -0.33 -9.49 1.66
C ILE A 23 -0.23 -9.31 3.15
N GLU A 24 0.57 -10.17 3.75
CA GLU A 24 0.69 -10.28 5.20
C GLU A 24 1.74 -9.30 5.72
N VAL A 25 1.27 -8.24 6.33
CA VAL A 25 2.13 -7.19 6.88
C VAL A 25 1.78 -6.88 8.32
N SER A 26 2.60 -6.10 9.00
CA SER A 26 2.37 -5.78 10.40
C SER A 26 1.94 -4.34 10.58
N GLU A 27 1.21 -4.08 11.65
CA GLU A 27 0.77 -2.73 12.00
C GLU A 27 1.97 -1.79 12.26
N ASP A 28 3.08 -2.38 12.67
CA ASP A 28 4.30 -1.65 13.02
C ASP A 28 5.21 -1.43 11.82
N MET A 29 4.82 -1.97 10.67
CA MET A 29 5.61 -1.84 9.46
C MET A 29 5.56 -0.37 9.06
N ALA A 30 6.67 0.18 8.59
CA ALA A 30 6.67 1.57 8.18
C ALA A 30 5.95 1.69 6.83
N LEU A 31 5.44 2.86 6.54
CA LEU A 31 4.82 3.16 5.25
C LEU A 31 5.84 2.91 4.15
N THR A 32 7.07 3.33 4.40
CA THR A 32 8.11 3.18 3.42
C THR A 32 8.43 1.72 3.17
N ASP A 33 8.28 0.90 4.21
CA ASP A 33 8.61 -0.52 4.12
C ASP A 33 7.51 -1.25 3.36
N LEU A 34 6.28 -0.82 3.53
CA LEU A 34 5.17 -1.37 2.76
C LEU A 34 5.46 -1.12 1.28
N ILE A 35 5.85 0.09 0.94
CA ILE A 35 6.20 0.41 -0.44
C ILE A 35 7.38 -0.42 -0.91
N ALA A 36 8.32 -0.69 -0.02
CA ALA A 36 9.46 -1.55 -0.39
C ALA A 36 8.98 -2.95 -0.81
N LEU A 37 7.99 -3.48 -0.12
CA LEU A 37 7.40 -4.78 -0.49
C LEU A 37 6.64 -4.64 -1.81
N LEU A 38 5.90 -3.56 -1.98
CA LEU A 38 5.14 -3.33 -3.21
C LEU A 38 6.06 -3.15 -4.42
N GLN A 39 7.26 -2.62 -4.22
CA GLN A 39 8.24 -2.52 -5.30
C GLN A 39 8.68 -3.91 -5.76
N ALA A 40 8.83 -4.84 -4.82
CA ALA A 40 9.32 -6.17 -5.14
C ALA A 40 8.24 -7.07 -5.76
N ASP A 41 7.03 -7.01 -5.20
CA ASP A 41 5.94 -7.90 -5.65
C ASP A 41 5.04 -7.25 -6.71
N CYS A 42 4.47 -6.12 -6.36
CA CYS A 42 3.51 -5.43 -7.23
C CYS A 42 4.15 -4.57 -8.30
N GLY A 43 5.47 -4.46 -8.28
CA GLY A 43 6.18 -3.63 -9.24
C GLY A 43 5.86 -2.16 -9.06
N PHE A 44 5.49 -1.77 -7.86
CA PHE A 44 5.06 -0.40 -7.61
C PHE A 44 6.26 0.51 -7.42
N ASP A 45 6.56 1.30 -8.43
CA ASP A 45 7.61 2.31 -8.34
C ASP A 45 6.93 3.60 -7.91
N LYS A 46 7.21 4.06 -6.71
CA LYS A 46 6.60 5.29 -6.17
C LYS A 46 6.90 6.56 -6.95
N THR A 47 7.83 6.51 -7.90
CA THR A 47 8.09 7.67 -8.76
C THR A 47 7.18 7.71 -9.98
N LYS A 48 6.67 6.55 -10.38
CA LYS A 48 5.85 6.44 -11.59
C LYS A 48 4.42 6.28 -11.19
N HIS A 49 4.24 5.70 -10.03
CA HIS A 49 2.94 5.27 -9.53
C HIS A 49 2.70 5.82 -8.13
N ASP A 50 1.43 5.89 -7.73
CA ASP A 50 1.02 6.45 -6.46
C ASP A 50 0.16 5.45 -5.71
N LEU A 51 0.12 5.56 -4.39
CA LEU A 51 -0.62 4.62 -3.55
C LEU A 51 -1.73 5.36 -2.84
N TYR A 52 -2.93 4.80 -2.90
CA TYR A 52 -4.11 5.42 -2.30
C TYR A 52 -4.69 4.53 -1.22
N TYR A 53 -5.16 5.17 -0.16
CA TYR A 53 -5.84 4.50 0.96
C TYR A 53 -6.99 5.40 1.34
N ASN A 54 -8.16 4.81 1.58
CA ASN A 54 -9.36 5.58 1.94
C ASN A 54 -9.63 6.73 0.95
N MET A 55 -9.31 6.46 -0.31
CA MET A 55 -9.48 7.41 -1.44
C MET A 55 -8.60 8.67 -1.37
N ASP A 56 -7.60 8.67 -0.51
CA ASP A 56 -6.64 9.78 -0.41
C ASP A 56 -5.23 9.23 -0.66
N ILE A 57 -4.29 10.11 -0.94
CA ILE A 57 -2.93 9.73 -1.31
C ILE A 57 -2.06 9.43 -0.09
N LEU A 58 -1.44 8.25 -0.09
CA LEU A 58 -0.44 7.92 0.92
C LEU A 58 0.89 8.47 0.43
N ASP A 59 1.26 9.61 0.97
CA ASP A 59 2.53 10.25 0.62
C ASP A 59 3.66 9.29 0.92
N SER A 60 4.41 8.97 -0.12
CA SER A 60 5.49 8.00 -0.06
C SER A 60 6.68 8.44 0.78
N ASN A 61 6.66 9.69 1.23
CA ASN A 61 7.73 10.24 2.04
C ASN A 61 7.41 10.18 3.54
N ARG A 62 6.24 9.66 3.90
CA ARG A 62 5.87 9.49 5.30
C ARG A 62 6.70 8.36 5.88
N THR A 63 7.22 8.54 7.08
CA THR A 63 7.98 7.49 7.78
C THR A 63 7.15 6.96 8.94
N GLN A 64 5.84 7.09 8.80
CA GLN A 64 4.89 6.64 9.83
C GLN A 64 4.70 5.14 9.72
N SER A 65 4.04 4.55 10.69
CA SER A 65 3.75 3.12 10.67
C SER A 65 2.35 2.96 10.12
N LEU A 66 2.03 1.78 9.62
CA LEU A 66 0.72 1.53 9.03
C LEU A 66 -0.39 1.76 10.04
N LYS A 67 -0.10 1.47 11.30
CA LYS A 67 -1.07 1.71 12.36
C LYS A 67 -1.50 3.17 12.47
N GLU A 68 -0.57 4.07 12.24
CA GLU A 68 -0.85 5.51 12.33
C GLU A 68 -1.73 5.96 11.19
N LEU A 69 -1.66 5.24 10.08
CA LEU A 69 -2.44 5.60 8.91
C LEU A 69 -3.86 5.06 9.06
N GLY A 70 -4.05 4.17 10.03
CA GLY A 70 -5.37 3.67 10.36
C GLY A 70 -5.78 2.47 9.54
N LEU A 71 -4.86 1.97 8.72
CA LEU A 71 -5.17 0.85 7.85
C LEU A 71 -5.03 -0.49 8.56
N LYS A 72 -5.87 -1.46 8.18
CA LYS A 72 -5.97 -2.75 8.86
C LYS A 72 -6.32 -3.86 7.87
N THR A 73 -6.44 -5.08 8.35
CA THR A 73 -6.75 -6.27 7.52
C THR A 73 -8.06 -6.24 6.70
N ASP A 74 -8.91 -5.27 7.00
CA ASP A 74 -10.21 -5.13 6.33
C ASP A 74 -10.14 -4.10 5.20
N ASP A 75 -8.96 -3.52 5.02
CA ASP A 75 -8.79 -2.44 4.06
C ASP A 75 -8.30 -2.91 2.66
N LEU A 76 -8.31 -1.99 1.71
CA LEU A 76 -7.89 -2.26 0.34
C LEU A 76 -7.14 -1.05 -0.21
N LEU A 77 -5.97 -1.30 -0.78
CA LEU A 77 -5.12 -0.24 -1.32
C LEU A 77 -5.28 -0.16 -2.83
N LEU A 78 -5.17 1.04 -3.38
CA LEU A 78 -5.26 1.25 -4.82
C LEU A 78 -3.95 1.79 -5.41
N ILE A 79 -3.51 1.20 -6.50
CA ILE A 79 -2.31 1.64 -7.21
C ILE A 79 -2.72 2.52 -8.38
N ARG A 80 -2.28 3.76 -8.37
CA ARG A 80 -2.59 4.74 -9.43
C ARG A 80 -1.29 5.17 -10.06
N GLY A 81 -1.33 6.03 -11.07
CA GLY A 81 -0.12 6.54 -11.69
C GLY A 81 0.13 7.98 -11.32
N LYS A 82 1.40 8.33 -11.21
CA LYS A 82 1.84 9.72 -10.97
C LYS A 82 1.81 10.45 -12.30
N ILE A 83 2.42 9.77 -13.26
CA ILE A 83 2.59 10.28 -14.62
C ILE A 83 2.08 9.21 -15.58
N SER A 84 2.32 7.95 -15.23
CA SER A 84 1.83 6.81 -16.01
C SER A 84 0.30 6.86 -16.08
N ASN A 85 -0.23 7.06 -17.27
CA ASN A 85 -1.67 7.13 -17.47
C ASN A 85 -2.08 6.14 -18.54
N SER A 86 -2.38 4.92 -18.11
CA SER A 86 -2.72 3.80 -18.99
C SER A 86 -3.60 2.77 -18.31
N HIS A 1 -2.96 -16.88 12.39
CA HIS A 1 -3.99 -17.91 12.74
C HIS A 1 -5.07 -17.37 13.66
N ILE A 2 -4.73 -16.20 14.20
CA ILE A 2 -5.58 -15.42 15.09
C ILE A 2 -5.38 -13.95 14.74
N GLU A 3 -6.28 -13.10 15.18
CA GLU A 3 -6.14 -11.66 14.97
C GLU A 3 -5.04 -11.15 15.90
N GLY A 4 -4.44 -10.01 15.55
CA GLY A 4 -3.36 -9.48 16.35
C GLY A 4 -2.64 -8.39 15.57
N ARG A 5 -1.37 -8.16 15.89
CA ARG A 5 -0.57 -7.14 15.21
C ARG A 5 -0.02 -7.61 13.85
N HIS A 6 -0.83 -8.38 13.15
CA HIS A 6 -0.51 -8.86 11.81
C HIS A 6 -1.84 -8.84 11.10
N MET A 7 -1.85 -8.37 9.87
CA MET A 7 -3.07 -8.09 9.14
C MET A 7 -2.85 -8.31 7.66
N ASP A 8 -3.92 -8.53 6.92
CA ASP A 8 -3.84 -8.74 5.48
C ASP A 8 -4.31 -7.50 4.77
N LEU A 9 -3.54 -7.06 3.79
CA LEU A 9 -3.91 -5.94 2.94
C LEU A 9 -4.02 -6.46 1.55
N THR A 10 -5.00 -6.00 0.80
CA THR A 10 -5.14 -6.41 -0.60
C THR A 10 -4.83 -5.22 -1.47
N ILE A 11 -4.14 -5.46 -2.58
CA ILE A 11 -3.69 -4.38 -3.45
C ILE A 11 -4.43 -4.46 -4.78
N SER A 12 -5.03 -3.35 -5.19
CA SER A 12 -5.81 -3.29 -6.43
C SER A 12 -5.28 -2.25 -7.39
N ASN A 13 -4.75 -2.69 -8.51
CA ASN A 13 -4.22 -1.80 -9.52
C ASN A 13 -5.30 -1.13 -10.37
N GLU A 14 -5.51 0.15 -10.14
CA GLU A 14 -6.53 0.90 -10.87
C GLU A 14 -6.09 1.13 -12.31
N LEU A 15 -4.79 1.08 -12.54
CA LEU A 15 -4.24 1.35 -13.87
C LEU A 15 -4.39 0.17 -14.82
N THR A 16 -4.19 -1.03 -14.29
CA THR A 16 -4.15 -2.23 -15.12
C THR A 16 -5.35 -3.15 -14.92
N GLY A 17 -6.04 -2.96 -13.81
CA GLY A 17 -7.20 -3.79 -13.49
C GLY A 17 -6.80 -5.06 -12.75
N GLU A 18 -5.51 -5.22 -12.49
CA GLU A 18 -4.99 -6.40 -11.83
C GLU A 18 -5.24 -6.35 -10.32
N ILE A 19 -5.59 -7.48 -9.75
CA ILE A 19 -5.74 -7.61 -8.31
C ILE A 19 -4.52 -8.38 -7.85
N TYR A 20 -3.78 -7.78 -6.93
CA TYR A 20 -2.55 -8.37 -6.39
C TYR A 20 -2.88 -8.99 -5.03
N GLY A 21 -1.89 -9.62 -4.43
CA GLY A 21 -2.13 -10.49 -3.29
C GLY A 21 -2.63 -9.92 -2.00
N PRO A 22 -3.42 -10.70 -1.25
CA PRO A 22 -3.45 -10.26 0.14
C PRO A 22 -2.16 -10.63 0.80
N ILE A 23 -1.52 -9.57 1.21
CA ILE A 23 -0.19 -9.61 1.83
C ILE A 23 -0.25 -9.43 3.34
N GLU A 24 0.49 -10.29 4.02
CA GLU A 24 0.50 -10.33 5.48
C GLU A 24 1.55 -9.36 6.01
N VAL A 25 1.07 -8.25 6.53
CA VAL A 25 1.91 -7.18 7.06
C VAL A 25 1.59 -6.89 8.50
N SER A 26 2.39 -6.07 9.15
CA SER A 26 2.16 -5.71 10.55
C SER A 26 1.75 -4.26 10.65
N GLU A 27 0.96 -3.94 11.65
CA GLU A 27 0.57 -2.55 11.93
C GLU A 27 1.81 -1.69 12.20
N ASP A 28 2.82 -2.31 12.78
CA ASP A 28 4.03 -1.64 13.24
C ASP A 28 5.06 -1.52 12.10
N MET A 29 4.66 -1.93 10.91
CA MET A 29 5.51 -1.83 9.71
C MET A 29 5.47 -0.37 9.26
N ALA A 30 6.57 0.15 8.73
CA ALA A 30 6.56 1.51 8.22
C ALA A 30 5.93 1.51 6.82
N LEU A 31 5.39 2.66 6.41
CA LEU A 31 4.85 2.81 5.07
C LEU A 31 5.95 2.56 4.05
N THR A 32 7.16 3.01 4.37
CA THR A 32 8.29 2.82 3.48
C THR A 32 8.60 1.34 3.29
N ASP A 33 8.36 0.54 4.33
CA ASP A 33 8.63 -0.89 4.27
C ASP A 33 7.54 -1.56 3.44
N LEU A 34 6.31 -1.09 3.61
CA LEU A 34 5.20 -1.59 2.80
C LEU A 34 5.49 -1.33 1.32
N ILE A 35 5.84 -0.10 0.99
CA ILE A 35 6.16 0.24 -0.40
C ILE A 35 7.38 -0.54 -0.89
N ALA A 36 8.30 -0.85 -0.01
CA ALA A 36 9.46 -1.66 -0.40
C ALA A 36 8.97 -3.01 -0.97
N LEU A 37 7.97 -3.60 -0.35
CA LEU A 37 7.37 -4.83 -0.86
C LEU A 37 6.61 -4.54 -2.16
N LEU A 38 5.85 -3.46 -2.19
CA LEU A 38 5.04 -3.13 -3.37
C LEU A 38 5.90 -2.89 -4.61
N GLN A 39 7.09 -2.34 -4.43
CA GLN A 39 8.03 -2.13 -5.53
C GLN A 39 8.54 -3.47 -6.06
N ALA A 40 8.74 -4.44 -5.18
CA ALA A 40 9.25 -5.74 -5.56
C ALA A 40 8.19 -6.67 -6.17
N ASP A 41 7.01 -6.71 -5.56
CA ASP A 41 5.94 -7.64 -5.94
C ASP A 41 4.92 -7.02 -6.89
N CYS A 42 4.31 -5.93 -6.46
CA CYS A 42 3.23 -5.31 -7.23
C CYS A 42 3.74 -4.42 -8.36
N GLY A 43 5.05 -4.27 -8.45
CA GLY A 43 5.65 -3.43 -9.47
C GLY A 43 5.29 -1.97 -9.30
N PHE A 44 4.96 -1.56 -8.09
CA PHE A 44 4.54 -0.19 -7.85
C PHE A 44 5.80 0.65 -7.74
N ASP A 45 6.07 1.48 -8.75
CA ASP A 45 7.21 2.39 -8.67
C ASP A 45 6.70 3.63 -7.96
N LYS A 46 7.24 3.90 -6.78
CA LYS A 46 6.72 4.98 -5.94
C LYS A 46 6.92 6.37 -6.54
N THR A 47 7.76 6.46 -7.56
CA THR A 47 8.06 7.72 -8.22
C THR A 47 7.24 7.92 -9.49
N LYS A 48 6.67 6.84 -10.03
CA LYS A 48 5.82 6.94 -11.22
C LYS A 48 4.36 6.83 -10.83
N HIS A 49 4.13 6.19 -9.70
CA HIS A 49 2.78 5.84 -9.27
C HIS A 49 2.50 6.37 -7.87
N ASP A 50 1.22 6.43 -7.52
CA ASP A 50 0.78 6.91 -6.21
C ASP A 50 -0.02 5.81 -5.54
N LEU A 51 0.11 5.73 -4.23
CA LEU A 51 -0.58 4.73 -3.44
C LEU A 51 -1.77 5.42 -2.78
N TYR A 52 -2.94 4.81 -2.83
CA TYR A 52 -4.14 5.41 -2.28
C TYR A 52 -4.71 4.55 -1.17
N TYR A 53 -5.15 5.21 -0.11
CA TYR A 53 -5.79 4.57 1.05
C TYR A 53 -6.98 5.41 1.39
N ASN A 54 -8.14 4.78 1.59
CA ASN A 54 -9.42 5.49 1.81
C ASN A 54 -9.66 6.49 0.66
N MET A 55 -9.15 6.13 -0.50
CA MET A 55 -9.20 6.94 -1.74
C MET A 55 -8.52 8.32 -1.64
N ASP A 56 -7.67 8.50 -0.65
CA ASP A 56 -6.83 9.69 -0.53
C ASP A 56 -5.40 9.25 -0.81
N ILE A 57 -4.54 10.20 -1.11
CA ILE A 57 -3.16 9.91 -1.51
C ILE A 57 -2.26 9.67 -0.32
N LEU A 58 -1.63 8.51 -0.26
CA LEU A 58 -0.56 8.27 0.68
C LEU A 58 0.70 8.75 -0.01
N ASP A 59 1.36 9.71 0.61
CA ASP A 59 2.60 10.24 0.04
C ASP A 59 3.62 9.12 0.25
N SER A 60 4.29 8.73 -0.81
CA SER A 60 5.18 7.59 -0.79
C SER A 60 6.48 7.83 -0.02
N ASN A 61 6.62 9.04 0.52
CA ASN A 61 7.80 9.40 1.29
C ASN A 61 7.52 9.52 2.79
N ARG A 62 6.29 9.31 3.23
CA ARG A 62 5.98 9.36 4.66
C ARG A 62 6.68 8.20 5.34
N THR A 63 7.23 8.44 6.52
CA THR A 63 7.92 7.41 7.28
C THR A 63 7.06 6.98 8.46
N GLN A 64 5.76 7.12 8.30
CA GLN A 64 4.81 6.74 9.35
C GLN A 64 4.66 5.23 9.35
N SER A 65 4.05 4.72 10.41
CA SER A 65 3.76 3.29 10.54
C SER A 65 2.36 3.09 10.02
N LEU A 66 2.02 1.88 9.63
CA LEU A 66 0.67 1.60 9.11
C LEU A 66 -0.37 1.85 10.21
N LYS A 67 0.08 1.67 11.44
CA LYS A 67 -0.68 1.97 12.65
C LYS A 67 -1.17 3.40 12.73
N GLU A 68 -0.34 4.32 12.28
CA GLU A 68 -0.64 5.75 12.33
C GLU A 68 -1.63 6.13 11.25
N LEU A 69 -1.66 5.34 10.19
CA LEU A 69 -2.55 5.60 9.07
C LEU A 69 -3.91 5.02 9.42
N GLY A 70 -3.93 4.17 10.45
CA GLY A 70 -5.16 3.62 10.97
C GLY A 70 -5.66 2.46 10.14
N LEU A 71 -4.79 1.89 9.34
CA LEU A 71 -5.19 0.80 8.46
C LEU A 71 -5.06 -0.56 9.13
N LYS A 72 -5.83 -1.52 8.62
CA LYS A 72 -6.08 -2.80 9.30
C LYS A 72 -6.27 -3.92 8.29
N THR A 73 -6.62 -5.11 8.76
CA THR A 73 -6.79 -6.30 7.90
C THR A 73 -7.98 -6.27 6.93
N ASP A 74 -8.81 -5.24 7.01
CA ASP A 74 -9.96 -5.10 6.13
C ASP A 74 -9.62 -4.06 5.06
N ASP A 75 -8.38 -3.60 5.06
CA ASP A 75 -7.94 -2.54 4.16
C ASP A 75 -7.64 -3.04 2.74
N LEU A 76 -7.82 -2.14 1.79
CA LEU A 76 -7.55 -2.39 0.39
C LEU A 76 -6.92 -1.13 -0.20
N LEU A 77 -5.73 -1.29 -0.76
CA LEU A 77 -4.97 -0.16 -1.30
C LEU A 77 -5.19 -0.09 -2.79
N LEU A 78 -5.27 1.12 -3.30
CA LEU A 78 -5.47 1.34 -4.73
C LEU A 78 -4.17 1.89 -5.32
N ILE A 79 -3.88 1.56 -6.57
CA ILE A 79 -2.65 2.01 -7.24
C ILE A 79 -3.02 2.86 -8.44
N ARG A 80 -2.58 4.11 -8.44
CA ARG A 80 -2.84 5.02 -9.56
C ARG A 80 -1.50 5.56 -10.06
N GLY A 81 -1.52 6.29 -11.15
CA GLY A 81 -0.27 6.75 -11.76
C GLY A 81 -0.19 8.25 -11.96
N LYS A 82 0.99 8.79 -11.71
CA LYS A 82 1.26 10.23 -11.92
C LYS A 82 2.15 10.42 -13.14
N ILE A 83 2.98 9.43 -13.40
CA ILE A 83 3.84 9.41 -14.58
C ILE A 83 3.56 8.10 -15.31
N SER A 84 2.55 8.11 -16.16
CA SER A 84 2.12 6.92 -16.88
C SER A 84 1.76 7.35 -18.29
N ASN A 85 1.76 6.41 -19.23
CA ASN A 85 1.46 6.69 -20.65
C ASN A 85 2.32 7.83 -21.21
N SER A 86 3.61 7.82 -20.85
CA SER A 86 4.56 8.85 -21.32
C SER A 86 4.83 8.76 -22.83
N HIS A 1 -11.98 -17.23 17.02
CA HIS A 1 -10.94 -16.38 17.66
C HIS A 1 -10.08 -15.64 16.65
N ILE A 2 -9.78 -14.36 16.97
CA ILE A 2 -8.92 -13.51 16.14
C ILE A 2 -7.75 -13.12 17.02
N GLU A 3 -6.55 -13.51 16.64
CA GLU A 3 -5.35 -13.26 17.44
C GLU A 3 -4.20 -12.86 16.53
N GLY A 4 -3.17 -12.23 17.11
CA GLY A 4 -1.98 -11.85 16.36
C GLY A 4 -1.88 -10.36 16.08
N ARG A 5 -0.77 -9.95 15.46
CA ARG A 5 -0.52 -8.54 15.12
C ARG A 5 -0.10 -8.43 13.65
N HIS A 6 -0.76 -9.24 12.83
CA HIS A 6 -0.54 -9.24 11.39
C HIS A 6 -1.90 -8.94 10.82
N MET A 7 -1.92 -8.28 9.67
CA MET A 7 -3.16 -7.93 9.01
C MET A 7 -2.99 -8.18 7.53
N ASP A 8 -4.08 -8.54 6.88
CA ASP A 8 -4.06 -8.95 5.49
C ASP A 8 -4.61 -7.82 4.64
N LEU A 9 -3.76 -7.21 3.83
CA LEU A 9 -4.19 -6.10 3.00
C LEU A 9 -4.16 -6.52 1.56
N THR A 10 -5.27 -6.30 0.91
CA THR A 10 -5.42 -6.63 -0.51
C THR A 10 -4.95 -5.43 -1.30
N ILE A 11 -4.22 -5.65 -2.37
CA ILE A 11 -3.72 -4.55 -3.19
C ILE A 11 -4.40 -4.68 -4.54
N SER A 12 -4.74 -3.56 -5.14
CA SER A 12 -5.37 -3.58 -6.46
C SER A 12 -4.88 -2.45 -7.35
N ASN A 13 -4.57 -2.79 -8.60
CA ASN A 13 -4.20 -1.81 -9.57
C ASN A 13 -5.42 -1.13 -10.13
N GLU A 14 -5.65 0.09 -9.69
CA GLU A 14 -6.82 0.87 -10.11
C GLU A 14 -6.73 1.20 -11.59
N LEU A 15 -5.50 1.17 -12.12
CA LEU A 15 -5.25 1.48 -13.52
C LEU A 15 -5.60 0.36 -14.48
N THR A 16 -5.35 -0.87 -14.05
CA THR A 16 -5.50 -2.03 -14.95
C THR A 16 -6.63 -2.96 -14.53
N GLY A 17 -7.11 -2.78 -13.31
CA GLY A 17 -8.16 -3.64 -12.78
C GLY A 17 -7.62 -4.90 -12.13
N GLU A 18 -6.30 -5.06 -12.12
CA GLU A 18 -5.68 -6.26 -11.54
C GLU A 18 -5.82 -6.32 -10.02
N ILE A 19 -5.89 -7.54 -9.51
CA ILE A 19 -6.02 -7.78 -8.08
C ILE A 19 -4.78 -8.56 -7.63
N TYR A 20 -4.06 -8.01 -6.67
CA TYR A 20 -2.88 -8.66 -6.10
C TYR A 20 -3.34 -9.41 -4.86
N GLY A 21 -2.42 -10.11 -4.23
CA GLY A 21 -2.74 -10.89 -3.07
C GLY A 21 -3.11 -10.14 -1.83
N PRO A 22 -3.97 -10.72 -0.97
CA PRO A 22 -3.86 -10.13 0.36
C PRO A 22 -2.56 -10.59 0.97
N ILE A 23 -1.78 -9.58 1.26
CA ILE A 23 -0.44 -9.76 1.79
C ILE A 23 -0.40 -9.50 3.28
N GLU A 24 0.45 -10.28 3.93
CA GLU A 24 0.55 -10.29 5.39
C GLU A 24 1.54 -9.21 5.82
N VAL A 25 1.01 -8.12 6.35
CA VAL A 25 1.82 -7.01 6.82
C VAL A 25 1.52 -6.75 8.28
N SER A 26 2.39 -6.03 8.95
CA SER A 26 2.24 -5.75 10.35
C SER A 26 1.78 -4.32 10.58
N GLU A 27 1.05 -4.11 11.67
CA GLU A 27 0.60 -2.77 12.06
C GLU A 27 1.79 -1.83 12.31
N ASP A 28 2.92 -2.42 12.67
CA ASP A 28 4.14 -1.68 13.04
C ASP A 28 5.07 -1.50 11.84
N MET A 29 4.67 -1.98 10.68
CA MET A 29 5.49 -1.84 9.48
C MET A 29 5.48 -0.38 9.07
N ALA A 30 6.63 0.14 8.65
CA ALA A 30 6.69 1.52 8.21
C ALA A 30 6.10 1.59 6.81
N LEU A 31 5.52 2.73 6.46
CA LEU A 31 4.97 2.93 5.11
C LEU A 31 6.08 2.80 4.08
N THR A 32 7.27 3.29 4.41
CA THR A 32 8.40 3.19 3.50
C THR A 32 8.74 1.73 3.23
N ASP A 33 8.59 0.90 4.25
CA ASP A 33 8.92 -0.51 4.14
C ASP A 33 7.83 -1.22 3.35
N LEU A 34 6.58 -0.82 3.56
CA LEU A 34 5.47 -1.34 2.78
C LEU A 34 5.70 -1.03 1.30
N ILE A 35 6.00 0.21 0.97
CA ILE A 35 6.24 0.56 -0.42
C ILE A 35 7.48 -0.15 -0.95
N ALA A 36 8.47 -0.37 -0.10
CA ALA A 36 9.65 -1.14 -0.51
C ALA A 36 9.24 -2.54 -0.99
N LEU A 37 8.33 -3.17 -0.26
CA LEU A 37 7.79 -4.48 -0.65
C LEU A 37 6.97 -4.34 -1.93
N LEU A 38 6.14 -3.30 -2.00
CA LEU A 38 5.28 -3.11 -3.16
C LEU A 38 6.08 -2.87 -4.44
N GLN A 39 7.22 -2.22 -4.32
CA GLN A 39 8.12 -2.01 -5.45
C GLN A 39 8.73 -3.34 -5.92
N ALA A 40 9.01 -4.24 -4.99
CA ALA A 40 9.60 -5.52 -5.32
C ALA A 40 8.59 -6.54 -5.87
N ASP A 41 7.44 -6.63 -5.21
CA ASP A 41 6.42 -7.63 -5.55
C ASP A 41 5.36 -7.13 -6.53
N CYS A 42 4.68 -6.06 -6.17
CA CYS A 42 3.60 -5.53 -6.99
C CYS A 42 4.11 -4.72 -8.17
N GLY A 43 5.40 -4.45 -8.19
CA GLY A 43 5.99 -3.64 -9.24
C GLY A 43 5.49 -2.21 -9.15
N PHE A 44 5.16 -1.76 -7.95
CA PHE A 44 4.61 -0.43 -7.79
C PHE A 44 5.72 0.60 -7.93
N ASP A 45 5.78 1.26 -9.07
CA ASP A 45 6.71 2.36 -9.26
C ASP A 45 6.25 3.56 -8.47
N LYS A 46 6.77 3.81 -7.27
CA LYS A 46 6.31 4.97 -6.50
C LYS A 46 6.61 6.32 -7.18
N THR A 47 7.39 6.27 -8.26
CA THR A 47 7.76 7.46 -9.02
C THR A 47 6.94 7.64 -10.30
N LYS A 48 6.16 6.64 -10.69
CA LYS A 48 5.30 6.73 -11.89
C LYS A 48 3.85 6.44 -11.49
N HIS A 49 3.68 6.01 -10.26
CA HIS A 49 2.37 5.62 -9.73
C HIS A 49 2.22 6.20 -8.34
N ASP A 50 1.00 6.23 -7.84
CA ASP A 50 0.69 6.72 -6.50
C ASP A 50 0.06 5.59 -5.73
N LEU A 51 0.23 5.57 -4.41
CA LEU A 51 -0.40 4.57 -3.57
C LEU A 51 -1.57 5.29 -2.91
N TYR A 52 -2.74 4.70 -2.96
CA TYR A 52 -3.95 5.34 -2.44
C TYR A 52 -4.55 4.54 -1.30
N TYR A 53 -4.99 5.25 -0.27
CA TYR A 53 -5.73 4.68 0.86
C TYR A 53 -6.76 5.72 1.24
N ASN A 54 -7.96 5.28 1.57
CA ASN A 54 -9.08 6.18 1.89
C ASN A 54 -9.33 7.19 0.76
N MET A 55 -9.02 6.72 -0.46
CA MET A 55 -9.14 7.51 -1.70
C MET A 55 -8.27 8.76 -1.79
N ASP A 56 -7.23 8.84 -0.96
CA ASP A 56 -6.26 9.93 -1.03
C ASP A 56 -4.84 9.33 -1.16
N ILE A 57 -3.89 10.16 -1.54
CA ILE A 57 -2.51 9.72 -1.80
C ILE A 57 -1.71 9.52 -0.52
N LEU A 58 -1.11 8.35 -0.38
CA LEU A 58 -0.17 8.10 0.71
C LEU A 58 1.21 8.61 0.27
N ASP A 59 1.69 9.63 0.95
CA ASP A 59 2.99 10.21 0.64
C ASP A 59 4.12 9.27 1.02
N SER A 60 4.85 8.81 0.01
CA SER A 60 5.95 7.86 0.19
C SER A 60 7.15 8.40 0.97
N ASN A 61 7.16 9.68 1.29
CA ASN A 61 8.23 10.26 2.10
C ASN A 61 7.98 10.00 3.58
N ARG A 62 6.72 9.78 3.95
CA ARG A 62 6.36 9.58 5.35
C ARG A 62 6.72 8.17 5.78
N THR A 63 7.35 8.04 6.93
CA THR A 63 7.82 6.76 7.45
C THR A 63 6.98 6.33 8.65
N GLN A 64 5.71 6.71 8.64
CA GLN A 64 4.81 6.35 9.73
C GLN A 64 4.48 4.88 9.65
N SER A 65 3.90 4.34 10.70
CA SER A 65 3.57 2.93 10.77
C SER A 65 2.20 2.81 10.14
N LEU A 66 1.87 1.63 9.65
CA LEU A 66 0.58 1.44 8.99
C LEU A 66 -0.58 1.75 9.93
N LYS A 67 -0.39 1.48 11.21
CA LYS A 67 -1.40 1.74 12.20
C LYS A 67 -1.66 3.22 12.45
N GLU A 68 -0.67 4.07 12.15
CA GLU A 68 -0.83 5.51 12.30
C GLU A 68 -1.66 6.05 11.15
N LEU A 69 -1.62 5.34 10.04
CA LEU A 69 -2.36 5.74 8.84
C LEU A 69 -3.79 5.24 9.02
N GLY A 70 -3.97 4.30 9.93
CA GLY A 70 -5.28 3.87 10.34
C GLY A 70 -5.81 2.72 9.50
N LEU A 71 -4.91 1.98 8.88
CA LEU A 71 -5.32 0.88 8.02
C LEU A 71 -5.29 -0.47 8.76
N LYS A 72 -6.22 -1.34 8.36
CA LYS A 72 -6.51 -2.60 9.06
C LYS A 72 -6.57 -3.78 8.07
N THR A 73 -6.80 -4.98 8.60
CA THR A 73 -6.91 -6.23 7.79
C THR A 73 -8.18 -6.31 6.92
N ASP A 74 -8.98 -5.27 7.00
CA ASP A 74 -10.30 -5.22 6.37
C ASP A 74 -10.29 -4.02 5.44
N ASP A 75 -9.08 -3.69 4.98
CA ASP A 75 -8.87 -2.60 4.02
C ASP A 75 -8.24 -3.08 2.71
N LEU A 76 -8.26 -2.21 1.71
CA LEU A 76 -7.67 -2.49 0.39
C LEU A 76 -6.89 -1.25 -0.07
N LEU A 77 -5.72 -1.47 -0.63
CA LEU A 77 -4.86 -0.39 -1.15
C LEU A 77 -5.00 -0.32 -2.66
N LEU A 78 -5.00 0.90 -3.19
CA LEU A 78 -5.15 1.11 -4.64
C LEU A 78 -3.86 1.67 -5.24
N ILE A 79 -3.64 1.35 -6.50
CA ILE A 79 -2.46 1.84 -7.24
C ILE A 79 -2.95 2.78 -8.33
N ARG A 80 -2.62 4.06 -8.22
CA ARG A 80 -3.01 5.05 -9.21
C ARG A 80 -1.85 5.38 -10.11
N GLY A 81 -2.09 6.25 -11.08
CA GLY A 81 -1.04 6.70 -11.98
C GLY A 81 -0.77 8.17 -11.79
N LYS A 82 0.50 8.54 -11.71
CA LYS A 82 0.87 9.95 -11.60
C LYS A 82 0.59 10.63 -12.94
N ILE A 83 0.35 11.93 -12.89
CA ILE A 83 0.15 12.72 -14.10
C ILE A 83 1.44 12.59 -14.92
N SER A 84 1.29 12.17 -16.18
CA SER A 84 2.43 11.90 -17.04
C SER A 84 2.12 12.43 -18.43
N ASN A 85 3.15 12.69 -19.21
CA ASN A 85 3.02 13.18 -20.58
C ASN A 85 4.21 12.68 -21.38
N SER A 86 3.99 12.37 -22.65
CA SER A 86 5.05 11.89 -23.55
C SER A 86 6.19 12.88 -23.75
N HIS A 1 -5.57 -12.71 10.33
CA HIS A 1 -5.19 -14.03 10.93
C HIS A 1 -5.76 -14.22 12.33
N ILE A 2 -6.65 -13.27 12.65
CA ILE A 2 -7.38 -13.14 13.93
C ILE A 2 -6.35 -12.88 15.06
N GLU A 3 -5.20 -12.37 14.67
CA GLU A 3 -4.13 -12.02 15.60
C GLU A 3 -3.62 -10.66 15.15
N GLY A 4 -3.44 -9.73 16.08
CA GLY A 4 -2.99 -8.38 15.71
C GLY A 4 -1.53 -8.31 15.27
N ARG A 5 -0.85 -9.44 15.27
CA ARG A 5 0.56 -9.50 14.85
C ARG A 5 0.70 -9.24 13.36
N HIS A 6 -0.36 -9.49 12.60
CA HIS A 6 -0.35 -9.32 11.16
C HIS A 6 -1.75 -8.96 10.70
N MET A 7 -1.81 -8.25 9.60
CA MET A 7 -3.06 -7.87 8.98
C MET A 7 -2.89 -8.14 7.50
N ASP A 8 -3.97 -8.54 6.87
CA ASP A 8 -3.94 -9.03 5.49
C ASP A 8 -4.56 -7.96 4.61
N LEU A 9 -3.75 -7.33 3.76
CA LEU A 9 -4.20 -6.20 2.95
C LEU A 9 -4.16 -6.55 1.49
N THR A 10 -5.28 -6.34 0.84
CA THR A 10 -5.42 -6.63 -0.59
C THR A 10 -5.01 -5.39 -1.37
N ILE A 11 -4.34 -5.60 -2.50
CA ILE A 11 -3.83 -4.48 -3.30
C ILE A 11 -4.51 -4.49 -4.66
N SER A 12 -5.03 -3.35 -5.08
CA SER A 12 -5.72 -3.22 -6.37
C SER A 12 -5.02 -2.22 -7.29
N ASN A 13 -4.60 -2.68 -8.45
CA ASN A 13 -3.97 -1.79 -9.42
C ASN A 13 -5.04 -1.16 -10.30
N GLU A 14 -5.46 0.04 -9.92
CA GLU A 14 -6.48 0.80 -10.65
C GLU A 14 -5.99 1.17 -12.05
N LEU A 15 -4.69 1.06 -12.24
CA LEU A 15 -4.06 1.36 -13.53
C LEU A 15 -4.24 0.25 -14.56
N THR A 16 -4.31 -0.98 -14.10
CA THR A 16 -4.27 -2.15 -14.98
C THR A 16 -5.49 -3.05 -14.84
N GLY A 17 -6.19 -2.92 -13.72
CA GLY A 17 -7.33 -3.77 -13.43
C GLY A 17 -6.92 -5.05 -12.72
N GLU A 18 -5.63 -5.18 -12.46
CA GLU A 18 -5.09 -6.35 -11.77
C GLU A 18 -5.37 -6.27 -10.27
N ILE A 19 -5.63 -7.42 -9.67
CA ILE A 19 -5.79 -7.51 -8.22
C ILE A 19 -4.64 -8.36 -7.72
N TYR A 20 -3.87 -7.81 -6.80
CA TYR A 20 -2.71 -8.49 -6.23
C TYR A 20 -3.14 -9.03 -4.87
N GLY A 21 -2.28 -9.84 -4.27
CA GLY A 21 -2.68 -10.64 -3.13
C GLY A 21 -2.99 -9.93 -1.84
N PRO A 22 -3.82 -10.56 -0.98
CA PRO A 22 -3.72 -10.07 0.38
C PRO A 22 -2.42 -10.51 1.00
N ILE A 23 -1.62 -9.50 1.26
CA ILE A 23 -0.28 -9.67 1.80
C ILE A 23 -0.33 -9.44 3.30
N GLU A 24 0.31 -10.36 4.02
CA GLU A 24 0.29 -10.31 5.48
C GLU A 24 1.43 -9.42 5.99
N VAL A 25 1.06 -8.25 6.44
CA VAL A 25 2.00 -7.23 6.91
C VAL A 25 1.66 -6.87 8.33
N SER A 26 2.56 -6.20 9.03
CA SER A 26 2.31 -5.83 10.41
C SER A 26 1.86 -4.39 10.49
N GLU A 27 1.08 -4.05 11.50
CA GLU A 27 0.62 -2.66 11.66
C GLU A 27 1.77 -1.73 12.07
N ASP A 28 2.82 -2.30 12.62
CA ASP A 28 3.99 -1.54 13.07
C ASP A 28 5.00 -1.36 11.94
N MET A 29 4.68 -1.90 10.77
CA MET A 29 5.55 -1.78 9.61
C MET A 29 5.53 -0.32 9.15
N ALA A 30 6.67 0.19 8.72
CA ALA A 30 6.72 1.55 8.21
C ALA A 30 6.09 1.58 6.82
N LEU A 31 5.52 2.71 6.43
CA LEU A 31 4.97 2.88 5.09
C LEU A 31 6.07 2.69 4.06
N THR A 32 7.26 3.18 4.36
CA THR A 32 8.38 3.03 3.44
C THR A 32 8.69 1.57 3.20
N ASP A 33 8.55 0.77 4.23
CA ASP A 33 8.88 -0.66 4.17
C ASP A 33 7.78 -1.39 3.42
N LEU A 34 6.54 -0.97 3.63
CA LEU A 34 5.42 -1.51 2.87
C LEU A 34 5.63 -1.21 1.39
N ILE A 35 5.96 0.02 1.06
CA ILE A 35 6.21 0.38 -0.34
C ILE A 35 7.39 -0.41 -0.87
N ALA A 36 8.41 -0.62 -0.07
CA ALA A 36 9.58 -1.39 -0.52
C ALA A 36 9.15 -2.77 -1.02
N LEU A 37 8.24 -3.42 -0.31
CA LEU A 37 7.70 -4.71 -0.74
C LEU A 37 6.85 -4.54 -1.99
N LEU A 38 6.01 -3.52 -2.01
CA LEU A 38 5.11 -3.30 -3.15
C LEU A 38 5.87 -2.99 -4.43
N GLN A 39 7.04 -2.40 -4.32
CA GLN A 39 7.87 -2.13 -5.49
C GLN A 39 8.44 -3.42 -6.05
N ALA A 40 8.76 -4.37 -5.18
CA ALA A 40 9.31 -5.66 -5.61
C ALA A 40 8.21 -6.61 -6.14
N ASP A 41 7.09 -6.64 -5.45
CA ASP A 41 6.01 -7.59 -5.76
C ASP A 41 4.94 -7.02 -6.70
N CYS A 42 4.32 -5.92 -6.28
CA CYS A 42 3.19 -5.33 -7.02
C CYS A 42 3.60 -4.36 -8.13
N GLY A 43 4.90 -4.25 -8.39
CA GLY A 43 5.38 -3.37 -9.45
C GLY A 43 5.14 -1.89 -9.15
N PHE A 44 5.04 -1.54 -7.89
CA PHE A 44 4.87 -0.14 -7.51
C PHE A 44 6.13 0.65 -7.87
N ASP A 45 5.95 1.90 -8.25
CA ASP A 45 7.06 2.79 -8.53
C ASP A 45 6.82 4.03 -7.69
N LYS A 46 7.59 4.30 -6.65
CA LYS A 46 7.33 5.54 -5.89
C LYS A 46 7.65 6.79 -6.72
N THR A 47 8.26 6.60 -7.87
CA THR A 47 8.55 7.68 -8.81
C THR A 47 7.47 7.89 -9.88
N LYS A 48 6.80 6.82 -10.29
CA LYS A 48 5.82 6.90 -11.40
C LYS A 48 4.40 6.59 -10.95
N HIS A 49 4.24 6.10 -9.73
CA HIS A 49 2.94 5.71 -9.21
C HIS A 49 2.74 6.33 -7.84
N ASP A 50 1.49 6.34 -7.41
CA ASP A 50 1.12 6.84 -6.09
C ASP A 50 0.24 5.78 -5.43
N LEU A 51 0.36 5.65 -4.12
CA LEU A 51 -0.47 4.74 -3.36
C LEU A 51 -1.69 5.52 -2.94
N TYR A 52 -2.83 4.88 -2.92
CA TYR A 52 -4.07 5.51 -2.51
C TYR A 52 -4.73 4.68 -1.42
N TYR A 53 -5.28 5.37 -0.43
CA TYR A 53 -6.00 4.74 0.67
C TYR A 53 -7.14 5.67 1.02
N ASN A 54 -8.32 5.10 1.23
CA ASN A 54 -9.53 5.88 1.52
C ASN A 54 -9.72 7.01 0.50
N MET A 55 -9.39 6.68 -0.76
CA MET A 55 -9.48 7.59 -1.92
C MET A 55 -8.58 8.84 -1.88
N ASP A 56 -7.62 8.86 -0.97
CA ASP A 56 -6.65 9.96 -0.86
C ASP A 56 -5.24 9.35 -1.05
N ILE A 57 -4.25 10.20 -1.29
CA ILE A 57 -2.90 9.76 -1.60
C ILE A 57 -2.05 9.50 -0.35
N LEU A 58 -1.44 8.32 -0.29
CA LEU A 58 -0.43 8.04 0.73
C LEU A 58 0.90 8.51 0.18
N ASP A 59 1.39 9.60 0.74
CA ASP A 59 2.66 10.19 0.30
C ASP A 59 3.80 9.22 0.60
N SER A 60 4.45 8.78 -0.46
CA SER A 60 5.54 7.81 -0.38
C SER A 60 6.80 8.32 0.33
N ASN A 61 6.83 9.59 0.66
CA ASN A 61 7.96 10.19 1.37
C ASN A 61 7.78 10.13 2.90
N ARG A 62 6.62 9.68 3.36
CA ARG A 62 6.36 9.61 4.81
C ARG A 62 6.88 8.32 5.39
N THR A 63 7.32 8.39 6.64
CA THR A 63 7.88 7.24 7.35
C THR A 63 6.98 6.82 8.50
N GLN A 64 5.69 7.06 8.34
CA GLN A 64 4.71 6.68 9.36
C GLN A 64 4.58 5.18 9.39
N SER A 65 3.96 4.66 10.44
CA SER A 65 3.68 3.23 10.54
C SER A 65 2.28 3.02 10.00
N LEU A 66 1.97 1.81 9.57
CA LEU A 66 0.66 1.53 8.98
C LEU A 66 -0.46 1.77 9.98
N LYS A 67 -0.15 1.57 11.26
CA LYS A 67 -1.08 1.84 12.35
C LYS A 67 -1.56 3.28 12.36
N GLU A 68 -0.66 4.21 12.07
CA GLU A 68 -0.99 5.64 12.11
C GLU A 68 -1.86 6.02 10.92
N LEU A 69 -1.76 5.23 9.86
CA LEU A 69 -2.55 5.46 8.66
C LEU A 69 -3.97 4.90 8.85
N GLY A 70 -4.14 4.12 9.90
CA GLY A 70 -5.44 3.55 10.23
C GLY A 70 -5.71 2.23 9.53
N LEU A 71 -4.66 1.66 8.96
CA LEU A 71 -4.78 0.41 8.23
C LEU A 71 -5.07 -0.78 9.13
N LYS A 72 -5.83 -1.71 8.60
CA LYS A 72 -6.30 -2.90 9.33
C LYS A 72 -6.43 -4.03 8.33
N THR A 73 -6.74 -5.23 8.79
CA THR A 73 -6.90 -6.40 7.90
C THR A 73 -8.20 -6.35 7.10
N ASP A 74 -9.00 -5.33 7.38
CA ASP A 74 -10.32 -5.15 6.78
C ASP A 74 -10.25 -4.00 5.76
N ASP A 75 -9.04 -3.71 5.31
CA ASP A 75 -8.80 -2.63 4.34
C ASP A 75 -8.25 -3.14 3.00
N LEU A 76 -8.33 -2.28 2.00
CA LEU A 76 -7.83 -2.56 0.66
C LEU A 76 -7.12 -1.30 0.14
N LEU A 77 -5.98 -1.48 -0.50
CA LEU A 77 -5.18 -0.35 -1.01
C LEU A 77 -5.34 -0.24 -2.52
N LEU A 78 -5.32 0.99 -3.01
CA LEU A 78 -5.44 1.25 -4.44
C LEU A 78 -4.10 1.78 -4.96
N ILE A 79 -3.78 1.49 -6.20
CA ILE A 79 -2.52 1.91 -6.81
C ILE A 79 -2.84 2.70 -8.07
N ARG A 80 -2.38 3.93 -8.14
CA ARG A 80 -2.62 4.79 -9.30
C ARG A 80 -1.31 5.33 -9.83
N GLY A 81 -1.37 6.04 -10.94
CA GLY A 81 -0.19 6.55 -11.59
C GLY A 81 -0.14 8.04 -11.57
N LYS A 82 1.07 8.57 -11.50
CA LYS A 82 1.30 10.02 -11.56
C LYS A 82 2.18 10.35 -12.76
N ILE A 83 1.95 11.51 -13.35
CA ILE A 83 2.70 11.94 -14.52
C ILE A 83 3.93 12.73 -14.06
N SER A 84 3.68 13.83 -13.34
CA SER A 84 4.74 14.67 -12.76
C SER A 84 5.81 15.16 -13.75
N ASN A 85 5.51 15.16 -15.04
CA ASN A 85 6.47 15.58 -16.05
C ASN A 85 6.31 17.07 -16.35
N SER A 86 7.09 17.91 -15.67
CA SER A 86 7.06 19.36 -15.89
C SER A 86 7.65 19.76 -17.24
N HIS A 1 -5.73 -13.60 22.58
CA HIS A 1 -4.69 -14.65 22.73
C HIS A 1 -3.89 -14.89 21.47
N ILE A 2 -3.88 -13.86 20.64
CA ILE A 2 -3.21 -13.85 19.34
C ILE A 2 -2.18 -12.73 19.36
N GLU A 3 -0.97 -13.04 18.95
CA GLU A 3 0.12 -12.06 18.86
C GLU A 3 0.80 -12.27 17.51
N GLY A 4 1.73 -11.40 17.17
CA GLY A 4 2.39 -11.45 15.88
C GLY A 4 2.00 -10.22 15.08
N ARG A 5 0.82 -9.69 15.41
CA ARG A 5 0.33 -8.41 14.90
C ARG A 5 0.41 -8.28 13.39
N HIS A 6 -0.01 -9.35 12.71
CA HIS A 6 -0.08 -9.36 11.26
C HIS A 6 -1.51 -9.08 10.86
N MET A 7 -1.66 -8.43 9.71
CA MET A 7 -2.95 -8.12 9.13
C MET A 7 -2.78 -8.33 7.64
N ASP A 8 -3.86 -8.68 6.98
CA ASP A 8 -3.85 -9.00 5.56
C ASP A 8 -4.40 -7.82 4.79
N LEU A 9 -3.56 -7.14 4.03
CA LEU A 9 -4.03 -6.00 3.22
C LEU A 9 -4.03 -6.42 1.79
N THR A 10 -5.10 -6.09 1.11
CA THR A 10 -5.25 -6.45 -0.30
C THR A 10 -4.81 -5.26 -1.13
N ILE A 11 -4.18 -5.53 -2.26
CA ILE A 11 -3.68 -4.47 -3.13
C ILE A 11 -4.44 -4.58 -4.45
N SER A 12 -4.80 -3.45 -5.05
CA SER A 12 -5.47 -3.48 -6.35
C SER A 12 -4.98 -2.33 -7.22
N ASN A 13 -4.76 -2.61 -8.50
CA ASN A 13 -4.28 -1.63 -9.42
C ASN A 13 -5.42 -0.90 -10.10
N GLU A 14 -5.54 0.39 -9.83
CA GLU A 14 -6.57 1.20 -10.48
C GLU A 14 -6.20 1.43 -11.94
N LEU A 15 -4.93 1.28 -12.26
CA LEU A 15 -4.44 1.49 -13.62
C LEU A 15 -4.83 0.37 -14.56
N THR A 16 -4.80 -0.85 -14.07
CA THR A 16 -5.00 -2.03 -14.92
C THR A 16 -6.27 -2.80 -14.58
N GLY A 17 -6.84 -2.52 -13.42
CA GLY A 17 -8.02 -3.24 -12.95
C GLY A 17 -7.68 -4.54 -12.25
N GLU A 18 -6.39 -4.84 -12.17
CA GLU A 18 -5.94 -6.11 -11.60
C GLU A 18 -6.00 -6.16 -10.08
N ILE A 19 -6.15 -7.37 -9.57
CA ILE A 19 -6.18 -7.62 -8.13
C ILE A 19 -4.85 -8.29 -7.78
N TYR A 20 -4.19 -7.75 -6.76
CA TYR A 20 -2.91 -8.28 -6.28
C TYR A 20 -3.19 -8.92 -4.92
N GLY A 21 -2.19 -9.57 -4.35
CA GLY A 21 -2.42 -10.43 -3.21
C GLY A 21 -2.82 -9.82 -1.90
N PRO A 22 -3.67 -10.52 -1.13
CA PRO A 22 -3.63 -10.06 0.25
C PRO A 22 -2.34 -10.54 0.87
N ILE A 23 -1.59 -9.54 1.25
CA ILE A 23 -0.26 -9.68 1.79
C ILE A 23 -0.23 -9.52 3.29
N GLU A 24 0.62 -10.33 3.91
CA GLU A 24 0.76 -10.39 5.35
C GLU A 24 1.76 -9.34 5.80
N VAL A 25 1.23 -8.26 6.37
CA VAL A 25 2.06 -7.15 6.84
C VAL A 25 1.73 -6.86 8.28
N SER A 26 2.57 -6.09 8.95
CA SER A 26 2.37 -5.79 10.35
C SER A 26 1.84 -4.36 10.53
N GLU A 27 1.08 -4.14 11.58
CA GLU A 27 0.57 -2.80 11.89
C GLU A 27 1.72 -1.80 12.14
N ASP A 28 2.82 -2.30 12.67
CA ASP A 28 3.95 -1.45 13.07
C ASP A 28 4.97 -1.30 11.93
N MET A 29 4.65 -1.89 10.79
CA MET A 29 5.50 -1.77 9.60
C MET A 29 5.45 -0.32 9.14
N ALA A 30 6.55 0.22 8.63
CA ALA A 30 6.54 1.59 8.16
C ALA A 30 5.82 1.64 6.81
N LEU A 31 5.29 2.81 6.48
CA LEU A 31 4.67 3.04 5.19
C LEU A 31 5.68 2.79 4.10
N THR A 32 6.91 3.24 4.31
CA THR A 32 7.95 3.07 3.31
C THR A 32 8.29 1.59 3.12
N ASP A 33 8.16 0.80 4.18
CA ASP A 33 8.52 -0.61 4.13
C ASP A 33 7.45 -1.39 3.38
N LEU A 34 6.19 -0.99 3.58
CA LEU A 34 5.09 -1.56 2.82
C LEU A 34 5.36 -1.34 1.35
N ILE A 35 5.67 -0.11 0.98
CA ILE A 35 5.92 0.22 -0.42
C ILE A 35 7.15 -0.52 -0.92
N ALA A 36 8.15 -0.71 -0.08
CA ALA A 36 9.33 -1.46 -0.49
C ALA A 36 8.95 -2.86 -1.01
N LEU A 37 7.99 -3.50 -0.34
CA LEU A 37 7.48 -4.79 -0.81
C LEU A 37 6.70 -4.62 -2.11
N LEU A 38 5.87 -3.58 -2.17
CA LEU A 38 5.06 -3.33 -3.37
C LEU A 38 5.93 -3.06 -4.59
N GLN A 39 7.10 -2.50 -4.38
CA GLN A 39 8.02 -2.23 -5.49
C GLN A 39 8.62 -3.53 -6.02
N ALA A 40 8.84 -4.49 -5.13
CA ALA A 40 9.41 -5.78 -5.52
C ALA A 40 8.35 -6.71 -6.14
N ASP A 41 7.17 -6.73 -5.55
CA ASP A 41 6.09 -7.66 -5.96
C ASP A 41 5.09 -7.06 -6.94
N CYS A 42 4.46 -5.96 -6.54
CA CYS A 42 3.38 -5.35 -7.32
C CYS A 42 3.88 -4.45 -8.46
N GLY A 43 5.19 -4.33 -8.61
CA GLY A 43 5.74 -3.50 -9.68
C GLY A 43 5.56 -2.01 -9.43
N PHE A 44 5.36 -1.64 -8.17
CA PHE A 44 5.20 -0.24 -7.81
C PHE A 44 6.51 0.51 -8.02
N ASP A 45 6.45 1.73 -8.51
CA ASP A 45 7.63 2.57 -8.57
C ASP A 45 7.22 3.90 -7.99
N LYS A 46 7.78 4.28 -6.85
CA LYS A 46 7.37 5.52 -6.19
C LYS A 46 7.66 6.78 -7.00
N THR A 47 8.40 6.66 -8.09
CA THR A 47 8.61 7.79 -8.98
C THR A 47 7.52 7.91 -10.05
N LYS A 48 6.97 6.78 -10.48
CA LYS A 48 5.99 6.76 -11.57
C LYS A 48 4.58 6.64 -11.06
N HIS A 49 4.45 6.10 -9.86
CA HIS A 49 3.15 5.72 -9.31
C HIS A 49 2.93 6.31 -7.93
N ASP A 50 1.66 6.32 -7.51
CA ASP A 50 1.24 6.81 -6.21
C ASP A 50 0.44 5.71 -5.54
N LEU A 51 0.55 5.62 -4.22
CA LEU A 51 -0.22 4.66 -3.44
C LEU A 51 -1.41 5.44 -2.89
N TYR A 52 -2.60 4.90 -3.03
CA TYR A 52 -3.81 5.59 -2.61
C TYR A 52 -4.53 4.83 -1.51
N TYR A 53 -5.04 5.57 -0.54
CA TYR A 53 -5.80 5.02 0.56
C TYR A 53 -6.91 6.01 0.88
N ASN A 54 -8.13 5.51 1.06
CA ASN A 54 -9.32 6.37 1.26
C ASN A 54 -9.43 7.37 0.08
N MET A 55 -8.96 6.94 -1.07
CA MET A 55 -8.91 7.73 -2.32
C MET A 55 -8.07 9.03 -2.23
N ASP A 56 -7.21 9.10 -1.23
CA ASP A 56 -6.25 10.20 -1.07
C ASP A 56 -4.85 9.61 -1.24
N ILE A 57 -3.86 10.45 -1.45
CA ILE A 57 -2.50 10.01 -1.72
C ILE A 57 -1.73 9.70 -0.43
N LEU A 58 -1.22 8.48 -0.35
CA LEU A 58 -0.25 8.16 0.68
C LEU A 58 1.09 8.54 0.09
N ASP A 59 1.63 9.65 0.58
CA ASP A 59 2.92 10.12 0.12
C ASP A 59 3.92 9.01 0.43
N SER A 60 4.68 8.63 -0.59
CA SER A 60 5.57 7.49 -0.50
C SER A 60 6.80 7.76 0.36
N ASN A 61 6.88 8.96 0.92
CA ASN A 61 7.99 9.35 1.79
C ASN A 61 7.55 9.47 3.25
N ARG A 62 6.28 9.19 3.57
CA ARG A 62 5.81 9.21 4.96
C ARG A 62 6.62 8.19 5.75
N THR A 63 7.18 8.59 6.86
CA THR A 63 7.94 7.68 7.73
C THR A 63 7.05 7.18 8.84
N GLN A 64 5.75 7.18 8.59
CA GLN A 64 4.76 6.76 9.57
C GLN A 64 4.62 5.25 9.52
N SER A 65 3.95 4.68 10.50
CA SER A 65 3.65 3.25 10.51
C SER A 65 2.25 3.07 9.98
N LEU A 66 1.93 1.86 9.53
CA LEU A 66 0.59 1.56 8.99
C LEU A 66 -0.48 1.81 10.05
N LYS A 67 -0.08 1.64 11.31
CA LYS A 67 -0.91 1.87 12.48
C LYS A 67 -1.47 3.28 12.52
N GLU A 68 -0.63 4.24 12.20
CA GLU A 68 -1.01 5.65 12.21
C GLU A 68 -1.96 5.98 11.07
N LEU A 69 -1.84 5.23 9.99
CA LEU A 69 -2.65 5.46 8.81
C LEU A 69 -4.05 4.86 9.00
N GLY A 70 -4.19 4.05 10.03
CA GLY A 70 -5.47 3.46 10.37
C GLY A 70 -5.78 2.21 9.57
N LEU A 71 -4.74 1.59 9.04
CA LEU A 71 -4.89 0.38 8.24
C LEU A 71 -5.20 -0.83 9.12
N LYS A 72 -5.86 -1.82 8.53
CA LYS A 72 -6.37 -2.98 9.26
C LYS A 72 -6.45 -4.16 8.30
N THR A 73 -6.72 -5.36 8.81
CA THR A 73 -6.79 -6.57 7.97
C THR A 73 -8.02 -6.62 7.08
N ASP A 74 -8.89 -5.65 7.26
CA ASP A 74 -10.15 -5.55 6.54
C ASP A 74 -10.00 -4.56 5.38
N ASP A 75 -8.78 -4.15 5.12
CA ASP A 75 -8.52 -3.02 4.22
C ASP A 75 -7.88 -3.33 2.86
N LEU A 76 -8.02 -2.38 1.95
CA LEU A 76 -7.53 -2.50 0.58
C LEU A 76 -6.85 -1.21 0.11
N LEU A 77 -5.72 -1.35 -0.57
CA LEU A 77 -4.93 -0.21 -1.07
C LEU A 77 -5.02 -0.15 -2.58
N LEU A 78 -5.04 1.06 -3.12
CA LEU A 78 -5.16 1.27 -4.56
C LEU A 78 -3.85 1.80 -5.14
N ILE A 79 -3.56 1.42 -6.38
CA ILE A 79 -2.31 1.83 -7.05
C ILE A 79 -2.68 2.70 -8.25
N ARG A 80 -2.16 3.92 -8.29
CA ARG A 80 -2.40 4.83 -9.41
C ARG A 80 -1.10 5.28 -10.01
N GLY A 81 -1.21 5.99 -11.12
CA GLY A 81 -0.04 6.56 -11.77
C GLY A 81 0.03 7.99 -11.32
N LYS A 82 1.23 8.50 -11.23
CA LYS A 82 1.47 9.88 -10.81
C LYS A 82 0.80 10.87 -11.73
N ILE A 83 0.00 11.73 -11.15
CA ILE A 83 -0.66 12.78 -11.91
C ILE A 83 0.36 13.91 -12.11
N SER A 84 0.76 14.12 -13.36
CA SER A 84 1.70 15.18 -13.72
C SER A 84 3.00 15.14 -12.92
N ASN A 85 3.63 13.97 -12.85
CA ASN A 85 4.89 13.81 -12.11
C ASN A 85 5.94 14.85 -12.50
N SER A 86 6.27 15.72 -11.55
CA SER A 86 7.21 16.83 -11.77
C SER A 86 8.46 16.72 -10.91
N HIS A 1 -1.65 -17.91 11.19
CA HIS A 1 -2.43 -16.67 10.95
C HIS A 1 -2.87 -15.98 12.24
N ILE A 2 -1.88 -15.41 12.94
CA ILE A 2 -2.13 -14.67 14.18
C ILE A 2 -2.46 -13.25 13.77
N GLU A 3 -3.71 -12.89 13.92
CA GLU A 3 -4.25 -11.64 13.40
C GLU A 3 -4.05 -10.45 14.34
N GLY A 4 -4.31 -9.26 13.81
CA GLY A 4 -4.10 -8.03 14.54
C GLY A 4 -2.64 -7.60 14.42
N ARG A 5 -1.76 -8.36 15.03
CA ARG A 5 -0.32 -8.10 14.94
C ARG A 5 0.19 -8.36 13.52
N HIS A 6 -0.57 -9.16 12.79
CA HIS A 6 -0.37 -9.34 11.36
C HIS A 6 -1.75 -9.10 10.76
N MET A 7 -1.79 -8.36 9.67
CA MET A 7 -3.03 -8.01 9.00
C MET A 7 -2.79 -8.18 7.53
N ASP A 8 -3.85 -8.47 6.80
CA ASP A 8 -3.73 -8.79 5.38
C ASP A 8 -4.30 -7.61 4.61
N LEU A 9 -3.46 -6.96 3.80
CA LEU A 9 -3.91 -5.79 3.03
C LEU A 9 -4.06 -6.15 1.59
N THR A 10 -5.22 -5.90 1.03
CA THR A 10 -5.47 -6.28 -0.36
C THR A 10 -5.10 -5.12 -1.27
N ILE A 11 -4.38 -5.46 -2.33
CA ILE A 11 -3.84 -4.46 -3.23
C ILE A 11 -4.50 -4.65 -4.60
N SER A 12 -4.90 -3.57 -5.24
CA SER A 12 -5.51 -3.67 -6.56
C SER A 12 -5.07 -2.54 -7.48
N ASN A 13 -4.82 -2.88 -8.73
CA ASN A 13 -4.38 -1.93 -9.72
C ASN A 13 -5.52 -1.18 -10.38
N GLU A 14 -5.56 0.12 -10.15
CA GLU A 14 -6.58 0.98 -10.73
C GLU A 14 -6.36 1.16 -12.23
N LEU A 15 -5.11 0.97 -12.67
CA LEU A 15 -4.76 1.18 -14.07
C LEU A 15 -5.03 -0.02 -14.95
N THR A 16 -4.67 -1.20 -14.45
CA THR A 16 -4.73 -2.42 -15.25
C THR A 16 -5.94 -3.28 -14.92
N GLY A 17 -6.55 -2.99 -13.76
CA GLY A 17 -7.68 -3.78 -13.29
C GLY A 17 -7.25 -5.04 -12.57
N GLU A 18 -5.95 -5.30 -12.53
CA GLU A 18 -5.43 -6.51 -11.90
C GLU A 18 -5.57 -6.47 -10.39
N ILE A 19 -5.73 -7.65 -9.81
CA ILE A 19 -5.88 -7.78 -8.36
C ILE A 19 -4.65 -8.48 -7.81
N TYR A 20 -3.97 -7.84 -6.88
CA TYR A 20 -2.82 -8.41 -6.21
C TYR A 20 -3.31 -9.00 -4.88
N GLY A 21 -2.42 -9.69 -4.19
CA GLY A 21 -2.84 -10.46 -3.03
C GLY A 21 -3.13 -9.70 -1.78
N PRO A 22 -3.97 -10.27 -0.89
CA PRO A 22 -3.82 -9.70 0.44
C PRO A 22 -2.48 -10.13 1.01
N ILE A 23 -1.64 -9.14 1.20
CA ILE A 23 -0.28 -9.35 1.70
C ILE A 23 -0.26 -9.18 3.20
N GLU A 24 0.37 -10.13 3.87
CA GLU A 24 0.36 -10.18 5.33
C GLU A 24 1.49 -9.32 5.89
N VAL A 25 1.09 -8.17 6.42
CA VAL A 25 2.00 -7.15 6.94
C VAL A 25 1.69 -6.86 8.39
N SER A 26 2.57 -6.12 9.06
CA SER A 26 2.39 -5.85 10.49
C SER A 26 1.99 -4.42 10.77
N GLU A 27 1.28 -4.25 11.88
CA GLU A 27 0.83 -2.93 12.33
C GLU A 27 1.96 -1.89 12.49
N ASP A 28 3.15 -2.35 12.83
CA ASP A 28 4.28 -1.45 13.11
C ASP A 28 5.25 -1.37 11.93
N MET A 29 4.87 -1.96 10.82
CA MET A 29 5.67 -1.87 9.59
C MET A 29 5.60 -0.41 9.17
N ALA A 30 6.69 0.14 8.64
CA ALA A 30 6.65 1.52 8.21
C ALA A 30 5.91 1.60 6.87
N LEU A 31 5.37 2.77 6.58
CA LEU A 31 4.72 3.04 5.31
C LEU A 31 5.72 2.83 4.20
N THR A 32 6.94 3.28 4.44
CA THR A 32 7.99 3.16 3.44
C THR A 32 8.34 1.70 3.19
N ASP A 33 8.22 0.86 4.21
CA ASP A 33 8.59 -0.55 4.11
C ASP A 33 7.51 -1.29 3.34
N LEU A 34 6.27 -0.90 3.56
CA LEU A 34 5.15 -1.48 2.81
C LEU A 34 5.37 -1.21 1.33
N ILE A 35 5.74 0.02 1.00
CA ILE A 35 5.97 0.36 -0.40
C ILE A 35 7.20 -0.34 -0.91
N ALA A 36 8.22 -0.51 -0.09
CA ALA A 36 9.42 -1.24 -0.51
C ALA A 36 9.04 -2.66 -0.99
N LEU A 37 8.13 -3.31 -0.28
CA LEU A 37 7.64 -4.63 -0.68
C LEU A 37 6.86 -4.51 -1.97
N LEU A 38 5.99 -3.51 -2.07
CA LEU A 38 5.17 -3.33 -3.25
C LEU A 38 5.99 -3.04 -4.50
N GLN A 39 7.12 -2.39 -4.32
CA GLN A 39 8.01 -2.11 -5.45
C GLN A 39 8.74 -3.37 -5.89
N ALA A 40 9.06 -4.25 -4.94
CA ALA A 40 9.76 -5.49 -5.24
C ALA A 40 8.84 -6.56 -5.85
N ASP A 41 7.62 -6.65 -5.34
CA ASP A 41 6.67 -7.70 -5.74
C ASP A 41 5.57 -7.21 -6.68
N CYS A 42 4.82 -6.21 -6.26
CA CYS A 42 3.67 -5.72 -7.03
C CYS A 42 4.03 -4.77 -8.17
N GLY A 43 5.32 -4.54 -8.38
CA GLY A 43 5.77 -3.68 -9.48
C GLY A 43 5.47 -2.20 -9.26
N PHE A 44 5.24 -1.79 -8.03
CA PHE A 44 5.01 -0.39 -7.73
C PHE A 44 6.28 0.40 -8.02
N ASP A 45 6.13 1.63 -8.48
CA ASP A 45 7.28 2.49 -8.72
C ASP A 45 6.89 3.85 -8.17
N LYS A 46 7.56 4.32 -7.12
CA LYS A 46 7.14 5.54 -6.43
C LYS A 46 7.18 6.84 -7.25
N THR A 47 7.76 6.81 -8.45
CA THR A 47 7.79 7.99 -9.31
C THR A 47 6.99 7.85 -10.59
N LYS A 48 6.59 6.63 -10.93
CA LYS A 48 5.72 6.39 -12.09
C LYS A 48 4.31 6.13 -11.61
N HIS A 49 4.18 5.77 -10.34
CA HIS A 49 2.89 5.36 -9.78
C HIS A 49 2.64 6.03 -8.44
N ASP A 50 1.38 6.02 -8.02
CA ASP A 50 0.95 6.61 -6.77
C ASP A 50 0.09 5.60 -6.04
N LEU A 51 0.12 5.64 -4.71
CA LEU A 51 -0.64 4.68 -3.90
C LEU A 51 -1.78 5.42 -3.22
N TYR A 52 -2.97 4.85 -3.26
CA TYR A 52 -4.15 5.45 -2.65
C TYR A 52 -4.72 4.57 -1.56
N TYR A 53 -5.12 5.20 -0.46
CA TYR A 53 -5.82 4.55 0.64
C TYR A 53 -6.79 5.56 1.17
N ASN A 54 -8.00 5.11 1.51
CA ASN A 54 -9.06 6.00 2.01
C ASN A 54 -9.31 7.18 1.05
N MET A 55 -9.15 6.90 -0.25
CA MET A 55 -9.32 7.87 -1.34
C MET A 55 -8.34 9.04 -1.37
N ASP A 56 -7.29 8.96 -0.56
CA ASP A 56 -6.24 9.98 -0.54
C ASP A 56 -4.90 9.32 -0.89
N ILE A 57 -3.92 10.14 -1.24
CA ILE A 57 -2.61 9.65 -1.65
C ILE A 57 -1.74 9.36 -0.43
N LEU A 58 -1.18 8.17 -0.38
CA LEU A 58 -0.23 7.83 0.68
C LEU A 58 1.12 8.38 0.28
N ASP A 59 1.49 9.54 0.83
CA ASP A 59 2.81 10.12 0.56
C ASP A 59 3.90 9.17 1.01
N SER A 60 4.68 8.71 0.04
CA SER A 60 5.74 7.73 0.23
C SER A 60 6.94 8.27 1.01
N ASN A 61 6.96 9.56 1.28
CA ASN A 61 8.09 10.16 1.99
C ASN A 61 7.87 10.15 3.50
N ARG A 62 6.71 9.67 3.93
CA ARG A 62 6.39 9.59 5.36
C ARG A 62 6.86 8.28 5.95
N THR A 63 7.56 8.34 7.07
CA THR A 63 8.08 7.15 7.73
C THR A 63 7.19 6.70 8.88
N GLN A 64 5.90 6.95 8.73
CA GLN A 64 4.92 6.57 9.76
C GLN A 64 4.72 5.07 9.71
N SER A 65 4.09 4.52 10.72
CA SER A 65 3.76 3.10 10.75
C SER A 65 2.36 2.92 10.23
N LEU A 66 2.04 1.72 9.78
CA LEU A 66 0.70 1.43 9.22
C LEU A 66 -0.40 1.66 10.26
N LYS A 67 -0.04 1.47 11.53
CA LYS A 67 -0.92 1.74 12.65
C LYS A 67 -1.39 3.19 12.70
N GLU A 68 -0.50 4.12 12.37
CA GLU A 68 -0.83 5.54 12.42
C GLU A 68 -1.77 5.91 11.29
N LEU A 69 -1.66 5.17 10.20
CA LEU A 69 -2.50 5.40 9.03
C LEU A 69 -3.89 4.81 9.26
N GLY A 70 -4.01 4.02 10.31
CA GLY A 70 -5.29 3.44 10.70
C GLY A 70 -5.63 2.23 9.85
N LEU A 71 -4.62 1.56 9.34
CA LEU A 71 -4.81 0.40 8.47
C LEU A 71 -5.18 -0.85 9.27
N LYS A 72 -5.99 -1.71 8.68
CA LYS A 72 -6.45 -2.95 9.29
C LYS A 72 -6.53 -4.03 8.21
N THR A 73 -6.79 -5.26 8.60
CA THR A 73 -6.86 -6.40 7.66
C THR A 73 -8.07 -6.39 6.72
N ASP A 74 -8.93 -5.40 6.89
CA ASP A 74 -10.19 -5.28 6.14
C ASP A 74 -10.05 -4.26 5.02
N ASP A 75 -8.83 -3.74 4.87
CA ASP A 75 -8.59 -2.64 3.92
C ASP A 75 -8.18 -3.06 2.51
N LEU A 76 -8.61 -2.23 1.56
CA LEU A 76 -8.27 -2.36 0.15
C LEU A 76 -7.54 -1.09 -0.28
N LEU A 77 -6.41 -1.24 -0.94
CA LEU A 77 -5.58 -0.11 -1.37
C LEU A 77 -5.41 -0.15 -2.89
N LEU A 78 -5.37 1.02 -3.51
CA LEU A 78 -5.35 1.12 -4.97
C LEU A 78 -4.05 1.69 -5.53
N ILE A 79 -3.65 1.17 -6.68
CA ILE A 79 -2.41 1.59 -7.35
C ILE A 79 -2.77 2.42 -8.57
N ARG A 80 -2.33 3.67 -8.62
CA ARG A 80 -2.62 4.56 -9.74
C ARG A 80 -1.33 5.01 -10.39
N GLY A 81 -1.44 5.77 -11.47
CA GLY A 81 -0.27 6.24 -12.19
C GLY A 81 -0.07 7.72 -12.00
N LYS A 82 1.19 8.11 -11.96
CA LYS A 82 1.56 9.52 -11.89
C LYS A 82 1.31 10.11 -13.28
N ILE A 83 0.75 11.31 -13.33
CA ILE A 83 0.62 12.01 -14.60
C ILE A 83 2.03 12.46 -14.95
N SER A 84 2.49 12.11 -16.14
CA SER A 84 3.84 12.48 -16.57
C SER A 84 3.80 12.98 -17.99
N ASN A 85 4.69 13.91 -18.31
CA ASN A 85 4.76 14.50 -19.64
C ASN A 85 6.09 14.11 -20.31
N SER A 86 6.75 13.09 -19.75
CA SER A 86 8.05 12.62 -20.26
C SER A 86 8.33 11.17 -19.86
N HIS A 1 1.86 -4.38 28.17
CA HIS A 1 2.12 -4.40 26.70
C HIS A 1 1.91 -5.76 26.06
N ILE A 2 1.63 -5.74 24.76
CA ILE A 2 1.47 -6.95 23.96
C ILE A 2 2.37 -6.83 22.75
N GLU A 3 2.59 -7.94 22.05
CA GLU A 3 3.36 -7.94 20.82
C GLU A 3 2.50 -7.39 19.68
N GLY A 4 3.15 -6.97 18.59
CA GLY A 4 2.43 -6.45 17.44
C GLY A 4 1.74 -7.55 16.66
N ARG A 5 0.85 -7.15 15.77
CA ARG A 5 0.04 -8.11 15.00
C ARG A 5 0.26 -8.01 13.50
N HIS A 6 -0.20 -9.05 12.82
CA HIS A 6 -0.17 -9.12 11.37
C HIS A 6 -1.59 -8.83 10.90
N MET A 7 -1.70 -8.30 9.71
CA MET A 7 -2.98 -7.98 9.10
C MET A 7 -2.83 -8.21 7.60
N ASP A 8 -3.93 -8.48 6.93
CA ASP A 8 -3.92 -8.81 5.50
C ASP A 8 -4.47 -7.62 4.72
N LEU A 9 -3.63 -6.97 3.93
CA LEU A 9 -4.07 -5.83 3.12
C LEU A 9 -4.10 -6.28 1.69
N THR A 10 -5.17 -5.93 1.01
CA THR A 10 -5.35 -6.33 -0.38
C THR A 10 -4.92 -5.19 -1.28
N ILE A 11 -4.30 -5.51 -2.40
CA ILE A 11 -3.78 -4.51 -3.31
C ILE A 11 -4.52 -4.65 -4.62
N SER A 12 -4.97 -3.53 -5.19
CA SER A 12 -5.68 -3.57 -6.47
C SER A 12 -5.17 -2.48 -7.40
N ASN A 13 -4.99 -2.82 -8.66
CA ASN A 13 -4.46 -1.87 -9.63
C ASN A 13 -5.55 -1.17 -10.40
N GLU A 14 -5.83 0.07 -10.00
CA GLU A 14 -6.84 0.90 -10.66
C GLU A 14 -6.48 1.17 -12.12
N LEU A 15 -5.20 1.04 -12.44
CA LEU A 15 -4.71 1.30 -13.79
C LEU A 15 -4.97 0.18 -14.78
N THR A 16 -4.89 -1.05 -14.29
CA THR A 16 -4.93 -2.22 -15.17
C THR A 16 -6.17 -3.07 -14.94
N GLY A 17 -6.81 -2.89 -13.80
CA GLY A 17 -7.96 -3.70 -13.42
C GLY A 17 -7.55 -4.98 -12.74
N GLU A 18 -6.24 -5.20 -12.61
CA GLU A 18 -5.72 -6.41 -11.99
C GLU A 18 -5.83 -6.33 -10.47
N ILE A 19 -5.86 -7.50 -9.84
CA ILE A 19 -5.96 -7.60 -8.38
C ILE A 19 -4.74 -8.37 -7.89
N TYR A 20 -4.05 -7.81 -6.91
CA TYR A 20 -2.87 -8.43 -6.31
C TYR A 20 -3.32 -9.06 -4.98
N GLY A 21 -2.40 -9.73 -4.31
CA GLY A 21 -2.75 -10.53 -3.16
C GLY A 21 -3.10 -9.84 -1.89
N PRO A 22 -3.94 -10.47 -1.05
CA PRO A 22 -3.85 -9.96 0.30
C PRO A 22 -2.56 -10.44 0.90
N ILE A 23 -1.77 -9.44 1.22
CA ILE A 23 -0.43 -9.63 1.74
C ILE A 23 -0.39 -9.43 3.25
N GLU A 24 0.38 -10.28 3.88
CA GLU A 24 0.49 -10.32 5.34
C GLU A 24 1.56 -9.33 5.78
N VAL A 25 1.11 -8.22 6.33
CA VAL A 25 1.99 -7.15 6.78
C VAL A 25 1.70 -6.85 8.23
N SER A 26 2.62 -6.15 8.88
CA SER A 26 2.45 -5.85 10.29
C SER A 26 1.93 -4.44 10.49
N GLU A 27 1.19 -4.23 11.56
CA GLU A 27 0.64 -2.89 11.86
C GLU A 27 1.76 -1.87 12.12
N ASP A 28 2.91 -2.33 12.59
CA ASP A 28 3.99 -1.42 12.95
C ASP A 28 5.05 -1.37 11.85
N MET A 29 4.74 -1.95 10.71
CA MET A 29 5.61 -1.86 9.54
C MET A 29 5.59 -0.40 9.10
N ALA A 30 6.73 0.12 8.69
CA ALA A 30 6.77 1.51 8.26
C ALA A 30 6.05 1.62 6.91
N LEU A 31 5.47 2.77 6.65
CA LEU A 31 4.81 3.04 5.38
C LEU A 31 5.81 2.86 4.25
N THR A 32 7.02 3.33 4.46
CA THR A 32 8.05 3.24 3.46
C THR A 32 8.40 1.78 3.17
N ASP A 33 8.35 0.94 4.20
CA ASP A 33 8.73 -0.46 4.08
C ASP A 33 7.63 -1.24 3.38
N LEU A 34 6.39 -0.87 3.64
CA LEU A 34 5.26 -1.45 2.92
C LEU A 34 5.45 -1.22 1.43
N ILE A 35 5.77 0.01 1.06
CA ILE A 35 5.96 0.32 -0.34
C ILE A 35 7.20 -0.38 -0.87
N ALA A 36 8.23 -0.52 -0.06
CA ALA A 36 9.43 -1.23 -0.50
C ALA A 36 9.08 -2.67 -0.93
N LEU A 37 8.18 -3.32 -0.19
CA LEU A 37 7.71 -4.65 -0.56
C LEU A 37 6.94 -4.58 -1.87
N LEU A 38 6.06 -3.59 -1.99
CA LEU A 38 5.24 -3.44 -3.18
C LEU A 38 6.07 -3.15 -4.41
N GLN A 39 7.18 -2.46 -4.23
CA GLN A 39 8.09 -2.18 -5.34
C GLN A 39 8.81 -3.46 -5.78
N ALA A 40 9.11 -4.34 -4.83
CA ALA A 40 9.84 -5.57 -5.12
C ALA A 40 8.93 -6.65 -5.72
N ASP A 41 7.74 -6.81 -5.16
CA ASP A 41 6.81 -7.87 -5.56
C ASP A 41 5.78 -7.41 -6.58
N CYS A 42 5.00 -6.40 -6.22
CA CYS A 42 3.91 -5.92 -7.07
C CYS A 42 4.37 -5.02 -8.21
N GLY A 43 5.66 -4.71 -8.25
CA GLY A 43 6.19 -3.87 -9.31
C GLY A 43 5.77 -2.43 -9.20
N PHE A 44 5.39 -1.99 -8.01
CA PHE A 44 4.98 -0.61 -7.81
C PHE A 44 6.20 0.28 -8.02
N ASP A 45 6.01 1.43 -8.65
CA ASP A 45 7.10 2.38 -8.81
C ASP A 45 6.57 3.74 -8.41
N LYS A 46 6.96 4.20 -7.24
CA LYS A 46 6.45 5.47 -6.70
C LYS A 46 6.75 6.71 -7.54
N THR A 47 7.62 6.58 -8.54
CA THR A 47 7.88 7.71 -9.45
C THR A 47 6.91 7.77 -10.63
N LYS A 48 6.32 6.64 -10.98
CA LYS A 48 5.44 6.55 -12.17
C LYS A 48 4.02 6.27 -11.75
N HIS A 49 3.92 5.71 -10.55
CA HIS A 49 2.65 5.25 -10.00
C HIS A 49 2.47 5.83 -8.61
N ASP A 50 1.25 5.83 -8.14
CA ASP A 50 0.90 6.43 -6.87
C ASP A 50 0.05 5.46 -6.08
N LEU A 51 0.03 5.62 -4.77
CA LEU A 51 -0.71 4.73 -3.90
C LEU A 51 -1.82 5.51 -3.22
N TYR A 52 -3.01 4.94 -3.19
CA TYR A 52 -4.18 5.58 -2.61
C TYR A 52 -4.79 4.72 -1.52
N TYR A 53 -5.20 5.39 -0.45
CA TYR A 53 -5.88 4.77 0.67
C TYR A 53 -6.93 5.75 1.14
N ASN A 54 -8.17 5.27 1.31
CA ASN A 54 -9.30 6.11 1.72
C ASN A 54 -9.46 7.30 0.75
N MET A 55 -9.07 7.08 -0.50
CA MET A 55 -9.09 8.08 -1.59
C MET A 55 -8.15 9.28 -1.35
N ASP A 56 -7.22 9.13 -0.43
CA ASP A 56 -6.15 10.11 -0.21
C ASP A 56 -4.88 9.47 -0.75
N ILE A 57 -3.85 10.26 -0.95
CA ILE A 57 -2.57 9.79 -1.47
C ILE A 57 -1.67 9.41 -0.30
N LEU A 58 -1.10 8.21 -0.36
CA LEU A 58 -0.13 7.81 0.65
C LEU A 58 1.23 8.34 0.23
N ASP A 59 1.61 9.50 0.77
CA ASP A 59 2.91 10.07 0.47
C ASP A 59 3.98 9.09 0.88
N SER A 60 4.80 8.70 -0.07
CA SER A 60 5.89 7.73 0.15
C SER A 60 6.99 8.30 1.07
N ASN A 61 6.88 9.57 1.42
CA ASN A 61 7.80 10.21 2.35
C ASN A 61 7.38 10.05 3.82
N ARG A 62 6.12 9.68 4.08
CA ARG A 62 5.67 9.48 5.47
C ARG A 62 6.43 8.30 6.02
N THR A 63 7.04 8.47 7.19
CA THR A 63 7.85 7.41 7.81
C THR A 63 7.07 6.86 9.01
N GLN A 64 5.75 7.00 8.94
CA GLN A 64 4.85 6.53 9.99
C GLN A 64 4.66 5.04 9.82
N SER A 65 4.06 4.40 10.81
CA SER A 65 3.76 2.98 10.72
C SER A 65 2.31 2.84 10.28
N LEU A 66 1.97 1.68 9.75
CA LEU A 66 0.65 1.47 9.17
C LEU A 66 -0.48 1.72 10.18
N LYS A 67 -0.23 1.44 11.45
CA LYS A 67 -1.21 1.64 12.48
C LYS A 67 -1.55 3.11 12.75
N GLU A 68 -0.63 4.00 12.43
CA GLU A 68 -0.86 5.44 12.60
C GLU A 68 -1.74 5.94 11.47
N LEU A 69 -1.64 5.27 10.34
CA LEU A 69 -2.42 5.63 9.16
C LEU A 69 -3.82 5.04 9.26
N GLY A 70 -4.01 4.17 10.24
CA GLY A 70 -5.31 3.58 10.49
C GLY A 70 -5.55 2.37 9.61
N LEU A 71 -4.48 1.80 9.06
CA LEU A 71 -4.59 0.65 8.19
C LEU A 71 -4.91 -0.60 9.02
N LYS A 72 -5.69 -1.49 8.43
CA LYS A 72 -6.21 -2.67 9.13
C LYS A 72 -6.37 -3.82 8.14
N THR A 73 -6.61 -5.02 8.64
CA THR A 73 -6.77 -6.23 7.80
C THR A 73 -8.03 -6.25 6.90
N ASP A 74 -8.82 -5.21 7.01
CA ASP A 74 -10.09 -5.08 6.26
C ASP A 74 -9.88 -4.13 5.08
N ASP A 75 -8.66 -3.64 4.95
CA ASP A 75 -8.35 -2.64 3.92
C ASP A 75 -7.97 -3.17 2.54
N LEU A 76 -8.26 -2.32 1.57
CA LEU A 76 -7.89 -2.55 0.18
C LEU A 76 -7.25 -1.26 -0.34
N LEU A 77 -6.10 -1.40 -0.98
CA LEU A 77 -5.28 -0.26 -1.43
C LEU A 77 -5.33 -0.17 -2.94
N LEU A 78 -5.25 1.04 -3.47
CA LEU A 78 -5.37 1.25 -4.92
C LEU A 78 -4.09 1.79 -5.55
N ILE A 79 -3.73 1.25 -6.71
CA ILE A 79 -2.51 1.64 -7.43
C ILE A 79 -2.92 2.49 -8.63
N ARG A 80 -2.50 3.74 -8.63
CA ARG A 80 -2.86 4.71 -9.68
C ARG A 80 -1.59 5.20 -10.35
N GLY A 81 -1.70 6.04 -11.36
CA GLY A 81 -0.54 6.54 -12.07
C GLY A 81 -0.27 7.99 -11.77
N LYS A 82 1.00 8.34 -11.66
CA LYS A 82 1.44 9.73 -11.46
C LYS A 82 1.24 10.48 -12.76
N ILE A 83 1.61 9.79 -13.83
CA ILE A 83 1.59 10.33 -15.18
C ILE A 83 0.58 9.55 -16.02
N SER A 84 0.38 8.28 -15.67
CA SER A 84 -0.57 7.43 -16.39
C SER A 84 -1.99 7.71 -15.92
N ASN A 85 -2.68 8.61 -16.61
CA ASN A 85 -4.08 8.92 -16.33
C ASN A 85 -4.83 9.07 -17.64
N SER A 86 -6.15 8.87 -17.60
CA SER A 86 -7.00 8.97 -18.79
C SER A 86 -7.10 10.37 -19.38
N HIS A 1 -5.70 -18.58 13.69
CA HIS A 1 -4.26 -18.25 13.88
C HIS A 1 -3.92 -17.68 15.24
N ILE A 2 -4.81 -16.77 15.70
CA ILE A 2 -4.68 -16.04 16.97
C ILE A 2 -3.34 -15.28 16.92
N GLU A 3 -3.19 -14.54 15.84
CA GLU A 3 -2.02 -13.72 15.61
C GLU A 3 -2.09 -12.49 16.53
N GLY A 4 -0.97 -11.80 16.73
CA GLY A 4 -0.94 -10.68 17.67
C GLY A 4 -0.91 -9.27 17.12
N ARG A 5 -0.44 -9.08 15.87
CA ARG A 5 -0.32 -7.75 15.26
C ARG A 5 -0.07 -7.80 13.74
N HIS A 6 -0.72 -8.73 13.07
CA HIS A 6 -0.60 -8.91 11.63
C HIS A 6 -1.93 -8.59 11.00
N MET A 7 -1.90 -8.16 9.75
CA MET A 7 -3.09 -7.81 9.03
C MET A 7 -2.90 -8.10 7.55
N ASP A 8 -3.99 -8.43 6.89
CA ASP A 8 -3.99 -8.79 5.48
C ASP A 8 -4.43 -7.60 4.64
N LEU A 9 -3.54 -7.08 3.82
CA LEU A 9 -3.90 -5.97 2.95
C LEU A 9 -4.00 -6.48 1.54
N THR A 10 -5.06 -6.08 0.87
CA THR A 10 -5.29 -6.48 -0.51
C THR A 10 -4.94 -5.30 -1.40
N ILE A 11 -4.26 -5.58 -2.51
CA ILE A 11 -3.74 -4.53 -3.38
C ILE A 11 -4.43 -4.65 -4.73
N SER A 12 -4.86 -3.53 -5.29
CA SER A 12 -5.53 -3.53 -6.59
C SER A 12 -4.96 -2.46 -7.49
N ASN A 13 -4.73 -2.81 -8.74
CA ASN A 13 -4.17 -1.87 -9.71
C ASN A 13 -5.28 -1.20 -10.48
N GLU A 14 -5.59 0.04 -10.10
CA GLU A 14 -6.63 0.84 -10.74
C GLU A 14 -6.35 1.05 -12.23
N LEU A 15 -5.08 0.93 -12.59
CA LEU A 15 -4.64 1.16 -13.96
C LEU A 15 -4.84 -0.01 -14.90
N THR A 16 -4.66 -1.21 -14.38
CA THR A 16 -4.65 -2.41 -15.21
C THR A 16 -5.83 -3.33 -14.94
N GLY A 17 -6.48 -3.12 -13.80
CA GLY A 17 -7.59 -3.98 -13.39
C GLY A 17 -7.12 -5.22 -12.67
N GLU A 18 -5.81 -5.37 -12.52
CA GLU A 18 -5.24 -6.54 -11.85
C GLU A 18 -5.47 -6.48 -10.35
N ILE A 19 -5.57 -7.66 -9.74
CA ILE A 19 -5.75 -7.78 -8.30
C ILE A 19 -4.56 -8.58 -7.76
N TYR A 20 -3.84 -7.98 -6.83
CA TYR A 20 -2.71 -8.62 -6.20
C TYR A 20 -3.18 -9.20 -4.87
N GLY A 21 -2.33 -9.99 -4.23
CA GLY A 21 -2.74 -10.77 -3.08
C GLY A 21 -3.04 -10.09 -1.78
N PRO A 22 -3.89 -10.72 -0.95
CA PRO A 22 -3.78 -10.27 0.43
C PRO A 22 -2.49 -10.77 1.02
N ILE A 23 -1.72 -9.79 1.44
CA ILE A 23 -0.40 -9.99 2.01
C ILE A 23 -0.37 -9.71 3.51
N GLU A 24 0.35 -10.57 4.22
CA GLU A 24 0.46 -10.47 5.68
C GLU A 24 1.54 -9.45 6.03
N VAL A 25 1.09 -8.30 6.50
CA VAL A 25 1.97 -7.21 6.92
C VAL A 25 1.66 -6.93 8.36
N SER A 26 2.49 -6.13 8.99
CA SER A 26 2.28 -5.80 10.39
C SER A 26 1.83 -4.36 10.54
N GLU A 27 1.10 -4.08 11.61
CA GLU A 27 0.72 -2.71 11.93
C GLU A 27 1.99 -1.87 12.23
N ASP A 28 3.04 -2.58 12.62
CA ASP A 28 4.31 -1.99 13.04
C ASP A 28 5.25 -1.75 11.85
N MET A 29 4.79 -2.13 10.67
CA MET A 29 5.59 -1.96 9.46
C MET A 29 5.54 -0.49 9.10
N ALA A 30 6.65 0.07 8.64
CA ALA A 30 6.64 1.45 8.22
C ALA A 30 5.92 1.55 6.88
N LEU A 31 5.33 2.71 6.62
CA LEU A 31 4.67 2.99 5.34
C LEU A 31 5.70 2.84 4.23
N THR A 32 6.90 3.32 4.48
CA THR A 32 7.95 3.25 3.48
C THR A 32 8.35 1.81 3.19
N ASP A 33 8.28 0.96 4.22
CA ASP A 33 8.68 -0.45 4.09
C ASP A 33 7.60 -1.21 3.34
N LEU A 34 6.35 -0.84 3.56
CA LEU A 34 5.24 -1.42 2.81
C LEU A 34 5.46 -1.11 1.33
N ILE A 35 5.79 0.13 1.01
CA ILE A 35 6.04 0.49 -0.38
C ILE A 35 7.22 -0.30 -0.91
N ALA A 36 8.27 -0.46 -0.11
CA ALA A 36 9.45 -1.21 -0.57
C ALA A 36 9.05 -2.63 -1.02
N LEU A 37 8.16 -3.27 -0.26
CA LEU A 37 7.66 -4.60 -0.61
C LEU A 37 6.82 -4.53 -1.89
N LEU A 38 5.94 -3.54 -1.95
CA LEU A 38 5.05 -3.40 -3.10
C LEU A 38 5.79 -3.09 -4.39
N GLN A 39 6.91 -2.39 -4.30
CA GLN A 39 7.71 -2.11 -5.48
C GLN A 39 8.42 -3.37 -5.96
N ALA A 40 8.85 -4.20 -5.02
CA ALA A 40 9.57 -5.41 -5.35
C ALA A 40 8.66 -6.52 -5.89
N ASP A 41 7.49 -6.66 -5.28
CA ASP A 41 6.58 -7.77 -5.60
C ASP A 41 5.43 -7.37 -6.54
N CYS A 42 4.73 -6.30 -6.20
CA CYS A 42 3.58 -5.84 -6.99
C CYS A 42 3.97 -4.90 -8.13
N GLY A 43 5.26 -4.61 -8.24
CA GLY A 43 5.74 -3.75 -9.31
C GLY A 43 5.26 -2.31 -9.15
N PHE A 44 4.97 -1.88 -7.93
CA PHE A 44 4.59 -0.50 -7.71
C PHE A 44 5.80 0.35 -8.08
N ASP A 45 5.56 1.52 -8.66
CA ASP A 45 6.65 2.37 -9.11
C ASP A 45 6.44 3.80 -8.63
N LYS A 46 6.91 4.09 -7.42
CA LYS A 46 6.59 5.35 -6.73
C LYS A 46 7.10 6.61 -7.42
N THR A 47 7.85 6.43 -8.49
CA THR A 47 8.36 7.54 -9.26
C THR A 47 7.32 8.07 -10.22
N LYS A 48 6.45 7.18 -10.70
CA LYS A 48 5.53 7.51 -11.79
C LYS A 48 4.09 7.14 -11.46
N HIS A 49 3.95 6.39 -10.39
CA HIS A 49 2.66 5.91 -9.91
C HIS A 49 2.51 6.38 -8.47
N ASP A 50 1.28 6.36 -7.99
CA ASP A 50 0.94 6.80 -6.64
C ASP A 50 0.10 5.74 -5.98
N LEU A 51 0.13 5.72 -4.66
CA LEU A 51 -0.63 4.78 -3.87
C LEU A 51 -1.77 5.54 -3.23
N TYR A 52 -2.94 4.92 -3.17
CA TYR A 52 -4.11 5.57 -2.60
C TYR A 52 -4.66 4.72 -1.45
N TYR A 53 -5.08 5.41 -0.40
CA TYR A 53 -5.67 4.81 0.78
C TYR A 53 -6.78 5.74 1.22
N ASN A 54 -7.94 5.19 1.58
CA ASN A 54 -9.09 6.00 2.00
C ASN A 54 -9.40 7.13 1.00
N MET A 55 -9.24 6.80 -0.28
CA MET A 55 -9.47 7.72 -1.42
C MET A 55 -8.57 8.97 -1.47
N ASP A 56 -7.49 8.96 -0.70
CA ASP A 56 -6.51 10.05 -0.72
C ASP A 56 -5.14 9.45 -1.04
N ILE A 57 -4.18 10.27 -1.40
CA ILE A 57 -2.86 9.80 -1.82
C ILE A 57 -1.95 9.58 -0.60
N LEU A 58 -1.33 8.41 -0.54
CA LEU A 58 -0.33 8.12 0.48
C LEU A 58 0.96 8.79 0.05
N ASP A 59 1.37 9.84 0.76
CA ASP A 59 2.65 10.48 0.44
C ASP A 59 3.76 9.50 0.77
N SER A 60 4.55 9.19 -0.25
CA SER A 60 5.55 8.13 -0.17
C SER A 60 6.71 8.39 0.79
N ASN A 61 6.78 9.59 1.35
CA ASN A 61 7.90 9.95 2.22
C ASN A 61 7.57 9.84 3.71
N ARG A 62 6.35 9.44 4.03
CA ARG A 62 5.92 9.32 5.42
C ARG A 62 6.57 8.12 6.11
N THR A 63 7.44 8.35 7.08
CA THR A 63 8.06 7.26 7.84
C THR A 63 7.20 6.80 9.01
N GLN A 64 5.89 6.91 8.86
CA GLN A 64 4.94 6.50 9.90
C GLN A 64 4.77 5.00 9.81
N SER A 65 4.14 4.40 10.81
CA SER A 65 3.83 2.98 10.77
C SER A 65 2.41 2.86 10.26
N LEU A 66 2.05 1.71 9.73
CA LEU A 66 0.72 1.50 9.16
C LEU A 66 -0.36 1.72 10.22
N LYS A 67 -0.03 1.38 11.47
CA LYS A 67 -0.91 1.64 12.60
C LYS A 67 -1.32 3.10 12.73
N GLU A 68 -0.39 4.00 12.48
CA GLU A 68 -0.64 5.43 12.63
C GLU A 68 -1.52 5.96 11.51
N LEU A 69 -1.55 5.24 10.40
CA LEU A 69 -2.38 5.63 9.27
C LEU A 69 -3.80 5.12 9.50
N GLY A 70 -3.94 4.23 10.47
CA GLY A 70 -5.25 3.73 10.88
C GLY A 70 -5.74 2.60 10.01
N LEU A 71 -4.86 2.06 9.19
CA LEU A 71 -5.25 0.98 8.28
C LEU A 71 -5.14 -0.39 8.96
N LYS A 72 -5.82 -1.37 8.38
CA LYS A 72 -6.17 -2.60 9.07
C LYS A 72 -6.29 -3.77 8.10
N THR A 73 -6.64 -4.94 8.60
CA THR A 73 -6.84 -6.16 7.78
C THR A 73 -8.11 -6.12 6.91
N ASP A 74 -8.79 -4.98 6.97
CA ASP A 74 -10.07 -4.77 6.29
C ASP A 74 -9.84 -3.55 5.38
N ASP A 75 -8.58 -3.33 5.04
CA ASP A 75 -8.18 -2.25 4.13
C ASP A 75 -7.84 -2.78 2.73
N LEU A 76 -7.94 -1.91 1.73
CA LEU A 76 -7.65 -2.26 0.34
C LEU A 76 -6.99 -1.05 -0.34
N LEU A 77 -5.81 -1.28 -0.90
CA LEU A 77 -5.00 -0.20 -1.46
C LEU A 77 -5.12 -0.16 -2.97
N LEU A 78 -5.12 1.04 -3.52
CA LEU A 78 -5.23 1.22 -4.97
C LEU A 78 -3.95 1.80 -5.57
N ILE A 79 -3.51 1.23 -6.68
CA ILE A 79 -2.32 1.71 -7.40
C ILE A 79 -2.78 2.55 -8.58
N ARG A 80 -2.42 3.82 -8.60
CA ARG A 80 -2.83 4.73 -9.68
C ARG A 80 -1.61 5.36 -10.33
N GLY A 81 -1.80 6.06 -11.43
CA GLY A 81 -0.69 6.73 -12.09
C GLY A 81 -0.75 8.22 -11.84
N LYS A 82 0.43 8.83 -11.78
CA LYS A 82 0.54 10.28 -11.61
C LYS A 82 1.31 10.94 -12.75
N ILE A 83 2.25 10.22 -13.30
CA ILE A 83 3.03 10.70 -14.45
C ILE A 83 2.51 9.91 -15.64
N SER A 84 1.58 10.53 -16.35
CA SER A 84 0.82 9.86 -17.43
C SER A 84 0.08 8.66 -16.81
N ASN A 85 -0.26 7.68 -17.64
CA ASN A 85 -0.95 6.46 -17.21
C ASN A 85 -2.19 6.79 -16.37
N SER A 86 -3.22 7.29 -17.04
CA SER A 86 -4.49 7.67 -16.38
C SER A 86 -5.73 7.41 -17.24
N HIS A 1 -3.25 -4.31 23.31
CA HIS A 1 -2.46 -4.88 22.20
C HIS A 1 -2.39 -6.41 22.20
N ILE A 2 -2.36 -6.97 20.98
CA ILE A 2 -2.27 -8.41 20.78
C ILE A 2 -0.98 -8.63 19.99
N GLU A 3 0.08 -8.02 20.52
CA GLU A 3 1.42 -8.04 19.94
C GLU A 3 1.53 -7.59 18.47
N GLY A 4 2.71 -7.74 17.89
CA GLY A 4 2.98 -7.33 16.52
C GLY A 4 2.43 -8.30 15.48
N ARG A 5 1.16 -8.62 15.64
CA ARG A 5 0.46 -9.55 14.75
C ARG A 5 0.40 -9.00 13.32
N HIS A 6 0.05 -9.86 12.39
CA HIS A 6 -0.14 -9.44 11.01
C HIS A 6 -1.59 -9.06 10.75
N MET A 7 -1.76 -8.28 9.70
CA MET A 7 -3.05 -7.91 9.15
C MET A 7 -2.89 -8.14 7.66
N ASP A 8 -3.98 -8.44 6.99
CA ASP A 8 -3.95 -8.79 5.58
C ASP A 8 -4.44 -7.62 4.75
N LEU A 9 -3.61 -7.15 3.83
CA LEU A 9 -3.98 -6.05 2.95
C LEU A 9 -4.07 -6.53 1.53
N THR A 10 -5.17 -6.22 0.87
CA THR A 10 -5.36 -6.62 -0.53
C THR A 10 -5.03 -5.43 -1.39
N ILE A 11 -4.29 -5.65 -2.48
CA ILE A 11 -3.80 -4.55 -3.31
C ILE A 11 -4.45 -4.61 -4.67
N SER A 12 -4.98 -3.49 -5.14
CA SER A 12 -5.60 -3.41 -6.46
C SER A 12 -4.93 -2.36 -7.33
N ASN A 13 -4.40 -2.79 -8.46
CA ASN A 13 -3.72 -1.89 -9.38
C ASN A 13 -4.73 -1.30 -10.34
N GLU A 14 -5.14 -0.06 -10.07
CA GLU A 14 -6.13 0.64 -10.88
C GLU A 14 -5.67 0.81 -12.32
N LEU A 15 -4.36 0.80 -12.51
CA LEU A 15 -3.75 1.03 -13.80
C LEU A 15 -3.83 -0.16 -14.74
N THR A 16 -3.72 -1.34 -14.17
CA THR A 16 -3.61 -2.57 -14.95
C THR A 16 -4.86 -3.42 -14.86
N GLY A 17 -5.66 -3.18 -13.83
CA GLY A 17 -6.85 -3.97 -13.57
C GLY A 17 -6.52 -5.22 -12.75
N GLU A 18 -5.25 -5.40 -12.45
CA GLU A 18 -4.80 -6.57 -11.69
C GLU A 18 -5.09 -6.39 -10.21
N ILE A 19 -5.29 -7.50 -9.54
CA ILE A 19 -5.50 -7.50 -8.09
C ILE A 19 -4.47 -8.46 -7.51
N TYR A 20 -3.60 -7.91 -6.69
CA TYR A 20 -2.54 -8.67 -6.05
C TYR A 20 -3.07 -9.22 -4.74
N GLY A 21 -2.29 -10.10 -4.13
CA GLY A 21 -2.77 -10.88 -3.01
C GLY A 21 -3.03 -10.16 -1.72
N PRO A 22 -3.81 -10.80 -0.83
CA PRO A 22 -3.66 -10.30 0.53
C PRO A 22 -2.31 -10.67 1.08
N ILE A 23 -1.59 -9.61 1.33
CA ILE A 23 -0.23 -9.70 1.86
C ILE A 23 -0.27 -9.46 3.35
N GLU A 24 0.39 -10.34 4.09
CA GLU A 24 0.35 -10.30 5.54
C GLU A 24 1.47 -9.39 6.05
N VAL A 25 1.06 -8.22 6.51
CA VAL A 25 1.98 -7.19 6.96
C VAL A 25 1.66 -6.84 8.38
N SER A 26 2.57 -6.18 9.07
CA SER A 26 2.32 -5.83 10.46
C SER A 26 1.81 -4.41 10.56
N GLU A 27 1.06 -4.11 11.60
CA GLU A 27 0.57 -2.75 11.83
C GLU A 27 1.74 -1.80 12.09
N ASP A 28 2.83 -2.34 12.60
CA ASP A 28 4.00 -1.54 12.96
C ASP A 28 5.02 -1.47 11.83
N MET A 29 4.65 -2.00 10.67
CA MET A 29 5.49 -1.89 9.47
C MET A 29 5.47 -0.43 9.05
N ALA A 30 6.60 0.09 8.58
CA ALA A 30 6.64 1.46 8.12
C ALA A 30 5.92 1.55 6.77
N LEU A 31 5.36 2.71 6.48
CA LEU A 31 4.72 2.98 5.19
C LEU A 31 5.76 2.80 4.10
N THR A 32 6.97 3.25 4.35
CA THR A 32 8.03 3.16 3.36
C THR A 32 8.39 1.70 3.10
N ASP A 33 8.29 0.86 4.12
CA ASP A 33 8.65 -0.55 4.00
C ASP A 33 7.55 -1.29 3.27
N LEU A 34 6.31 -0.89 3.48
CA LEU A 34 5.20 -1.45 2.71
C LEU A 34 5.45 -1.17 1.23
N ILE A 35 5.83 0.06 0.90
CA ILE A 35 6.11 0.39 -0.49
C ILE A 35 7.30 -0.40 -1.00
N ALA A 36 8.29 -0.65 -0.16
CA ALA A 36 9.44 -1.46 -0.57
C ALA A 36 8.97 -2.84 -1.08
N LEU A 37 7.99 -3.43 -0.40
CA LEU A 37 7.41 -4.70 -0.84
C LEU A 37 6.59 -4.52 -2.11
N LEU A 38 5.81 -3.44 -2.18
CA LEU A 38 4.99 -3.18 -3.36
C LEU A 38 5.83 -2.94 -4.62
N GLN A 39 7.00 -2.36 -4.45
CA GLN A 39 7.91 -2.13 -5.58
C GLN A 39 8.49 -3.45 -6.07
N ALA A 40 8.70 -4.39 -5.15
CA ALA A 40 9.28 -5.68 -5.49
C ALA A 40 8.27 -6.63 -6.17
N ASP A 41 7.05 -6.64 -5.67
CA ASP A 41 6.01 -7.58 -6.15
C ASP A 41 4.98 -6.94 -7.08
N CYS A 42 4.31 -5.91 -6.60
CA CYS A 42 3.22 -5.27 -7.33
C CYS A 42 3.67 -4.34 -8.47
N GLY A 43 4.98 -4.22 -8.64
CA GLY A 43 5.51 -3.38 -9.71
C GLY A 43 5.33 -1.90 -9.45
N PHE A 44 5.14 -1.53 -8.19
CA PHE A 44 4.97 -0.13 -7.83
C PHE A 44 6.27 0.63 -8.09
N ASP A 45 6.16 1.88 -8.50
CA ASP A 45 7.32 2.74 -8.64
C ASP A 45 6.93 4.06 -8.01
N LYS A 46 7.49 4.37 -6.85
CA LYS A 46 7.15 5.59 -6.12
C LYS A 46 7.41 6.89 -6.88
N THR A 47 8.14 6.83 -7.98
CA THR A 47 8.36 8.02 -8.79
C THR A 47 7.30 8.19 -9.88
N LYS A 48 6.72 7.08 -10.34
CA LYS A 48 5.77 7.11 -11.45
C LYS A 48 4.35 7.03 -10.94
N HIS A 49 4.22 6.41 -9.78
CA HIS A 49 2.92 5.98 -9.25
C HIS A 49 2.75 6.43 -7.80
N ASP A 50 1.52 6.42 -7.34
CA ASP A 50 1.17 6.83 -5.98
C ASP A 50 0.31 5.75 -5.34
N LEU A 51 0.41 5.64 -4.03
CA LEU A 51 -0.39 4.70 -3.26
C LEU A 51 -1.63 5.46 -2.81
N TYR A 52 -2.78 4.83 -2.89
CA TYR A 52 -4.04 5.46 -2.49
C TYR A 52 -4.71 4.63 -1.40
N TYR A 53 -5.24 5.33 -0.41
CA TYR A 53 -5.95 4.72 0.70
C TYR A 53 -7.08 5.64 1.11
N ASN A 54 -8.28 5.10 1.28
CA ASN A 54 -9.46 5.86 1.66
C ASN A 54 -9.66 7.12 0.80
N MET A 55 -9.39 6.95 -0.50
CA MET A 55 -9.51 8.01 -1.52
C MET A 55 -8.54 9.20 -1.36
N ASP A 56 -7.49 9.01 -0.58
CA ASP A 56 -6.44 10.01 -0.40
C ASP A 56 -5.10 9.39 -0.79
N ILE A 57 -4.09 10.21 -0.98
CA ILE A 57 -2.76 9.75 -1.40
C ILE A 57 -1.87 9.51 -0.19
N LEU A 58 -1.24 8.35 -0.13
CA LEU A 58 -0.23 8.07 0.88
C LEU A 58 1.11 8.48 0.28
N ASP A 59 1.60 9.64 0.71
CA ASP A 59 2.87 10.17 0.21
C ASP A 59 3.98 9.20 0.60
N SER A 60 4.82 8.84 -0.36
CA SER A 60 5.84 7.82 -0.19
C SER A 60 6.96 8.19 0.78
N ASN A 61 7.03 9.45 1.19
CA ASN A 61 8.06 9.91 2.10
C ASN A 61 7.58 9.90 3.56
N ARG A 62 6.34 9.48 3.79
CA ARG A 62 5.82 9.39 5.16
C ARG A 62 6.51 8.23 5.86
N THR A 63 7.25 8.52 6.92
CA THR A 63 7.97 7.49 7.67
C THR A 63 7.12 6.96 8.81
N GLN A 64 5.81 7.03 8.62
CA GLN A 64 4.86 6.60 9.64
C GLN A 64 4.72 5.10 9.60
N SER A 65 4.09 4.53 10.61
CA SER A 65 3.75 3.10 10.62
C SER A 65 2.34 2.98 10.08
N LEU A 66 1.98 1.81 9.60
CA LEU A 66 0.64 1.59 9.05
C LEU A 66 -0.44 1.81 10.11
N LYS A 67 -0.07 1.51 11.35
CA LYS A 67 -0.90 1.76 12.53
C LYS A 67 -1.30 3.22 12.65
N GLU A 68 -0.38 4.11 12.34
CA GLU A 68 -0.60 5.55 12.47
C GLU A 68 -1.46 6.08 11.33
N LEU A 69 -1.53 5.31 10.25
CA LEU A 69 -2.36 5.67 9.11
C LEU A 69 -3.78 5.17 9.37
N GLY A 70 -3.89 4.29 10.37
CA GLY A 70 -5.18 3.78 10.80
C GLY A 70 -5.69 2.63 9.97
N LEU A 71 -4.84 2.09 9.10
CA LEU A 71 -5.27 1.04 8.20
C LEU A 71 -5.17 -0.35 8.85
N LYS A 72 -6.09 -1.22 8.45
CA LYS A 72 -6.32 -2.50 9.13
C LYS A 72 -6.46 -3.68 8.16
N THR A 73 -6.64 -4.87 8.69
CA THR A 73 -6.81 -6.12 7.91
C THR A 73 -8.12 -6.21 7.09
N ASP A 74 -8.88 -5.14 7.12
CA ASP A 74 -10.22 -5.08 6.54
C ASP A 74 -10.16 -4.07 5.40
N ASP A 75 -8.95 -3.61 5.09
CA ASP A 75 -8.75 -2.57 4.07
C ASP A 75 -8.18 -3.09 2.74
N LEU A 76 -8.49 -2.35 1.69
CA LEU A 76 -7.98 -2.62 0.35
C LEU A 76 -7.25 -1.36 -0.10
N LEU A 77 -6.07 -1.53 -0.68
CA LEU A 77 -5.21 -0.43 -1.10
C LEU A 77 -5.24 -0.31 -2.61
N LEU A 78 -5.17 0.92 -3.12
CA LEU A 78 -5.26 1.18 -4.55
C LEU A 78 -3.93 1.73 -5.07
N ILE A 79 -3.63 1.47 -6.34
CA ILE A 79 -2.37 1.92 -6.95
C ILE A 79 -2.70 2.71 -8.19
N ARG A 80 -2.31 3.98 -8.22
CA ARG A 80 -2.63 4.86 -9.35
C ARG A 80 -1.36 5.48 -9.90
N GLY A 81 -1.43 5.99 -11.11
CA GLY A 81 -0.27 6.59 -11.75
C GLY A 81 -0.35 8.10 -11.74
N LYS A 82 0.70 8.74 -11.23
CA LYS A 82 0.79 10.21 -11.24
C LYS A 82 1.51 10.69 -12.49
N ILE A 83 2.41 9.86 -12.97
CA ILE A 83 3.21 10.18 -14.17
C ILE A 83 3.17 9.00 -15.14
N SER A 84 3.48 7.80 -14.64
CA SER A 84 3.48 6.55 -15.43
C SER A 84 4.25 6.61 -16.77
N ASN A 85 5.26 7.47 -16.87
CA ASN A 85 6.03 7.59 -18.10
C ASN A 85 6.81 6.29 -18.35
N SER A 86 6.49 5.63 -19.48
CA SER A 86 7.11 4.37 -19.96
C SER A 86 6.90 3.16 -19.05
N HIS A 1 -3.91 -21.22 11.64
CA HIS A 1 -2.72 -20.43 12.03
C HIS A 1 -3.01 -19.43 13.12
N ILE A 2 -2.00 -19.22 13.95
CA ILE A 2 -2.11 -18.32 15.10
C ILE A 2 -1.81 -16.92 14.61
N GLU A 3 -2.81 -16.06 14.65
CA GLU A 3 -2.68 -14.68 14.21
C GLU A 3 -1.86 -13.87 15.25
N GLY A 4 -1.34 -12.73 14.80
CA GLY A 4 -0.52 -11.86 15.66
C GLY A 4 -0.69 -10.43 15.21
N ARG A 5 0.40 -9.63 15.24
CA ARG A 5 0.34 -8.22 14.78
C ARG A 5 0.47 -8.17 13.26
N HIS A 6 -0.04 -9.18 12.58
CA HIS A 6 0.00 -9.30 11.12
C HIS A 6 -1.43 -9.15 10.62
N MET A 7 -1.58 -8.40 9.55
CA MET A 7 -2.87 -8.14 8.95
C MET A 7 -2.74 -8.40 7.45
N ASP A 8 -3.86 -8.63 6.81
CA ASP A 8 -3.93 -8.93 5.40
C ASP A 8 -4.42 -7.69 4.68
N LEU A 9 -3.61 -7.16 3.78
CA LEU A 9 -4.00 -5.97 3.01
C LEU A 9 -4.07 -6.29 1.55
N THR A 10 -5.23 -6.07 1.00
CA THR A 10 -5.45 -6.37 -0.41
C THR A 10 -5.11 -5.17 -1.23
N ILE A 11 -4.47 -5.38 -2.36
CA ILE A 11 -3.97 -4.32 -3.18
C ILE A 11 -4.64 -4.37 -4.56
N SER A 12 -5.14 -3.23 -5.02
CA SER A 12 -5.78 -3.18 -6.35
C SER A 12 -5.03 -2.26 -7.30
N ASN A 13 -4.65 -2.77 -8.45
CA ASN A 13 -3.93 -2.00 -9.44
C ASN A 13 -4.89 -1.36 -10.43
N GLU A 14 -5.30 -0.14 -10.15
CA GLU A 14 -6.32 0.58 -10.95
C GLU A 14 -5.90 0.77 -12.41
N LEU A 15 -4.59 0.72 -12.67
CA LEU A 15 -4.11 0.90 -14.04
C LEU A 15 -4.42 -0.29 -14.92
N THR A 16 -4.29 -1.47 -14.33
CA THR A 16 -4.32 -2.72 -15.09
C THR A 16 -5.63 -3.47 -14.88
N GLY A 17 -6.29 -3.17 -13.77
CA GLY A 17 -7.55 -3.86 -13.47
C GLY A 17 -7.28 -5.10 -12.64
N GLU A 18 -6.04 -5.33 -12.28
CA GLU A 18 -5.67 -6.54 -11.56
C GLU A 18 -5.79 -6.37 -10.06
N ILE A 19 -6.11 -7.47 -9.40
CA ILE A 19 -6.21 -7.50 -7.95
C ILE A 19 -5.08 -8.40 -7.46
N TYR A 20 -4.28 -7.87 -6.56
CA TYR A 20 -3.12 -8.62 -6.08
C TYR A 20 -3.54 -9.34 -4.79
N GLY A 21 -2.62 -10.13 -4.28
CA GLY A 21 -2.92 -10.95 -3.13
C GLY A 21 -3.13 -10.13 -1.89
N PRO A 22 -3.96 -10.62 -0.95
CA PRO A 22 -3.77 -9.94 0.32
C PRO A 22 -2.44 -10.36 0.88
N ILE A 23 -1.63 -9.38 1.17
CA ILE A 23 -0.28 -9.61 1.68
C ILE A 23 -0.22 -9.42 3.20
N GLU A 24 0.48 -10.34 3.86
CA GLU A 24 0.56 -10.35 5.31
C GLU A 24 1.63 -9.34 5.77
N VAL A 25 1.17 -8.17 6.21
CA VAL A 25 2.06 -7.11 6.65
C VAL A 25 1.73 -6.70 8.05
N SER A 26 2.64 -6.00 8.70
CA SER A 26 2.47 -5.70 10.13
C SER A 26 1.94 -4.30 10.40
N GLU A 27 1.32 -4.14 11.57
CA GLU A 27 0.80 -2.84 11.99
C GLU A 27 1.93 -1.83 12.31
N ASP A 28 3.07 -2.35 12.71
CA ASP A 28 4.23 -1.54 13.03
C ASP A 28 5.19 -1.45 11.81
N MET A 29 4.78 -1.96 10.66
CA MET A 29 5.60 -1.86 9.45
C MET A 29 5.57 -0.40 9.05
N ALA A 30 6.68 0.14 8.59
CA ALA A 30 6.70 1.55 8.21
C ALA A 30 6.06 1.70 6.84
N LEU A 31 5.58 2.89 6.53
CA LEU A 31 4.96 3.17 5.23
C LEU A 31 5.96 2.90 4.11
N THR A 32 7.18 3.33 4.31
CA THR A 32 8.22 3.11 3.32
C THR A 32 8.59 1.64 3.13
N ASP A 33 8.37 0.83 4.16
CA ASP A 33 8.66 -0.62 4.08
C ASP A 33 7.53 -1.33 3.37
N LEU A 34 6.30 -0.86 3.57
CA LEU A 34 5.18 -1.38 2.77
C LEU A 34 5.49 -1.11 1.28
N ILE A 35 5.91 0.10 0.96
CA ILE A 35 6.23 0.43 -0.42
C ILE A 35 7.41 -0.38 -0.92
N ALA A 36 8.35 -0.72 -0.04
CA ALA A 36 9.44 -1.60 -0.42
C ALA A 36 8.91 -2.98 -0.83
N LEU A 37 7.92 -3.51 -0.12
CA LEU A 37 7.34 -4.78 -0.53
C LEU A 37 6.56 -4.64 -1.84
N LEU A 38 5.87 -3.53 -2.03
CA LEU A 38 5.12 -3.27 -3.25
C LEU A 38 6.06 -3.10 -4.46
N GLN A 39 7.27 -2.60 -4.22
CA GLN A 39 8.28 -2.48 -5.28
C GLN A 39 8.71 -3.88 -5.76
N ALA A 40 8.83 -4.80 -4.80
CA ALA A 40 9.37 -6.13 -5.06
C ALA A 40 8.32 -7.08 -5.63
N ASP A 41 7.10 -6.99 -5.12
CA ASP A 41 6.01 -7.87 -5.56
C ASP A 41 5.22 -7.25 -6.71
N CYS A 42 4.64 -6.09 -6.47
CA CYS A 42 3.76 -5.41 -7.43
C CYS A 42 4.47 -4.62 -8.55
N GLY A 43 5.74 -4.32 -8.35
CA GLY A 43 6.48 -3.50 -9.31
C GLY A 43 6.20 -2.02 -9.16
N PHE A 44 5.69 -1.63 -7.99
CA PHE A 44 5.37 -0.25 -7.70
C PHE A 44 6.63 0.60 -7.72
N ASP A 45 6.49 1.82 -8.18
CA ASP A 45 7.58 2.80 -8.19
C ASP A 45 7.02 4.15 -7.75
N LYS A 46 7.50 4.66 -6.62
CA LYS A 46 7.00 5.92 -6.05
C LYS A 46 7.19 7.15 -6.91
N THR A 47 7.97 7.07 -7.98
CA THR A 47 8.15 8.19 -8.91
C THR A 47 7.08 8.15 -10.02
N LYS A 48 6.68 6.95 -10.39
CA LYS A 48 5.77 6.74 -11.51
C LYS A 48 4.35 6.43 -11.09
N HIS A 49 4.19 6.01 -9.85
CA HIS A 49 2.90 5.58 -9.36
C HIS A 49 2.76 6.13 -7.94
N ASP A 50 1.52 6.29 -7.49
CA ASP A 50 1.20 6.76 -6.16
C ASP A 50 0.34 5.72 -5.49
N LEU A 51 0.56 5.57 -4.20
CA LEU A 51 -0.20 4.61 -3.42
C LEU A 51 -1.40 5.40 -2.89
N TYR A 52 -2.60 4.83 -2.96
CA TYR A 52 -3.81 5.51 -2.52
C TYR A 52 -4.50 4.76 -1.41
N TYR A 53 -5.11 5.52 -0.51
CA TYR A 53 -5.84 4.99 0.63
C TYR A 53 -7.03 5.90 0.94
N ASN A 54 -8.18 5.32 1.25
CA ASN A 54 -9.44 6.08 1.50
C ASN A 54 -9.79 7.03 0.32
N MET A 55 -9.41 6.55 -0.87
CA MET A 55 -9.55 7.26 -2.14
C MET A 55 -8.73 8.59 -2.23
N ASP A 56 -7.66 8.68 -1.42
CA ASP A 56 -6.78 9.84 -1.40
C ASP A 56 -5.29 9.39 -1.50
N ILE A 57 -4.37 10.31 -1.78
CA ILE A 57 -2.95 10.00 -2.00
C ILE A 57 -2.13 9.79 -0.69
N LEU A 58 -1.35 8.71 -0.66
CA LEU A 58 -0.38 8.50 0.42
C LEU A 58 1.01 8.93 -0.03
N ASP A 59 1.54 9.94 0.63
CA ASP A 59 2.92 10.42 0.37
C ASP A 59 3.96 9.37 0.73
N SER A 60 4.73 8.98 -0.28
CA SER A 60 5.73 7.92 -0.15
C SER A 60 6.96 8.32 0.70
N ASN A 61 7.05 9.59 1.10
CA ASN A 61 8.15 10.10 1.92
C ASN A 61 7.79 10.05 3.41
N ARG A 62 6.58 9.57 3.71
CA ARG A 62 6.13 9.45 5.10
C ARG A 62 6.79 8.27 5.76
N THR A 63 7.05 8.41 7.05
CA THR A 63 7.70 7.39 7.85
C THR A 63 6.75 6.82 8.86
N GLN A 64 5.47 7.13 8.73
CA GLN A 64 4.47 6.67 9.70
C GLN A 64 4.29 5.18 9.64
N SER A 65 3.79 4.63 10.73
CA SER A 65 3.54 3.20 10.81
C SER A 65 2.15 2.97 10.23
N LEU A 66 1.91 1.76 9.73
CA LEU A 66 0.62 1.47 9.12
C LEU A 66 -0.52 1.64 10.12
N LYS A 67 -0.23 1.38 11.39
CA LYS A 67 -1.20 1.56 12.50
C LYS A 67 -1.70 3.01 12.57
N GLU A 68 -0.80 3.95 12.33
CA GLU A 68 -1.10 5.39 12.47
C GLU A 68 -1.95 5.83 11.28
N LEU A 69 -1.82 5.12 10.18
CA LEU A 69 -2.57 5.44 8.96
C LEU A 69 -3.98 4.89 9.10
N GLY A 70 -4.18 4.02 10.09
CA GLY A 70 -5.50 3.49 10.36
C GLY A 70 -5.76 2.19 9.63
N LEU A 71 -4.71 1.63 9.04
CA LEU A 71 -4.84 0.38 8.29
C LEU A 71 -5.19 -0.78 9.19
N LYS A 72 -5.89 -1.75 8.63
CA LYS A 72 -6.39 -2.91 9.37
C LYS A 72 -6.53 -4.07 8.39
N THR A 73 -6.74 -5.26 8.90
CA THR A 73 -6.89 -6.48 8.08
C THR A 73 -8.17 -6.59 7.25
N ASP A 74 -8.98 -5.54 7.26
CA ASP A 74 -10.27 -5.49 6.57
C ASP A 74 -10.24 -4.31 5.61
N ASP A 75 -9.02 -3.90 5.26
CA ASP A 75 -8.76 -2.72 4.41
C ASP A 75 -8.14 -3.06 3.03
N LEU A 76 -8.24 -2.10 2.11
CA LEU A 76 -7.79 -2.27 0.72
C LEU A 76 -7.13 -1.02 0.17
N LEU A 77 -5.99 -1.20 -0.47
CA LEU A 77 -5.17 -0.11 -1.00
C LEU A 77 -5.33 -0.03 -2.54
N LEU A 78 -5.24 1.15 -3.13
CA LEU A 78 -5.29 1.33 -4.59
C LEU A 78 -3.94 1.77 -5.13
N ILE A 79 -3.67 1.48 -6.39
CA ILE A 79 -2.47 1.93 -7.07
C ILE A 79 -2.87 2.83 -8.24
N ARG A 80 -2.33 4.03 -8.29
CA ARG A 80 -2.67 4.97 -9.35
C ARG A 80 -1.37 5.30 -10.08
N GLY A 81 -1.43 5.42 -11.40
CA GLY A 81 -0.26 5.79 -12.18
C GLY A 81 -0.23 7.30 -12.34
N LYS A 82 0.93 7.89 -12.22
CA LYS A 82 1.07 9.34 -12.38
C LYS A 82 2.18 9.74 -13.34
N ILE A 83 2.08 11.01 -13.76
CA ILE A 83 3.08 11.61 -14.64
C ILE A 83 3.67 12.80 -13.92
N SER A 84 2.80 13.67 -13.40
CA SER A 84 3.22 14.85 -12.63
C SER A 84 2.27 15.22 -11.47
N ASN A 85 1.06 14.70 -11.50
CA ASN A 85 0.04 15.06 -10.51
C ASN A 85 -0.65 13.78 -10.09
N SER A 86 -1.50 13.90 -9.08
CA SER A 86 -2.25 12.76 -8.50
C SER A 86 -1.34 11.69 -7.86
#